data_9I1I
#
_entry.id   9I1I
#
_cell.length_a   1.00
_cell.length_b   1.00
_cell.length_c   1.00
_cell.angle_alpha   90.00
_cell.angle_beta   90.00
_cell.angle_gamma   90.00
#
_symmetry.space_group_name_H-M   'P 1'
#
loop_
_entity.id
_entity.type
_entity.pdbx_description
1 polymer 'E3 ubiquitin-protein ligase RNF213'
2 non-polymer "ADENOSINE-5'-TRIPHOSPHATE"
3 non-polymer 'MAGNESIUM ION'
4 non-polymer 'ZINC ION'
#
_entity_poly.entity_id   1
_entity_poly.type   'polypeptide(L)'
_entity_poly.pdbx_seq_one_letter_code
;MECPQCGHVSSEKAPKFCSECGQKLPSAATVQGDLKNDNTLVVSSTPEGKTEQGAVLREEEVLLSSTDPGKELEKPEESD
SNASWTTQMSKKEKRRRKRQGTISSSEAPSSGLWSLDMPPSPGSHNSALPQNQAQQGGAASQPGHPLDTENMPMEDGFVH
TEGSGSPLQGQAAERTDAQSNLAPSDLAEVKDLNTSKPSVDKGLPLDGGPALSAFKGHPKMTDASQKAPLPESKGETSGQ
EKKVPPIDAAASPVKTAGKETGEDVRKPKPSPVSPVASKHGDQEAELKGKLATPVRKSNEGGNTQPEDQRKPGEGRNFAA
AVKTQQAAAPQQAAAPEPTSAFNPRDTVTVYFHAIVSRHFGFNPEEHKVYVRGGEGLGQKGWTDACEMYCTQDLHDLGSL
VEGKMDIPRQSLDKPIPYKYVIHRGGSSKDTVEYEFIYEQAQKKGEHVNRCLRVVSTSLGNGDWHQYDDIICMRSTGFFQ
QAKNRILDSTRKELLKGKKQAAVVMLDRIFSVLQPWSDINLQSFMTQFLQFYSVVREPMIHDGRARKWTSLQYEEKEVWT
NLWEHVKKQMAPFLEGKSGESLPADCPVRSKLTLGLSILFMVEAAEFTVPKKDLDSLCYLLIPSAGSPEALHSDLSPVLR
IRQRWRIYLTNLCLRCIDERCDRWLGILPLLHTCMQKSPPKKNSKSQPEDTWAGLEGISFSEFRDKAPTRSQPLQFMQSK
MALLRVDEYLFRSWLSVVPLESLSSYLENSIDYLSDVPVRVLDCLQGISYRLPGLRKISNQNMKKDVENVFKMLMHLVDI
YQHRIFGENLLQIYLTECLTLHETVCNITANHQFFEIPALSAELICKLLELSPPGHTDEGLPEKSYEDLVTSTLQEALAT
TRNWLRSLFKSRMLSISSAYVRLTYSEEMAVWRRLVEIGFPEKHGWKGSLLGDMEGRLKQEPPRLQISFFCSSQCRDGGL
HDSVSRSFEKCVIEAVSSACQSQTSVLEGLSCQDLQKFGTLLSAVITKSWPVHNGEPVFDVDEIFKYLLKWPDVRQLFEL
CGTNEKIIDNITEEGRQLMATAESVFQKVAGELENGTIVVGQLELILEHQSQFLDIWNLNRRRLPSQEKACDVRSLLKRR
RDDLLFLKQEKRYVESLLRQLGRVKHLVQVDFGNIEIIHSQDLSNKKLNEAVIKLPNSSSYKRETHYCLSPDIREMASKL
DSLKDSHIFQDFWQETAESLNTLDKDPRELKVSLPEVLEYLYNPCYDNFYTLYENLKSGKITFAEVDAIFKDFVDKYDEL
KNDLKFMCTMNPQDQKGWISERVGQIKEYHTLHQAVSSAKVILQVRRALGVTGDFSVLNPLLNFADSFEDFGNEKLDQIS
PQFIKAKQLLQDISEPRQRCLEELARQTELVAWLHKALEDINELKVFVDLASISAGENDIDVDRVACFHDAVQGYASLLY
KMDERTNFSDFMNHLQELWRALDNDQHLPDKLKDSARNLEWLKTVKESHGSVELSSLSLATAINSRGVYVIEAPKDGQKI
SPDTVLRLLLPDGHGYPEALRTYSTEELKELLNKLMLMSGKKDHNSNTEVEKFSEVFSNMQRLVHVFIKLHCAGNMLFRT
WTAKVYCCPDGGIFMNFGLELLSQLTEKGDVIQLLGALCRQMEDFLDNWKTVVAQKRAEHFYLNFYTAEQLVYLSSELRK
PRPSEAALMMLSFIKGKCTVQDLVQATSACESKADRYCLREVMKKLPQQLLSEPSLMGKLQVIMMQSLVYMSAFLPHCLD
LDALGRCLAHLATMGGTPVERPLPKGLQAGQPNLILCGHSEVLPAALAIYMQAPRQPLPTFDEVLLCTPATTIEEVELLL
RRCLTSGSQGHKVYSLLFADQLSYEVGCQAEEFFQSLCTRAHREDYQLVILCDAAREHCYIPSTFSQYKVPLVPQAPLPN
IQAYLQSHYQVPKRLLSAATVFRDGLCVGIVTSERAGVGKSLYVNTLHTKLKAKLRDETVPLKIIRLTEPHLDENQVLSA
LLPFLKEKYQKMPVIFHIDISTSVQTGIPIFLFKLLILQYLMDINGKIWRRSPGHLYLVEIPQGLSVQPKRSSKLNARAP
LFKFLDLFPKVTCRPPKEVIDMELTPERSHTDPAMDPVEFCSEAFQRPYQYLKRFHQQQNLDTFQYEKGSVEGSPEECLQ
HFLIYCGLINPSWSELRNFAWFLNCQLKDCEASIFCKSAFTGDTLRGFKNFVVTFMILMARDFATPTLHTSDQSPGRQSV
TIGEVVEEDLAPFSLRKRWESEPHPYVFFNGDHMTMTFIGFHLETNNNGYVDAINPSNGKVIKKDVMTKELFDGLRLQRV
PFNIDFDNLPRYEKLERLCLALGIEWPIDPDETYELTTDNMLKILAIEMRFRCGIPVIIMGETGCGKTRLIKFLSDLKRG
SVEAETMKLVKVHGGTTPSMIYSKVKEAERTAFSNKAQHKLDTILFFDQANTTEAVSCIKEILCDRTVDGEHLHEDSGLH
IIAACNPYRKHSQEMILRLESAGLGYRVSAEETADRLGSIPLRQLVYRVHALPPSLIPLVWDFGQLNDSAEKLYIQQIVQ
RLVDSVSVNPSETCVIADVLSASQMFMRKRENECGFVSLRDVERCVKVFRWFHDHSDMLLKELDKFLHESSDSTHTFERD
PVLWSLVMAIGVCYHASLEEKASYRTAIARCFPKPYNSSRAILDEVTHVQDLFLRGAPIRTNIARNLALKENVFMMVICI
ELKIPLFLVGKPGSSKSLAKIIVADAMQGQAAFSELFRCLKQVHLVSFQCSPHSTPQGIISTFKQCARFQQGKDLGQYVS
VVVLDQVGLAEDSPKMPLKTLHPLLEDGCIEDDPAPYKKVGFVGISNWALDPAKMNRGIFVSRGSPNEKELIESAEGICS
SDRLVQDKIRGYFAPFAKAYETVCQKQDKEFFGLRDYYSLIKMVFAKAKASKRGLSPQDITHAVLRNFSGKDNIQALSIF
TASLPEARYKEEVSTVELIKQNIYPGPQASSRGLDGAESRYLLVLTRNYVALQILQQTFFEGQQPEIIFGSSFPQDQEYT
QICRNINRVKICMETGKMVVLLNLQNLYESLYDALNQYYVYLGGQKYVDLGLGTHRVKCRVHTAFRLIVIEEKDVVYKQF
PVPLINRLEKHYLDMNTVLQPWQKSIVQELQQWAHEFADVKADQFIARHKYSPADVFIGYHSDACASVVLQAVERQGCRD
LTEELYRKVSEEARSILLDCATPDAVVRLSGSSLGSFTAKQLSQEYYYAQQHNSFVDFLQAHLRMTHHECRAVFTEITTF
SRLLTGNDCDVLASELRGLASKPVVLSLQQYDTEYSFLKDVRSWLTNPGKRKVLVIQADFDDGTRSAQLVASAKYTAINE
INKTQGTKDFVFVYFVTKLSRMGSGTSYVGFHGGLWRSVHIDDLRRSTIMASDVTKLQNVTISQLFKPEDKPEQEEMEIE
TSQSKELAEEQMEVEDSEEMKKASDPRSCDCSQFLDTTRLVQSCVQGAVGMLRDQNESCARNMRRVTILLDLLNEDNTRN
ASFLRESKMRLHVLLNKQEENQVRSLKEWVTREAANQDALQEAGTFRHTLWKRVQDVVTPILASMIAHIDRDGNLELLAQ
PDSPAWVQDLWMFIYSDIKFLNISLVLNNTRSNSEMSFILVQSHMNLLKDAYNAVPFSWRIRDYLEELWVQAQYITDTEG
LSKKFVEIFQKTPLGVFLAQFPVAQQQKLLQSYLKDFLLLTMKVSSREELMFLQMALWSCLRELQEASGTPDETYKFPLS
LPWVHLAFQHFRTRLQNFSRILTIHPQVLSSLSQAAEKHSLAGCEMTLDAFAAMACAEMLKGDLLKPSPKAWLQLVKNLS
TPLELVCSEGYLCDSGSMTRSVIQEVRALWNRIFSIALFVEHVLLGTESHIPELSPLVTTYVSLLDKCLEEDSNLKTCRP
FVAVMTTLCDCKDKASKKFSRFGIQPCFICHGDAQDPVCLPCDHVYCLRCIQTWLIPGQMMCPYCLTDLPDKFSPTVSQD
HRKAIEKHAQFRHMCNSFFVDLVSTMCFKDNTPPEKSVIDTLLSLLFVQKELLRDASQKHREHTKSLSPFDDVVDQTPVI
RSVLLKLLLKYSFHEVKDYIQNYLTQLEKKAFLTEDKTELYLLFISCLEDSVHQKTSAGCRNLEQVLREEGHFLRTYSPG
LQGQEPVRIASVEYLQEVARVRLCLDLAADFLSELQEGSELAEDKRRFLKHVEEFCTRVNNDWHRVYLVRKLSSQRGMEF
VQSFSKQGHPCQWVFPRKVIAQQKDHVSLMDRYLVHGNEYKAVRDATAKAVLECKTLDIGNALMACRSPKPQQTAYLLLA
LYTEVAALYRSPNGSLHPEAKQLEAVNKFIKESKILSDPNIRCFARSLVDNTLPLLKIRSANSILKGTVTEMAVHVATIL
LCGHNQILKPLRNLAFYPVNMANAFLPTMPEDLLVHARTWRGLENVTWYTCPRGHPCSVGECGRPMQESTCLDCGLPVGG
LNHTPHEGFSAIRNNEDRTQTGHVLGSPQSSGVAEVSDRGQSPVVFILTRLLTHLAMLVGATHNPQALTVIIKPWVQDPQ
GFLQQHIQRDLEQLTKMLGRSADETIHVVHLILSSLLRVQSHGVLNFNAELSTKGCRNNWEKHFETLLLRELKHLDKNLP
AINALISQDERISSNPVTKIIYGDPATFLPHLPQKSIIHCSKIWSCRRKITVEYLQHIVEQKNGKETVPVLWHFLQKEAE
LRLVKFLPEILALQRDLVKQFQNVSRVEYSSIRGFIHSHSSDGLRKLLHDRITIFLSTWNALRRSLETNGEIKLPKDYCC
SDLDLDAEFEVILPRRQGLGLCGTALVSYLISLHNNMVYTVQKFSNEDNSYSVDISEVADLHVISYEVERDLNPLILSNC
QYQVQQGGETSQEFDLEKIQRQISSRFLQGKPRLTLKGIPTLVYRRDWNYEHLFMDIKNKMAQSSLPNLAISTISGQLQS
YSDACEALSIIEITLGFLSTAGGDPGMDLNVYIEEVLRMCDQTAQVLKAFSRCQLRHIIALWQFLSAHKSEQRLRLNKEL
FREIDVQYKEELSTQHQRLLGTFLNEAGLDAFLLELHEMIVLKLKGPRAANSFNPNWSLKDTLVSYMETKDSDILSEVES
QFPEEILMSSCISVWKIAATRKWDRQSRGGGHHHHHHHHHH
;
_entity_poly.pdbx_strand_id   A
#
loop_
_chem_comp.id
_chem_comp.type
_chem_comp.name
_chem_comp.formula
ATP non-polymer ADENOSINE-5'-TRIPHOSPHATE 'C10 H16 N5 O13 P3'
MG non-polymer 'MAGNESIUM ION' 'Mg 2'
ZN non-polymer 'ZINC ION' 'Zn 2'
#
# COMPACT_ATOMS: atom_id res chain seq x y z
N ARG A 345 68.87 -16.99 -49.92
CA ARG A 345 67.75 -16.05 -49.85
C ARG A 345 67.49 -15.42 -51.22
N ASP A 346 68.56 -14.99 -51.89
CA ASP A 346 68.46 -14.41 -53.22
C ASP A 346 68.35 -15.46 -54.32
N THR A 347 68.24 -16.73 -53.97
CA THR A 347 68.15 -17.82 -54.94
C THR A 347 66.89 -18.63 -54.70
N VAL A 348 66.29 -19.11 -55.80
CA VAL A 348 65.10 -19.93 -55.77
C VAL A 348 65.44 -21.29 -56.37
N THR A 349 65.06 -22.35 -55.68
CA THR A 349 65.37 -23.71 -56.12
C THR A 349 64.33 -24.17 -57.14
N VAL A 350 64.78 -24.44 -58.36
CA VAL A 350 63.94 -24.95 -59.43
C VAL A 350 64.31 -26.40 -59.69
N TYR A 351 63.33 -27.29 -59.61
CA TYR A 351 63.52 -28.71 -59.87
C TYR A 351 62.98 -29.05 -61.24
N PHE A 352 63.87 -29.45 -62.14
CA PHE A 352 63.51 -29.78 -63.52
C PHE A 352 63.24 -31.28 -63.62
N HIS A 353 62.07 -31.62 -64.15
CA HIS A 353 61.71 -33.02 -64.39
C HIS A 353 61.42 -33.20 -65.86
N ALA A 354 61.96 -34.27 -66.46
CA ALA A 354 61.79 -34.49 -67.89
C ALA A 354 61.76 -35.99 -68.15
N ILE A 355 61.55 -36.34 -69.41
CA ILE A 355 61.63 -37.72 -69.90
C ILE A 355 62.44 -37.73 -71.19
N VAL A 356 63.45 -38.59 -71.23
CA VAL A 356 64.21 -38.80 -72.47
C VAL A 356 63.55 -39.93 -73.23
N SER A 357 63.22 -39.68 -74.50
CA SER A 357 62.51 -40.65 -75.31
C SER A 357 63.41 -41.83 -75.66
N ARG A 358 62.78 -42.94 -76.04
CA ARG A 358 63.52 -44.15 -76.39
C ARG A 358 64.27 -44.00 -77.72
N HIS A 359 63.85 -43.05 -78.57
CA HIS A 359 64.54 -42.84 -79.83
C HIS A 359 65.91 -42.19 -79.64
N PHE A 360 66.13 -41.52 -78.51
CA PHE A 360 67.45 -40.96 -78.23
C PHE A 360 68.50 -42.06 -78.09
N GLY A 361 68.10 -43.26 -77.71
CA GLY A 361 69.09 -44.27 -77.35
C GLY A 361 69.88 -43.88 -76.13
N PHE A 362 69.26 -43.19 -75.18
CA PHE A 362 69.96 -42.67 -74.02
C PHE A 362 70.36 -43.79 -73.08
N ASN A 363 71.58 -43.69 -72.54
CA ASN A 363 72.07 -44.59 -71.52
C ASN A 363 72.54 -43.78 -70.34
N PRO A 364 71.93 -43.91 -69.16
CA PRO A 364 72.43 -43.17 -67.99
C PRO A 364 73.87 -43.49 -67.64
N GLU A 365 74.31 -44.73 -67.86
CA GLU A 365 75.69 -45.11 -67.59
C GLU A 365 76.67 -44.39 -68.50
N GLU A 366 76.32 -44.20 -69.77
CA GLU A 366 77.24 -43.66 -70.76
C GLU A 366 76.96 -42.21 -71.14
N HIS A 367 75.69 -41.83 -71.28
CA HIS A 367 75.33 -40.48 -71.71
C HIS A 367 74.89 -39.64 -70.52
N LYS A 368 75.23 -38.35 -70.56
CA LYS A 368 74.83 -37.39 -69.54
C LYS A 368 73.93 -36.34 -70.17
N VAL A 369 73.03 -35.79 -69.36
CA VAL A 369 72.04 -34.81 -69.80
C VAL A 369 72.25 -33.53 -69.01
N TYR A 370 72.08 -32.40 -69.68
CA TYR A 370 72.17 -31.09 -69.04
C TYR A 370 71.07 -30.17 -69.56
N VAL A 371 70.82 -29.12 -68.80
CA VAL A 371 69.89 -28.07 -69.20
C VAL A 371 70.70 -26.84 -69.58
N ARG A 372 70.67 -26.47 -70.86
CA ARG A 372 71.39 -25.30 -71.34
C ARG A 372 70.42 -24.21 -71.77
N GLY A 373 70.59 -23.03 -71.20
CA GLY A 373 69.68 -21.95 -71.52
C GLY A 373 70.37 -20.61 -71.43
N GLY A 374 69.59 -19.57 -71.68
CA GLY A 374 70.10 -18.21 -71.66
C GLY A 374 70.58 -17.79 -70.28
N GLU A 375 70.87 -16.48 -70.17
CA GLU A 375 71.44 -15.95 -68.94
C GLU A 375 70.42 -15.90 -67.80
N GLY A 376 69.15 -16.18 -68.08
CA GLY A 376 68.14 -16.16 -67.04
C GLY A 376 68.27 -17.27 -66.02
N LEU A 377 69.01 -18.34 -66.35
CA LEU A 377 69.20 -19.44 -65.41
C LEU A 377 70.18 -19.12 -64.31
N GLY A 378 70.90 -18.00 -64.40
CA GLY A 378 71.91 -17.65 -63.41
C GLY A 378 73.32 -18.06 -63.77
N GLN A 379 73.49 -18.88 -64.79
CA GLN A 379 74.80 -19.26 -65.32
C GLN A 379 75.01 -18.58 -66.66
N LYS A 380 76.12 -18.92 -67.31
CA LYS A 380 76.40 -18.39 -68.64
C LYS A 380 75.41 -18.96 -69.65
N GLY A 381 75.02 -18.13 -70.62
CA GLY A 381 74.01 -18.49 -71.59
C GLY A 381 74.34 -19.72 -72.41
N TRP A 382 73.36 -20.60 -72.58
CA TRP A 382 73.47 -21.81 -73.39
C TRP A 382 74.59 -22.74 -72.92
N THR A 383 74.93 -22.69 -71.64
CA THR A 383 75.93 -23.55 -71.06
C THR A 383 75.29 -24.60 -70.16
N ASP A 384 76.09 -25.58 -69.76
CA ASP A 384 75.61 -26.65 -68.90
C ASP A 384 75.28 -26.07 -67.53
N ALA A 385 73.99 -25.86 -67.27
CA ALA A 385 73.57 -25.19 -66.05
C ALA A 385 73.10 -26.16 -64.97
N CYS A 386 72.27 -27.13 -65.34
CA CYS A 386 71.78 -28.14 -64.41
C CYS A 386 72.05 -29.51 -65.00
N GLU A 387 72.86 -30.31 -64.29
CA GLU A 387 73.03 -31.71 -64.67
C GLU A 387 71.74 -32.45 -64.36
N MET A 388 71.33 -33.33 -65.26
CA MET A 388 69.97 -33.84 -65.28
C MET A 388 70.08 -35.36 -65.11
N TYR A 389 69.62 -35.88 -63.96
CA TYR A 389 69.91 -37.25 -63.56
C TYR A 389 68.70 -38.15 -63.76
N CYS A 390 68.95 -39.35 -64.26
CA CYS A 390 67.89 -40.33 -64.47
C CYS A 390 67.44 -40.95 -63.15
N THR A 391 66.14 -41.17 -63.01
CA THR A 391 65.56 -41.75 -61.80
C THR A 391 64.83 -43.06 -62.04
N GLN A 392 63.96 -43.14 -63.03
CA GLN A 392 63.19 -44.35 -63.30
C GLN A 392 63.20 -44.67 -64.79
N ASP A 393 62.99 -45.94 -65.11
CA ASP A 393 62.89 -46.38 -66.49
C ASP A 393 61.42 -46.57 -66.85
N LEU A 394 60.99 -45.91 -67.93
CA LEU A 394 59.60 -45.94 -68.37
C LEU A 394 59.39 -46.88 -69.56
N HIS A 395 60.33 -47.81 -69.79
CA HIS A 395 60.24 -48.79 -70.87
C HIS A 395 60.06 -48.12 -72.22
N ASP A 396 58.89 -48.31 -72.83
CA ASP A 396 58.65 -47.79 -74.18
C ASP A 396 58.69 -46.27 -74.22
N LEU A 397 58.16 -45.63 -73.17
CA LEU A 397 58.16 -44.16 -73.13
C LEU A 397 59.58 -43.62 -73.06
N GLY A 398 60.47 -44.28 -72.31
CA GLY A 398 61.85 -43.84 -72.21
C GLY A 398 62.37 -43.87 -70.80
N SER A 399 62.98 -42.77 -70.37
CA SER A 399 63.55 -42.68 -69.04
C SER A 399 63.12 -41.38 -68.36
N LEU A 400 62.53 -41.51 -67.17
CA LEU A 400 62.21 -40.35 -66.37
C LEU A 400 63.47 -39.84 -65.69
N VAL A 401 63.68 -38.53 -65.74
CA VAL A 401 64.93 -37.92 -65.30
C VAL A 401 64.60 -36.68 -64.46
N GLU A 402 65.37 -36.47 -63.39
CA GLU A 402 65.12 -35.40 -62.42
C GLU A 402 66.41 -34.68 -62.06
N GLY A 403 66.27 -33.38 -61.76
CA GLY A 403 67.41 -32.59 -61.33
C GLY A 403 66.95 -31.30 -60.69
N LYS A 404 67.91 -30.52 -60.17
CA LYS A 404 67.59 -29.29 -59.47
C LYS A 404 68.70 -28.26 -59.68
N MET A 405 68.34 -26.99 -59.50
CA MET A 405 69.31 -25.90 -59.62
C MET A 405 68.76 -24.69 -58.88
N ASP A 406 69.58 -23.64 -58.81
CA ASP A 406 69.20 -22.40 -58.12
C ASP A 406 69.29 -21.21 -59.08
N ILE A 407 68.16 -20.56 -59.30
CA ILE A 407 68.11 -19.43 -60.22
C ILE A 407 67.95 -18.15 -59.40
N PRO A 408 68.45 -17.03 -59.91
CA PRO A 408 68.30 -15.77 -59.17
C PRO A 408 66.83 -15.35 -59.06
N ARG A 409 66.52 -14.68 -57.95
CA ARG A 409 65.17 -14.19 -57.73
C ARG A 409 64.78 -13.10 -58.73
N GLN A 410 65.76 -12.43 -59.35
CA GLN A 410 65.45 -11.44 -60.37
C GLN A 410 64.82 -12.06 -61.60
N SER A 411 64.97 -13.38 -61.79
CA SER A 411 64.40 -14.06 -62.93
C SER A 411 62.93 -14.42 -62.75
N LEU A 412 62.36 -14.15 -61.58
CA LEU A 412 60.96 -14.49 -61.34
C LEU A 412 60.04 -13.68 -62.24
N ASP A 413 58.98 -14.33 -62.71
CA ASP A 413 57.99 -13.75 -63.61
C ASP A 413 58.61 -13.21 -64.90
N LYS A 414 59.68 -13.85 -65.37
CA LYS A 414 60.32 -13.48 -66.62
C LYS A 414 60.57 -14.74 -67.45
N PRO A 415 60.53 -14.62 -68.78
CA PRO A 415 60.79 -15.79 -69.63
C PRO A 415 62.28 -16.11 -69.70
N ILE A 416 62.62 -17.35 -69.44
CA ILE A 416 63.99 -17.85 -69.55
C ILE A 416 64.04 -18.93 -70.62
N PRO A 417 64.76 -18.70 -71.71
CA PRO A 417 64.92 -19.76 -72.71
C PRO A 417 65.84 -20.86 -72.18
N TYR A 418 65.49 -22.11 -72.50
CA TYR A 418 66.31 -23.25 -72.11
C TYR A 418 65.94 -24.44 -72.96
N LYS A 419 66.87 -25.40 -73.02
CA LYS A 419 66.70 -26.63 -73.79
C LYS A 419 67.45 -27.76 -73.07
N TYR A 420 67.08 -28.99 -73.43
CA TYR A 420 67.78 -30.15 -72.91
C TYR A 420 68.80 -30.65 -73.92
N VAL A 421 70.01 -30.94 -73.44
CA VAL A 421 71.07 -31.47 -74.27
C VAL A 421 71.54 -32.79 -73.64
N ILE A 422 72.05 -33.69 -74.47
CA ILE A 422 72.55 -34.98 -74.03
C ILE A 422 73.98 -35.13 -74.49
N HIS A 423 74.87 -35.43 -73.54
CA HIS A 423 76.29 -35.54 -73.82
C HIS A 423 76.67 -36.97 -74.18
N VAL A 432 77.32 -33.70 -78.27
CA VAL A 432 76.19 -33.06 -77.61
C VAL A 432 75.00 -33.00 -78.56
N GLU A 433 73.85 -33.53 -78.13
CA GLU A 433 72.65 -33.58 -78.93
C GLU A 433 71.58 -32.71 -78.28
N TYR A 434 71.26 -31.58 -78.90
CA TYR A 434 70.21 -30.71 -78.42
C TYR A 434 68.84 -31.33 -78.68
N GLU A 435 67.89 -31.01 -77.80
CA GLU A 435 66.52 -31.48 -78.00
C GLU A 435 65.90 -30.76 -79.19
N PHE A 436 64.96 -31.45 -79.84
CA PHE A 436 64.27 -30.91 -81.01
C PHE A 436 62.80 -30.69 -80.69
N ILE A 437 62.33 -29.47 -80.95
CA ILE A 437 60.92 -29.12 -80.78
C ILE A 437 60.30 -29.05 -82.18
N TYR A 438 59.26 -29.85 -82.41
CA TYR A 438 58.64 -29.94 -83.72
C TYR A 438 57.71 -28.74 -83.97
N GLU A 439 58.34 -27.57 -84.05
CA GLU A 439 57.64 -26.32 -84.27
C GLU A 439 58.47 -25.43 -85.20
N GLN A 440 57.79 -24.77 -86.13
CA GLN A 440 58.45 -23.88 -87.08
C GLN A 440 58.64 -22.51 -86.44
N ALA A 441 59.87 -21.99 -86.52
CA ALA A 441 60.18 -20.71 -85.91
C ALA A 441 59.50 -19.57 -86.65
N GLN A 442 58.96 -18.62 -85.90
CA GLN A 442 58.36 -17.43 -86.50
C GLN A 442 59.40 -16.60 -87.25
N LYS A 443 60.57 -16.42 -86.65
CA LYS A 443 61.68 -15.70 -87.26
C LYS A 443 62.68 -16.72 -87.80
N LYS A 444 63.09 -16.52 -89.06
CA LYS A 444 64.08 -17.41 -89.66
C LYS A 444 65.41 -17.32 -88.91
N GLY A 445 66.00 -18.46 -88.62
CA GLY A 445 67.24 -18.52 -87.89
C GLY A 445 67.10 -18.62 -86.38
N GLU A 446 65.89 -18.45 -85.85
CA GLU A 446 65.66 -18.56 -84.42
C GLU A 446 65.34 -19.99 -84.03
N HIS A 447 65.69 -20.35 -82.79
CA HIS A 447 65.53 -21.70 -82.28
C HIS A 447 64.32 -21.75 -81.35
N VAL A 448 63.39 -22.66 -81.66
CA VAL A 448 62.24 -22.86 -80.79
C VAL A 448 62.67 -23.67 -79.58
N ASN A 449 62.67 -23.05 -78.41
CA ASN A 449 63.21 -23.66 -77.20
C ASN A 449 62.26 -23.44 -76.04
N ARG A 450 62.38 -24.32 -75.04
CA ARG A 450 61.46 -24.31 -73.91
C ARG A 450 61.58 -23.02 -73.12
N CYS A 451 60.47 -22.57 -72.54
CA CYS A 451 60.41 -21.32 -71.79
C CYS A 451 60.14 -21.64 -70.33
N LEU A 452 60.97 -21.12 -69.44
CA LEU A 452 60.78 -21.23 -68.01
C LEU A 452 60.28 -19.89 -67.46
N ARG A 453 59.09 -19.91 -66.87
CA ARG A 453 58.52 -18.75 -66.19
C ARG A 453 58.15 -19.18 -64.77
N VAL A 454 58.99 -18.82 -63.81
CA VAL A 454 58.75 -19.18 -62.41
C VAL A 454 57.80 -18.15 -61.81
N VAL A 455 56.64 -18.62 -61.36
CA VAL A 455 55.63 -17.74 -60.78
C VAL A 455 56.00 -17.46 -59.34
N SER A 456 56.18 -16.18 -59.00
CA SER A 456 56.57 -15.81 -57.65
C SER A 456 55.49 -16.15 -56.64
N THR A 457 54.22 -15.89 -56.99
CA THR A 457 53.13 -16.17 -56.08
C THR A 457 52.88 -17.67 -55.92
N SER A 458 53.26 -18.48 -56.90
CA SER A 458 53.03 -19.92 -56.86
C SER A 458 54.19 -20.69 -56.27
N LEU A 459 55.21 -20.01 -55.74
CA LEU A 459 56.34 -20.72 -55.13
C LEU A 459 55.89 -21.54 -53.92
N GLY A 460 55.00 -20.99 -53.10
CA GLY A 460 54.54 -21.70 -51.92
C GLY A 460 55.63 -21.91 -50.90
N ASN A 461 56.10 -23.15 -50.78
CA ASN A 461 57.18 -23.49 -49.86
C ASN A 461 58.53 -22.89 -50.27
N GLY A 462 58.59 -22.16 -51.38
CA GLY A 462 59.82 -21.54 -51.82
C GLY A 462 60.55 -22.26 -52.94
N ASP A 463 60.07 -23.42 -53.36
CA ASP A 463 60.68 -24.20 -54.42
C ASP A 463 59.72 -24.36 -55.59
N TRP A 464 60.22 -24.12 -56.80
CA TRP A 464 59.45 -24.26 -58.01
C TRP A 464 59.80 -25.59 -58.67
N HIS A 465 58.80 -26.22 -59.29
CA HIS A 465 58.99 -27.50 -59.97
C HIS A 465 58.58 -27.34 -61.42
N GLN A 466 59.56 -27.34 -62.32
CA GLN A 466 59.33 -27.20 -63.76
C GLN A 466 59.24 -28.59 -64.36
N TYR A 467 58.06 -28.93 -64.86
CA TYR A 467 57.80 -30.23 -65.48
C TYR A 467 57.94 -30.08 -66.99
N ASP A 468 58.89 -30.80 -67.57
CA ASP A 468 59.11 -30.78 -69.01
C ASP A 468 58.78 -32.15 -69.60
N ASP A 469 58.06 -32.13 -70.72
CA ASP A 469 57.52 -33.35 -71.30
C ASP A 469 58.63 -34.17 -71.95
N ILE A 470 58.26 -35.22 -72.69
CA ILE A 470 59.24 -36.13 -73.24
C ILE A 470 60.16 -35.40 -74.20
N ILE A 471 61.46 -35.65 -74.07
CA ILE A 471 62.48 -35.03 -74.91
C ILE A 471 62.53 -35.82 -76.21
N CYS A 472 62.26 -35.16 -77.33
CA CYS A 472 62.15 -35.81 -78.62
C CYS A 472 63.36 -35.50 -79.48
N MET A 473 63.97 -36.56 -80.04
CA MET A 473 65.08 -36.39 -80.97
C MET A 473 64.54 -36.09 -82.37
N ARG A 474 65.28 -35.28 -83.12
CA ARG A 474 64.89 -34.93 -84.47
C ARG A 474 64.96 -36.16 -85.36
N SER A 475 63.86 -36.44 -86.08
CA SER A 475 63.80 -37.61 -86.94
C SER A 475 64.58 -37.35 -88.22
N THR A 476 65.79 -37.88 -88.29
CA THR A 476 66.66 -37.70 -89.46
C THR A 476 66.07 -38.38 -90.69
N LEU A 487 53.27 -34.17 -90.70
CA LEU A 487 53.08 -33.24 -89.60
C LEU A 487 51.99 -33.71 -88.64
N ASP A 488 50.84 -34.10 -89.21
CA ASP A 488 49.72 -34.52 -88.38
C ASP A 488 50.06 -35.78 -87.58
N SER A 489 50.70 -36.76 -88.23
CA SER A 489 51.10 -37.97 -87.51
C SER A 489 52.14 -37.66 -86.44
N THR A 490 53.12 -36.82 -86.78
CA THR A 490 54.13 -36.43 -85.80
C THR A 490 53.51 -35.66 -84.65
N ARG A 491 52.55 -34.77 -84.96
CA ARG A 491 51.87 -34.03 -83.90
C ARG A 491 51.07 -34.96 -83.00
N LYS A 492 50.40 -35.97 -83.58
CA LYS A 492 49.65 -36.92 -82.77
C LYS A 492 50.58 -37.74 -81.89
N GLU A 493 51.71 -38.19 -82.43
CA GLU A 493 52.65 -38.97 -81.62
C GLU A 493 53.25 -38.13 -80.50
N LEU A 494 53.60 -36.87 -80.78
CA LEU A 494 54.11 -35.98 -79.75
C LEU A 494 53.04 -35.72 -78.69
N LEU A 495 51.77 -35.59 -79.12
CA LEU A 495 50.68 -35.39 -78.18
C LEU A 495 50.53 -36.60 -77.27
N LYS A 496 50.63 -37.81 -77.83
CA LYS A 496 50.58 -39.02 -77.01
C LYS A 496 51.72 -39.07 -76.01
N GLY A 497 52.93 -38.73 -76.46
CA GLY A 497 54.07 -38.70 -75.56
C GLY A 497 53.88 -37.70 -74.43
N LYS A 498 53.37 -36.51 -74.75
CA LYS A 498 53.12 -35.51 -73.73
C LYS A 498 52.02 -35.96 -72.76
N LYS A 499 51.00 -36.66 -73.27
CA LYS A 499 49.97 -37.22 -72.42
C LYS A 499 50.55 -38.21 -71.42
N GLN A 500 51.38 -39.13 -71.90
CA GLN A 500 52.00 -40.11 -71.01
C GLN A 500 52.93 -39.45 -70.02
N ALA A 501 53.66 -38.41 -70.46
CA ALA A 501 54.53 -37.66 -69.56
C ALA A 501 53.72 -37.00 -68.46
N ALA A 502 52.62 -36.34 -68.81
CA ALA A 502 51.76 -35.73 -67.81
C ALA A 502 51.23 -36.78 -66.83
N VAL A 503 50.85 -37.94 -67.35
CA VAL A 503 50.35 -39.02 -66.49
C VAL A 503 51.42 -39.44 -65.48
N VAL A 504 52.65 -39.64 -65.95
CA VAL A 504 53.68 -40.15 -65.04
C VAL A 504 54.11 -39.08 -64.03
N MET A 505 54.16 -37.80 -64.43
CA MET A 505 54.47 -36.78 -63.43
C MET A 505 53.34 -36.59 -62.43
N LEU A 506 52.08 -36.78 -62.87
CA LEU A 506 50.99 -36.80 -61.91
C LEU A 506 51.13 -37.98 -60.95
N ASP A 507 51.61 -39.11 -61.45
CA ASP A 507 51.89 -40.26 -60.58
C ASP A 507 52.98 -39.92 -59.57
N ARG A 508 54.02 -39.20 -60.01
CA ARG A 508 55.08 -38.81 -59.08
C ARG A 508 54.54 -37.85 -58.01
N ILE A 509 53.70 -36.90 -58.42
CA ILE A 509 53.09 -35.99 -57.45
C ILE A 509 52.18 -36.76 -56.49
N PHE A 510 51.51 -37.81 -56.99
CA PHE A 510 50.79 -38.73 -56.12
C PHE A 510 51.74 -39.30 -55.06
N SER A 511 52.88 -39.84 -55.50
CA SER A 511 53.82 -40.49 -54.59
C SER A 511 54.45 -39.53 -53.60
N VAL A 512 54.50 -38.23 -53.94
CA VAL A 512 55.02 -37.25 -52.99
C VAL A 512 54.17 -37.20 -51.72
N LEU A 513 52.88 -37.51 -51.84
CA LEU A 513 51.98 -37.47 -50.69
C LEU A 513 52.34 -38.47 -49.60
N GLN A 514 53.13 -39.49 -49.90
CA GLN A 514 53.49 -40.47 -48.87
C GLN A 514 54.84 -40.13 -48.26
N PRO A 515 54.99 -40.17 -46.93
CA PRO A 515 53.97 -40.51 -45.92
C PRO A 515 52.96 -39.38 -45.70
N TRP A 516 51.82 -39.69 -45.09
CA TRP A 516 50.75 -38.72 -44.92
C TRP A 516 51.14 -37.68 -43.88
N SER A 517 51.66 -36.54 -44.33
CA SER A 517 52.11 -35.49 -43.43
C SER A 517 51.70 -34.13 -43.98
N ASP A 518 51.67 -33.14 -43.09
CA ASP A 518 51.31 -31.79 -43.48
C ASP A 518 52.31 -31.21 -44.49
N ILE A 519 53.60 -31.44 -44.25
CA ILE A 519 54.62 -30.95 -45.17
C ILE A 519 54.45 -31.62 -46.53
N ASN A 520 54.21 -32.93 -46.55
CA ASN A 520 53.98 -33.61 -47.81
C ASN A 520 52.74 -33.08 -48.51
N LEU A 521 51.69 -32.77 -47.75
CA LEU A 521 50.47 -32.25 -48.36
C LEU A 521 50.71 -30.88 -48.99
N GLN A 522 51.46 -30.01 -48.30
CA GLN A 522 51.76 -28.68 -48.86
C GLN A 522 52.64 -28.79 -50.09
N SER A 523 53.66 -29.66 -50.04
CA SER A 523 54.50 -29.89 -51.22
C SER A 523 53.66 -30.42 -52.37
N PHE A 524 52.73 -31.33 -52.06
CA PHE A 524 51.82 -31.86 -53.07
C PHE A 524 50.99 -30.76 -53.71
N MET A 525 50.38 -29.89 -52.91
CA MET A 525 49.50 -28.87 -53.50
C MET A 525 50.30 -27.89 -54.35
N THR A 526 51.48 -27.48 -53.86
CA THR A 526 52.32 -26.58 -54.66
C THR A 526 52.76 -27.24 -55.96
N GLN A 527 53.19 -28.51 -55.88
CA GLN A 527 53.63 -29.23 -57.07
C GLN A 527 52.50 -29.39 -58.07
N PHE A 528 51.30 -29.71 -57.59
CA PHE A 528 50.16 -29.86 -58.48
C PHE A 528 49.78 -28.54 -59.13
N LEU A 529 49.84 -27.43 -58.37
CA LEU A 529 49.53 -26.13 -58.95
C LEU A 529 50.51 -25.80 -60.07
N GLN A 530 51.81 -25.98 -59.81
CA GLN A 530 52.80 -25.72 -60.85
C GLN A 530 52.66 -26.67 -62.02
N PHE A 531 52.32 -27.93 -61.76
CA PHE A 531 52.11 -28.92 -62.81
C PHE A 531 50.97 -28.50 -63.73
N TYR A 532 49.83 -28.14 -63.14
CA TYR A 532 48.69 -27.69 -63.95
C TYR A 532 49.05 -26.44 -64.74
N SER A 533 49.74 -25.49 -64.10
CA SER A 533 50.11 -24.25 -64.78
C SER A 533 51.01 -24.53 -65.98
N VAL A 534 51.96 -25.46 -65.83
CA VAL A 534 52.86 -25.78 -66.94
C VAL A 534 52.13 -26.52 -68.05
N VAL A 535 51.32 -27.53 -67.68
CA VAL A 535 50.76 -28.42 -68.68
C VAL A 535 49.64 -27.74 -69.47
N ARG A 536 48.76 -26.99 -68.79
CA ARG A 536 47.58 -26.47 -69.45
C ARG A 536 47.93 -25.52 -70.59
N GLU A 537 49.08 -24.85 -70.51
CA GLU A 537 49.50 -23.88 -71.52
C GLU A 537 50.92 -24.20 -71.95
N PRO A 538 51.09 -25.09 -72.93
CA PRO A 538 52.45 -25.38 -73.44
C PRO A 538 53.09 -24.13 -74.01
N MET A 539 54.27 -23.80 -73.51
CA MET A 539 54.94 -22.54 -73.84
C MET A 539 56.31 -22.84 -74.44
N ILE A 540 56.72 -21.96 -75.37
CA ILE A 540 58.00 -22.06 -76.04
C ILE A 540 58.60 -20.66 -76.08
N HIS A 541 59.91 -20.61 -76.36
CA HIS A 541 60.65 -19.34 -76.42
C HIS A 541 61.51 -19.32 -77.66
N ASP A 542 61.09 -18.55 -78.66
CA ASP A 542 61.88 -18.29 -79.87
C ASP A 542 61.87 -16.77 -80.07
N GLY A 543 62.80 -16.08 -79.42
CA GLY A 543 62.83 -14.63 -79.43
C GLY A 543 61.95 -14.02 -78.37
N ARG A 544 60.77 -14.61 -78.16
CA ARG A 544 59.83 -14.13 -77.15
C ARG A 544 58.90 -15.28 -76.79
N ALA A 545 58.55 -15.35 -75.51
CA ALA A 545 57.74 -16.46 -74.99
C ALA A 545 56.36 -16.44 -75.63
N ARG A 546 55.91 -17.60 -76.12
CA ARG A 546 54.61 -17.69 -76.78
C ARG A 546 54.03 -19.08 -76.56
N LYS A 547 52.70 -19.16 -76.60
CA LYS A 547 52.01 -20.42 -76.41
C LYS A 547 52.20 -21.31 -77.63
N TRP A 548 52.19 -22.63 -77.37
CA TRP A 548 52.37 -23.64 -78.40
C TRP A 548 51.00 -24.01 -78.97
N THR A 549 50.48 -23.10 -79.81
CA THR A 549 49.13 -23.26 -80.35
C THR A 549 49.06 -24.38 -81.40
N SER A 550 50.18 -24.70 -82.06
CA SER A 550 50.16 -25.74 -83.07
C SER A 550 49.88 -27.12 -82.50
N LEU A 551 50.10 -27.31 -81.19
CA LEU A 551 49.75 -28.58 -80.57
C LEU A 551 48.23 -28.77 -80.52
N GLN A 552 47.48 -27.68 -80.39
CA GLN A 552 46.03 -27.72 -80.18
C GLN A 552 45.67 -28.50 -78.92
N TYR A 553 46.60 -28.60 -77.98
CA TYR A 553 46.40 -29.33 -76.74
C TYR A 553 45.75 -28.37 -75.73
N GLU A 554 44.46 -28.13 -75.94
CA GLU A 554 43.69 -27.29 -75.03
C GLU A 554 43.59 -27.96 -73.66
N GLU A 555 43.40 -27.13 -72.63
CA GLU A 555 43.26 -27.65 -71.28
C GLU A 555 42.08 -28.60 -71.17
N LYS A 556 41.11 -28.49 -72.07
CA LYS A 556 40.00 -29.45 -72.11
C LYS A 556 40.52 -30.87 -72.32
N GLU A 557 41.33 -31.07 -73.36
CA GLU A 557 41.91 -32.39 -73.59
C GLU A 557 42.92 -32.75 -72.51
N VAL A 558 43.62 -31.75 -71.97
CA VAL A 558 44.59 -32.00 -70.91
C VAL A 558 43.90 -32.67 -69.73
N TRP A 559 42.79 -32.08 -69.27
CA TRP A 559 42.13 -32.65 -68.11
C TRP A 559 41.22 -33.82 -68.46
N THR A 560 40.84 -33.98 -69.73
CA THR A 560 40.23 -35.24 -70.13
C THR A 560 41.21 -36.39 -69.95
N ASN A 561 42.45 -36.22 -70.42
CA ASN A 561 43.47 -37.24 -70.22
C ASN A 561 43.77 -37.42 -68.74
N LEU A 562 43.82 -36.33 -67.99
CA LEU A 562 44.09 -36.43 -66.55
C LEU A 562 42.99 -37.22 -65.83
N TRP A 563 41.72 -36.95 -66.17
CA TRP A 563 40.63 -37.69 -65.56
C TRP A 563 40.66 -39.17 -65.95
N GLU A 564 40.97 -39.46 -67.21
CA GLU A 564 41.05 -40.85 -67.63
C GLU A 564 42.18 -41.59 -66.92
N HIS A 565 43.30 -40.90 -66.68
CA HIS A 565 44.36 -41.49 -65.87
C HIS A 565 43.92 -41.66 -64.42
N VAL A 566 43.17 -40.70 -63.89
CA VAL A 566 42.75 -40.74 -62.49
C VAL A 566 41.79 -41.90 -62.25
N LYS A 567 40.93 -42.20 -63.23
CA LYS A 567 39.96 -43.26 -63.06
C LYS A 567 40.61 -44.62 -62.80
N LYS A 568 41.81 -44.87 -63.32
CA LYS A 568 42.46 -46.15 -63.08
C LYS A 568 43.01 -46.25 -61.67
N GLN A 569 43.32 -45.11 -61.03
CA GLN A 569 43.61 -45.12 -59.60
C GLN A 569 42.32 -45.21 -58.78
N MET A 570 41.23 -44.67 -59.32
CA MET A 570 39.94 -44.77 -58.65
C MET A 570 39.46 -46.22 -58.57
N ALA A 571 39.68 -46.98 -59.64
CA ALA A 571 39.08 -48.32 -59.76
C ALA A 571 39.44 -49.27 -58.63
N PRO A 572 40.71 -49.44 -58.22
CA PRO A 572 41.01 -50.50 -57.24
C PRO A 572 40.27 -50.38 -55.92
N PHE A 573 40.09 -49.17 -55.40
CA PHE A 573 39.38 -49.03 -54.13
C PHE A 573 37.89 -49.35 -54.27
N LEU A 574 37.32 -49.15 -55.45
CA LEU A 574 35.90 -49.45 -55.63
C LEU A 574 35.64 -50.95 -55.49
N GLU A 575 36.64 -51.77 -55.78
CA GLU A 575 36.53 -53.22 -55.68
C GLU A 575 36.82 -53.72 -54.27
N GLY A 576 36.99 -52.83 -53.30
CA GLY A 576 37.28 -53.20 -51.94
C GLY A 576 38.76 -53.33 -51.61
N LYS A 577 39.64 -53.16 -52.59
CA LYS A 577 41.07 -53.28 -52.34
C LYS A 577 41.53 -52.18 -51.38
N SER A 578 42.36 -52.56 -50.40
CA SER A 578 42.90 -51.62 -49.45
C SER A 578 44.14 -52.22 -48.81
N GLY A 579 45.13 -51.36 -48.55
CA GLY A 579 46.36 -51.84 -47.94
C GLY A 579 47.17 -52.68 -48.91
N GLU A 580 47.48 -53.90 -48.49
CA GLU A 580 48.34 -54.77 -49.28
C GLU A 580 47.65 -55.27 -50.55
N SER A 581 46.33 -55.43 -50.52
CA SER A 581 45.59 -55.91 -51.68
C SER A 581 45.59 -54.92 -52.83
N LEU A 582 46.00 -53.68 -52.60
CA LEU A 582 46.04 -52.70 -53.68
C LEU A 582 47.16 -53.04 -54.66
N PRO A 583 47.05 -52.56 -55.90
CA PRO A 583 48.14 -52.76 -56.86
C PRO A 583 49.44 -52.13 -56.36
N ALA A 584 50.55 -52.82 -56.61
CA ALA A 584 51.83 -52.36 -56.11
C ALA A 584 52.27 -51.05 -56.77
N ASP A 585 51.73 -50.74 -57.95
CA ASP A 585 52.03 -49.48 -58.62
C ASP A 585 51.09 -48.36 -58.21
N CYS A 586 50.16 -48.61 -57.29
CA CYS A 586 49.27 -47.57 -56.81
C CYS A 586 50.05 -46.62 -55.91
N PRO A 587 50.15 -45.33 -56.26
CA PRO A 587 50.97 -44.41 -55.46
C PRO A 587 50.32 -44.00 -54.14
N VAL A 588 49.01 -44.20 -53.98
CA VAL A 588 48.28 -43.79 -52.79
C VAL A 588 47.68 -45.03 -52.15
N ARG A 589 47.91 -45.20 -50.85
CA ARG A 589 47.54 -46.43 -50.15
C ARG A 589 46.28 -46.31 -49.31
N SER A 590 46.05 -45.18 -48.64
CA SER A 590 44.88 -44.99 -47.80
C SER A 590 43.75 -44.41 -48.65
N LYS A 591 42.55 -44.98 -48.50
CA LYS A 591 41.42 -44.54 -49.31
C LYS A 591 41.07 -43.09 -49.03
N LEU A 592 41.11 -42.68 -47.77
CA LEU A 592 40.83 -41.28 -47.42
C LEU A 592 41.87 -40.35 -48.03
N THR A 593 43.13 -40.78 -48.07
CA THR A 593 44.17 -39.96 -48.68
C THR A 593 43.93 -39.79 -50.18
N LEU A 594 43.53 -40.85 -50.88
CA LEU A 594 43.26 -40.76 -52.32
C LEU A 594 42.06 -39.86 -52.54
N GLY A 595 41.05 -39.97 -51.68
CA GLY A 595 39.89 -39.11 -51.81
C GLY A 595 40.23 -37.63 -51.62
N LEU A 596 41.04 -37.33 -50.61
CA LEU A 596 41.48 -35.96 -50.40
C LEU A 596 42.32 -35.47 -51.57
N SER A 597 43.14 -36.36 -52.13
CA SER A 597 43.98 -35.98 -53.26
C SER A 597 43.15 -35.62 -54.49
N ILE A 598 42.18 -36.46 -54.82
CA ILE A 598 41.34 -36.16 -55.98
C ILE A 598 40.49 -34.93 -55.70
N LEU A 599 40.05 -34.74 -54.46
CA LEU A 599 39.39 -33.49 -54.06
C LEU A 599 40.27 -32.29 -54.39
N PHE A 600 41.53 -32.32 -53.97
CA PHE A 600 42.44 -31.20 -54.20
C PHE A 600 42.67 -30.97 -55.68
N MET A 601 42.82 -32.04 -56.47
CA MET A 601 43.10 -31.86 -57.90
C MET A 601 41.90 -31.31 -58.64
N VAL A 602 40.70 -31.84 -58.39
CA VAL A 602 39.53 -31.35 -59.10
C VAL A 602 39.13 -29.95 -58.62
N GLU A 603 39.42 -29.61 -57.37
CA GLU A 603 39.05 -28.30 -56.85
C GLU A 603 39.97 -27.21 -57.39
N ALA A 604 41.28 -27.47 -57.44
CA ALA A 604 42.23 -26.48 -57.90
C ALA A 604 42.07 -26.17 -59.39
N ALA A 605 41.42 -27.05 -60.15
CA ALA A 605 41.17 -26.81 -61.57
C ALA A 605 39.74 -26.37 -61.85
N GLU A 606 38.81 -26.66 -60.95
CA GLU A 606 37.40 -26.26 -61.07
C GLU A 606 36.80 -26.77 -62.38
N PHE A 607 36.91 -28.08 -62.60
CA PHE A 607 36.46 -28.70 -63.84
C PHE A 607 35.40 -29.76 -63.54
N THR A 608 34.48 -29.96 -64.49
CA THR A 608 33.32 -30.80 -64.26
C THR A 608 33.71 -32.25 -64.04
N VAL A 609 32.89 -32.94 -63.26
CA VAL A 609 33.07 -34.36 -62.96
C VAL A 609 31.90 -35.14 -63.53
N PRO A 610 32.14 -36.26 -64.24
CA PRO A 610 31.02 -37.10 -64.67
C PRO A 610 30.22 -37.60 -63.48
N LYS A 611 28.90 -37.63 -63.65
CA LYS A 611 28.02 -38.01 -62.54
C LYS A 611 28.18 -39.48 -62.17
N LYS A 612 28.70 -40.30 -63.08
CA LYS A 612 29.01 -41.68 -62.74
C LYS A 612 30.18 -41.77 -61.77
N ASP A 613 31.09 -40.78 -61.79
CA ASP A 613 32.29 -40.84 -60.96
C ASP A 613 32.03 -40.38 -59.53
N LEU A 614 30.85 -39.84 -59.24
CA LEU A 614 30.54 -39.47 -57.86
C LEU A 614 30.47 -40.70 -56.97
N ASP A 615 29.88 -41.78 -57.47
CA ASP A 615 29.79 -43.01 -56.67
C ASP A 615 31.16 -43.52 -56.26
N SER A 616 32.20 -43.14 -57.00
CA SER A 616 33.57 -43.51 -56.67
C SER A 616 34.24 -42.48 -55.75
N LEU A 617 34.16 -41.21 -56.12
CA LEU A 617 34.87 -40.18 -55.35
C LEU A 617 34.27 -40.01 -53.96
N CYS A 618 32.95 -40.13 -53.84
CA CYS A 618 32.33 -40.10 -52.51
C CYS A 618 32.52 -41.41 -51.76
N TYR A 619 32.81 -42.51 -52.47
CA TYR A 619 33.21 -43.74 -51.77
C TYR A 619 34.60 -43.61 -51.18
N LEU A 620 35.49 -42.88 -51.85
CA LEU A 620 36.85 -42.72 -51.33
C LEU A 620 36.85 -42.00 -49.99
N LEU A 621 36.03 -40.96 -49.84
CA LEU A 621 36.05 -40.14 -48.63
C LEU A 621 35.41 -40.81 -47.42
N ILE A 622 34.80 -41.98 -47.60
CA ILE A 622 34.20 -42.69 -46.47
C ILE A 622 35.29 -43.11 -45.50
N PRO A 623 35.15 -42.84 -44.19
CA PRO A 623 36.22 -43.19 -43.25
C PRO A 623 36.28 -44.69 -42.94
N SER A 624 36.60 -45.49 -43.95
CA SER A 624 36.75 -46.93 -43.74
C SER A 624 37.94 -47.20 -42.83
N ALA A 625 37.76 -48.17 -41.93
CA ALA A 625 38.80 -48.57 -40.97
C ALA A 625 39.26 -47.39 -40.11
N GLY A 626 38.34 -46.47 -39.83
CA GLY A 626 38.67 -45.31 -39.01
C GLY A 626 37.62 -45.02 -37.96
N SER A 627 36.98 -46.07 -37.45
CA SER A 627 35.91 -45.89 -36.46
C SER A 627 36.38 -45.19 -35.19
N PRO A 628 37.47 -45.60 -34.54
CA PRO A 628 37.88 -44.89 -33.32
C PRO A 628 38.26 -43.45 -33.61
N GLU A 629 37.95 -42.56 -32.64
CA GLU A 629 38.29 -41.16 -32.79
C GLU A 629 39.78 -40.91 -32.70
N ALA A 630 40.55 -41.89 -32.18
CA ALA A 630 41.99 -41.72 -32.08
C ALA A 630 42.64 -41.55 -33.45
N LEU A 631 42.20 -42.35 -34.43
CA LEU A 631 42.77 -42.23 -35.78
C LEU A 631 42.47 -40.86 -36.37
N HIS A 632 41.25 -40.35 -36.17
CA HIS A 632 40.90 -39.04 -36.73
C HIS A 632 41.66 -37.92 -36.02
N SER A 633 41.82 -38.02 -34.70
CA SER A 633 42.60 -37.02 -33.99
C SER A 633 44.07 -37.04 -34.44
N ASP A 634 44.60 -38.23 -34.70
CA ASP A 634 46.00 -38.33 -35.16
C ASP A 634 46.15 -37.89 -36.61
N LEU A 635 45.08 -38.00 -37.41
CA LEU A 635 45.09 -37.51 -38.78
C LEU A 635 44.84 -36.01 -38.86
N SER A 636 44.28 -35.42 -37.81
CA SER A 636 44.03 -33.97 -37.77
C SER A 636 45.26 -33.13 -38.05
N PRO A 637 46.46 -33.42 -37.52
CA PRO A 637 47.63 -32.58 -37.85
C PRO A 637 47.96 -32.52 -39.32
N VAL A 638 47.62 -33.56 -40.10
CA VAL A 638 47.84 -33.49 -41.55
C VAL A 638 46.88 -32.49 -42.18
N LEU A 639 45.78 -32.18 -41.50
CA LEU A 639 44.76 -31.25 -41.98
C LEU A 639 44.49 -30.17 -40.93
N ARG A 640 45.58 -29.55 -40.43
CA ARG A 640 45.46 -28.56 -39.37
C ARG A 640 44.65 -27.35 -39.82
N ILE A 641 44.86 -26.90 -41.06
CA ILE A 641 44.16 -25.71 -41.55
C ILE A 641 42.66 -25.99 -41.56
N ARG A 642 41.92 -25.26 -40.73
CA ARG A 642 40.50 -25.47 -40.53
C ARG A 642 39.64 -24.45 -41.27
N GLN A 643 40.20 -23.77 -42.26
CA GLN A 643 39.49 -22.72 -42.97
C GLN A 643 39.27 -23.05 -44.44
N ARG A 644 40.32 -23.41 -45.17
CA ARG A 644 40.18 -23.74 -46.58
C ARG A 644 39.47 -25.09 -46.76
N TRP A 645 39.72 -26.03 -45.85
CA TRP A 645 39.07 -27.34 -45.95
C TRP A 645 37.57 -27.24 -45.77
N ARG A 646 37.10 -26.28 -44.96
CA ARG A 646 35.67 -26.09 -44.80
C ARG A 646 35.01 -25.69 -46.11
N ILE A 647 35.57 -24.69 -46.78
CA ILE A 647 35.02 -24.26 -48.07
C ILE A 647 35.14 -25.38 -49.09
N TYR A 648 36.27 -26.10 -49.08
CA TYR A 648 36.45 -27.22 -49.98
C TYR A 648 35.33 -28.25 -49.81
N LEU A 649 35.08 -28.68 -48.58
CA LEU A 649 34.10 -29.73 -48.35
C LEU A 649 32.68 -29.23 -48.61
N THR A 650 32.40 -27.97 -48.27
CA THR A 650 31.07 -27.43 -48.53
C THR A 650 30.80 -27.36 -50.03
N ASN A 651 31.77 -26.90 -50.82
CA ASN A 651 31.54 -26.85 -52.26
C ASN A 651 31.48 -28.27 -52.84
N LEU A 652 32.22 -29.22 -52.26
CA LEU A 652 32.11 -30.60 -52.71
C LEU A 652 30.69 -31.13 -52.49
N CYS A 653 30.15 -30.96 -51.29
CA CYS A 653 28.81 -31.48 -51.01
C CYS A 653 27.76 -30.74 -51.83
N LEU A 654 27.92 -29.43 -52.00
CA LEU A 654 26.97 -28.66 -52.81
C LEU A 654 27.04 -29.05 -54.28
N ARG A 655 28.20 -29.48 -54.76
CA ARG A 655 28.31 -30.00 -56.12
C ARG A 655 27.74 -31.40 -56.23
N CYS A 656 27.76 -32.16 -55.13
CA CYS A 656 27.21 -33.50 -55.09
C CYS A 656 25.73 -33.52 -54.68
N ILE A 657 25.13 -32.34 -54.50
CA ILE A 657 23.72 -32.25 -54.09
C ILE A 657 22.79 -32.57 -55.25
N ASP A 658 23.35 -32.94 -56.40
CA ASP A 658 22.57 -33.30 -57.58
C ASP A 658 21.71 -34.53 -57.32
N GLU A 659 20.93 -34.96 -58.31
CA GLU A 659 19.98 -36.04 -58.06
C GLU A 659 20.73 -37.37 -58.08
N ARG A 660 21.83 -37.43 -57.33
CA ARG A 660 22.43 -38.68 -56.91
C ARG A 660 22.41 -38.80 -55.40
N CYS A 661 23.00 -37.83 -54.70
CA CYS A 661 22.89 -37.63 -53.25
C CYS A 661 22.84 -38.95 -52.49
N ASP A 662 23.85 -39.79 -52.74
CA ASP A 662 23.91 -41.10 -52.11
C ASP A 662 25.02 -41.19 -51.07
N ARG A 663 26.29 -41.14 -51.48
CA ARG A 663 27.37 -41.41 -50.54
C ARG A 663 27.84 -40.16 -49.80
N TRP A 664 27.26 -39.00 -50.10
CA TRP A 664 27.68 -37.76 -49.46
C TRP A 664 27.47 -37.76 -47.96
N LEU A 665 26.57 -38.62 -47.44
CA LEU A 665 26.41 -38.74 -46.00
C LEU A 665 27.71 -39.17 -45.33
N GLY A 666 28.62 -39.81 -46.06
CA GLY A 666 29.90 -40.18 -45.48
C GLY A 666 30.87 -39.03 -45.34
N ILE A 667 30.62 -37.90 -46.01
CA ILE A 667 31.52 -36.76 -45.88
C ILE A 667 31.24 -35.94 -44.64
N LEU A 668 30.06 -36.12 -44.03
CA LEU A 668 29.76 -35.38 -42.79
C LEU A 668 30.72 -35.71 -41.66
N PRO A 669 30.99 -36.97 -41.31
CA PRO A 669 31.92 -37.22 -40.20
C PRO A 669 33.30 -36.63 -40.43
N LEU A 670 33.82 -36.71 -41.66
CA LEU A 670 35.13 -36.14 -41.94
C LEU A 670 35.14 -34.63 -41.70
N LEU A 671 34.08 -33.94 -42.13
CA LEU A 671 33.94 -32.54 -41.80
C LEU A 671 33.63 -32.35 -40.33
N HIS A 672 32.95 -33.32 -39.71
CA HIS A 672 32.49 -33.17 -38.33
C HIS A 672 33.53 -33.60 -37.31
N THR A 673 34.72 -34.00 -37.73
CA THR A 673 35.78 -34.39 -36.81
C THR A 673 36.75 -33.26 -36.50
N CYS A 674 36.53 -32.05 -37.00
CA CYS A 674 37.51 -30.98 -36.87
C CYS A 674 36.84 -29.66 -36.48
N MET A 675 35.95 -29.68 -35.49
CA MET A 675 35.43 -28.45 -34.88
C MET A 675 35.31 -28.69 -33.38
N GLN A 676 34.57 -27.81 -32.70
CA GLN A 676 34.45 -27.94 -31.25
C GLN A 676 33.56 -29.14 -30.90
N LYS A 677 33.52 -29.45 -29.61
CA LYS A 677 32.78 -30.59 -29.12
C LYS A 677 31.27 -30.30 -29.15
N SER A 678 30.46 -31.31 -28.84
CA SER A 678 29.02 -31.21 -28.97
C SER A 678 28.44 -30.21 -27.98
N PRO A 679 27.61 -29.26 -28.42
CA PRO A 679 27.02 -28.31 -27.49
C PRO A 679 25.88 -28.93 -26.71
N PRO A 680 25.94 -28.90 -25.37
CA PRO A 680 24.85 -29.43 -24.55
C PRO A 680 23.70 -28.47 -24.31
N LYS A 681 23.72 -27.30 -24.93
CA LYS A 681 22.73 -26.27 -24.65
C LYS A 681 21.35 -26.70 -25.14
N LYS A 682 20.33 -26.13 -24.50
CA LYS A 682 18.94 -26.42 -24.85
C LYS A 682 18.60 -25.86 -26.22
N ASN A 683 17.47 -26.31 -26.76
CA ASN A 683 17.03 -25.86 -28.07
C ASN A 683 16.52 -24.43 -27.98
N SER A 684 16.46 -23.78 -29.14
CA SER A 684 15.92 -22.43 -29.32
C SER A 684 16.76 -21.36 -28.63
N LYS A 685 17.91 -21.74 -28.07
CA LYS A 685 18.79 -20.79 -27.39
C LYS A 685 19.97 -20.37 -28.26
N SER A 686 20.63 -21.31 -28.92
CA SER A 686 21.81 -20.98 -29.70
C SER A 686 21.46 -20.50 -31.11
N GLN A 687 20.86 -21.37 -31.91
CA GLN A 687 20.75 -21.16 -33.36
C GLN A 687 19.93 -22.31 -33.94
N PRO A 688 19.31 -22.18 -35.13
CA PRO A 688 18.58 -23.31 -35.69
C PRO A 688 19.47 -24.48 -36.11
N GLU A 689 18.86 -25.49 -36.74
CA GLU A 689 19.50 -26.80 -36.90
C GLU A 689 20.82 -26.74 -37.65
N ASP A 690 21.03 -25.68 -38.44
CA ASP A 690 22.26 -25.57 -39.22
C ASP A 690 23.50 -25.72 -38.33
N THR A 691 23.53 -25.03 -37.20
CA THR A 691 24.71 -25.07 -36.34
C THR A 691 24.68 -26.26 -35.38
N TRP A 692 23.50 -26.59 -34.84
CA TRP A 692 23.43 -27.71 -33.91
C TRP A 692 23.83 -29.02 -34.59
N ALA A 693 23.30 -29.29 -35.78
CA ALA A 693 23.72 -30.46 -36.53
C ALA A 693 25.13 -30.28 -37.08
N GLY A 694 25.56 -29.03 -37.22
CA GLY A 694 26.91 -28.73 -37.66
C GLY A 694 27.08 -28.55 -39.16
N LEU A 695 26.00 -28.39 -39.92
CA LEU A 695 26.08 -28.31 -41.37
C LEU A 695 26.35 -26.88 -41.85
N GLU A 696 25.42 -25.96 -41.57
CA GLU A 696 25.57 -24.53 -41.86
C GLU A 696 25.76 -24.24 -43.35
N GLY A 697 25.73 -25.27 -44.19
CA GLY A 697 25.96 -25.06 -45.61
C GLY A 697 25.16 -25.94 -46.54
N ILE A 698 24.19 -26.68 -45.99
CA ILE A 698 23.38 -27.61 -46.78
C ILE A 698 21.91 -27.29 -46.53
N SER A 699 21.14 -27.12 -47.60
CA SER A 699 19.72 -26.83 -47.51
C SER A 699 18.97 -28.15 -47.47
N PHE A 700 18.88 -28.74 -46.28
CA PHE A 700 18.12 -29.96 -46.08
C PHE A 700 16.62 -29.71 -46.02
N SER A 701 16.20 -28.45 -45.91
CA SER A 701 14.78 -28.14 -45.82
C SER A 701 14.03 -28.54 -47.09
N GLU A 702 14.67 -28.38 -48.25
CA GLU A 702 14.06 -28.78 -49.50
C GLU A 702 14.05 -30.29 -49.69
N PHE A 703 15.00 -31.00 -49.08
CA PHE A 703 15.06 -32.45 -49.22
C PHE A 703 14.21 -33.16 -48.18
N ARG A 704 14.03 -32.55 -47.00
CA ARG A 704 13.12 -33.12 -46.00
C ARG A 704 11.67 -32.88 -46.36
N ASP A 705 11.38 -31.83 -47.12
CA ASP A 705 10.02 -31.47 -47.51
C ASP A 705 9.94 -31.54 -49.03
N LYS A 706 9.70 -32.74 -49.55
CA LYS A 706 9.58 -32.99 -50.98
C LYS A 706 9.10 -34.44 -51.15
N ALA A 707 8.92 -34.86 -52.39
CA ALA A 707 8.53 -36.23 -52.67
C ALA A 707 9.69 -37.17 -52.39
N PRO A 708 9.56 -38.14 -51.49
CA PRO A 708 10.70 -39.01 -51.11
C PRO A 708 10.95 -40.12 -52.13
N THR A 709 11.30 -39.73 -53.34
CA THR A 709 11.58 -40.70 -54.40
C THR A 709 12.91 -41.40 -54.23
N ARG A 710 13.80 -40.87 -53.39
CA ARG A 710 15.13 -41.44 -53.14
C ARG A 710 15.05 -42.26 -51.86
N SER A 711 14.88 -43.57 -52.00
CA SER A 711 14.89 -44.49 -50.87
C SER A 711 16.29 -44.94 -50.49
N GLN A 712 17.31 -44.46 -51.20
CA GLN A 712 18.68 -44.85 -50.88
C GLN A 712 19.15 -44.45 -49.49
N PRO A 713 18.93 -43.22 -48.99
CA PRO A 713 19.58 -42.83 -47.72
C PRO A 713 19.26 -43.73 -46.56
N LEU A 714 18.04 -44.27 -46.48
CA LEU A 714 17.70 -45.18 -45.40
C LEU A 714 18.57 -46.43 -45.45
N GLN A 715 18.72 -47.01 -46.64
CA GLN A 715 19.56 -48.20 -46.81
C GLN A 715 21.03 -47.87 -46.55
N PHE A 716 21.47 -46.68 -46.95
CA PHE A 716 22.85 -46.26 -46.67
C PHE A 716 23.08 -46.23 -45.17
N MET A 717 22.17 -45.59 -44.43
CA MET A 717 22.32 -45.51 -42.99
C MET A 717 22.29 -46.90 -42.35
N GLN A 718 21.39 -47.77 -42.84
CA GLN A 718 21.33 -49.13 -42.33
C GLN A 718 22.63 -49.88 -42.62
N SER A 719 23.32 -49.53 -43.69
CA SER A 719 24.58 -50.19 -44.03
C SER A 719 25.76 -49.63 -43.25
N LYS A 720 25.59 -48.49 -42.58
CA LYS A 720 26.68 -47.80 -41.88
C LYS A 720 26.36 -47.49 -40.42
N MET A 721 25.92 -48.50 -39.66
CA MET A 721 25.80 -48.32 -38.22
C MET A 721 27.14 -47.91 -37.61
N ALA A 722 28.23 -48.52 -38.06
CA ALA A 722 29.55 -48.25 -37.49
C ALA A 722 29.92 -46.78 -37.60
N LEU A 723 29.57 -46.12 -38.71
CA LEU A 723 29.86 -44.70 -38.86
C LEU A 723 29.25 -43.86 -37.75
N LEU A 724 28.15 -44.32 -37.15
CA LEU A 724 27.52 -43.58 -36.07
C LEU A 724 28.39 -43.49 -34.82
N ARG A 725 29.42 -44.33 -34.70
CA ARG A 725 30.29 -44.32 -33.53
C ARG A 725 31.58 -43.53 -33.75
N VAL A 726 31.81 -43.01 -34.96
CA VAL A 726 33.07 -42.34 -35.25
C VAL A 726 33.10 -40.91 -34.73
N ASP A 727 31.96 -40.36 -34.30
CA ASP A 727 31.88 -39.00 -33.82
C ASP A 727 30.55 -38.83 -33.08
N GLU A 728 30.23 -37.60 -32.70
CA GLU A 728 28.96 -37.30 -32.06
C GLU A 728 28.08 -36.35 -32.87
N TYR A 729 28.63 -35.67 -33.87
CA TYR A 729 27.83 -34.82 -34.75
C TYR A 729 27.08 -35.61 -35.82
N LEU A 730 27.46 -36.87 -36.07
CA LEU A 730 26.83 -37.61 -37.15
C LEU A 730 25.37 -37.91 -36.86
N PHE A 731 25.05 -38.32 -35.63
CA PHE A 731 23.67 -38.68 -35.31
C PHE A 731 22.76 -37.46 -35.39
N ARG A 732 23.19 -36.34 -34.80
CA ARG A 732 22.39 -35.14 -34.86
C ARG A 732 22.25 -34.61 -36.29
N SER A 733 23.32 -34.71 -37.08
CA SER A 733 23.24 -34.30 -38.48
C SER A 733 22.27 -35.18 -39.26
N TRP A 734 22.30 -36.49 -39.01
CA TRP A 734 21.37 -37.40 -39.67
C TRP A 734 19.94 -37.18 -39.20
N LEU A 735 19.77 -36.67 -37.97
CA LEU A 735 18.43 -36.42 -37.45
C LEU A 735 17.70 -35.38 -38.30
N SER A 736 18.41 -34.32 -38.70
CA SER A 736 17.80 -33.21 -39.42
C SER A 736 17.74 -33.42 -40.92
N VAL A 737 18.23 -34.55 -41.44
CA VAL A 737 18.23 -34.80 -42.86
C VAL A 737 17.28 -35.93 -43.26
N VAL A 738 16.98 -36.87 -42.36
CA VAL A 738 16.13 -38.01 -42.70
C VAL A 738 14.71 -37.52 -42.94
N PRO A 739 13.97 -38.12 -43.87
CA PRO A 739 12.55 -37.80 -44.01
C PRO A 739 11.78 -38.15 -42.75
N LEU A 740 10.75 -37.34 -42.47
CA LEU A 740 9.99 -37.50 -41.23
C LEU A 740 9.29 -38.86 -41.19
N GLU A 741 8.70 -39.29 -42.31
CA GLU A 741 7.94 -40.53 -42.32
C GLU A 741 8.82 -41.73 -41.98
N SER A 742 10.12 -41.65 -42.28
CA SER A 742 11.06 -42.71 -41.97
C SER A 742 11.80 -42.48 -40.66
N LEU A 743 11.43 -41.45 -39.90
CA LEU A 743 12.17 -41.10 -38.68
C LEU A 743 11.93 -42.12 -37.58
N SER A 744 10.76 -42.77 -37.58
CA SER A 744 10.51 -43.85 -36.62
C SER A 744 11.50 -44.99 -36.82
N SER A 745 11.75 -45.35 -38.09
CA SER A 745 12.75 -46.37 -38.37
C SER A 745 14.16 -45.90 -38.01
N TYR A 746 14.43 -44.60 -38.17
CA TYR A 746 15.72 -44.05 -37.77
C TYR A 746 15.93 -44.19 -36.27
N LEU A 747 14.89 -43.91 -35.48
CA LEU A 747 14.97 -44.10 -34.04
C LEU A 747 15.08 -45.58 -33.68
N GLU A 748 14.40 -46.45 -34.42
CA GLU A 748 14.48 -47.89 -34.17
C GLU A 748 15.89 -48.39 -34.40
N ASN A 749 16.53 -47.97 -35.49
CA ASN A 749 17.86 -48.46 -35.85
C ASN A 749 18.94 -48.07 -34.85
N SER A 750 18.67 -47.12 -33.95
CA SER A 750 19.67 -46.61 -33.01
C SER A 750 19.46 -47.14 -31.59
N ILE A 751 18.78 -48.28 -31.45
CA ILE A 751 18.59 -48.88 -30.13
C ILE A 751 19.94 -49.21 -29.50
N ASP A 752 20.84 -49.81 -30.28
CA ASP A 752 22.16 -50.15 -29.77
C ASP A 752 22.94 -48.90 -29.38
N TYR A 753 22.88 -47.86 -30.23
CA TYR A 753 23.61 -46.64 -29.95
C TYR A 753 23.11 -45.98 -28.68
N LEU A 754 21.80 -45.97 -28.47
CA LEU A 754 21.24 -45.40 -27.25
C LEU A 754 21.53 -46.27 -26.03
N SER A 755 21.63 -47.58 -26.21
CA SER A 755 21.96 -48.47 -25.09
C SER A 755 23.42 -48.30 -24.68
N ASP A 756 24.30 -48.06 -25.65
CA ASP A 756 25.70 -47.78 -25.32
C ASP A 756 25.82 -46.52 -24.47
N VAL A 757 25.17 -45.44 -24.89
CA VAL A 757 25.14 -44.20 -24.12
C VAL A 757 23.69 -43.74 -24.01
N PRO A 758 23.07 -43.82 -22.83
CA PRO A 758 21.68 -43.40 -22.65
C PRO A 758 21.53 -41.88 -22.50
N VAL A 759 22.23 -41.13 -23.36
CA VAL A 759 22.18 -39.67 -23.32
C VAL A 759 21.76 -39.07 -24.66
N ARG A 760 21.84 -39.81 -25.77
CA ARG A 760 21.55 -39.24 -27.08
C ARG A 760 20.06 -38.93 -27.25
N VAL A 761 19.20 -39.41 -26.34
CA VAL A 761 17.78 -39.04 -26.39
C VAL A 761 17.60 -37.54 -26.20
N LEU A 762 18.52 -36.87 -25.49
CA LEU A 762 18.48 -35.42 -25.43
C LEU A 762 18.64 -34.82 -26.81
N ASP A 763 19.59 -35.34 -27.60
CA ASP A 763 19.76 -34.85 -28.96
C ASP A 763 18.56 -35.19 -29.83
N CYS A 764 17.89 -36.32 -29.55
CA CYS A 764 16.66 -36.64 -30.27
C CYS A 764 15.58 -35.60 -29.98
N LEU A 765 15.45 -35.21 -28.71
CA LEU A 765 14.49 -34.18 -28.35
C LEU A 765 14.84 -32.85 -29.00
N GLN A 766 16.14 -32.50 -29.01
CA GLN A 766 16.56 -31.28 -29.68
C GLN A 766 16.18 -31.32 -31.15
N GLY A 767 16.41 -32.46 -31.81
CA GLY A 767 16.10 -32.57 -33.22
C GLY A 767 14.62 -32.46 -33.51
N ILE A 768 13.78 -33.13 -32.72
CA ILE A 768 12.34 -33.08 -32.98
C ILE A 768 11.81 -31.67 -32.71
N SER A 769 12.27 -31.05 -31.61
CA SER A 769 11.85 -29.69 -31.32
C SER A 769 12.41 -28.70 -32.32
N TYR A 770 13.45 -29.09 -33.07
CA TYR A 770 13.94 -28.27 -34.17
C TYR A 770 13.04 -28.40 -35.40
N ARG A 771 12.78 -29.63 -35.83
CA ARG A 771 12.11 -29.85 -37.10
C ARG A 771 10.60 -29.59 -37.01
N LEU A 772 10.00 -29.84 -35.85
CA LEU A 772 8.55 -29.78 -35.73
C LEU A 772 7.98 -28.38 -35.99
N PRO A 773 8.46 -27.29 -35.37
CA PRO A 773 7.84 -25.98 -35.64
C PRO A 773 7.96 -25.55 -37.08
N GLY A 774 9.00 -26.00 -37.80
CA GLY A 774 9.14 -25.63 -39.20
C GLY A 774 8.06 -26.21 -40.08
N LEU A 775 7.62 -27.43 -39.79
CA LEU A 775 6.61 -28.08 -40.61
C LEU A 775 5.28 -27.35 -40.53
N ARG A 776 4.61 -27.22 -41.68
CA ARG A 776 3.39 -26.44 -41.81
C ARG A 776 2.24 -27.11 -41.09
N LYS A 777 1.11 -26.39 -41.00
CA LYS A 777 -0.10 -26.88 -40.36
C LYS A 777 -0.53 -28.22 -40.96
N ILE A 778 -1.37 -28.95 -40.23
CA ILE A 778 -1.64 -30.36 -40.48
C ILE A 778 -2.94 -30.53 -41.25
N SER A 779 -2.86 -31.13 -42.44
CA SER A 779 -4.03 -31.67 -43.11
C SER A 779 -3.59 -32.82 -44.02
N ASN A 780 -3.63 -34.04 -43.48
CA ASN A 780 -3.45 -35.30 -44.20
C ASN A 780 -3.56 -36.43 -43.19
N GLN A 781 -3.48 -37.67 -43.69
CA GLN A 781 -3.46 -38.84 -42.82
C GLN A 781 -2.10 -39.55 -42.79
N ASN A 782 -1.23 -39.31 -43.77
CA ASN A 782 0.05 -40.00 -43.79
C ASN A 782 0.95 -39.55 -42.64
N MET A 783 1.12 -38.23 -42.49
CA MET A 783 2.02 -37.78 -41.43
C MET A 783 1.35 -37.91 -40.06
N LYS A 784 0.05 -38.18 -40.02
CA LYS A 784 -0.56 -38.64 -38.77
C LYS A 784 0.08 -39.95 -38.31
N LYS A 785 0.18 -40.92 -39.23
CA LYS A 785 0.86 -42.17 -38.93
C LYS A 785 2.32 -41.91 -38.61
N ASP A 786 2.96 -41.02 -39.38
CA ASP A 786 4.34 -40.65 -39.10
C ASP A 786 4.49 -40.17 -37.66
N VAL A 787 3.64 -39.25 -37.23
CA VAL A 787 3.77 -38.63 -35.91
C VAL A 787 3.51 -39.63 -34.81
N GLU A 788 2.45 -40.44 -34.94
CA GLU A 788 2.18 -41.40 -33.89
C GLU A 788 3.29 -42.44 -33.80
N ASN A 789 3.82 -42.87 -34.95
CA ASN A 789 4.88 -43.87 -34.94
C ASN A 789 6.16 -43.31 -34.31
N VAL A 790 6.53 -42.07 -34.66
CA VAL A 790 7.75 -41.51 -34.11
C VAL A 790 7.59 -41.25 -32.61
N PHE A 791 6.41 -40.79 -32.17
CA PHE A 791 6.21 -40.58 -30.74
C PHE A 791 6.21 -41.90 -29.98
N LYS A 792 5.61 -42.96 -30.55
CA LYS A 792 5.60 -44.23 -29.85
C LYS A 792 6.99 -44.84 -29.79
N MET A 793 7.79 -44.68 -30.85
CA MET A 793 9.19 -45.08 -30.78
C MET A 793 9.94 -44.25 -29.75
N LEU A 794 9.57 -42.98 -29.60
CA LEU A 794 10.22 -42.12 -28.62
C LEU A 794 9.93 -42.60 -27.20
N MET A 795 8.66 -42.85 -26.87
CA MET A 795 8.37 -43.35 -25.53
C MET A 795 9.01 -44.72 -25.32
N HIS A 796 8.94 -45.60 -26.34
CA HIS A 796 9.63 -46.88 -26.27
C HIS A 796 11.09 -46.71 -25.86
N LEU A 797 11.86 -45.99 -26.67
CA LEU A 797 13.27 -45.80 -26.36
C LEU A 797 13.50 -45.00 -25.09
N VAL A 798 12.47 -44.34 -24.56
CA VAL A 798 12.64 -43.62 -23.31
C VAL A 798 12.54 -44.58 -22.12
N ASP A 799 11.48 -45.40 -22.05
CA ASP A 799 11.26 -46.11 -20.79
C ASP A 799 12.00 -47.44 -20.71
N ILE A 800 12.52 -47.96 -21.83
CA ILE A 800 13.05 -49.32 -21.81
C ILE A 800 14.35 -49.37 -21.01
N TYR A 801 15.20 -48.36 -21.17
CA TYR A 801 16.57 -48.50 -20.70
C TYR A 801 16.66 -48.36 -19.18
N GLN A 802 16.42 -47.16 -18.67
CA GLN A 802 16.61 -46.86 -17.25
C GLN A 802 16.11 -45.44 -17.00
N HIS A 803 16.33 -44.97 -15.77
CA HIS A 803 16.17 -43.57 -15.40
C HIS A 803 17.50 -42.83 -15.36
N ARG A 804 18.59 -43.46 -15.80
CA ARG A 804 19.90 -42.83 -15.79
C ARG A 804 19.98 -41.68 -16.78
N ILE A 805 18.97 -41.55 -17.65
CA ILE A 805 18.89 -40.41 -18.55
C ILE A 805 18.89 -39.10 -17.76
N PHE A 806 18.16 -39.07 -16.63
CA PHE A 806 18.06 -37.89 -15.78
C PHE A 806 19.24 -37.75 -14.83
N GLY A 807 20.19 -38.68 -14.84
CA GLY A 807 21.32 -38.62 -13.93
C GLY A 807 22.22 -37.42 -14.19
N GLU A 808 23.30 -37.37 -13.40
CA GLU A 808 24.31 -36.30 -13.44
C GLU A 808 23.67 -34.91 -13.50
N ASN A 809 22.53 -34.75 -12.83
CA ASN A 809 21.82 -33.48 -12.71
C ASN A 809 21.45 -32.91 -14.08
N LEU A 810 20.97 -33.78 -14.96
CA LEU A 810 20.59 -33.39 -16.31
C LEU A 810 19.08 -33.24 -16.49
N LEU A 811 18.31 -33.28 -15.40
CA LEU A 811 16.85 -33.32 -15.53
C LEU A 811 16.26 -31.96 -15.95
N GLN A 812 16.92 -30.86 -15.58
CA GLN A 812 16.36 -29.54 -15.83
C GLN A 812 16.23 -29.27 -17.34
N ILE A 813 17.30 -29.51 -18.10
CA ILE A 813 17.25 -29.27 -19.53
C ILE A 813 16.29 -30.22 -20.21
N TYR A 814 16.19 -31.46 -19.72
CA TYR A 814 15.23 -32.41 -20.28
C TYR A 814 13.80 -31.91 -20.09
N LEU A 815 13.49 -31.40 -18.88
CA LEU A 815 12.18 -30.84 -18.62
C LEU A 815 11.89 -29.66 -19.54
N THR A 816 12.89 -28.78 -19.70
CA THR A 816 12.69 -27.62 -20.57
C THR A 816 12.44 -28.06 -22.01
N GLU A 817 13.19 -29.05 -22.48
CA GLU A 817 12.99 -29.56 -23.84
C GLU A 817 11.58 -30.12 -24.00
N CYS A 818 11.11 -30.89 -23.00
CA CYS A 818 9.78 -31.47 -23.10
C CYS A 818 8.69 -30.39 -23.14
N LEU A 819 8.82 -29.37 -22.28
CA LEU A 819 7.79 -28.34 -22.26
C LEU A 819 7.83 -27.49 -23.53
N THR A 820 9.03 -27.24 -24.07
CA THR A 820 9.13 -26.52 -25.34
C THR A 820 8.53 -27.34 -26.47
N LEU A 821 8.75 -28.67 -26.46
CA LEU A 821 8.10 -29.53 -27.45
C LEU A 821 6.60 -29.45 -27.33
N HIS A 822 6.08 -29.45 -26.10
CA HIS A 822 4.65 -29.33 -25.87
C HIS A 822 4.11 -28.02 -26.47
N GLU A 823 4.78 -26.90 -26.16
CA GLU A 823 4.33 -25.61 -26.64
C GLU A 823 4.43 -25.50 -28.16
N THR A 824 5.46 -26.08 -28.75
CA THR A 824 5.67 -25.96 -30.18
C THR A 824 4.86 -26.98 -30.97
N VAL A 825 4.30 -27.99 -30.31
CA VAL A 825 3.42 -28.94 -31.00
C VAL A 825 1.95 -28.62 -30.78
N CYS A 826 1.61 -27.85 -29.74
CA CYS A 826 0.21 -27.45 -29.58
C CYS A 826 -0.26 -26.58 -30.73
N ASN A 827 0.60 -25.68 -31.23
CA ASN A 827 0.21 -24.69 -32.21
C ASN A 827 0.35 -25.16 -33.65
N ILE A 828 0.32 -26.47 -33.89
CA ILE A 828 0.24 -27.03 -35.23
C ILE A 828 -1.00 -27.87 -35.42
N THR A 829 -1.86 -27.97 -34.41
CA THR A 829 -3.06 -28.79 -34.46
C THR A 829 -4.28 -27.92 -34.15
N ALA A 830 -5.18 -27.78 -35.13
CA ALA A 830 -6.40 -27.00 -34.96
C ALA A 830 -7.57 -27.70 -35.62
N ASN A 831 -7.68 -29.02 -35.46
CA ASN A 831 -8.73 -29.77 -36.13
C ASN A 831 -9.44 -30.79 -35.23
N HIS A 832 -9.12 -30.84 -33.94
CA HIS A 832 -9.83 -31.60 -32.92
C HIS A 832 -9.80 -33.11 -33.16
N GLN A 833 -9.17 -33.57 -34.23
CA GLN A 833 -9.03 -34.99 -34.51
C GLN A 833 -7.61 -35.48 -34.30
N PHE A 834 -6.64 -34.57 -34.25
CA PHE A 834 -5.24 -34.90 -34.03
C PHE A 834 -4.85 -34.72 -32.56
N PHE A 835 -5.85 -34.62 -31.69
CA PHE A 835 -5.63 -34.51 -30.24
C PHE A 835 -4.71 -35.60 -29.70
N GLU A 836 -4.52 -36.69 -30.43
CA GLU A 836 -3.61 -37.73 -29.99
C GLU A 836 -2.17 -37.24 -29.91
N ILE A 837 -1.79 -36.28 -30.74
CA ILE A 837 -0.42 -35.75 -30.66
C ILE A 837 -0.21 -35.07 -29.31
N PRO A 838 -1.03 -34.09 -28.89
CA PRO A 838 -0.88 -33.59 -27.52
C PRO A 838 -1.15 -34.65 -26.47
N ALA A 839 -1.94 -35.68 -26.79
CA ALA A 839 -2.24 -36.71 -25.80
C ALA A 839 -0.98 -37.49 -25.42
N LEU A 840 -0.28 -38.02 -26.42
CA LEU A 840 0.99 -38.71 -26.15
C LEU A 840 2.07 -37.73 -25.72
N SER A 841 1.97 -36.46 -26.11
CA SER A 841 2.91 -35.47 -25.57
C SER A 841 2.75 -35.33 -24.05
N ALA A 842 1.51 -35.25 -23.59
CA ALA A 842 1.23 -35.23 -22.15
C ALA A 842 1.64 -36.53 -21.49
N GLU A 843 1.41 -37.66 -22.17
CA GLU A 843 1.88 -38.94 -21.63
C GLU A 843 3.39 -38.95 -21.46
N LEU A 844 4.10 -38.38 -22.43
CA LEU A 844 5.55 -38.31 -22.38
C LEU A 844 6.03 -37.48 -21.19
N ILE A 845 5.42 -36.30 -21.01
CA ILE A 845 5.83 -35.47 -19.87
C ILE A 845 5.47 -36.16 -18.56
N CYS A 846 4.32 -36.85 -18.52
CA CYS A 846 3.91 -37.56 -17.32
C CYS A 846 4.92 -38.65 -16.96
N LYS A 847 5.32 -39.45 -17.95
CA LYS A 847 6.22 -40.56 -17.66
C LYS A 847 7.64 -40.07 -17.36
N LEU A 848 8.04 -38.92 -17.90
CA LEU A 848 9.36 -38.41 -17.54
C LEU A 848 9.31 -37.63 -16.23
N LEU A 849 8.12 -37.31 -15.73
CA LEU A 849 8.03 -36.71 -14.40
C LEU A 849 8.24 -37.74 -13.30
N GLU A 850 7.73 -38.95 -13.48
CA GLU A 850 7.73 -39.96 -12.42
C GLU A 850 8.98 -40.82 -12.41
N LEU A 851 9.90 -40.63 -13.34
CA LEU A 851 11.05 -41.54 -13.46
C LEU A 851 12.28 -41.05 -12.71
N SER A 852 12.43 -39.74 -12.55
CA SER A 852 13.60 -39.20 -11.88
C SER A 852 13.62 -39.62 -10.41
N PRO A 853 14.81 -39.78 -9.82
CA PRO A 853 14.87 -40.12 -8.41
C PRO A 853 14.37 -38.97 -7.56
N PRO A 854 13.80 -39.25 -6.38
CA PRO A 854 13.24 -38.21 -5.49
C PRO A 854 14.30 -37.31 -4.86
N GLU A 863 16.13 -32.92 -3.32
CA GLU A 863 15.87 -31.65 -2.66
C GLU A 863 14.62 -30.98 -3.22
N LYS A 864 14.26 -29.82 -2.67
CA LYS A 864 13.05 -29.12 -3.08
C LYS A 864 13.14 -28.61 -4.52
N SER A 865 14.34 -28.59 -5.09
CA SER A 865 14.48 -28.10 -6.46
C SER A 865 13.69 -28.95 -7.44
N TYR A 866 13.68 -30.27 -7.23
CA TYR A 866 12.89 -31.14 -8.09
C TYR A 866 11.40 -30.83 -7.97
N GLU A 867 10.93 -30.58 -6.74
CA GLU A 867 9.52 -30.24 -6.56
C GLU A 867 9.18 -28.93 -7.25
N ASP A 868 10.03 -27.90 -7.12
CA ASP A 868 9.77 -26.65 -7.80
C ASP A 868 9.78 -26.83 -9.31
N LEU A 869 10.74 -27.59 -9.84
CA LEU A 869 10.81 -27.82 -11.27
C LEU A 869 9.60 -28.58 -11.79
N VAL A 870 9.15 -29.59 -11.05
CA VAL A 870 8.00 -30.37 -11.49
C VAL A 870 6.73 -29.53 -11.42
N THR A 871 6.60 -28.69 -10.39
CA THR A 871 5.45 -27.79 -10.31
C THR A 871 5.43 -26.85 -11.51
N SER A 872 6.56 -26.20 -11.80
CA SER A 872 6.61 -25.25 -12.91
C SER A 872 6.35 -25.95 -14.24
N THR A 873 6.97 -27.12 -14.45
CA THR A 873 6.80 -27.82 -15.72
C THR A 873 5.36 -28.29 -15.91
N LEU A 874 4.73 -28.81 -14.85
CA LEU A 874 3.37 -29.27 -14.99
C LEU A 874 2.40 -28.10 -15.18
N GLN A 875 2.69 -26.97 -14.53
CA GLN A 875 1.87 -25.78 -14.77
C GLN A 875 1.99 -25.32 -16.21
N GLU A 876 3.21 -25.30 -16.76
CA GLU A 876 3.37 -24.90 -18.15
C GLU A 876 2.68 -25.89 -19.08
N ALA A 877 2.76 -27.18 -18.76
CA ALA A 877 2.10 -28.20 -19.58
C ALA A 877 0.59 -28.00 -19.59
N LEU A 878 -0.01 -27.83 -18.42
CA LEU A 878 -1.47 -27.71 -18.38
C LEU A 878 -1.92 -26.37 -18.97
N ALA A 879 -1.10 -25.32 -18.81
CA ALA A 879 -1.41 -24.04 -19.44
C ALA A 879 -1.39 -24.16 -20.95
N THR A 880 -0.38 -24.86 -21.50
CA THR A 880 -0.30 -25.04 -22.95
C THR A 880 -1.47 -25.88 -23.46
N THR A 881 -1.81 -26.96 -22.75
CA THR A 881 -2.97 -27.75 -23.17
C THR A 881 -4.24 -26.93 -23.12
N ARG A 882 -4.43 -26.15 -22.05
CA ARG A 882 -5.62 -25.33 -21.90
C ARG A 882 -5.72 -24.29 -23.01
N ASN A 883 -4.60 -23.64 -23.33
CA ASN A 883 -4.60 -22.68 -24.43
C ASN A 883 -4.93 -23.37 -25.74
N TRP A 884 -4.41 -24.58 -25.95
CA TRP A 884 -4.72 -25.31 -27.17
C TRP A 884 -6.20 -25.66 -27.25
N LEU A 885 -6.78 -26.14 -26.15
CA LEU A 885 -8.19 -26.54 -26.15
C LEU A 885 -9.09 -25.34 -26.37
N ARG A 886 -8.73 -24.19 -25.79
CA ARG A 886 -9.48 -22.97 -26.09
C ARG A 886 -9.26 -22.54 -27.52
N SER A 887 -8.08 -22.79 -28.08
CA SER A 887 -7.72 -22.28 -29.39
C SER A 887 -8.48 -23.01 -30.50
N LEU A 888 -8.51 -24.33 -30.47
CA LEU A 888 -9.13 -25.02 -31.58
C LEU A 888 -10.64 -25.08 -31.45
N PHE A 889 -11.19 -24.68 -30.32
CA PHE A 889 -12.62 -24.75 -30.04
C PHE A 889 -13.26 -23.37 -30.08
N LYS A 890 -12.78 -22.51 -30.98
CA LYS A 890 -13.30 -21.14 -31.11
C LYS A 890 -14.68 -21.16 -31.75
N SER A 891 -15.63 -21.73 -31.03
CA SER A 891 -17.02 -21.85 -31.47
C SER A 891 -17.83 -22.36 -30.30
N ARG A 892 -19.11 -22.63 -30.57
CA ARG A 892 -19.97 -23.28 -29.61
C ARG A 892 -19.71 -24.79 -29.66
N MET A 893 -20.57 -25.57 -29.03
CA MET A 893 -20.52 -27.02 -29.09
C MET A 893 -21.94 -27.55 -28.90
N LEU A 894 -22.12 -28.84 -29.19
CA LEU A 894 -23.43 -29.51 -29.10
C LEU A 894 -24.57 -28.67 -29.67
N SER A 895 -24.34 -28.05 -30.83
CA SER A 895 -25.40 -27.33 -31.52
C SER A 895 -26.43 -28.31 -32.05
N ILE A 896 -27.71 -27.93 -31.99
CA ILE A 896 -28.76 -28.87 -32.32
C ILE A 896 -29.06 -28.81 -33.82
N SER A 897 -29.64 -27.70 -34.26
CA SER A 897 -29.86 -27.38 -35.67
C SER A 897 -30.71 -28.41 -36.40
N SER A 898 -31.12 -29.49 -35.72
CA SER A 898 -31.91 -30.51 -36.37
C SER A 898 -32.96 -31.15 -35.46
N ALA A 899 -33.13 -30.69 -34.23
CA ALA A 899 -33.85 -31.38 -33.16
C ALA A 899 -33.24 -32.73 -32.81
N TYR A 900 -31.99 -32.97 -33.24
CA TYR A 900 -31.27 -34.22 -33.04
C TYR A 900 -29.86 -33.92 -32.55
N VAL A 901 -29.76 -33.14 -31.48
CA VAL A 901 -28.53 -32.50 -31.00
C VAL A 901 -27.31 -33.40 -31.07
N ARG A 902 -26.24 -32.90 -31.70
CA ARG A 902 -24.95 -33.55 -31.73
C ARG A 902 -23.86 -32.49 -31.62
N LEU A 903 -22.69 -32.92 -31.17
CA LEU A 903 -21.58 -31.99 -30.95
C LEU A 903 -21.05 -31.47 -32.28
N THR A 904 -20.72 -30.17 -32.30
CA THR A 904 -20.01 -29.59 -33.43
C THR A 904 -18.59 -30.14 -33.55
N TYR A 905 -18.11 -30.82 -32.53
CA TYR A 905 -16.79 -31.46 -32.49
C TYR A 905 -16.97 -32.92 -32.13
N SER A 906 -17.84 -33.61 -32.88
CA SER A 906 -18.44 -34.89 -32.52
C SER A 906 -17.51 -35.82 -31.74
N GLU A 907 -16.27 -35.96 -32.19
CA GLU A 907 -15.27 -36.67 -31.41
C GLU A 907 -14.47 -35.73 -30.52
N GLU A 908 -15.16 -34.97 -29.67
CA GLU A 908 -14.50 -34.16 -28.64
C GLU A 908 -14.48 -34.84 -27.29
N MET A 909 -15.58 -35.51 -26.92
CA MET A 909 -15.69 -36.12 -25.60
C MET A 909 -14.54 -37.08 -25.35
N ALA A 910 -14.34 -38.03 -26.28
CA ALA A 910 -13.21 -38.95 -26.19
C ALA A 910 -11.88 -38.21 -26.13
N VAL A 911 -11.77 -37.08 -26.84
CA VAL A 911 -10.61 -36.21 -26.67
C VAL A 911 -10.37 -35.94 -25.20
N TRP A 912 -11.37 -35.35 -24.52
CA TRP A 912 -11.25 -35.14 -23.08
C TRP A 912 -10.88 -36.44 -22.38
N ARG A 913 -11.50 -37.54 -22.80
CA ARG A 913 -11.29 -38.82 -22.14
C ARG A 913 -9.83 -39.23 -22.17
N ARG A 914 -9.09 -38.84 -23.21
CA ARG A 914 -7.70 -39.26 -23.25
C ARG A 914 -6.79 -38.27 -22.52
N LEU A 915 -7.24 -37.04 -22.34
CA LEU A 915 -6.41 -36.05 -21.67
C LEU A 915 -6.55 -36.05 -20.15
N VAL A 916 -7.46 -36.85 -19.61
CA VAL A 916 -7.67 -36.83 -18.16
C VAL A 916 -7.10 -38.07 -17.49
N GLU A 917 -7.17 -39.23 -18.14
CA GLU A 917 -6.67 -40.46 -17.52
C GLU A 917 -5.17 -40.44 -17.30
N ILE A 918 -4.44 -39.53 -17.95
CA ILE A 918 -2.99 -39.48 -17.78
C ILE A 918 -2.67 -39.17 -16.32
N GLY A 919 -1.83 -40.01 -15.72
CA GLY A 919 -1.61 -39.96 -14.28
C GLY A 919 -0.57 -38.97 -13.82
N PHE A 920 -1.03 -37.87 -13.24
CA PHE A 920 -0.17 -36.82 -12.70
C PHE A 920 -0.29 -36.76 -11.19
N PRO A 921 0.69 -36.17 -10.50
CA PRO A 921 0.59 -36.05 -9.03
C PRO A 921 -0.62 -35.23 -8.62
N GLU A 922 -1.42 -35.79 -7.72
CA GLU A 922 -2.67 -35.16 -7.31
C GLU A 922 -2.47 -33.92 -6.47
N LYS A 923 -1.28 -33.72 -5.89
CA LYS A 923 -0.97 -32.46 -5.24
C LYS A 923 -1.06 -31.29 -6.21
N HIS A 924 -0.82 -31.54 -7.49
CA HIS A 924 -0.96 -30.54 -8.54
C HIS A 924 -2.42 -30.49 -8.98
N GLY A 925 -2.70 -29.81 -10.09
CA GLY A 925 -4.05 -29.74 -10.59
C GLY A 925 -4.40 -30.91 -11.50
N TRP A 926 -4.94 -30.59 -12.68
CA TRP A 926 -5.40 -31.56 -13.68
C TRP A 926 -6.62 -32.32 -13.21
N LYS A 927 -7.05 -32.07 -11.97
CA LYS A 927 -8.31 -32.58 -11.45
C LYS A 927 -9.13 -31.52 -10.76
N GLY A 928 -8.57 -30.34 -10.49
CA GLY A 928 -9.33 -29.20 -10.01
C GLY A 928 -9.30 -28.07 -11.02
N SER A 929 -8.32 -28.12 -11.93
CA SER A 929 -8.21 -27.08 -12.95
C SER A 929 -8.98 -27.46 -14.21
N LEU A 930 -8.74 -28.65 -14.74
CA LEU A 930 -9.37 -29.05 -16.00
C LEU A 930 -10.86 -29.33 -15.80
N LEU A 931 -11.23 -29.91 -14.65
CA LEU A 931 -12.64 -30.10 -14.35
C LEU A 931 -13.37 -28.77 -14.26
N GLY A 932 -12.74 -27.76 -13.66
CA GLY A 932 -13.29 -26.42 -13.69
C GLY A 932 -13.44 -25.89 -15.10
N ASP A 933 -12.48 -26.23 -15.97
CA ASP A 933 -12.59 -25.82 -17.36
C ASP A 933 -13.82 -26.44 -18.03
N MET A 934 -14.05 -27.72 -17.81
CA MET A 934 -15.23 -28.35 -18.39
C MET A 934 -16.52 -27.75 -17.84
N GLU A 935 -16.57 -27.53 -16.52
CA GLU A 935 -17.80 -27.02 -15.93
C GLU A 935 -18.07 -25.59 -16.36
N GLY A 936 -17.03 -24.80 -16.61
CA GLY A 936 -17.23 -23.52 -17.26
C GLY A 936 -17.67 -23.66 -18.70
N ARG A 937 -17.18 -24.67 -19.40
CA ARG A 937 -17.56 -24.88 -20.79
C ARG A 937 -19.05 -25.21 -20.93
N LEU A 938 -19.57 -26.04 -20.03
CA LEU A 938 -20.92 -26.55 -20.20
C LEU A 938 -21.99 -25.58 -19.72
N LYS A 939 -21.65 -24.70 -18.78
CA LYS A 939 -22.67 -23.92 -18.08
C LYS A 939 -23.33 -22.86 -18.96
N GLN A 940 -22.69 -22.47 -20.05
CA GLN A 940 -23.30 -21.48 -20.95
C GLN A 940 -24.50 -22.06 -21.67
N GLU A 941 -24.47 -23.37 -21.95
CA GLU A 941 -25.54 -23.99 -22.72
C GLU A 941 -26.84 -24.01 -21.90
N PRO A 942 -27.99 -23.84 -22.55
CA PRO A 942 -29.27 -23.86 -21.83
C PRO A 942 -29.52 -25.21 -21.18
N PRO A 943 -30.11 -25.23 -19.99
CA PRO A 943 -30.36 -26.52 -19.31
C PRO A 943 -31.22 -27.48 -20.10
N ARG A 944 -32.25 -27.00 -20.78
CA ARG A 944 -33.12 -27.89 -21.54
C ARG A 944 -32.35 -28.61 -22.65
N LEU A 945 -31.51 -27.86 -23.37
CA LEU A 945 -30.74 -28.43 -24.47
C LEU A 945 -29.76 -29.47 -23.96
N GLN A 946 -29.10 -29.21 -22.82
CA GLN A 946 -28.13 -30.17 -22.30
C GLN A 946 -28.83 -31.38 -21.71
N ILE A 947 -30.03 -31.22 -21.18
CA ILE A 947 -30.82 -32.38 -20.75
C ILE A 947 -31.18 -33.25 -21.96
N SER A 948 -31.58 -32.61 -23.06
CA SER A 948 -31.89 -33.36 -24.27
C SER A 948 -30.67 -34.10 -24.80
N PHE A 949 -29.52 -33.43 -24.83
CA PHE A 949 -28.27 -34.06 -25.26
C PHE A 949 -27.77 -35.10 -24.25
N PHE A 950 -28.26 -35.04 -23.02
CA PHE A 950 -27.66 -35.81 -21.93
C PHE A 950 -27.74 -37.31 -22.21
N CYS A 951 -28.91 -37.79 -22.59
CA CYS A 951 -29.11 -39.21 -22.89
C CYS A 951 -29.57 -39.39 -24.33
N SER A 952 -28.92 -38.66 -25.25
CA SER A 952 -29.19 -38.76 -26.67
C SER A 952 -28.43 -39.89 -27.34
N SER A 953 -28.09 -40.93 -26.58
CA SER A 953 -27.38 -42.12 -27.07
C SER A 953 -25.98 -41.79 -27.60
N GLN A 954 -25.45 -40.63 -27.25
CA GLN A 954 -24.09 -40.27 -27.65
C GLN A 954 -23.16 -40.01 -26.47
N CYS A 955 -23.68 -39.61 -25.32
CA CYS A 955 -22.88 -39.53 -24.10
C CYS A 955 -22.90 -40.88 -23.37
N ARG A 956 -22.48 -41.91 -24.09
CA ARG A 956 -22.42 -43.28 -23.62
C ARG A 956 -21.12 -43.51 -22.86
N ASP A 957 -20.78 -44.78 -22.63
CA ASP A 957 -19.50 -45.18 -22.07
C ASP A 957 -19.32 -44.61 -20.66
N GLY A 958 -20.16 -45.08 -19.75
CA GLY A 958 -19.90 -44.84 -18.34
C GLY A 958 -18.61 -45.55 -17.97
N GLY A 959 -17.56 -44.77 -17.73
CA GLY A 959 -16.23 -45.34 -17.65
C GLY A 959 -15.80 -45.79 -16.27
N LEU A 960 -16.63 -46.60 -15.62
CA LEU A 960 -16.31 -47.21 -14.32
C LEU A 960 -15.79 -46.16 -13.34
N HIS A 961 -16.70 -45.23 -13.01
CA HIS A 961 -16.39 -44.04 -12.21
C HIS A 961 -15.47 -43.10 -12.97
N ASP A 962 -15.79 -42.87 -14.25
CA ASP A 962 -15.03 -41.93 -15.06
C ASP A 962 -15.28 -40.51 -14.58
N SER A 963 -14.19 -39.78 -14.32
CA SER A 963 -14.31 -38.45 -13.72
C SER A 963 -15.06 -37.49 -14.63
N VAL A 964 -14.86 -37.59 -15.94
CA VAL A 964 -15.56 -36.71 -16.87
C VAL A 964 -17.04 -37.07 -16.93
N SER A 965 -17.37 -38.36 -16.94
CA SER A 965 -18.77 -38.77 -16.90
C SER A 965 -19.43 -38.36 -15.59
N ARG A 966 -18.70 -38.46 -14.49
CA ARG A 966 -19.22 -37.99 -13.20
C ARG A 966 -19.46 -36.48 -13.21
N SER A 967 -18.56 -35.71 -13.83
CA SER A 967 -18.77 -34.28 -13.96
C SER A 967 -19.99 -33.98 -14.83
N PHE A 968 -20.18 -34.78 -15.88
CA PHE A 968 -21.38 -34.67 -16.70
C PHE A 968 -22.63 -34.89 -15.86
N GLU A 969 -22.58 -35.91 -14.99
CA GLU A 969 -23.68 -36.16 -14.05
C GLU A 969 -23.93 -34.95 -13.14
N LYS A 970 -22.87 -34.40 -12.56
CA LYS A 970 -23.02 -33.27 -11.63
C LYS A 970 -23.64 -32.07 -12.33
N CYS A 971 -23.14 -31.75 -13.53
CA CYS A 971 -23.67 -30.61 -14.27
C CYS A 971 -25.13 -30.83 -14.63
N VAL A 972 -25.49 -32.07 -14.98
CA VAL A 972 -26.87 -32.34 -15.37
C VAL A 972 -27.81 -32.24 -14.17
N ILE A 973 -27.38 -32.73 -13.01
CA ILE A 973 -28.25 -32.61 -11.84
C ILE A 973 -28.40 -31.15 -11.45
N GLU A 974 -27.33 -30.35 -11.58
CA GLU A 974 -27.44 -28.92 -11.31
C GLU A 974 -28.41 -28.26 -12.30
N ALA A 975 -28.33 -28.62 -13.57
CA ALA A 975 -29.20 -28.02 -14.58
C ALA A 975 -30.65 -28.41 -14.36
N VAL A 976 -30.92 -29.66 -13.99
CA VAL A 976 -32.31 -30.05 -13.75
C VAL A 976 -32.83 -29.39 -12.48
N SER A 977 -31.97 -29.19 -11.47
CA SER A 977 -32.40 -28.43 -10.30
C SER A 977 -32.78 -27.01 -10.70
N SER A 978 -31.98 -26.38 -11.55
CA SER A 978 -32.32 -25.07 -12.08
C SER A 978 -33.66 -25.08 -12.80
N ALA A 979 -33.86 -26.05 -13.70
CA ALA A 979 -35.06 -26.07 -14.53
C ALA A 979 -36.31 -26.33 -13.70
N CYS A 980 -36.25 -27.29 -12.78
CA CYS A 980 -37.39 -27.53 -11.90
C CYS A 980 -37.55 -26.45 -10.85
N GLN A 981 -36.54 -25.60 -10.65
CA GLN A 981 -36.74 -24.44 -9.78
C GLN A 981 -37.73 -23.48 -10.40
N SER A 982 -37.62 -23.24 -11.70
CA SER A 982 -38.72 -22.62 -12.43
C SER A 982 -39.85 -23.63 -12.60
N GLN A 983 -40.99 -23.15 -13.10
CA GLN A 983 -42.19 -23.97 -13.22
C GLN A 983 -42.36 -24.52 -14.62
N THR A 984 -41.26 -24.88 -15.27
CA THR A 984 -41.29 -25.45 -16.61
C THR A 984 -41.31 -26.98 -16.54
N SER A 985 -41.59 -27.61 -17.67
CA SER A 985 -41.50 -29.06 -17.76
C SER A 985 -40.11 -29.47 -18.21
N VAL A 986 -39.56 -30.49 -17.55
CA VAL A 986 -38.21 -30.97 -17.86
C VAL A 986 -38.25 -32.14 -18.84
N LEU A 987 -39.04 -33.17 -18.53
CA LEU A 987 -39.15 -34.36 -19.37
C LEU A 987 -40.59 -34.49 -19.85
N GLU A 988 -40.77 -34.42 -21.17
CA GLU A 988 -42.10 -34.57 -21.76
C GLU A 988 -42.17 -35.51 -22.95
N GLY A 989 -41.09 -35.69 -23.71
CA GLY A 989 -41.11 -36.57 -24.86
C GLY A 989 -39.79 -37.25 -25.11
N LEU A 990 -38.97 -37.34 -24.06
CA LEU A 990 -37.59 -37.79 -24.20
C LEU A 990 -37.53 -39.24 -24.67
N SER A 991 -36.62 -39.50 -25.63
CA SER A 991 -36.31 -40.85 -26.10
C SER A 991 -35.05 -41.29 -25.37
N CYS A 992 -35.22 -41.83 -24.17
CA CYS A 992 -34.14 -42.01 -23.21
C CYS A 992 -34.09 -43.45 -22.73
N GLN A 993 -34.05 -44.40 -23.67
CA GLN A 993 -34.06 -45.82 -23.31
C GLN A 993 -32.84 -46.23 -22.51
N ASP A 994 -31.79 -45.41 -22.47
CA ASP A 994 -30.67 -45.65 -21.57
C ASP A 994 -31.19 -45.70 -20.14
N LEU A 995 -31.09 -46.86 -19.49
CA LEU A 995 -31.83 -47.09 -18.26
C LEU A 995 -31.14 -46.46 -17.06
N GLN A 996 -29.85 -46.74 -16.88
CA GLN A 996 -29.12 -46.25 -15.71
C GLN A 996 -29.09 -44.72 -15.69
N LYS A 997 -28.91 -44.11 -16.87
CA LYS A 997 -28.74 -42.68 -16.97
C LYS A 997 -30.07 -41.95 -16.81
N PHE A 998 -31.13 -42.51 -17.37
CA PHE A 998 -32.47 -41.98 -17.12
C PHE A 998 -32.82 -42.10 -15.63
N GLY A 999 -32.43 -43.20 -15.00
CA GLY A 999 -32.63 -43.32 -13.57
C GLY A 999 -31.87 -42.27 -12.78
N THR A 1000 -30.64 -41.97 -13.20
CA THR A 1000 -29.86 -40.92 -12.54
C THR A 1000 -30.55 -39.57 -12.66
N LEU A 1001 -31.03 -39.22 -13.86
CA LEU A 1001 -31.70 -37.93 -14.02
C LEU A 1001 -33.03 -37.89 -13.27
N LEU A 1002 -33.74 -39.03 -13.19
CA LEU A 1002 -34.96 -39.08 -12.39
C LEU A 1002 -34.65 -38.89 -10.91
N SER A 1003 -33.56 -39.48 -10.43
CA SER A 1003 -33.14 -39.25 -9.05
C SER A 1003 -32.87 -37.78 -8.82
N ALA A 1004 -32.20 -37.14 -9.78
CA ALA A 1004 -31.91 -35.72 -9.66
C ALA A 1004 -33.19 -34.90 -9.58
N VAL A 1005 -34.15 -35.18 -10.47
CA VAL A 1005 -35.38 -34.38 -10.48
C VAL A 1005 -36.19 -34.64 -9.20
N ILE A 1006 -36.22 -35.89 -8.73
CA ILE A 1006 -37.06 -36.20 -7.57
C ILE A 1006 -36.40 -35.75 -6.28
N THR A 1007 -35.09 -35.48 -6.30
CA THR A 1007 -34.45 -34.89 -5.13
C THR A 1007 -34.38 -33.37 -5.21
N LYS A 1008 -34.60 -32.77 -6.39
CA LYS A 1008 -34.55 -31.33 -6.54
C LYS A 1008 -35.91 -30.70 -6.82
N SER A 1009 -36.90 -31.47 -7.26
CA SER A 1009 -38.26 -30.97 -7.39
C SER A 1009 -39.06 -31.14 -6.11
N TRP A 1010 -38.44 -31.63 -5.05
CA TRP A 1010 -39.13 -31.82 -3.79
C TRP A 1010 -39.51 -30.46 -3.19
N PRO A 1011 -40.63 -30.36 -2.47
CA PRO A 1011 -41.00 -29.08 -1.86
C PRO A 1011 -40.11 -28.70 -0.69
N VAL A 1012 -38.90 -28.21 -0.97
CA VAL A 1012 -37.99 -27.78 0.08
C VAL A 1012 -38.53 -26.54 0.75
N HIS A 1013 -38.46 -26.52 2.08
CA HIS A 1013 -39.03 -25.47 2.92
C HIS A 1013 -38.02 -25.02 3.97
N ASN A 1014 -36.80 -24.69 3.51
CA ASN A 1014 -35.58 -24.37 4.28
C ASN A 1014 -34.82 -25.61 4.75
N GLY A 1015 -35.08 -26.75 4.13
CA GLY A 1015 -34.33 -27.97 4.37
C GLY A 1015 -35.14 -29.07 5.01
N GLU A 1016 -35.66 -29.95 4.16
CA GLU A 1016 -36.45 -31.15 4.41
C GLU A 1016 -37.42 -31.08 5.59
N PRO A 1017 -38.25 -30.02 5.75
CA PRO A 1017 -39.36 -30.12 6.70
C PRO A 1017 -40.67 -30.51 6.04
N VAL A 1018 -41.29 -31.61 6.45
CA VAL A 1018 -42.70 -31.80 6.11
C VAL A 1018 -43.52 -32.15 7.34
N PHE A 1019 -43.25 -33.31 7.95
CA PHE A 1019 -43.99 -33.80 9.11
C PHE A 1019 -45.49 -33.76 8.87
N ASP A 1020 -45.90 -33.82 7.61
CA ASP A 1020 -47.31 -33.70 7.21
C ASP A 1020 -47.43 -34.32 5.82
N VAL A 1021 -48.67 -34.62 5.42
CA VAL A 1021 -48.92 -35.27 4.14
C VAL A 1021 -49.64 -34.38 3.14
N ASP A 1022 -50.15 -33.21 3.54
CA ASP A 1022 -50.95 -32.40 2.62
C ASP A 1022 -50.10 -31.76 1.54
N GLU A 1023 -48.96 -31.18 1.92
CA GLU A 1023 -48.12 -30.49 0.96
C GLU A 1023 -47.55 -31.45 -0.08
N ILE A 1024 -47.19 -32.66 0.34
CA ILE A 1024 -46.70 -33.66 -0.62
C ILE A 1024 -47.79 -33.97 -1.63
N PHE A 1025 -49.04 -34.11 -1.17
CA PHE A 1025 -50.13 -34.37 -2.09
C PHE A 1025 -50.36 -33.21 -3.04
N LYS A 1026 -50.28 -31.98 -2.53
CA LYS A 1026 -50.46 -30.81 -3.40
C LYS A 1026 -49.39 -30.78 -4.48
N TYR A 1027 -48.13 -31.01 -4.10
CA TYR A 1027 -47.06 -31.08 -5.09
C TYR A 1027 -47.29 -32.23 -6.06
N LEU A 1028 -47.82 -33.34 -5.58
CA LEU A 1028 -48.13 -34.47 -6.43
C LEU A 1028 -49.16 -34.09 -7.49
N LEU A 1029 -50.17 -33.33 -7.09
CA LEU A 1029 -51.28 -33.02 -7.98
C LEU A 1029 -51.07 -31.77 -8.82
N LYS A 1030 -50.02 -30.97 -8.55
CA LYS A 1030 -49.80 -29.74 -9.30
C LYS A 1030 -48.63 -29.81 -10.27
N TRP A 1031 -47.78 -30.81 -10.17
CA TRP A 1031 -46.53 -30.85 -10.94
C TRP A 1031 -46.73 -31.65 -12.22
N PRO A 1032 -46.54 -31.05 -13.40
CA PRO A 1032 -46.73 -31.79 -14.66
C PRO A 1032 -45.65 -32.83 -14.95
N ASP A 1033 -44.72 -33.08 -14.05
CA ASP A 1033 -43.68 -34.07 -14.33
C ASP A 1033 -43.71 -35.25 -13.37
N VAL A 1034 -44.46 -35.18 -12.27
CA VAL A 1034 -44.53 -36.30 -11.35
C VAL A 1034 -45.39 -37.42 -11.93
N ARG A 1035 -46.50 -37.07 -12.58
CA ARG A 1035 -47.33 -38.11 -13.18
C ARG A 1035 -46.62 -38.80 -14.34
N GLN A 1036 -45.87 -38.03 -15.16
CA GLN A 1036 -45.06 -38.65 -16.20
C GLN A 1036 -43.97 -39.53 -15.60
N LEU A 1037 -43.36 -39.07 -14.50
CA LEU A 1037 -42.33 -39.87 -13.84
C LEU A 1037 -42.89 -41.19 -13.32
N PHE A 1038 -44.04 -41.14 -12.65
CA PHE A 1038 -44.67 -42.35 -12.14
C PHE A 1038 -45.08 -43.27 -13.27
N GLU A 1039 -45.60 -42.71 -14.37
CA GLU A 1039 -45.93 -43.51 -15.55
C GLU A 1039 -44.70 -44.23 -16.08
N LEU A 1040 -43.60 -43.51 -16.26
CA LEU A 1040 -42.39 -44.12 -16.81
C LEU A 1040 -41.80 -45.16 -15.86
N CYS A 1041 -41.88 -44.90 -14.55
CA CYS A 1041 -41.33 -45.84 -13.57
C CYS A 1041 -42.20 -47.07 -13.41
N GLY A 1042 -43.50 -46.96 -13.67
CA GLY A 1042 -44.39 -48.11 -13.57
C GLY A 1042 -44.58 -48.89 -14.84
N THR A 1043 -44.22 -48.31 -15.98
CA THR A 1043 -44.34 -49.04 -17.25
C THR A 1043 -43.43 -50.27 -17.27
N ASN A 1044 -42.20 -50.12 -16.76
CA ASN A 1044 -41.23 -51.20 -16.77
C ASN A 1044 -40.59 -51.34 -15.39
N GLU A 1045 -40.21 -52.56 -15.05
CA GLU A 1045 -39.62 -52.89 -13.76
C GLU A 1045 -38.10 -52.84 -13.78
N LYS A 1046 -37.48 -52.42 -14.88
CA LYS A 1046 -36.04 -52.34 -14.97
C LYS A 1046 -35.50 -50.95 -14.70
N ILE A 1047 -36.33 -50.03 -14.22
CA ILE A 1047 -35.92 -48.65 -13.95
C ILE A 1047 -35.97 -48.34 -12.46
N ILE A 1048 -37.03 -48.77 -11.77
CA ILE A 1048 -37.18 -48.43 -10.36
C ILE A 1048 -36.05 -49.04 -9.54
N ASP A 1049 -35.59 -50.23 -9.92
CA ASP A 1049 -34.57 -50.93 -9.17
C ASP A 1049 -33.29 -50.11 -9.01
N ASN A 1050 -32.91 -49.36 -10.04
CA ASN A 1050 -31.66 -48.58 -10.03
C ASN A 1050 -31.98 -47.11 -10.25
N ILE A 1051 -32.30 -46.41 -9.16
CA ILE A 1051 -32.42 -44.96 -9.23
C ILE A 1051 -31.50 -44.31 -8.21
N THR A 1052 -31.76 -44.53 -6.93
CA THR A 1052 -30.95 -44.04 -5.81
C THR A 1052 -31.59 -44.57 -4.54
N GLU A 1053 -30.79 -44.69 -3.47
CA GLU A 1053 -31.33 -45.14 -2.19
C GLU A 1053 -32.22 -44.09 -1.54
N GLU A 1054 -31.81 -42.81 -1.57
CA GLU A 1054 -32.62 -41.75 -1.00
C GLU A 1054 -33.77 -41.37 -1.93
N GLY A 1055 -33.53 -41.39 -3.24
CA GLY A 1055 -34.60 -41.09 -4.18
C GLY A 1055 -35.71 -42.13 -4.16
N ARG A 1056 -35.33 -43.41 -4.14
CA ARG A 1056 -36.32 -44.46 -4.00
C ARG A 1056 -37.05 -44.36 -2.67
N GLN A 1057 -36.35 -43.98 -1.60
CA GLN A 1057 -36.99 -43.75 -0.32
C GLN A 1057 -38.04 -42.66 -0.43
N LEU A 1058 -37.70 -41.56 -1.11
CA LEU A 1058 -38.65 -40.46 -1.24
C LEU A 1058 -39.84 -40.81 -2.11
N MET A 1059 -39.63 -41.52 -3.22
CA MET A 1059 -40.79 -41.87 -4.04
C MET A 1059 -41.64 -42.94 -3.37
N ALA A 1060 -41.02 -43.81 -2.56
CA ALA A 1060 -41.80 -44.74 -1.75
C ALA A 1060 -42.65 -43.99 -0.72
N THR A 1061 -42.06 -42.96 -0.10
CA THR A 1061 -42.83 -42.12 0.82
C THR A 1061 -43.98 -41.42 0.09
N ALA A 1062 -43.72 -40.93 -1.12
CA ALA A 1062 -44.76 -40.26 -1.89
C ALA A 1062 -45.88 -41.21 -2.26
N GLU A 1063 -45.54 -42.43 -2.66
CA GLU A 1063 -46.57 -43.41 -2.98
C GLU A 1063 -47.35 -43.80 -1.75
N SER A 1064 -46.67 -43.93 -0.59
CA SER A 1064 -47.37 -44.22 0.65
C SER A 1064 -48.34 -43.09 1.01
N VAL A 1065 -47.90 -41.85 0.85
CA VAL A 1065 -48.76 -40.70 1.14
C VAL A 1065 -49.97 -40.70 0.22
N PHE A 1066 -49.75 -40.95 -1.07
CA PHE A 1066 -50.85 -41.02 -2.03
C PHE A 1066 -51.82 -42.14 -1.67
N GLN A 1067 -51.30 -43.30 -1.28
CA GLN A 1067 -52.17 -44.40 -0.89
C GLN A 1067 -52.97 -44.05 0.36
N LYS A 1068 -52.36 -43.33 1.31
CA LYS A 1068 -53.06 -42.94 2.52
C LYS A 1068 -54.20 -41.98 2.20
N VAL A 1069 -53.94 -40.97 1.37
CA VAL A 1069 -55.00 -40.03 1.02
C VAL A 1069 -55.96 -40.59 -0.01
N ALA A 1070 -55.64 -41.74 -0.61
CA ALA A 1070 -56.44 -42.30 -1.68
C ALA A 1070 -57.31 -43.47 -1.26
N GLY A 1071 -56.94 -44.20 -0.21
CA GLY A 1071 -57.85 -45.19 0.35
C GLY A 1071 -58.92 -44.48 1.15
N GLU A 1072 -58.67 -43.20 1.42
CA GLU A 1072 -59.58 -42.38 2.21
C GLU A 1072 -60.83 -41.98 1.42
N LEU A 1073 -60.73 -41.86 0.09
CA LEU A 1073 -61.86 -41.40 -0.71
C LEU A 1073 -62.92 -42.48 -0.91
N GLU A 1074 -62.58 -43.76 -0.75
CA GLU A 1074 -63.62 -44.79 -0.75
C GLU A 1074 -64.54 -44.66 0.45
N ASN A 1075 -64.10 -43.95 1.49
CA ASN A 1075 -64.88 -43.70 2.69
C ASN A 1075 -65.10 -42.20 2.85
N GLY A 1076 -65.80 -41.83 3.92
CA GLY A 1076 -66.00 -40.45 4.27
C GLY A 1076 -64.90 -39.84 5.11
N THR A 1077 -63.82 -40.58 5.37
CA THR A 1077 -62.72 -40.08 6.18
C THR A 1077 -61.90 -39.01 5.47
N ILE A 1078 -62.14 -38.77 4.17
CA ILE A 1078 -61.39 -37.77 3.44
C ILE A 1078 -61.65 -36.39 4.03
N VAL A 1079 -60.68 -35.49 3.87
CA VAL A 1079 -60.77 -34.12 4.36
C VAL A 1079 -61.24 -33.23 3.21
N VAL A 1080 -61.97 -32.18 3.56
CA VAL A 1080 -62.60 -31.34 2.54
C VAL A 1080 -61.57 -30.60 1.70
N GLY A 1081 -60.47 -30.16 2.31
CA GLY A 1081 -59.46 -29.43 1.55
C GLY A 1081 -58.81 -30.28 0.47
N GLN A 1082 -58.41 -31.49 0.82
CA GLN A 1082 -57.88 -32.40 -0.18
C GLN A 1082 -58.92 -32.75 -1.23
N LEU A 1083 -60.21 -32.72 -0.84
CA LEU A 1083 -61.28 -33.04 -1.78
C LEU A 1083 -61.43 -31.95 -2.84
N GLU A 1084 -61.47 -30.69 -2.42
CA GLU A 1084 -61.48 -29.62 -3.41
C GLU A 1084 -60.19 -29.63 -4.22
N LEU A 1085 -59.07 -30.01 -3.59
CA LEU A 1085 -57.80 -30.08 -4.31
C LEU A 1085 -57.84 -31.12 -5.43
N ILE A 1086 -58.46 -32.28 -5.18
CA ILE A 1086 -58.58 -33.27 -6.24
C ILE A 1086 -59.58 -32.80 -7.29
N LEU A 1087 -60.65 -32.11 -6.87
CA LEU A 1087 -61.62 -31.65 -7.87
C LEU A 1087 -61.05 -30.56 -8.78
N GLU A 1088 -60.08 -29.78 -8.29
CA GLU A 1088 -59.50 -28.74 -9.15
C GLU A 1088 -58.35 -29.24 -10.00
N HIS A 1089 -57.90 -30.48 -9.79
CA HIS A 1089 -56.91 -31.14 -10.64
C HIS A 1089 -57.44 -32.48 -11.12
N GLN A 1090 -58.64 -32.46 -11.70
CA GLN A 1090 -59.33 -33.70 -12.08
C GLN A 1090 -58.48 -34.55 -13.02
N SER A 1091 -57.81 -33.93 -13.99
CA SER A 1091 -57.04 -34.70 -14.97
C SER A 1091 -55.83 -35.36 -14.32
N GLN A 1092 -55.07 -34.58 -13.55
CA GLN A 1092 -53.92 -35.13 -12.84
C GLN A 1092 -54.34 -36.28 -11.93
N PHE A 1093 -55.44 -36.09 -11.19
CA PHE A 1093 -55.88 -37.09 -10.23
C PHE A 1093 -56.40 -38.34 -10.94
N LEU A 1094 -57.13 -38.17 -12.05
CA LEU A 1094 -57.61 -39.34 -12.77
C LEU A 1094 -56.46 -40.14 -13.37
N ASP A 1095 -55.45 -39.44 -13.92
CA ASP A 1095 -54.31 -40.15 -14.49
C ASP A 1095 -53.53 -40.90 -13.41
N ILE A 1096 -53.29 -40.25 -12.26
CA ILE A 1096 -52.53 -40.91 -11.21
C ILE A 1096 -53.33 -42.05 -10.60
N TRP A 1097 -54.66 -41.93 -10.55
CA TRP A 1097 -55.49 -43.00 -10.01
C TRP A 1097 -55.55 -44.19 -10.96
N ASN A 1098 -55.66 -43.94 -12.26
CA ASN A 1098 -55.57 -45.03 -13.23
C ASN A 1098 -54.19 -45.68 -13.19
N LEU A 1099 -53.15 -44.89 -12.94
CA LEU A 1099 -51.81 -45.44 -12.81
C LEU A 1099 -51.69 -46.34 -11.58
N ASN A 1100 -52.23 -45.90 -10.45
CA ASN A 1100 -52.13 -46.67 -9.21
C ASN A 1100 -53.08 -47.86 -9.20
N ARG A 1101 -54.10 -47.85 -10.06
CA ARG A 1101 -55.03 -48.99 -10.12
C ARG A 1101 -54.32 -50.28 -10.50
N ARG A 1102 -53.42 -50.23 -11.49
CA ARG A 1102 -52.64 -51.41 -11.87
C ARG A 1102 -51.66 -51.82 -10.80
N ARG A 1103 -51.37 -50.95 -9.83
CA ARG A 1103 -50.42 -51.22 -8.75
C ARG A 1103 -49.02 -51.50 -9.30
N ASP A 1112 -63.92 -48.36 -7.96
CA ASP A 1112 -64.27 -47.54 -9.11
C ASP A 1112 -63.59 -46.17 -9.05
N VAL A 1113 -63.47 -45.54 -10.22
CA VAL A 1113 -62.97 -44.17 -10.32
C VAL A 1113 -64.05 -43.20 -10.78
N ARG A 1114 -64.88 -43.59 -11.75
CA ARG A 1114 -65.83 -42.65 -12.31
C ARG A 1114 -67.00 -42.42 -11.35
N SER A 1115 -67.74 -43.48 -11.03
CA SER A 1115 -68.94 -43.33 -10.23
C SER A 1115 -68.63 -42.77 -8.86
N LEU A 1116 -67.55 -43.24 -8.24
CA LEU A 1116 -67.17 -42.76 -6.91
C LEU A 1116 -66.90 -41.26 -6.94
N LEU A 1117 -66.14 -40.81 -7.93
CA LEU A 1117 -65.81 -39.39 -8.00
C LEU A 1117 -67.02 -38.53 -8.32
N LYS A 1118 -67.90 -38.98 -9.22
CA LYS A 1118 -69.11 -38.20 -9.49
C LYS A 1118 -70.01 -38.12 -8.27
N ARG A 1119 -70.19 -39.23 -7.56
CA ARG A 1119 -71.00 -39.21 -6.35
C ARG A 1119 -70.39 -38.28 -5.30
N ARG A 1120 -69.06 -38.34 -5.15
CA ARG A 1120 -68.39 -37.49 -4.17
C ARG A 1120 -68.52 -36.01 -4.53
N ARG A 1121 -68.41 -35.67 -5.82
CA ARG A 1121 -68.53 -34.27 -6.21
C ARG A 1121 -69.98 -33.78 -6.07
N ASP A 1122 -70.96 -34.67 -6.30
CA ASP A 1122 -72.35 -34.30 -6.06
C ASP A 1122 -72.59 -34.06 -4.58
N ASP A 1123 -72.00 -34.90 -3.73
CA ASP A 1123 -72.09 -34.69 -2.29
C ASP A 1123 -71.46 -33.36 -1.89
N LEU A 1124 -70.31 -33.04 -2.48
CA LEU A 1124 -69.69 -31.73 -2.22
C LEU A 1124 -70.58 -30.59 -2.71
N LEU A 1125 -71.23 -30.74 -3.86
CA LEU A 1125 -72.09 -29.68 -4.37
C LEU A 1125 -73.26 -29.43 -3.43
N PHE A 1126 -73.88 -30.50 -2.94
CA PHE A 1126 -74.93 -30.32 -1.95
C PHE A 1126 -74.40 -29.71 -0.66
N LEU A 1127 -73.17 -30.09 -0.29
CA LEU A 1127 -72.53 -29.49 0.88
C LEU A 1127 -72.43 -27.98 0.73
N LYS A 1128 -71.87 -27.52 -0.39
CA LYS A 1128 -71.72 -26.08 -0.60
C LYS A 1128 -73.08 -25.39 -0.73
N GLN A 1129 -74.07 -26.08 -1.31
CA GLN A 1129 -75.41 -25.51 -1.41
C GLN A 1129 -76.00 -25.22 -0.03
N GLU A 1130 -75.93 -26.21 0.86
CA GLU A 1130 -76.46 -25.98 2.21
C GLU A 1130 -75.60 -25.00 2.99
N LYS A 1131 -74.28 -24.99 2.76
CA LYS A 1131 -73.41 -24.04 3.45
C LYS A 1131 -73.74 -22.61 3.05
N ARG A 1132 -73.97 -22.37 1.75
CA ARG A 1132 -74.34 -21.03 1.31
C ARG A 1132 -75.75 -20.66 1.77
N TYR A 1133 -76.66 -21.63 1.87
CA TYR A 1133 -77.95 -21.36 2.48
C TYR A 1133 -77.77 -20.85 3.91
N VAL A 1134 -76.94 -21.54 4.69
CA VAL A 1134 -76.70 -21.13 6.07
C VAL A 1134 -76.06 -19.74 6.10
N GLU A 1135 -75.10 -19.51 5.21
CA GLU A 1135 -74.40 -18.23 5.17
C GLU A 1135 -75.37 -17.08 4.92
N SER A 1136 -76.20 -17.22 3.88
CA SER A 1136 -77.13 -16.15 3.56
C SER A 1136 -78.19 -15.97 4.63
N LEU A 1137 -78.70 -17.06 5.21
CA LEU A 1137 -79.67 -16.92 6.28
C LEU A 1137 -79.06 -16.20 7.48
N LEU A 1138 -77.83 -16.56 7.84
CA LEU A 1138 -77.14 -15.87 8.93
C LEU A 1138 -76.97 -14.39 8.63
N ARG A 1139 -76.56 -14.07 7.40
CA ARG A 1139 -76.34 -12.66 7.06
C ARG A 1139 -77.64 -11.88 7.09
N GLN A 1140 -78.72 -12.45 6.59
CA GLN A 1140 -79.99 -11.73 6.58
C GLN A 1140 -80.54 -11.58 8.00
N LEU A 1141 -80.44 -12.62 8.83
CA LEU A 1141 -80.93 -12.51 10.19
C LEU A 1141 -80.03 -11.59 11.03
N GLY A 1142 -78.79 -11.37 10.57
CA GLY A 1142 -77.91 -10.43 11.26
C GLY A 1142 -78.01 -9.01 10.73
N ARG A 1143 -78.59 -8.82 9.55
CA ARG A 1143 -78.81 -7.46 9.07
C ARG A 1143 -79.81 -6.72 9.94
N VAL A 1144 -80.74 -7.44 10.58
CA VAL A 1144 -81.67 -6.85 11.53
C VAL A 1144 -81.27 -7.20 12.97
N LYS A 1145 -79.99 -7.51 13.20
CA LYS A 1145 -79.52 -7.92 14.51
C LYS A 1145 -79.76 -6.84 15.56
N HIS A 1146 -79.92 -5.58 15.12
CA HIS A 1146 -80.20 -4.48 16.04
C HIS A 1146 -81.58 -4.57 16.67
N LEU A 1147 -82.55 -5.18 16.00
CA LEU A 1147 -83.89 -5.31 16.55
C LEU A 1147 -84.03 -6.53 17.45
N VAL A 1148 -83.77 -7.72 16.91
CA VAL A 1148 -84.03 -8.98 17.58
C VAL A 1148 -82.79 -9.85 17.50
N GLN A 1149 -82.59 -10.71 18.48
CA GLN A 1149 -81.52 -11.70 18.48
C GLN A 1149 -82.13 -13.09 18.32
N VAL A 1150 -81.50 -13.94 17.52
CA VAL A 1150 -81.97 -15.29 17.27
C VAL A 1150 -80.84 -16.27 17.51
N ASP A 1151 -81.01 -17.15 18.49
CA ASP A 1151 -80.02 -18.18 18.78
C ASP A 1151 -80.13 -19.27 17.71
N PHE A 1152 -79.01 -19.58 17.07
CA PHE A 1152 -79.01 -20.45 15.89
C PHE A 1152 -78.71 -21.90 16.26
N GLY A 1153 -79.44 -22.43 17.24
CA GLY A 1153 -79.26 -23.81 17.68
C GLY A 1153 -77.82 -24.15 17.99
N ASN A 1154 -77.20 -24.99 17.16
CA ASN A 1154 -75.79 -25.29 17.25
C ASN A 1154 -75.00 -24.81 16.04
N ILE A 1155 -75.68 -24.32 15.00
CA ILE A 1155 -75.01 -23.90 13.77
C ILE A 1155 -74.09 -22.71 14.02
N GLU A 1156 -74.42 -21.88 15.02
CA GLU A 1156 -73.61 -20.70 15.30
C GLU A 1156 -72.18 -21.06 15.69
N ILE A 1157 -71.94 -22.31 16.08
CA ILE A 1157 -70.60 -22.78 16.42
C ILE A 1157 -70.14 -23.74 15.34
N ILE A 1158 -71.06 -24.54 14.80
CA ILE A 1158 -70.70 -25.49 13.75
C ILE A 1158 -70.24 -24.74 12.50
N HIS A 1159 -70.95 -23.67 12.12
CA HIS A 1159 -70.52 -22.89 10.97
C HIS A 1159 -69.31 -22.02 11.28
N SER A 1160 -69.07 -21.71 12.55
CA SER A 1160 -67.97 -20.83 12.91
C SER A 1160 -66.61 -21.46 12.58
N GLN A 1161 -66.46 -22.75 12.87
CA GLN A 1161 -65.17 -23.42 12.68
C GLN A 1161 -64.82 -23.53 11.20
N ASP A 1162 -63.53 -23.72 10.94
CA ASP A 1162 -63.02 -23.74 9.58
C ASP A 1162 -63.48 -24.99 8.83
N LEU A 1163 -63.11 -25.07 7.55
CA LEU A 1163 -63.39 -26.24 6.73
C LEU A 1163 -62.13 -27.11 6.66
N SER A 1164 -61.88 -27.81 7.76
CA SER A 1164 -60.76 -28.73 7.88
C SER A 1164 -61.18 -29.99 8.62
N ASN A 1165 -62.43 -30.41 8.42
CA ASN A 1165 -62.99 -31.54 9.15
C ASN A 1165 -63.29 -32.67 8.17
N LYS A 1166 -63.44 -33.87 8.73
CA LYS A 1166 -63.63 -35.07 7.95
C LYS A 1166 -64.97 -35.04 7.21
N LYS A 1167 -64.98 -35.63 6.01
CA LYS A 1167 -66.21 -35.70 5.23
C LYS A 1167 -67.24 -36.62 5.87
N LEU A 1168 -66.80 -37.63 6.63
CA LEU A 1168 -67.72 -38.57 7.26
C LEU A 1168 -68.69 -37.88 8.21
N ASN A 1169 -68.32 -36.71 8.74
CA ASN A 1169 -69.22 -35.96 9.61
C ASN A 1169 -70.49 -35.51 8.91
N GLU A 1170 -70.48 -35.43 7.58
CA GLU A 1170 -71.66 -35.04 6.83
C GLU A 1170 -72.73 -36.12 6.80
N ALA A 1171 -72.36 -37.37 7.08
CA ALA A 1171 -73.28 -38.49 7.25
C ALA A 1171 -74.24 -38.61 6.07
N VAL A 1172 -73.68 -38.93 4.91
CA VAL A 1172 -74.49 -39.17 3.72
C VAL A 1172 -75.16 -40.53 3.89
N ILE A 1173 -76.42 -40.52 4.32
CA ILE A 1173 -77.12 -41.73 4.69
C ILE A 1173 -78.05 -42.15 3.57
N LYS A 1174 -78.53 -43.39 3.67
CA LYS A 1174 -79.46 -43.97 2.71
C LYS A 1174 -80.75 -44.34 3.43
N LEU A 1175 -81.79 -44.60 2.65
CA LEU A 1175 -83.10 -44.99 3.16
C LEU A 1175 -83.62 -44.03 4.22
N SER A 1180 -80.43 -41.46 0.11
CA SER A 1180 -81.60 -40.68 0.45
C SER A 1180 -81.23 -39.43 1.23
N TYR A 1181 -81.88 -39.23 2.38
CA TYR A 1181 -81.63 -38.05 3.18
C TYR A 1181 -80.21 -38.07 3.74
N LYS A 1182 -79.63 -36.89 3.91
CA LYS A 1182 -78.27 -36.74 4.44
C LYS A 1182 -78.29 -35.62 5.47
N ARG A 1183 -78.04 -35.98 6.73
CA ARG A 1183 -78.00 -35.02 7.82
C ARG A 1183 -76.54 -34.72 8.16
N GLU A 1184 -76.13 -33.48 7.96
CA GLU A 1184 -74.73 -33.09 8.01
C GLU A 1184 -74.40 -32.48 9.38
N THR A 1185 -73.16 -31.98 9.49
CA THR A 1185 -72.73 -31.36 10.74
C THR A 1185 -73.57 -30.12 11.06
N HIS A 1186 -74.09 -29.44 10.04
CA HIS A 1186 -75.09 -28.40 10.25
C HIS A 1186 -76.40 -29.07 10.62
N TYR A 1187 -76.67 -29.17 11.91
CA TYR A 1187 -77.87 -29.85 12.39
C TYR A 1187 -79.06 -28.93 12.13
N CYS A 1188 -79.57 -28.97 10.90
CA CYS A 1188 -80.76 -28.22 10.56
C CYS A 1188 -81.95 -28.77 11.34
N LEU A 1189 -82.74 -27.85 11.92
CA LEU A 1189 -83.86 -28.27 12.75
C LEU A 1189 -84.89 -29.05 11.95
N SER A 1190 -85.18 -28.61 10.73
CA SER A 1190 -86.13 -29.28 9.86
C SER A 1190 -85.89 -28.82 8.44
N PRO A 1191 -86.27 -29.61 7.43
CA PRO A 1191 -86.10 -29.18 6.04
C PRO A 1191 -86.90 -27.93 5.68
N ASP A 1192 -87.92 -27.57 6.46
CA ASP A 1192 -88.64 -26.33 6.19
C ASP A 1192 -87.72 -25.12 6.32
N ILE A 1193 -86.82 -25.14 7.30
CA ILE A 1193 -85.83 -24.09 7.42
C ILE A 1193 -84.92 -24.08 6.20
N ARG A 1194 -84.59 -25.25 5.67
CA ARG A 1194 -83.73 -25.32 4.49
C ARG A 1194 -84.41 -24.75 3.26
N GLU A 1195 -85.72 -25.02 3.08
CA GLU A 1195 -86.39 -24.45 1.92
C GLU A 1195 -86.64 -22.96 2.09
N MET A 1196 -86.85 -22.50 3.33
CA MET A 1196 -86.87 -21.06 3.57
C MET A 1196 -85.55 -20.43 3.20
N ALA A 1197 -84.44 -21.07 3.59
CA ALA A 1197 -83.12 -20.55 3.22
C ALA A 1197 -82.92 -20.55 1.72
N SER A 1198 -83.43 -21.57 1.03
CA SER A 1198 -83.33 -21.60 -0.42
C SER A 1198 -84.06 -20.43 -1.05
N LYS A 1199 -85.27 -20.14 -0.60
CA LYS A 1199 -85.99 -18.99 -1.13
C LYS A 1199 -85.30 -17.67 -0.77
N LEU A 1200 -84.79 -17.56 0.46
CA LEU A 1200 -84.11 -16.34 0.87
C LEU A 1200 -82.88 -16.08 0.02
N ASP A 1201 -82.10 -17.13 -0.26
CA ASP A 1201 -80.97 -16.98 -1.17
C ASP A 1201 -81.43 -16.69 -2.59
N SER A 1202 -82.62 -17.17 -2.97
CA SER A 1202 -83.17 -16.79 -4.26
C SER A 1202 -83.46 -15.30 -4.33
N LEU A 1203 -83.82 -14.69 -3.19
CA LEU A 1203 -83.96 -13.24 -3.13
C LEU A 1203 -83.06 -12.62 -2.08
N LYS A 1204 -81.82 -13.08 -1.98
CA LYS A 1204 -80.87 -12.48 -1.05
C LYS A 1204 -80.52 -11.05 -1.46
N ASP A 1205 -80.40 -10.81 -2.76
CA ASP A 1205 -79.99 -9.52 -3.30
C ASP A 1205 -81.16 -8.65 -3.72
N SER A 1206 -82.38 -9.20 -3.76
CA SER A 1206 -83.54 -8.44 -4.22
C SER A 1206 -83.80 -7.30 -3.24
N HIS A 1207 -83.43 -6.08 -3.64
CA HIS A 1207 -83.55 -4.92 -2.77
C HIS A 1207 -84.96 -4.77 -2.21
N ILE A 1208 -85.96 -5.02 -3.06
CA ILE A 1208 -87.35 -4.95 -2.61
C ILE A 1208 -87.59 -5.94 -1.49
N PHE A 1209 -87.01 -7.14 -1.58
CA PHE A 1209 -87.21 -8.14 -0.55
C PHE A 1209 -86.60 -7.72 0.78
N GLN A 1210 -85.40 -7.13 0.77
CA GLN A 1210 -84.83 -6.65 2.02
C GLN A 1210 -85.65 -5.51 2.61
N ASP A 1211 -86.20 -4.63 1.76
CA ASP A 1211 -87.08 -3.60 2.30
C ASP A 1211 -88.32 -4.19 2.96
N PHE A 1212 -88.96 -5.16 2.28
CA PHE A 1212 -90.14 -5.81 2.86
C PHE A 1212 -89.80 -6.52 4.16
N TRP A 1213 -88.66 -7.21 4.18
CA TRP A 1213 -88.25 -7.95 5.37
C TRP A 1213 -87.91 -7.01 6.52
N GLN A 1214 -87.27 -5.89 6.24
CA GLN A 1214 -86.99 -4.92 7.30
C GLN A 1214 -88.27 -4.33 7.86
N GLU A 1215 -89.21 -3.96 6.99
CA GLU A 1215 -90.44 -3.34 7.48
C GLU A 1215 -91.32 -4.34 8.22
N THR A 1216 -91.27 -5.62 7.84
CA THR A 1216 -91.98 -6.63 8.61
C THR A 1216 -91.25 -7.02 9.90
N ALA A 1217 -89.93 -6.81 9.95
CA ALA A 1217 -89.20 -7.04 11.19
C ALA A 1217 -89.46 -5.94 12.19
N GLU A 1218 -89.76 -4.73 11.71
CA GLU A 1218 -90.18 -3.66 12.61
C GLU A 1218 -91.44 -4.03 13.39
N SER A 1219 -92.21 -5.01 12.90
CA SER A 1219 -93.44 -5.41 13.56
C SER A 1219 -93.22 -6.05 14.93
N LEU A 1220 -91.99 -6.43 15.26
CA LEU A 1220 -91.68 -7.08 16.52
C LEU A 1220 -91.24 -6.11 17.59
N ASN A 1221 -91.11 -4.83 17.27
CA ASN A 1221 -90.56 -3.86 18.22
C ASN A 1221 -91.17 -2.47 18.04
N GLU A 1229 -84.11 -6.69 21.64
CA GLU A 1229 -84.95 -6.77 22.84
C GLU A 1229 -85.39 -8.20 23.11
N LEU A 1230 -85.81 -8.90 22.06
CA LEU A 1230 -86.37 -10.24 22.16
C LEU A 1230 -85.30 -11.26 21.82
N LYS A 1231 -85.01 -12.15 22.77
CA LYS A 1231 -84.23 -13.34 22.49
C LYS A 1231 -85.18 -14.44 22.05
N VAL A 1232 -85.22 -14.71 20.75
CA VAL A 1232 -86.18 -15.62 20.15
C VAL A 1232 -85.42 -16.66 19.35
N SER A 1233 -86.02 -17.83 19.21
CA SER A 1233 -85.38 -18.95 18.54
C SER A 1233 -85.81 -19.04 17.09
N LEU A 1234 -85.12 -19.90 16.35
CA LEU A 1234 -85.40 -20.07 14.92
C LEU A 1234 -86.81 -20.55 14.62
N PRO A 1235 -87.35 -21.61 15.25
CA PRO A 1235 -88.59 -22.20 14.75
C PRO A 1235 -89.78 -21.24 14.72
N GLU A 1236 -89.87 -20.31 15.67
CA GLU A 1236 -91.01 -19.41 15.67
C GLU A 1236 -90.80 -18.15 14.85
N VAL A 1237 -89.56 -17.86 14.41
CA VAL A 1237 -89.34 -16.72 13.53
C VAL A 1237 -89.99 -16.96 12.18
N LEU A 1238 -90.07 -18.23 11.75
CA LEU A 1238 -90.62 -18.55 10.43
C LEU A 1238 -92.02 -17.95 10.26
N GLU A 1239 -92.87 -18.08 11.27
CA GLU A 1239 -94.21 -17.52 11.20
C GLU A 1239 -94.32 -16.16 11.87
N TYR A 1240 -93.42 -15.83 12.81
CA TYR A 1240 -93.45 -14.50 13.41
C TYR A 1240 -92.94 -13.43 12.47
N LEU A 1241 -91.88 -13.72 11.73
CA LEU A 1241 -91.24 -12.70 10.91
C LEU A 1241 -91.12 -13.08 9.44
N TYR A 1242 -90.82 -14.34 9.13
CA TYR A 1242 -90.66 -14.70 7.73
C TYR A 1242 -92.00 -14.85 7.02
N ASN A 1243 -92.97 -15.52 7.64
CA ASN A 1243 -94.25 -15.74 6.98
C ASN A 1243 -94.97 -14.45 6.62
N PRO A 1244 -95.10 -13.46 7.51
CA PRO A 1244 -95.75 -12.20 7.07
C PRO A 1244 -95.01 -11.51 5.93
N CYS A 1245 -93.68 -11.52 5.95
CA CYS A 1245 -92.91 -10.92 4.87
C CYS A 1245 -93.16 -11.64 3.55
N TYR A 1246 -93.09 -12.97 3.57
CA TYR A 1246 -93.31 -13.74 2.36
C TYR A 1246 -94.74 -13.55 1.85
N ASP A 1247 -95.71 -13.47 2.77
CA ASP A 1247 -97.09 -13.27 2.35
C ASP A 1247 -97.30 -11.91 1.71
N ASN A 1248 -96.73 -10.86 2.30
CA ASN A 1248 -96.85 -9.54 1.70
C ASN A 1248 -96.14 -9.50 0.35
N PHE A 1249 -94.97 -10.14 0.26
CA PHE A 1249 -94.25 -10.16 -1.00
C PHE A 1249 -95.04 -10.90 -2.08
N TYR A 1250 -95.71 -11.99 -1.68
CA TYR A 1250 -96.49 -12.79 -2.63
C TYR A 1250 -97.72 -12.02 -3.11
N THR A 1251 -98.41 -11.36 -2.18
CA THR A 1251 -99.58 -10.55 -2.55
C THR A 1251 -99.20 -9.38 -3.44
N LEU A 1252 -98.14 -8.65 -3.07
CA LEU A 1252 -97.63 -7.59 -3.94
C LEU A 1252 -97.18 -8.14 -5.27
N TYR A 1253 -96.63 -9.35 -5.28
CA TYR A 1253 -96.34 -10.02 -6.54
C TYR A 1253 -97.54 -10.10 -7.44
N GLU A 1254 -98.60 -10.76 -6.97
CA GLU A 1254 -99.78 -10.90 -7.83
C GLU A 1254 -100.38 -9.54 -8.16
N ASN A 1255 -100.09 -8.53 -7.32
CA ASN A 1255 -100.56 -7.19 -7.61
C ASN A 1255 -99.84 -6.61 -8.83
N LEU A 1256 -98.50 -6.68 -8.88
CA LEU A 1256 -97.81 -6.26 -10.10
C LEU A 1256 -98.15 -7.17 -11.28
N LYS A 1257 -98.40 -8.46 -11.02
CA LYS A 1257 -98.80 -9.36 -12.10
C LYS A 1257 -100.10 -8.91 -12.75
N SER A 1258 -101.04 -8.41 -11.96
CA SER A 1258 -102.30 -7.93 -12.50
C SER A 1258 -102.19 -6.58 -13.19
N GLY A 1259 -101.11 -5.84 -12.96
CA GLY A 1259 -101.01 -4.49 -13.51
C GLY A 1259 -101.99 -3.51 -12.92
N LYS A 1260 -102.53 -3.81 -11.73
CA LYS A 1260 -103.51 -2.98 -11.07
C LYS A 1260 -102.93 -2.18 -9.92
N ILE A 1261 -101.60 -2.06 -9.83
CA ILE A 1261 -100.98 -1.37 -8.71
C ILE A 1261 -101.37 0.10 -8.76
N THR A 1262 -101.34 0.75 -7.59
CA THR A 1262 -101.63 2.17 -7.55
C THR A 1262 -100.34 2.98 -7.43
N PHE A 1263 -100.47 4.29 -7.63
CA PHE A 1263 -99.30 5.16 -7.63
C PHE A 1263 -98.70 5.34 -6.24
N ALA A 1264 -99.45 5.00 -5.18
CA ALA A 1264 -98.93 5.15 -3.83
C ALA A 1264 -97.70 4.28 -3.62
N GLU A 1265 -97.74 3.02 -4.04
CA GLU A 1265 -96.54 2.20 -3.95
C GLU A 1265 -95.51 2.62 -4.99
N VAL A 1266 -95.95 3.20 -6.11
CA VAL A 1266 -95.01 3.66 -7.14
C VAL A 1266 -94.07 4.70 -6.55
N ASP A 1267 -94.61 5.67 -5.82
CA ASP A 1267 -93.75 6.67 -5.21
C ASP A 1267 -93.40 6.35 -3.76
N ALA A 1268 -93.83 5.19 -3.24
CA ALA A 1268 -93.44 4.79 -1.90
C ALA A 1268 -92.28 3.81 -1.87
N ILE A 1269 -92.21 2.87 -2.82
CA ILE A 1269 -91.17 1.84 -2.79
C ILE A 1269 -90.25 1.90 -4.00
N PHE A 1270 -90.59 2.66 -5.04
CA PHE A 1270 -89.72 2.84 -6.19
C PHE A 1270 -89.09 4.23 -6.21
N LYS A 1271 -88.78 4.76 -5.02
CA LYS A 1271 -88.24 6.11 -4.91
C LYS A 1271 -86.72 6.16 -4.96
N ASP A 1272 -86.05 5.02 -4.98
CA ASP A 1272 -84.59 4.97 -5.04
C ASP A 1272 -84.07 4.48 -6.39
N PHE A 1273 -84.96 4.28 -7.36
CA PHE A 1273 -84.55 3.87 -8.70
C PHE A 1273 -84.63 5.03 -9.70
N VAL A 1274 -84.37 6.25 -9.22
CA VAL A 1274 -84.42 7.42 -10.10
C VAL A 1274 -83.31 7.33 -11.13
N ASP A 1275 -83.68 7.30 -12.40
CA ASP A 1275 -82.73 7.26 -13.52
C ASP A 1275 -81.77 6.07 -13.40
N LYS A 1276 -82.32 4.91 -13.04
CA LYS A 1276 -81.52 3.68 -13.03
C LYS A 1276 -82.48 2.51 -13.16
N TYR A 1277 -82.38 1.79 -14.28
CA TYR A 1277 -83.36 0.76 -14.61
C TYR A 1277 -82.77 -0.59 -14.97
N ASP A 1278 -81.55 -0.65 -15.53
CA ASP A 1278 -80.99 -1.94 -15.93
C ASP A 1278 -80.81 -2.85 -14.73
N GLU A 1279 -80.25 -2.33 -13.64
CA GLU A 1279 -80.23 -3.10 -12.40
C GLU A 1279 -81.64 -3.32 -11.87
N LEU A 1280 -82.57 -2.42 -12.17
CA LEU A 1280 -83.97 -2.68 -11.86
C LEU A 1280 -84.54 -3.77 -12.77
N LYS A 1281 -84.09 -3.81 -14.04
CA LYS A 1281 -84.45 -4.93 -14.90
C LYS A 1281 -84.02 -6.26 -14.27
N ASN A 1282 -82.76 -6.32 -13.83
CA ASN A 1282 -82.26 -7.56 -13.24
C ASN A 1282 -82.92 -7.85 -11.90
N ASP A 1283 -83.26 -6.81 -11.13
CA ASP A 1283 -83.96 -7.01 -9.87
C ASP A 1283 -85.36 -7.59 -10.11
N LEU A 1284 -86.08 -7.09 -11.12
CA LEU A 1284 -87.40 -7.60 -11.39
C LEU A 1284 -87.33 -8.98 -12.04
N LYS A 1285 -86.21 -9.29 -12.70
CA LYS A 1285 -85.97 -10.66 -13.13
C LYS A 1285 -85.68 -11.58 -11.94
N PHE A 1286 -84.96 -11.07 -10.95
CA PHE A 1286 -84.80 -11.80 -9.70
C PHE A 1286 -86.13 -12.01 -9.02
N MET A 1287 -87.07 -11.09 -9.25
CA MET A 1287 -88.41 -11.20 -8.71
C MET A 1287 -89.12 -12.41 -9.31
N CYS A 1288 -88.95 -12.66 -10.61
CA CYS A 1288 -89.63 -13.80 -11.23
C CYS A 1288 -88.86 -15.10 -11.07
N THR A 1289 -87.69 -15.07 -10.41
CA THR A 1289 -86.97 -16.32 -10.15
C THR A 1289 -87.75 -17.22 -9.20
N MET A 1290 -88.35 -16.66 -8.14
CA MET A 1290 -88.90 -17.48 -7.07
C MET A 1290 -90.05 -18.35 -7.57
N ASN A 1291 -90.93 -17.80 -8.41
CA ASN A 1291 -92.03 -18.58 -8.96
C ASN A 1291 -91.59 -19.21 -10.27
N PRO A 1292 -91.73 -20.52 -10.44
CA PRO A 1292 -91.25 -21.16 -11.68
C PRO A 1292 -92.10 -20.81 -12.88
N GLN A 1293 -92.28 -19.52 -13.14
CA GLN A 1293 -93.14 -19.04 -14.21
C GLN A 1293 -92.36 -18.14 -15.15
N ASP A 1294 -92.86 -18.03 -16.37
CA ASP A 1294 -92.15 -17.34 -17.43
C ASP A 1294 -92.17 -15.83 -17.23
N GLN A 1295 -91.28 -15.15 -17.94
CA GLN A 1295 -91.27 -13.69 -18.06
C GLN A 1295 -91.12 -13.42 -19.55
N LYS A 1296 -92.24 -13.04 -20.19
CA LYS A 1296 -92.24 -12.69 -21.60
C LYS A 1296 -92.77 -11.29 -21.86
N GLY A 1297 -93.81 -10.88 -21.15
CA GLY A 1297 -94.35 -9.54 -21.27
C GLY A 1297 -94.64 -8.88 -19.94
N TRP A 1298 -93.72 -9.04 -18.97
CA TRP A 1298 -94.02 -8.55 -17.63
C TRP A 1298 -93.12 -7.41 -17.16
N ILE A 1299 -91.80 -7.52 -17.36
CA ILE A 1299 -90.88 -6.50 -16.87
C ILE A 1299 -90.78 -5.34 -17.85
N SER A 1300 -90.91 -5.61 -19.14
CA SER A 1300 -90.64 -4.61 -20.15
C SER A 1300 -91.64 -3.46 -20.06
N GLU A 1301 -92.94 -3.76 -20.18
CA GLU A 1301 -93.94 -2.70 -20.15
C GLU A 1301 -94.06 -2.09 -18.76
N ARG A 1302 -93.87 -2.90 -17.71
CA ARG A 1302 -93.94 -2.36 -16.36
C ARG A 1302 -92.76 -1.45 -16.05
N VAL A 1303 -91.55 -1.83 -16.49
CA VAL A 1303 -90.42 -0.92 -16.31
C VAL A 1303 -90.58 0.30 -17.21
N GLY A 1304 -91.26 0.17 -18.34
CA GLY A 1304 -91.58 1.33 -19.15
C GLY A 1304 -92.50 2.28 -18.40
N GLN A 1305 -93.51 1.75 -17.73
CA GLN A 1305 -94.37 2.58 -16.88
C GLN A 1305 -93.56 3.24 -15.77
N ILE A 1306 -92.64 2.49 -15.16
CA ILE A 1306 -91.82 3.05 -14.08
C ILE A 1306 -90.98 4.22 -14.60
N LYS A 1307 -90.33 4.04 -15.74
CA LYS A 1307 -89.46 5.08 -16.27
C LYS A 1307 -90.27 6.28 -16.75
N GLU A 1308 -91.46 6.04 -17.29
CA GLU A 1308 -92.29 7.16 -17.72
C GLU A 1308 -92.82 7.96 -16.54
N TYR A 1309 -93.19 7.26 -15.45
CA TYR A 1309 -93.59 7.98 -14.24
C TYR A 1309 -92.42 8.78 -13.67
N HIS A 1310 -91.22 8.19 -13.66
CA HIS A 1310 -90.05 8.92 -13.16
C HIS A 1310 -89.76 10.15 -14.01
N THR A 1311 -89.85 10.01 -15.33
CA THR A 1311 -89.67 11.15 -16.22
C THR A 1311 -90.74 12.21 -15.95
N LEU A 1312 -91.98 11.78 -15.73
CA LEU A 1312 -93.04 12.72 -15.41
C LEU A 1312 -92.73 13.49 -14.14
N HIS A 1313 -92.31 12.80 -13.09
CA HIS A 1313 -92.05 13.47 -11.82
C HIS A 1313 -90.88 14.44 -11.92
N GLN A 1314 -89.79 14.02 -12.58
CA GLN A 1314 -88.68 14.94 -12.77
C GLN A 1314 -89.09 16.13 -13.65
N ALA A 1315 -90.05 15.92 -14.55
CA ALA A 1315 -90.55 17.03 -15.35
C ALA A 1315 -91.36 18.00 -14.50
N VAL A 1316 -92.16 17.50 -13.55
CA VAL A 1316 -92.85 18.39 -12.63
C VAL A 1316 -91.84 19.21 -11.83
N SER A 1317 -90.80 18.55 -11.34
CA SER A 1317 -89.79 19.27 -10.56
C SER A 1317 -89.10 20.34 -11.40
N SER A 1318 -88.73 20.00 -12.63
CA SER A 1318 -88.09 20.98 -13.51
C SER A 1318 -89.03 22.13 -13.83
N ALA A 1319 -90.31 21.83 -14.06
CA ALA A 1319 -91.28 22.88 -14.38
C ALA A 1319 -91.46 23.83 -13.21
N LYS A 1320 -91.58 23.30 -11.99
CA LYS A 1320 -91.77 24.19 -10.84
C LYS A 1320 -90.51 25.01 -10.60
N VAL A 1321 -89.32 24.43 -10.75
CA VAL A 1321 -88.11 25.21 -10.51
C VAL A 1321 -87.91 26.26 -11.61
N ILE A 1322 -88.27 25.94 -12.85
CA ILE A 1322 -88.12 26.92 -13.92
C ILE A 1322 -89.10 28.07 -13.72
N LEU A 1323 -90.32 27.77 -13.26
CA LEU A 1323 -91.26 28.85 -12.93
C LEU A 1323 -90.73 29.68 -11.77
N GLN A 1324 -90.10 29.03 -10.78
CA GLN A 1324 -89.55 29.76 -9.64
C GLN A 1324 -88.43 30.71 -10.06
N VAL A 1325 -87.51 30.24 -10.90
CA VAL A 1325 -86.42 31.09 -11.35
C VAL A 1325 -86.94 32.19 -12.27
N ARG A 1326 -87.99 31.89 -13.04
CA ARG A 1326 -88.66 32.89 -13.85
C ARG A 1326 -89.25 34.01 -13.01
N ARG A 1327 -90.04 33.66 -11.99
CA ARG A 1327 -90.68 34.71 -11.17
C ARG A 1327 -89.64 35.44 -10.34
N ALA A 1328 -88.55 34.76 -9.96
CA ALA A 1328 -87.46 35.45 -9.29
C ALA A 1328 -86.66 36.32 -10.25
N LEU A 1329 -86.61 35.94 -11.53
CA LEU A 1329 -85.86 36.71 -12.53
C LEU A 1329 -86.57 37.99 -12.93
N GLY A 1330 -87.85 38.15 -12.61
CA GLY A 1330 -88.60 39.34 -12.92
C GLY A 1330 -89.24 39.38 -14.29
N VAL A 1331 -89.03 38.37 -15.12
CA VAL A 1331 -89.56 38.37 -16.48
C VAL A 1331 -91.01 37.88 -16.45
N THR A 1332 -91.89 38.65 -17.10
CA THR A 1332 -93.28 38.23 -17.21
C THR A 1332 -93.45 37.14 -18.25
N GLY A 1333 -93.13 37.44 -19.51
CA GLY A 1333 -93.04 36.42 -20.55
C GLY A 1333 -94.35 35.70 -20.82
N ASP A 1334 -94.21 34.51 -21.42
CA ASP A 1334 -95.31 33.57 -21.58
C ASP A 1334 -94.74 32.18 -21.91
N PHE A 1335 -95.20 31.17 -21.16
CA PHE A 1335 -95.06 29.76 -21.52
C PHE A 1335 -96.39 29.14 -21.94
N SER A 1336 -97.42 29.21 -21.08
CA SER A 1336 -98.78 28.78 -21.40
C SER A 1336 -98.90 27.29 -21.67
N VAL A 1337 -97.96 26.48 -21.17
CA VAL A 1337 -98.13 25.02 -21.16
C VAL A 1337 -97.88 24.40 -19.80
N LEU A 1338 -97.48 25.17 -18.80
CA LEU A 1338 -97.13 24.62 -17.49
C LEU A 1338 -98.25 24.78 -16.46
N ASN A 1339 -99.27 25.58 -16.75
CA ASN A 1339 -100.44 25.63 -15.88
C ASN A 1339 -101.12 24.28 -15.73
N PRO A 1340 -101.41 23.53 -16.81
CA PRO A 1340 -101.91 22.16 -16.60
C PRO A 1340 -100.93 21.29 -15.83
N LEU A 1341 -99.62 21.55 -16.00
CA LEU A 1341 -98.61 20.76 -15.29
C LEU A 1341 -98.70 20.99 -13.78
N LEU A 1342 -98.76 22.25 -13.35
CA LEU A 1342 -98.86 22.50 -11.90
C LEU A 1342 -100.22 22.10 -11.37
N ASN A 1343 -101.26 22.18 -12.22
CA ASN A 1343 -102.58 21.70 -11.81
C ASN A 1343 -102.56 20.20 -11.53
N PHE A 1344 -101.88 19.43 -12.39
CA PHE A 1344 -101.71 18.01 -12.11
C PHE A 1344 -100.83 17.80 -10.89
N ALA A 1345 -99.82 18.65 -10.70
CA ALA A 1345 -99.03 18.59 -9.47
C ALA A 1345 -99.91 18.74 -8.25
N ASP A 1346 -100.98 19.53 -8.36
CA ASP A 1346 -101.99 19.63 -7.31
C ASP A 1346 -103.12 18.60 -7.48
N SER A 1347 -102.85 17.51 -8.20
CA SER A 1347 -103.83 16.45 -8.37
C SER A 1347 -103.30 15.13 -7.80
N PHE A 1348 -104.22 14.23 -7.50
CA PHE A 1348 -103.89 12.91 -6.96
C PHE A 1348 -104.63 11.85 -7.75
N GLU A 1349 -103.89 10.84 -8.23
CA GLU A 1349 -104.44 9.79 -9.07
C GLU A 1349 -103.97 8.43 -8.57
N ASP A 1350 -104.82 7.43 -8.75
CA ASP A 1350 -104.56 6.08 -8.23
C ASP A 1350 -104.78 5.04 -9.32
N PHE A 1351 -103.75 4.78 -10.12
CA PHE A 1351 -103.74 3.69 -11.08
C PHE A 1351 -102.33 3.50 -11.59
N GLY A 1352 -102.01 2.25 -11.98
CA GLY A 1352 -100.68 1.91 -12.41
C GLY A 1352 -100.49 1.87 -13.91
N ASN A 1353 -101.40 2.50 -14.64
CA ASN A 1353 -101.34 2.57 -16.09
C ASN A 1353 -100.65 3.86 -16.52
N GLU A 1354 -100.68 4.12 -17.82
CA GLU A 1354 -100.07 5.34 -18.37
C GLU A 1354 -100.97 6.55 -18.13
N SER A 1360 -102.10 11.66 -17.77
CA SER A 1360 -100.77 11.32 -18.24
C SER A 1360 -100.72 11.08 -19.77
N PRO A 1361 -101.66 10.32 -20.32
CA PRO A 1361 -101.74 10.24 -21.79
C PRO A 1361 -101.97 11.60 -22.43
N GLN A 1362 -102.74 12.48 -21.79
CA GLN A 1362 -102.91 13.83 -22.28
C GLN A 1362 -101.72 14.72 -21.94
N PHE A 1363 -100.83 14.26 -21.06
CA PHE A 1363 -99.67 15.02 -20.64
C PHE A 1363 -98.43 14.74 -21.50
N ILE A 1364 -98.55 13.90 -22.52
CA ILE A 1364 -97.40 13.62 -23.38
C ILE A 1364 -96.93 14.90 -24.06
N LYS A 1365 -97.85 15.67 -24.63
CA LYS A 1365 -97.49 16.93 -25.26
C LYS A 1365 -96.96 17.92 -24.24
N ALA A 1366 -97.54 17.93 -23.03
CA ALA A 1366 -97.07 18.83 -21.99
C ALA A 1366 -95.63 18.52 -21.61
N LYS A 1367 -95.28 17.24 -21.50
CA LYS A 1367 -93.93 16.87 -21.13
C LYS A 1367 -92.97 16.84 -22.31
N GLN A 1368 -93.47 16.95 -23.54
CA GLN A 1368 -92.58 16.96 -24.70
C GLN A 1368 -91.57 18.10 -24.63
N LEU A 1369 -92.01 19.27 -24.15
CA LEU A 1369 -91.11 20.40 -24.02
C LEU A 1369 -90.07 20.19 -22.92
N LEU A 1370 -90.27 19.20 -22.05
CA LEU A 1370 -89.41 18.99 -20.89
C LEU A 1370 -89.11 17.51 -20.73
N GLN A 1371 -88.77 16.82 -21.82
CA GLN A 1371 -88.52 15.40 -21.76
C GLN A 1371 -87.13 15.09 -21.22
N ASP A 1372 -86.11 15.73 -21.77
CA ASP A 1372 -84.72 15.37 -21.51
C ASP A 1372 -83.90 16.62 -21.17
N ILE A 1373 -84.42 17.44 -20.26
CA ILE A 1373 -83.70 18.64 -19.86
C ILE A 1373 -82.38 18.22 -19.19
N SER A 1374 -82.47 17.57 -18.03
CA SER A 1374 -81.40 16.81 -17.40
C SER A 1374 -81.92 16.31 -16.06
N GLU A 1375 -81.27 15.27 -15.54
CA GLU A 1375 -81.46 14.89 -14.14
C GLU A 1375 -80.59 15.79 -13.26
N PRO A 1376 -79.32 16.06 -13.64
CA PRO A 1376 -78.60 17.18 -13.03
C PRO A 1376 -79.05 18.51 -13.61
N ARG A 1377 -78.32 19.58 -13.31
CA ARG A 1377 -78.37 20.87 -13.98
C ARG A 1377 -79.63 21.66 -13.60
N GLN A 1378 -80.65 21.04 -13.03
CA GLN A 1378 -81.72 21.85 -12.46
C GLN A 1378 -81.31 22.42 -11.11
N ARG A 1379 -80.27 21.86 -10.49
CA ARG A 1379 -79.73 22.41 -9.25
C ARG A 1379 -79.08 23.76 -9.49
N CYS A 1380 -78.48 23.98 -10.66
CA CYS A 1380 -77.97 25.30 -11.00
C CYS A 1380 -79.10 26.32 -10.98
N LEU A 1381 -80.25 25.96 -11.54
CA LEU A 1381 -81.39 26.86 -11.56
C LEU A 1381 -81.99 27.02 -10.17
N GLU A 1382 -81.99 25.97 -9.35
CA GLU A 1382 -82.42 26.12 -7.97
C GLU A 1382 -81.55 27.15 -7.25
N GLU A 1383 -80.22 27.04 -7.42
CA GLU A 1383 -79.32 27.99 -6.79
C GLU A 1383 -79.56 29.40 -7.31
N LEU A 1384 -79.76 29.54 -8.62
CA LEU A 1384 -80.13 30.83 -9.18
C LEU A 1384 -81.38 31.39 -8.52
N ALA A 1385 -82.35 30.51 -8.24
CA ALA A 1385 -83.60 30.95 -7.65
C ALA A 1385 -83.40 31.43 -6.22
N ARG A 1386 -82.62 30.68 -5.42
CA ARG A 1386 -82.43 31.07 -4.03
C ARG A 1386 -81.37 32.14 -3.85
N GLN A 1387 -80.59 32.46 -4.89
CA GLN A 1387 -79.65 33.57 -4.85
C GLN A 1387 -80.23 34.80 -5.54
N THR A 1388 -81.30 35.33 -4.93
CA THR A 1388 -81.88 36.58 -5.43
C THR A 1388 -81.01 37.78 -5.05
N GLU A 1389 -80.45 37.75 -3.83
CA GLU A 1389 -79.60 38.85 -3.39
C GLU A 1389 -78.40 39.02 -4.32
N LEU A 1390 -77.82 37.91 -4.75
CA LEU A 1390 -76.64 37.98 -5.60
C LEU A 1390 -76.94 38.69 -6.91
N VAL A 1391 -77.98 38.25 -7.62
CA VAL A 1391 -78.30 38.84 -8.92
C VAL A 1391 -78.76 40.27 -8.75
N ALA A 1392 -79.48 40.57 -7.66
CA ALA A 1392 -79.86 41.95 -7.40
C ALA A 1392 -78.62 42.83 -7.21
N TRP A 1393 -77.62 42.33 -6.50
CA TRP A 1393 -76.39 43.10 -6.33
C TRP A 1393 -75.64 43.28 -7.63
N LEU A 1394 -75.56 42.24 -8.46
CA LEU A 1394 -74.88 42.38 -9.75
C LEU A 1394 -75.57 43.40 -10.64
N HIS A 1395 -76.90 43.40 -10.62
CA HIS A 1395 -77.64 44.36 -11.45
C HIS A 1395 -77.82 45.70 -10.76
N LYS A 1396 -77.35 45.85 -9.54
CA LYS A 1396 -77.16 47.16 -8.93
C LYS A 1396 -75.70 47.60 -8.92
N ALA A 1397 -74.79 46.78 -9.42
CA ALA A 1397 -73.38 47.12 -9.39
C ALA A 1397 -72.67 46.98 -10.73
N LEU A 1398 -72.98 45.94 -11.51
CA LEU A 1398 -72.22 45.62 -12.72
C LEU A 1398 -73.04 45.79 -13.98
N GLU A 1399 -74.17 45.09 -14.09
CA GLU A 1399 -75.21 45.37 -15.09
C GLU A 1399 -74.80 45.15 -16.55
N ASP A 1400 -73.55 44.78 -16.81
CA ASP A 1400 -73.12 44.56 -18.19
C ASP A 1400 -71.95 43.60 -18.21
N ILE A 1401 -71.60 43.14 -19.41
CA ILE A 1401 -70.57 42.12 -19.59
C ILE A 1401 -69.19 42.74 -19.83
N ASN A 1402 -69.14 43.87 -20.53
CA ASN A 1402 -67.84 44.42 -20.93
C ASN A 1402 -67.03 44.89 -19.73
N GLU A 1403 -67.63 45.71 -18.86
CA GLU A 1403 -66.88 46.26 -17.73
C GLU A 1403 -66.40 45.18 -16.77
N LEU A 1404 -67.01 43.99 -16.81
CA LEU A 1404 -66.52 42.87 -16.01
C LEU A 1404 -65.05 42.63 -16.29
N LYS A 1405 -64.62 42.80 -17.54
CA LYS A 1405 -63.22 42.56 -17.90
C LYS A 1405 -62.28 43.44 -17.07
N VAL A 1406 -62.72 44.63 -16.67
CA VAL A 1406 -61.85 45.42 -15.80
C VAL A 1406 -62.19 45.17 -14.34
N PHE A 1407 -63.43 44.79 -14.05
CA PHE A 1407 -63.84 44.62 -12.66
C PHE A 1407 -62.98 43.59 -11.95
N VAL A 1408 -62.85 42.40 -12.54
CA VAL A 1408 -62.01 41.36 -11.95
C VAL A 1408 -60.58 41.86 -11.79
N ASP A 1409 -60.12 42.71 -12.72
CA ASP A 1409 -58.80 43.30 -12.59
C ASP A 1409 -58.70 44.12 -11.31
N LEU A 1410 -59.70 44.98 -11.06
CA LEU A 1410 -59.75 45.71 -9.80
C LEU A 1410 -59.72 44.74 -8.62
N ALA A 1411 -60.32 43.56 -8.80
CA ALA A 1411 -60.30 42.55 -7.75
C ALA A 1411 -58.91 41.95 -7.58
N SER A 1412 -58.19 41.72 -8.68
CA SER A 1412 -56.94 40.97 -8.62
C SER A 1412 -55.92 41.64 -7.73
N ILE A 1413 -55.78 42.96 -7.86
CA ILE A 1413 -54.92 43.70 -6.94
C ILE A 1413 -55.50 43.68 -5.53
N SER A 1414 -56.81 43.87 -5.41
CA SER A 1414 -57.43 43.94 -4.09
C SER A 1414 -57.45 42.58 -3.40
N ALA A 1415 -57.51 41.49 -4.15
CA ALA A 1415 -57.53 40.16 -3.55
C ALA A 1415 -56.22 39.89 -2.83
N GLY A 1416 -56.30 39.03 -1.81
CA GLY A 1416 -55.13 38.71 -1.02
C GLY A 1416 -54.15 37.82 -1.77
N GLU A 1417 -53.01 37.58 -1.12
CA GLU A 1417 -51.95 36.78 -1.70
C GLU A 1417 -52.24 35.28 -1.69
N ASN A 1418 -53.15 34.84 -0.84
CA ASN A 1418 -53.38 33.42 -0.65
C ASN A 1418 -54.02 32.79 -1.90
N ASP A 1419 -53.95 31.46 -1.97
CA ASP A 1419 -54.56 30.74 -3.08
C ASP A 1419 -56.07 30.91 -3.12
N ILE A 1420 -56.73 30.86 -1.95
CA ILE A 1420 -58.18 31.10 -1.89
C ILE A 1420 -58.50 32.51 -2.36
N ASP A 1421 -57.75 33.49 -1.87
CA ASP A 1421 -58.05 34.89 -2.19
C ASP A 1421 -57.91 35.14 -3.69
N VAL A 1422 -56.90 34.54 -4.33
CA VAL A 1422 -56.71 34.77 -5.76
C VAL A 1422 -57.63 33.91 -6.60
N ASP A 1423 -58.13 32.79 -6.06
CA ASP A 1423 -59.05 31.97 -6.83
C ASP A 1423 -60.50 32.45 -6.70
N ARG A 1424 -60.81 33.25 -5.69
CA ARG A 1424 -62.15 33.82 -5.57
C ARG A 1424 -62.51 34.63 -6.81
N VAL A 1425 -61.58 35.46 -7.28
CA VAL A 1425 -61.86 36.32 -8.42
C VAL A 1425 -62.13 35.47 -9.67
N ALA A 1426 -61.35 34.41 -9.87
CA ALA A 1426 -61.51 33.60 -11.08
C ALA A 1426 -62.79 32.78 -11.01
N CYS A 1427 -63.14 32.26 -9.84
CA CYS A 1427 -64.37 31.48 -9.75
C CYS A 1427 -65.59 32.37 -9.97
N PHE A 1428 -65.58 33.59 -9.40
CA PHE A 1428 -66.67 34.52 -9.68
C PHE A 1428 -66.74 34.87 -11.16
N HIS A 1429 -65.57 35.10 -11.78
CA HIS A 1429 -65.51 35.43 -13.19
C HIS A 1429 -66.12 34.33 -14.04
N ASP A 1430 -65.75 33.07 -13.78
CA ASP A 1430 -66.29 31.98 -14.59
C ASP A 1430 -67.77 31.77 -14.30
N ALA A 1431 -68.21 31.97 -13.06
CA ALA A 1431 -69.63 31.83 -12.74
C ALA A 1431 -70.46 32.83 -13.51
N VAL A 1432 -70.06 34.11 -13.51
CA VAL A 1432 -70.83 35.11 -14.23
C VAL A 1432 -70.73 34.89 -15.74
N GLN A 1433 -69.56 34.43 -16.22
CA GLN A 1433 -69.42 34.15 -17.64
C GLN A 1433 -70.37 33.05 -18.09
N GLY A 1434 -70.51 31.99 -17.28
CA GLY A 1434 -71.46 30.94 -17.61
C GLY A 1434 -72.91 31.40 -17.51
N TYR A 1435 -73.24 32.15 -16.46
CA TYR A 1435 -74.63 32.50 -16.18
C TYR A 1435 -75.11 33.74 -16.90
N ALA A 1436 -74.26 34.41 -17.69
CA ALA A 1436 -74.73 35.50 -18.52
C ALA A 1436 -75.74 35.04 -19.57
N SER A 1437 -75.81 33.72 -19.80
CA SER A 1437 -76.78 33.20 -20.77
C SER A 1437 -78.21 33.53 -20.38
N LEU A 1438 -78.52 33.45 -19.08
CA LEU A 1438 -79.84 33.79 -18.58
C LEU A 1438 -79.86 35.05 -17.72
N LEU A 1439 -78.70 35.58 -17.35
CA LEU A 1439 -78.62 36.75 -16.49
C LEU A 1439 -78.45 38.04 -17.28
N TYR A 1440 -78.06 37.96 -18.56
CA TYR A 1440 -77.80 39.16 -19.34
C TYR A 1440 -78.60 39.17 -20.63
N LYS A 1441 -78.86 38.00 -21.18
CA LYS A 1441 -79.66 37.86 -22.39
C LYS A 1441 -81.15 37.70 -22.07
N MET A 1442 -81.59 38.23 -20.92
CA MET A 1442 -82.95 38.05 -20.45
C MET A 1442 -83.68 39.39 -20.45
N ASP A 1443 -84.78 39.45 -21.19
CA ASP A 1443 -85.64 40.62 -21.18
C ASP A 1443 -86.81 40.40 -20.20
N GLU A 1444 -87.54 41.48 -19.93
CA GLU A 1444 -88.72 41.37 -19.08
C GLU A 1444 -89.87 40.64 -19.76
N ARG A 1445 -89.78 40.38 -21.06
CA ARG A 1445 -90.82 39.65 -21.78
C ARG A 1445 -90.21 38.98 -23.01
N THR A 1446 -89.98 37.67 -22.92
CA THR A 1446 -89.62 36.85 -24.07
C THR A 1446 -90.39 35.55 -23.99
N ASN A 1447 -90.63 34.93 -25.14
CA ASN A 1447 -91.57 33.81 -25.22
C ASN A 1447 -90.89 32.50 -24.82
N PHE A 1448 -91.65 31.41 -24.94
CA PHE A 1448 -91.19 30.08 -24.55
C PHE A 1448 -90.02 29.62 -25.42
N SER A 1449 -90.12 29.75 -26.73
CA SER A 1449 -89.10 29.21 -27.62
C SER A 1449 -87.75 29.88 -27.39
N ASP A 1450 -87.75 31.20 -27.20
CA ASP A 1450 -86.51 31.90 -26.92
C ASP A 1450 -85.94 31.47 -25.56
N PHE A 1451 -86.80 31.27 -24.57
CA PHE A 1451 -86.34 30.79 -23.27
C PHE A 1451 -85.67 29.42 -23.40
N MET A 1452 -86.27 28.53 -24.18
CA MET A 1452 -85.68 27.21 -24.38
C MET A 1452 -84.37 27.27 -25.18
N ASN A 1453 -84.29 28.14 -26.18
CA ASN A 1453 -83.03 28.29 -26.92
C ASN A 1453 -81.93 28.83 -26.02
N HIS A 1454 -82.27 29.80 -25.16
CA HIS A 1454 -81.32 30.29 -24.17
C HIS A 1454 -80.92 29.19 -23.19
N LEU A 1455 -81.87 28.35 -22.81
CA LEU A 1455 -81.55 27.23 -21.92
C LEU A 1455 -80.60 26.25 -22.62
N GLN A 1456 -80.79 26.05 -23.92
CA GLN A 1456 -79.91 25.18 -24.70
C GLN A 1456 -78.50 25.74 -24.78
N GLU A 1457 -78.37 27.05 -25.01
CA GLU A 1457 -77.02 27.61 -25.08
C GLU A 1457 -76.36 27.62 -23.70
N LEU A 1458 -77.15 27.76 -22.63
CA LEU A 1458 -76.58 27.56 -21.30
C LEU A 1458 -76.16 26.10 -21.10
N TRP A 1459 -76.93 25.15 -21.64
CA TRP A 1459 -76.55 23.75 -21.59
C TRP A 1459 -75.20 23.52 -22.24
N ARG A 1460 -75.01 24.05 -23.45
CA ARG A 1460 -73.72 23.88 -24.12
C ARG A 1460 -72.62 24.72 -23.46
N ALA A 1461 -72.99 25.71 -22.65
CA ALA A 1461 -72.01 26.38 -21.81
C ALA A 1461 -71.73 25.60 -20.52
N LEU A 1462 -72.53 24.58 -20.23
CA LEU A 1462 -72.36 23.82 -18.99
C LEU A 1462 -71.64 22.49 -19.23
N ASP A 1463 -71.45 22.08 -20.48
CA ASP A 1463 -70.90 20.76 -20.76
C ASP A 1463 -69.44 20.66 -20.34
N ASN A 1464 -68.67 21.73 -20.47
CA ASN A 1464 -67.25 21.73 -20.15
C ASN A 1464 -66.95 21.99 -18.67
N ASP A 1465 -67.83 22.68 -17.96
CA ASP A 1465 -67.62 22.93 -16.53
C ASP A 1465 -68.90 22.54 -15.80
N GLN A 1466 -68.85 21.39 -15.12
CA GLN A 1466 -70.00 20.90 -14.37
C GLN A 1466 -70.08 21.50 -12.98
N HIS A 1467 -69.11 22.33 -12.59
CA HIS A 1467 -69.09 22.92 -11.25
C HIS A 1467 -69.68 24.31 -11.21
N LEU A 1468 -70.21 24.81 -12.34
CA LEU A 1468 -70.68 26.19 -12.42
C LEU A 1468 -71.65 26.58 -11.31
N PRO A 1469 -72.66 25.77 -10.96
CA PRO A 1469 -73.52 26.16 -9.82
C PRO A 1469 -72.76 26.32 -8.52
N ASP A 1470 -71.73 25.49 -8.27
CA ASP A 1470 -70.98 25.64 -7.05
C ASP A 1470 -70.11 26.90 -7.10
N LYS A 1471 -69.61 27.25 -8.28
CA LYS A 1471 -68.93 28.53 -8.43
C LYS A 1471 -69.86 29.68 -8.10
N LEU A 1472 -71.10 29.62 -8.58
CA LEU A 1472 -72.07 30.66 -8.22
C LEU A 1472 -72.28 30.69 -6.71
N LYS A 1473 -72.39 29.51 -6.09
CA LYS A 1473 -72.65 29.44 -4.66
C LYS A 1473 -71.52 30.07 -3.85
N ASP A 1474 -70.28 29.65 -4.10
CA ASP A 1474 -69.19 30.13 -3.26
C ASP A 1474 -68.77 31.55 -3.63
N SER A 1475 -69.14 32.03 -4.82
CA SER A 1475 -68.98 33.45 -5.09
C SER A 1475 -70.04 34.28 -4.39
N ALA A 1476 -71.28 33.79 -4.35
CA ALA A 1476 -72.35 34.50 -3.65
C ALA A 1476 -72.07 34.56 -2.16
N ARG A 1477 -71.44 33.51 -1.61
CA ARG A 1477 -71.08 33.52 -0.21
C ARG A 1477 -70.03 34.59 0.10
N ASN A 1478 -69.39 35.16 -0.91
CA ASN A 1478 -68.40 36.22 -0.74
C ASN A 1478 -68.96 37.60 -1.12
N LEU A 1479 -70.23 37.84 -0.78
CA LEU A 1479 -70.91 39.05 -1.22
C LEU A 1479 -70.30 40.28 -0.57
N GLU A 1480 -69.83 40.17 0.67
CA GLU A 1480 -69.22 41.32 1.33
C GLU A 1480 -67.94 41.75 0.62
N TRP A 1481 -67.10 40.79 0.23
CA TRP A 1481 -65.91 41.10 -0.53
C TRP A 1481 -66.27 41.67 -1.90
N LEU A 1482 -67.29 41.09 -2.56
CA LEU A 1482 -67.72 41.62 -3.84
C LEU A 1482 -68.24 43.05 -3.72
N LYS A 1483 -68.87 43.38 -2.60
CA LYS A 1483 -69.29 44.76 -2.35
C LYS A 1483 -68.09 45.66 -2.17
N THR A 1484 -67.15 45.27 -1.30
CA THR A 1484 -66.06 46.16 -0.91
C THR A 1484 -64.98 46.28 -1.98
N VAL A 1485 -64.97 45.41 -2.99
CA VAL A 1485 -63.93 45.52 -4.02
C VAL A 1485 -64.16 46.76 -4.90
N LYS A 1486 -65.42 47.06 -5.24
CA LYS A 1486 -65.67 48.21 -6.10
C LYS A 1486 -65.53 49.53 -5.35
N GLU A 1487 -65.95 49.57 -4.10
CA GLU A 1487 -65.76 50.75 -3.25
C GLU A 1487 -64.42 50.73 -2.54
N SER A 1488 -63.43 50.01 -3.09
CA SER A 1488 -62.18 49.79 -2.38
C SER A 1488 -61.46 51.09 -2.10
N HIS A 1489 -60.98 51.24 -0.87
CA HIS A 1489 -60.08 52.32 -0.50
C HIS A 1489 -58.64 51.83 -0.65
N GLY A 1490 -57.69 52.62 -0.16
CA GLY A 1490 -56.29 52.22 -0.24
C GLY A 1490 -55.99 51.00 0.59
N SER A 1491 -55.76 49.86 -0.07
CA SER A 1491 -55.42 48.63 0.63
C SER A 1491 -53.95 48.68 1.04
N VAL A 1492 -53.68 49.01 2.29
CA VAL A 1492 -52.29 49.17 2.76
C VAL A 1492 -51.86 47.80 3.28
N GLU A 1493 -51.51 46.93 2.34
CA GLU A 1493 -50.80 45.68 2.63
C GLU A 1493 -50.18 45.26 1.30
N LEU A 1494 -48.85 45.29 1.21
CA LEU A 1494 -48.24 45.19 -0.11
C LEU A 1494 -48.51 43.84 -0.77
N SER A 1495 -47.84 42.80 -0.29
CA SER A 1495 -48.10 41.40 -0.63
C SER A 1495 -47.03 40.55 0.05
N SER A 1496 -47.16 39.22 -0.05
CA SER A 1496 -46.02 38.38 0.29
C SER A 1496 -44.99 38.40 -0.83
N LEU A 1497 -45.45 38.47 -2.08
CA LEU A 1497 -44.53 38.44 -3.22
C LEU A 1497 -44.03 39.84 -3.56
N SER A 1498 -44.91 40.83 -3.48
CA SER A 1498 -44.47 42.20 -3.72
C SER A 1498 -43.43 42.64 -2.70
N LEU A 1499 -43.62 42.29 -1.43
CA LEU A 1499 -42.62 42.63 -0.43
C LEU A 1499 -41.34 41.82 -0.64
N ALA A 1500 -41.47 40.63 -1.23
CA ALA A 1500 -40.29 39.91 -1.67
C ALA A 1500 -39.50 40.72 -2.69
N THR A 1501 -40.19 41.23 -3.70
CA THR A 1501 -39.51 42.06 -4.70
C THR A 1501 -38.92 43.31 -4.07
N ALA A 1502 -39.61 43.89 -3.09
CA ALA A 1502 -39.10 45.10 -2.45
C ALA A 1502 -37.83 44.83 -1.65
N ILE A 1503 -37.86 43.79 -0.82
CA ILE A 1503 -36.69 43.46 -0.01
C ILE A 1503 -35.54 42.98 -0.89
N ASN A 1504 -35.84 42.38 -2.04
CA ASN A 1504 -34.80 42.07 -3.00
C ASN A 1504 -34.27 43.33 -3.67
N SER A 1505 -35.12 44.34 -3.82
CA SER A 1505 -34.71 45.56 -4.52
C SER A 1505 -33.79 46.43 -3.66
N ARG A 1506 -34.12 46.58 -2.38
CA ARG A 1506 -33.34 47.53 -1.56
C ARG A 1506 -33.13 46.99 -0.16
N GLY A 1507 -33.04 45.68 0.00
CA GLY A 1507 -32.84 45.11 1.32
C GLY A 1507 -31.43 45.36 1.84
N VAL A 1508 -31.32 45.53 3.15
CA VAL A 1508 -30.03 45.73 3.81
C VAL A 1508 -29.98 44.78 5.02
N TYR A 1509 -29.37 43.62 4.84
CA TYR A 1509 -29.12 42.73 5.98
C TYR A 1509 -28.01 43.32 6.82
N VAL A 1510 -28.13 43.24 8.15
CA VAL A 1510 -27.17 43.83 9.05
C VAL A 1510 -26.86 42.84 10.17
N ILE A 1511 -25.57 42.55 10.35
CA ILE A 1511 -25.08 41.79 11.50
C ILE A 1511 -24.32 42.76 12.39
N GLU A 1512 -24.62 42.75 13.69
CA GLU A 1512 -24.09 43.72 14.62
C GLU A 1512 -23.42 43.13 15.85
N ALA A 1513 -23.87 41.97 16.32
CA ALA A 1513 -23.47 41.46 17.64
C ALA A 1513 -23.75 42.54 18.68
N PRO A 1514 -25.01 42.74 19.05
CA PRO A 1514 -25.41 44.00 19.70
C PRO A 1514 -24.64 44.28 20.97
N LYS A 1515 -24.32 45.57 21.18
CA LYS A 1515 -23.60 46.02 22.36
C LYS A 1515 -24.50 46.16 23.59
N ASP A 1516 -25.82 46.06 23.42
CA ASP A 1516 -26.71 46.08 24.56
C ASP A 1516 -26.61 44.76 25.32
N GLY A 1517 -27.35 44.68 26.43
CA GLY A 1517 -27.13 43.62 27.40
C GLY A 1517 -27.60 42.24 26.99
N GLN A 1518 -28.45 42.13 25.97
CA GLN A 1518 -29.10 40.86 25.68
C GLN A 1518 -28.08 39.86 25.13
N LYS A 1519 -28.55 38.64 24.88
CA LYS A 1519 -27.67 37.54 24.53
C LYS A 1519 -27.14 37.70 23.11
N ILE A 1520 -26.43 36.67 22.66
CA ILE A 1520 -25.83 36.68 21.33
C ILE A 1520 -26.49 35.58 20.49
N SER A 1521 -27.74 35.27 20.83
CA SER A 1521 -28.47 34.23 20.13
C SER A 1521 -28.63 34.61 18.65
N PRO A 1522 -28.79 33.63 17.76
CA PRO A 1522 -28.92 33.94 16.33
C PRO A 1522 -30.09 34.83 15.99
N ASP A 1523 -31.14 34.86 16.82
CA ASP A 1523 -32.26 35.74 16.54
C ASP A 1523 -31.87 37.21 16.68
N THR A 1524 -31.02 37.53 17.65
CA THR A 1524 -30.71 38.92 17.97
C THR A 1524 -29.40 39.40 17.35
N VAL A 1525 -28.88 38.69 16.35
CA VAL A 1525 -27.59 39.08 15.77
C VAL A 1525 -27.76 39.44 14.31
N LEU A 1526 -28.97 39.27 13.78
CA LEU A 1526 -29.27 39.67 12.42
C LEU A 1526 -30.52 40.54 12.41
N ARG A 1527 -30.47 41.65 11.67
CA ARG A 1527 -31.63 42.49 11.44
C ARG A 1527 -31.70 42.80 9.96
N LEU A 1528 -32.87 43.22 9.49
CA LEU A 1528 -33.05 43.57 8.09
C LEU A 1528 -33.64 44.97 8.00
N LEU A 1529 -33.11 45.77 7.08
CA LEU A 1529 -33.59 47.13 6.89
C LEU A 1529 -34.22 47.24 5.50
N LEU A 1530 -35.48 47.69 5.47
CA LEU A 1530 -36.15 48.02 4.22
C LEU A 1530 -36.46 49.51 4.21
N PRO A 1531 -35.69 50.33 3.51
CA PRO A 1531 -35.98 51.77 3.44
C PRO A 1531 -37.03 52.07 2.39
N ASP A 1532 -37.33 53.35 2.19
CA ASP A 1532 -38.30 53.75 1.18
C ASP A 1532 -37.73 54.81 0.23
N PRO A 1537 -40.55 57.52 0.10
CA PRO A 1537 -40.23 58.41 1.22
C PRO A 1537 -38.93 58.06 1.92
N GLU A 1538 -38.87 58.27 3.23
CA GLU A 1538 -37.67 57.97 4.02
C GLU A 1538 -37.96 57.07 5.20
N ALA A 1539 -39.17 56.54 5.31
CA ALA A 1539 -39.47 55.55 6.33
C ALA A 1539 -38.63 54.30 6.09
N LEU A 1540 -38.20 53.67 7.17
CA LEU A 1540 -37.34 52.49 7.09
C LEU A 1540 -37.82 51.48 8.12
N ARG A 1541 -38.28 50.32 7.64
CA ARG A 1541 -38.86 49.30 8.48
C ARG A 1541 -37.81 48.25 8.80
N THR A 1542 -37.69 47.91 10.10
CA THR A 1542 -36.76 46.90 10.55
C THR A 1542 -37.46 45.56 10.66
N TYR A 1543 -36.71 44.49 10.40
CA TYR A 1543 -37.24 43.14 10.37
C TYR A 1543 -36.35 42.23 11.21
N SER A 1544 -37.00 41.41 12.02
CA SER A 1544 -36.31 40.43 12.86
C SER A 1544 -36.28 39.08 12.17
N THR A 1545 -35.51 38.16 12.75
CA THR A 1545 -35.32 36.86 12.13
C THR A 1545 -36.64 36.09 12.02
N GLU A 1546 -37.44 36.08 13.08
CA GLU A 1546 -38.69 35.34 13.05
C GLU A 1546 -39.67 35.95 12.05
N GLU A 1547 -39.70 37.29 11.98
CA GLU A 1547 -40.54 37.94 10.98
C GLU A 1547 -40.12 37.56 9.57
N LEU A 1548 -38.81 37.50 9.33
CA LEU A 1548 -38.32 37.08 8.03
C LEU A 1548 -38.67 35.64 7.72
N LYS A 1549 -38.57 34.77 8.73
CA LYS A 1549 -38.91 33.36 8.52
C LYS A 1549 -40.38 33.19 8.18
N GLU A 1550 -41.27 33.87 8.91
CA GLU A 1550 -42.68 33.75 8.57
C GLU A 1550 -43.00 34.42 7.24
N LEU A 1551 -42.27 35.47 6.90
CA LEU A 1551 -42.35 36.02 5.55
C LEU A 1551 -41.98 34.97 4.51
N LEU A 1552 -40.92 34.20 4.78
CA LEU A 1552 -40.52 33.14 3.87
C LEU A 1552 -41.63 32.11 3.73
N ASN A 1553 -42.27 31.76 4.84
CA ASN A 1553 -43.40 30.86 4.76
C ASN A 1553 -44.48 31.41 3.85
N LYS A 1554 -44.86 32.67 4.08
CA LYS A 1554 -45.98 33.25 3.35
C LYS A 1554 -45.71 33.32 1.86
N LEU A 1555 -44.51 33.73 1.47
CA LEU A 1555 -44.24 33.82 0.03
C LEU A 1555 -43.85 32.48 -0.54
N MET A 1556 -43.58 31.49 0.31
CA MET A 1556 -43.37 30.13 -0.14
C MET A 1556 -44.68 29.43 -0.41
N LEU A 1557 -45.78 29.90 0.19
CA LEU A 1557 -47.12 29.39 -0.09
C LEU A 1557 -47.94 30.33 -0.95
N MET A 1558 -47.33 31.00 -1.92
CA MET A 1558 -48.08 31.77 -2.90
C MET A 1558 -48.79 30.84 -3.86
N SER A 1559 -49.73 31.40 -4.63
CA SER A 1559 -50.49 30.62 -5.59
C SER A 1559 -49.65 30.35 -6.83
N GLY A 1560 -50.30 29.81 -7.86
CA GLY A 1560 -49.62 29.53 -9.10
C GLY A 1560 -49.73 30.65 -10.11
N LYS A 1561 -48.63 31.40 -10.31
CA LYS A 1561 -48.60 32.45 -11.31
C LYS A 1561 -47.90 32.04 -12.59
N LYS A 1562 -47.15 30.94 -12.58
CA LYS A 1562 -46.61 30.30 -13.77
C LYS A 1562 -45.82 31.29 -14.64
N ASP A 1563 -45.00 32.12 -14.01
CA ASP A 1563 -44.14 33.05 -14.72
C ASP A 1563 -42.72 32.95 -14.18
N HIS A 1564 -41.75 33.23 -15.05
CA HIS A 1564 -40.35 33.20 -14.62
C HIS A 1564 -40.09 34.24 -13.54
N ASN A 1565 -40.66 35.43 -13.69
CA ASN A 1565 -40.33 36.54 -12.79
C ASN A 1565 -40.64 36.20 -11.33
N SER A 1566 -41.87 35.76 -11.06
CA SER A 1566 -42.31 35.59 -9.68
C SER A 1566 -41.51 34.51 -8.96
N ASN A 1567 -41.44 33.31 -9.54
CA ASN A 1567 -40.76 32.23 -8.85
C ASN A 1567 -39.26 32.48 -8.79
N THR A 1568 -38.68 33.06 -9.85
CA THR A 1568 -37.25 33.36 -9.81
C THR A 1568 -36.92 34.36 -8.72
N GLU A 1569 -37.72 35.43 -8.59
CA GLU A 1569 -37.41 36.42 -7.57
C GLU A 1569 -37.67 35.88 -6.17
N VAL A 1570 -38.70 35.05 -5.99
CA VAL A 1570 -38.96 34.52 -4.65
C VAL A 1570 -37.86 33.54 -4.25
N GLU A 1571 -37.38 32.73 -5.19
CA GLU A 1571 -36.32 31.81 -4.81
C GLU A 1571 -35.00 32.54 -4.65
N LYS A 1572 -34.77 33.63 -5.37
CA LYS A 1572 -33.59 34.44 -5.12
C LYS A 1572 -33.62 35.03 -3.72
N PHE A 1573 -34.77 35.54 -3.29
CA PHE A 1573 -34.87 36.05 -1.93
C PHE A 1573 -34.67 34.95 -0.90
N SER A 1574 -35.28 33.78 -1.14
CA SER A 1574 -35.08 32.67 -0.21
C SER A 1574 -33.62 32.27 -0.13
N GLU A 1575 -32.94 32.23 -1.28
CA GLU A 1575 -31.54 31.84 -1.32
C GLU A 1575 -30.65 32.83 -0.60
N VAL A 1576 -30.87 34.13 -0.83
CA VAL A 1576 -30.04 35.12 -0.14
C VAL A 1576 -30.31 35.07 1.36
N PHE A 1577 -31.56 34.83 1.75
CA PHE A 1577 -31.84 34.67 3.17
C PHE A 1577 -31.13 33.47 3.75
N SER A 1578 -31.11 32.36 3.01
CA SER A 1578 -30.44 31.16 3.51
C SER A 1578 -28.96 31.41 3.70
N ASN A 1579 -28.33 32.06 2.71
CA ASN A 1579 -26.90 32.32 2.82
C ASN A 1579 -26.61 33.32 3.93
N MET A 1580 -27.51 34.28 4.12
CA MET A 1580 -27.34 35.26 5.19
C MET A 1580 -27.42 34.58 6.55
N GLN A 1581 -28.42 33.74 6.74
CA GLN A 1581 -28.55 32.96 7.96
C GLN A 1581 -27.34 32.08 8.18
N ARG A 1582 -26.77 31.54 7.10
CA ARG A 1582 -25.63 30.65 7.22
C ARG A 1582 -24.37 31.42 7.62
N LEU A 1583 -24.19 32.63 7.10
CA LEU A 1583 -23.09 33.45 7.57
C LEU A 1583 -23.29 33.81 9.04
N VAL A 1584 -24.53 34.07 9.43
CA VAL A 1584 -24.84 34.25 10.84
C VAL A 1584 -24.45 33.02 11.64
N HIS A 1585 -24.71 31.84 11.10
CA HIS A 1585 -24.41 30.58 11.77
C HIS A 1585 -22.91 30.44 12.01
N VAL A 1586 -22.12 30.64 10.95
CA VAL A 1586 -20.68 30.52 11.09
C VAL A 1586 -20.14 31.60 12.02
N PHE A 1587 -20.70 32.81 11.94
CA PHE A 1587 -20.24 33.88 12.80
C PHE A 1587 -20.53 33.60 14.26
N ILE A 1588 -21.71 33.05 14.56
CA ILE A 1588 -22.04 32.76 15.96
C ILE A 1588 -21.23 31.58 16.46
N LYS A 1589 -20.94 30.60 15.60
CA LYS A 1589 -20.01 29.55 15.99
C LYS A 1589 -18.66 30.16 16.36
N LEU A 1590 -18.16 31.10 15.55
CA LEU A 1590 -16.90 31.75 15.86
C LEU A 1590 -16.98 32.52 17.17
N HIS A 1591 -18.09 33.24 17.38
CA HIS A 1591 -18.23 34.05 18.58
C HIS A 1591 -18.23 33.17 19.82
N CYS A 1592 -18.94 32.04 19.77
CA CYS A 1592 -18.92 31.12 20.91
C CYS A 1592 -17.60 30.38 21.03
N ALA A 1593 -16.79 30.36 19.96
CA ALA A 1593 -15.45 29.80 20.08
C ALA A 1593 -14.52 30.74 20.82
N GLY A 1594 -14.74 32.05 20.72
CA GLY A 1594 -13.91 33.03 21.39
C GLY A 1594 -12.86 33.58 20.45
N ASN A 1595 -13.09 34.79 19.94
CA ASN A 1595 -12.29 35.32 18.84
C ASN A 1595 -11.60 36.63 19.16
N MET A 1596 -12.34 37.60 19.72
CA MET A 1596 -11.87 38.96 19.96
C MET A 1596 -11.65 39.75 18.67
N LEU A 1597 -11.74 39.10 17.52
CA LEU A 1597 -11.67 39.80 16.25
C LEU A 1597 -13.04 40.12 15.68
N PHE A 1598 -14.07 39.36 16.05
CA PHE A 1598 -15.42 39.59 15.56
C PHE A 1598 -16.36 40.11 16.62
N ARG A 1599 -15.86 40.40 17.83
CA ARG A 1599 -16.72 40.96 18.85
C ARG A 1599 -17.29 42.30 18.42
N THR A 1600 -16.45 43.15 17.83
CA THR A 1600 -16.90 44.42 17.28
C THR A 1600 -17.02 44.39 15.77
N TRP A 1601 -17.11 43.20 15.19
CA TRP A 1601 -17.40 43.06 13.78
C TRP A 1601 -18.83 43.52 13.49
N THR A 1602 -19.04 44.00 12.28
CA THR A 1602 -20.40 44.26 11.80
C THR A 1602 -20.38 44.21 10.28
N ALA A 1603 -21.54 43.90 9.71
CA ALA A 1603 -21.59 43.65 8.27
C ALA A 1603 -22.92 44.10 7.71
N LYS A 1604 -22.87 44.85 6.61
CA LYS A 1604 -24.06 45.24 5.85
C LYS A 1604 -24.03 44.53 4.51
N VAL A 1605 -25.11 43.82 4.19
CA VAL A 1605 -25.24 43.13 2.91
C VAL A 1605 -26.40 43.76 2.16
N TYR A 1606 -26.09 44.37 1.02
CA TYR A 1606 -27.09 45.07 0.21
C TYR A 1606 -27.70 44.08 -0.77
N CYS A 1607 -28.93 43.65 -0.48
CA CYS A 1607 -29.61 42.69 -1.34
C CYS A 1607 -29.85 43.26 -2.73
N CYS A 1608 -29.73 44.57 -2.90
CA CYS A 1608 -29.88 45.18 -4.21
C CYS A 1608 -28.88 44.57 -5.19
N PRO A 1609 -29.26 44.36 -6.45
CA PRO A 1609 -28.28 43.90 -7.43
C PRO A 1609 -27.13 44.88 -7.54
N ASP A 1610 -25.93 44.34 -7.71
CA ASP A 1610 -24.69 45.13 -7.72
C ASP A 1610 -24.48 45.86 -6.40
N GLY A 1611 -25.00 45.29 -5.30
CA GLY A 1611 -24.92 45.96 -4.03
C GLY A 1611 -23.73 45.56 -3.18
N GLY A 1612 -23.20 44.36 -3.39
CA GLY A 1612 -21.99 43.95 -2.70
C GLY A 1612 -22.17 43.79 -1.20
N ILE A 1613 -21.03 43.88 -0.51
CA ILE A 1613 -20.96 43.70 0.94
C ILE A 1613 -20.20 44.89 1.52
N PHE A 1614 -20.40 45.16 2.80
CA PHE A 1614 -19.67 46.20 3.52
C PHE A 1614 -19.32 45.67 4.90
N MET A 1615 -18.08 45.24 5.06
CA MET A 1615 -17.58 44.73 6.34
C MET A 1615 -17.13 45.89 7.20
N ASN A 1616 -16.99 45.63 8.49
CA ASN A 1616 -16.48 46.66 9.39
C ASN A 1616 -15.97 45.99 10.66
N PHE A 1617 -14.89 46.55 11.20
CA PHE A 1617 -14.25 46.03 12.41
C PHE A 1617 -14.14 47.17 13.41
N GLY A 1618 -14.23 46.83 14.68
CA GLY A 1618 -14.24 47.83 15.73
C GLY A 1618 -12.87 48.26 16.20
N LEU A 1619 -12.06 48.75 15.26
CA LEU A 1619 -10.73 49.25 15.55
C LEU A 1619 -10.40 50.37 14.57
N GLU A 1620 -9.63 51.34 15.03
CA GLU A 1620 -9.33 52.50 14.20
C GLU A 1620 -8.14 52.27 13.27
N LEU A 1621 -7.31 51.28 13.57
CA LEU A 1621 -6.08 51.04 12.81
C LEU A 1621 -6.29 50.19 11.57
N LEU A 1622 -7.51 49.72 11.32
CA LEU A 1622 -7.85 49.03 10.09
C LEU A 1622 -9.07 49.71 9.47
N SER A 1623 -8.95 50.08 8.20
CA SER A 1623 -10.00 50.78 7.48
C SER A 1623 -11.11 49.82 7.08
N GLN A 1624 -12.22 50.39 6.65
CA GLN A 1624 -13.38 49.59 6.27
C GLN A 1624 -13.06 48.73 5.05
N LEU A 1625 -13.77 47.62 4.94
CA LEU A 1625 -13.60 46.66 3.86
C LEU A 1625 -14.93 46.51 3.13
N THR A 1626 -14.93 46.74 1.82
CA THR A 1626 -16.16 46.63 1.04
C THR A 1626 -15.86 45.96 -0.30
N GLU A 1627 -16.88 45.31 -0.86
CA GLU A 1627 -16.81 44.74 -2.20
C GLU A 1627 -17.94 45.24 -3.08
N LYS A 1628 -18.07 44.65 -4.26
CA LYS A 1628 -19.19 44.86 -5.17
C LYS A 1628 -19.38 43.58 -5.97
N GLY A 1629 -20.55 43.45 -6.60
CA GLY A 1629 -20.85 42.30 -7.41
C GLY A 1629 -22.13 41.63 -6.94
N ASP A 1630 -22.48 40.54 -7.62
CA ASP A 1630 -23.69 39.80 -7.26
C ASP A 1630 -23.54 39.23 -5.86
N VAL A 1631 -24.64 39.27 -5.09
CA VAL A 1631 -24.55 38.98 -3.67
C VAL A 1631 -24.41 37.49 -3.40
N ILE A 1632 -24.89 36.65 -4.33
CA ILE A 1632 -25.06 35.23 -3.99
C ILE A 1632 -23.72 34.51 -4.00
N GLN A 1633 -22.91 34.69 -5.05
CA GLN A 1633 -21.61 34.04 -5.06
C GLN A 1633 -20.62 34.72 -4.15
N LEU A 1634 -20.75 36.03 -3.97
CA LEU A 1634 -19.93 36.73 -2.98
C LEU A 1634 -20.21 36.19 -1.59
N LEU A 1635 -21.49 35.97 -1.26
CA LEU A 1635 -21.83 35.44 0.05
C LEU A 1635 -21.36 34.00 0.19
N GLY A 1636 -21.48 33.19 -0.86
CA GLY A 1636 -20.94 31.85 -0.81
C GLY A 1636 -19.44 31.85 -0.52
N ALA A 1637 -18.70 32.70 -1.22
CA ALA A 1637 -17.26 32.80 -0.98
C ALA A 1637 -16.97 33.27 0.45
N LEU A 1638 -17.71 34.27 0.92
CA LEU A 1638 -17.49 34.78 2.27
C LEU A 1638 -17.75 33.70 3.31
N CYS A 1639 -18.78 32.89 3.10
CA CYS A 1639 -19.07 31.82 4.05
C CYS A 1639 -18.01 30.73 4.00
N ARG A 1640 -17.56 30.34 2.81
CA ARG A 1640 -16.50 29.34 2.71
C ARG A 1640 -15.26 29.82 3.45
N GLN A 1641 -14.86 31.06 3.22
CA GLN A 1641 -13.68 31.62 3.88
C GLN A 1641 -13.89 31.68 5.39
N MET A 1642 -15.10 32.04 5.83
CA MET A 1642 -15.37 32.13 7.26
C MET A 1642 -15.26 30.76 7.93
N GLU A 1643 -15.82 29.71 7.30
CA GLU A 1643 -15.70 28.37 7.87
C GLU A 1643 -14.24 27.91 7.91
N ASP A 1644 -13.49 28.16 6.84
CA ASP A 1644 -12.08 27.79 6.86
C ASP A 1644 -11.33 28.53 7.96
N PHE A 1645 -11.67 29.81 8.18
CA PHE A 1645 -11.06 30.54 9.28
C PHE A 1645 -11.47 29.98 10.63
N LEU A 1646 -12.70 29.50 10.75
CA LEU A 1646 -13.14 28.88 12.00
C LEU A 1646 -12.33 27.63 12.29
N ASP A 1647 -12.09 26.81 11.26
CA ASP A 1647 -11.25 25.63 11.45
C ASP A 1647 -9.85 26.02 11.87
N ASN A 1648 -9.27 27.03 11.22
CA ASN A 1648 -7.93 27.46 11.61
C ASN A 1648 -7.93 28.02 13.02
N TRP A 1649 -9.01 28.69 13.42
CA TRP A 1649 -9.05 29.28 14.76
C TRP A 1649 -9.19 28.23 15.84
N LYS A 1650 -10.03 27.22 15.61
CA LYS A 1650 -10.10 26.15 16.60
C LYS A 1650 -8.77 25.42 16.69
N THR A 1651 -8.09 25.25 15.55
CA THR A 1651 -6.76 24.63 15.57
C THR A 1651 -5.77 25.46 16.39
N VAL A 1652 -5.75 26.78 16.17
CA VAL A 1652 -4.75 27.59 16.86
C VAL A 1652 -5.06 27.71 18.34
N VAL A 1653 -6.35 27.77 18.71
CA VAL A 1653 -6.65 27.81 20.15
C VAL A 1653 -6.33 26.48 20.80
N ALA A 1654 -6.57 25.36 20.11
CA ALA A 1654 -6.17 24.07 20.67
C ALA A 1654 -4.67 24.01 20.86
N GLN A 1655 -3.91 24.48 19.88
CA GLN A 1655 -2.45 24.46 19.99
C GLN A 1655 -1.98 25.38 21.12
N LYS A 1656 -2.54 26.58 21.21
CA LYS A 1656 -2.06 27.54 22.21
C LYS A 1656 -2.47 27.11 23.62
N ARG A 1657 -3.65 26.52 23.76
CA ARG A 1657 -4.02 25.93 25.04
C ARG A 1657 -3.08 24.79 25.41
N ALA A 1658 -2.58 24.05 24.41
CA ALA A 1658 -1.66 22.96 24.68
C ALA A 1658 -0.32 23.42 25.20
N GLU A 1659 -0.01 24.72 25.11
CA GLU A 1659 1.27 25.24 25.57
C GLU A 1659 1.22 25.79 26.99
N HIS A 1660 0.34 26.74 27.26
CA HIS A 1660 0.12 27.25 28.60
C HIS A 1660 -0.86 26.33 29.32
N PHE A 1661 -0.49 25.88 30.51
CA PHE A 1661 -1.42 25.08 31.28
C PHE A 1661 -2.52 25.94 31.87
N TYR A 1662 -2.14 26.98 32.62
CA TYR A 1662 -3.10 27.73 33.41
C TYR A 1662 -4.17 28.37 32.53
N LEU A 1663 -3.85 28.69 31.29
CA LEU A 1663 -4.84 29.16 30.34
C LEU A 1663 -5.80 28.05 29.91
N ASN A 1664 -5.51 26.79 30.27
CA ASN A 1664 -6.50 25.71 30.13
C ASN A 1664 -7.48 25.68 31.29
N PHE A 1665 -7.31 26.55 32.29
CA PHE A 1665 -8.21 26.55 33.44
C PHE A 1665 -9.61 26.96 33.05
N TYR A 1666 -9.75 28.15 32.47
CA TYR A 1666 -11.04 28.75 32.21
C TYR A 1666 -11.60 28.32 30.86
N THR A 1667 -12.90 28.44 30.72
CA THR A 1667 -13.57 28.15 29.47
C THR A 1667 -13.38 29.32 28.50
N ALA A 1668 -13.67 29.05 27.22
CA ALA A 1668 -13.30 29.98 26.14
C ALA A 1668 -13.85 31.37 26.38
N GLU A 1669 -15.12 31.47 26.75
CA GLU A 1669 -15.71 32.79 27.00
C GLU A 1669 -15.09 33.43 28.24
N GLN A 1670 -14.71 32.63 29.23
CA GLN A 1670 -13.95 33.20 30.33
C GLN A 1670 -12.59 33.68 29.85
N LEU A 1671 -12.00 33.02 28.86
CA LEU A 1671 -10.77 33.54 28.28
C LEU A 1671 -10.99 34.89 27.62
N VAL A 1672 -12.07 35.05 26.85
CA VAL A 1672 -12.27 36.35 26.21
C VAL A 1672 -12.53 37.41 27.27
N TYR A 1673 -13.30 37.08 28.31
CA TYR A 1673 -13.55 38.05 29.38
C TYR A 1673 -12.25 38.42 30.10
N LEU A 1674 -11.39 37.43 30.37
CA LEU A 1674 -10.12 37.71 31.02
C LEU A 1674 -9.23 38.59 30.16
N SER A 1675 -9.15 38.29 28.87
CA SER A 1675 -8.35 39.09 27.96
C SER A 1675 -8.86 40.52 27.90
N SER A 1676 -10.18 40.70 27.92
CA SER A 1676 -10.72 42.05 27.97
C SER A 1676 -10.37 42.75 29.28
N GLU A 1677 -10.58 42.06 30.40
CA GLU A 1677 -10.51 42.70 31.71
C GLU A 1677 -9.09 43.02 32.16
N LEU A 1678 -8.12 42.14 31.88
CA LEU A 1678 -6.78 42.33 32.45
C LEU A 1678 -6.09 43.59 31.95
N ARG A 1679 -6.58 44.20 30.87
CA ARG A 1679 -5.99 45.45 30.40
C ARG A 1679 -6.51 46.67 31.17
N LYS A 1680 -7.59 46.53 31.93
CA LYS A 1680 -8.07 47.65 32.71
C LYS A 1680 -7.07 48.00 33.79
N PRO A 1681 -6.81 49.29 34.04
CA PRO A 1681 -5.90 49.66 35.12
C PRO A 1681 -6.39 49.22 36.50
N ARG A 1682 -7.69 49.27 36.75
CA ARG A 1682 -8.29 48.89 38.04
C ARG A 1682 -9.38 47.87 37.75
N PRO A 1683 -9.01 46.60 37.60
CA PRO A 1683 -9.99 45.60 37.20
C PRO A 1683 -11.10 45.45 38.23
N SER A 1684 -12.29 45.11 37.74
CA SER A 1684 -13.41 44.84 38.62
C SER A 1684 -13.16 43.58 39.44
N GLU A 1685 -14.10 43.28 40.34
CA GLU A 1685 -13.87 42.19 41.28
C GLU A 1685 -14.22 40.82 40.71
N ALA A 1686 -14.93 40.77 39.58
CA ALA A 1686 -15.29 39.47 39.00
C ALA A 1686 -14.05 38.72 38.52
N ALA A 1687 -13.20 39.39 37.74
CA ALA A 1687 -12.00 38.73 37.25
C ALA A 1687 -10.97 38.57 38.35
N LEU A 1688 -10.98 39.47 39.34
CA LEU A 1688 -10.13 39.24 40.52
C LEU A 1688 -10.53 37.97 41.25
N MET A 1689 -11.83 37.76 41.45
CA MET A 1689 -12.29 36.53 42.08
C MET A 1689 -11.94 35.32 41.24
N MET A 1690 -12.11 35.40 39.93
CA MET A 1690 -11.83 34.24 39.08
C MET A 1690 -10.33 34.00 38.90
N LEU A 1691 -9.50 35.02 39.11
CA LEU A 1691 -8.05 34.83 39.23
C LEU A 1691 -7.67 34.23 40.56
N SER A 1692 -8.45 34.48 41.60
CA SER A 1692 -8.20 33.87 42.90
C SER A 1692 -8.28 32.36 42.84
N PHE A 1693 -8.57 31.78 41.69
CA PHE A 1693 -8.56 30.33 41.54
C PHE A 1693 -7.23 29.78 41.02
N ILE A 1694 -6.34 30.66 40.57
CA ILE A 1694 -4.97 30.28 40.19
C ILE A 1694 -3.97 30.87 41.16
N LYS A 1695 -3.88 32.21 41.22
CA LYS A 1695 -3.02 32.83 42.21
C LYS A 1695 -3.59 32.69 43.61
N GLY A 1696 -4.88 32.96 43.78
CA GLY A 1696 -5.49 32.96 45.10
C GLY A 1696 -5.34 34.30 45.76
N LYS A 1697 -6.47 34.92 46.13
CA LYS A 1697 -6.47 36.25 46.75
C LYS A 1697 -5.69 37.24 45.90
N CYS A 1698 -5.92 37.22 44.59
CA CYS A 1698 -5.24 38.12 43.68
C CYS A 1698 -5.65 39.56 43.96
N THR A 1699 -4.74 40.49 43.69
CA THR A 1699 -4.99 41.91 43.90
C THR A 1699 -4.50 42.68 42.68
N VAL A 1700 -4.72 44.00 42.70
CA VAL A 1700 -4.35 44.84 41.57
C VAL A 1700 -2.84 44.83 41.37
N GLN A 1701 -2.08 44.95 42.45
CA GLN A 1701 -0.62 45.06 42.32
C GLN A 1701 -0.03 43.79 41.72
N ASP A 1702 -0.50 42.62 42.15
CA ASP A 1702 0.05 41.37 41.63
C ASP A 1702 -0.34 41.18 40.17
N LEU A 1703 -1.57 41.55 39.81
CA LEU A 1703 -2.00 41.42 38.42
C LEU A 1703 -1.23 42.37 37.50
N VAL A 1704 -0.96 43.59 37.97
CA VAL A 1704 -0.18 44.50 37.13
C VAL A 1704 1.27 44.05 37.06
N GLN A 1705 1.79 43.43 38.13
CA GLN A 1705 3.12 42.83 38.04
C GLN A 1705 3.16 41.73 36.99
N ALA A 1706 2.11 40.90 36.94
CA ALA A 1706 2.06 39.83 35.96
C ALA A 1706 1.90 40.37 34.54
N THR A 1707 1.11 41.43 34.37
CA THR A 1707 0.87 41.97 33.04
C THR A 1707 1.97 42.91 32.58
N SER A 1708 2.86 43.34 33.47
CA SER A 1708 3.97 44.20 33.09
C SER A 1708 5.26 43.43 32.87
N ALA A 1709 5.42 42.30 33.57
CA ALA A 1709 6.58 41.45 33.38
C ALA A 1709 6.30 40.31 32.42
N CYS A 1710 5.20 40.37 31.68
CA CYS A 1710 4.90 39.37 30.66
C CYS A 1710 5.38 39.81 29.28
N GLU A 1711 5.21 41.08 28.94
CA GLU A 1711 5.55 41.59 27.62
C GLU A 1711 6.99 42.10 27.59
N SER A 1712 7.57 42.08 26.40
CA SER A 1712 8.88 42.65 26.15
C SER A 1712 8.80 43.65 25.00
N LYS A 1713 9.76 44.57 24.97
CA LYS A 1713 9.81 45.55 23.89
C LYS A 1713 10.07 44.89 22.54
N ALA A 1714 10.57 43.65 22.53
CA ALA A 1714 10.66 42.91 21.28
C ALA A 1714 9.29 42.66 20.68
N ASP A 1715 8.32 42.29 21.51
CA ASP A 1715 6.94 42.15 21.04
C ASP A 1715 6.42 43.47 20.49
N ARG A 1716 6.76 44.58 21.16
CA ARG A 1716 6.31 45.89 20.68
C ARG A 1716 6.92 46.22 19.33
N TYR A 1717 8.20 45.91 19.13
CA TYR A 1717 8.82 46.12 17.83
C TYR A 1717 8.14 45.26 16.76
N CYS A 1718 7.83 44.02 17.10
CA CYS A 1718 7.12 43.15 16.16
C CYS A 1718 5.78 43.74 15.77
N LEU A 1719 5.03 44.24 16.75
CA LEU A 1719 3.73 44.86 16.47
C LEU A 1719 3.89 46.11 15.61
N ARG A 1720 4.91 46.92 15.88
CA ARG A 1720 5.16 48.09 15.04
C ARG A 1720 5.49 47.67 13.61
N GLU A 1721 6.26 46.60 13.45
CA GLU A 1721 6.55 46.08 12.12
C GLU A 1721 5.28 45.65 11.40
N VAL A 1722 4.41 44.93 12.09
CA VAL A 1722 3.16 44.48 11.44
C VAL A 1722 2.28 45.68 11.09
N MET A 1723 2.24 46.68 11.96
CA MET A 1723 1.46 47.89 11.68
C MET A 1723 2.01 48.63 10.45
N LYS A 1724 3.33 48.75 10.34
CA LYS A 1724 3.90 49.41 9.17
C LYS A 1724 3.86 48.54 7.92
N LYS A 1725 3.61 47.23 8.07
CA LYS A 1725 3.60 46.32 6.94
C LYS A 1725 2.21 46.08 6.37
N LEU A 1726 1.20 46.02 7.23
CA LEU A 1726 -0.12 45.52 6.82
C LEU A 1726 -0.80 46.34 5.73
N PRO A 1727 -0.94 47.67 5.85
CA PRO A 1727 -1.81 48.37 4.87
C PRO A 1727 -1.39 48.19 3.43
N GLN A 1728 -0.08 48.15 3.14
CA GLN A 1728 0.33 47.89 1.78
C GLN A 1728 0.04 46.45 1.37
N GLN A 1729 0.05 45.52 2.34
CA GLN A 1729 -0.40 44.16 2.04
C GLN A 1729 -1.88 44.17 1.66
N LEU A 1730 -2.68 44.95 2.37
CA LEU A 1730 -4.09 45.09 2.02
C LEU A 1730 -4.26 45.63 0.61
N LEU A 1731 -3.53 46.71 0.29
CA LEU A 1731 -3.62 47.29 -1.04
C LEU A 1731 -3.00 46.41 -2.11
N SER A 1732 -2.21 45.41 -1.72
CA SER A 1732 -1.57 44.53 -2.69
C SER A 1732 -2.61 43.70 -3.45
N GLU A 1733 -3.51 43.04 -2.74
CA GLU A 1733 -4.55 42.25 -3.38
C GLU A 1733 -5.67 43.19 -3.85
N PRO A 1734 -6.02 43.17 -5.13
CA PRO A 1734 -6.98 44.17 -5.63
C PRO A 1734 -8.34 44.07 -4.99
N SER A 1735 -8.98 42.91 -5.08
CA SER A 1735 -10.28 42.70 -4.47
C SER A 1735 -10.12 42.46 -2.97
N LEU A 1736 -11.25 42.42 -2.27
CA LEU A 1736 -11.21 42.27 -0.83
C LEU A 1736 -10.86 40.87 -0.37
N MET A 1737 -11.04 39.86 -1.21
CA MET A 1737 -10.82 38.49 -0.76
C MET A 1737 -9.39 38.30 -0.27
N GLY A 1738 -8.42 38.81 -1.02
CA GLY A 1738 -7.04 38.68 -0.62
C GLY A 1738 -6.71 39.44 0.64
N LYS A 1739 -7.18 40.69 0.73
CA LYS A 1739 -6.90 41.49 1.93
C LYS A 1739 -7.59 40.91 3.15
N LEU A 1740 -8.76 40.29 2.95
CA LEU A 1740 -9.42 39.57 4.03
C LEU A 1740 -8.59 38.37 4.47
N GLN A 1741 -8.15 37.55 3.52
CA GLN A 1741 -7.36 36.38 3.88
C GLN A 1741 -6.10 36.80 4.64
N VAL A 1742 -5.44 37.87 4.20
CA VAL A 1742 -4.18 38.24 4.84
C VAL A 1742 -4.43 38.90 6.20
N ILE A 1743 -5.54 39.63 6.35
CA ILE A 1743 -5.81 40.23 7.65
C ILE A 1743 -6.14 39.15 8.67
N MET A 1744 -6.90 38.13 8.25
CA MET A 1744 -7.21 37.03 9.17
C MET A 1744 -5.97 36.19 9.46
N MET A 1745 -5.12 35.94 8.46
CA MET A 1745 -3.87 35.23 8.71
C MET A 1745 -2.97 35.99 9.68
N GLN A 1746 -2.80 37.29 9.46
CA GLN A 1746 -1.99 38.08 10.38
C GLN A 1746 -2.61 38.10 11.77
N SER A 1747 -3.93 38.13 11.86
CA SER A 1747 -4.60 38.02 13.15
C SER A 1747 -4.22 36.73 13.84
N LEU A 1748 -4.25 35.62 13.11
CA LEU A 1748 -3.87 34.34 13.71
C LEU A 1748 -2.43 34.38 14.19
N VAL A 1749 -1.53 34.95 13.38
CA VAL A 1749 -0.12 34.97 13.74
C VAL A 1749 0.15 36.05 14.80
N TYR A 1750 -0.22 37.30 14.50
CA TYR A 1750 0.00 38.42 15.42
C TYR A 1750 -1.35 39.09 15.70
N MET A 1751 -1.88 38.86 16.90
CA MET A 1751 -3.20 39.36 17.28
C MET A 1751 -3.14 40.63 18.13
N SER A 1752 -2.24 40.66 19.11
CA SER A 1752 -2.32 41.66 20.18
C SER A 1752 -2.20 43.09 19.67
N ALA A 1753 -1.69 43.29 18.46
CA ALA A 1753 -1.56 44.65 17.94
C ALA A 1753 -2.88 45.16 17.36
N PHE A 1754 -3.74 44.26 16.89
CA PHE A 1754 -5.02 44.69 16.34
C PHE A 1754 -5.86 45.38 17.40
N LEU A 1755 -5.85 44.86 18.62
CA LEU A 1755 -6.66 45.36 19.73
C LEU A 1755 -5.73 45.71 20.89
N PRO A 1756 -5.13 46.90 20.89
CA PRO A 1756 -4.25 47.27 22.00
C PRO A 1756 -5.05 47.67 23.24
N HIS A 1757 -6.07 46.87 23.53
CA HIS A 1757 -6.87 47.00 24.74
C HIS A 1757 -7.18 45.63 25.34
N CYS A 1758 -6.44 44.60 24.95
CA CYS A 1758 -6.66 43.24 25.41
C CYS A 1758 -5.33 42.52 25.51
N LEU A 1759 -5.41 41.20 25.70
CA LEU A 1759 -4.26 40.33 25.69
C LEU A 1759 -4.50 39.17 24.74
N ASP A 1760 -3.48 38.80 23.98
CA ASP A 1760 -3.55 37.60 23.17
C ASP A 1760 -3.40 36.37 24.07
N LEU A 1761 -3.46 35.20 23.44
CA LEU A 1761 -3.34 33.96 24.22
C LEU A 1761 -1.96 33.83 24.84
N ASP A 1762 -0.91 34.24 24.12
CA ASP A 1762 0.45 34.14 24.65
C ASP A 1762 0.61 35.02 25.89
N ALA A 1763 0.18 36.28 25.80
CA ALA A 1763 0.32 37.18 26.93
C ALA A 1763 -0.52 36.70 28.11
N LEU A 1764 -1.72 36.20 27.85
CA LEU A 1764 -2.55 35.68 28.93
C LEU A 1764 -1.87 34.50 29.62
N GLY A 1765 -1.33 33.56 28.84
CA GLY A 1765 -0.66 32.43 29.44
C GLY A 1765 0.54 32.86 30.26
N ARG A 1766 1.32 33.80 29.74
CA ARG A 1766 2.48 34.28 30.50
C ARG A 1766 2.04 34.95 31.80
N CYS A 1767 0.97 35.75 31.75
CA CYS A 1767 0.51 36.42 32.95
C CYS A 1767 0.03 35.42 34.00
N LEU A 1768 -0.74 34.41 33.58
CA LEU A 1768 -1.21 33.41 34.52
C LEU A 1768 -0.05 32.62 35.10
N ALA A 1769 0.94 32.29 34.27
CA ALA A 1769 2.14 31.63 34.77
C ALA A 1769 2.86 32.48 35.80
N HIS A 1770 2.94 33.79 35.55
CA HIS A 1770 3.60 34.67 36.50
C HIS A 1770 2.85 34.73 37.83
N LEU A 1771 1.52 34.82 37.77
CA LEU A 1771 0.73 34.77 39.00
C LEU A 1771 0.96 33.46 39.73
N ALA A 1772 1.08 32.36 39.00
CA ALA A 1772 1.44 31.10 39.64
C ALA A 1772 2.79 31.19 40.32
N THR A 1773 3.75 31.87 39.69
CA THR A 1773 5.09 31.97 40.26
C THR A 1773 5.09 32.77 41.56
N MET A 1774 4.32 33.86 41.62
CA MET A 1774 4.26 34.61 42.88
C MET A 1774 3.45 33.85 43.93
N GLY A 1775 2.44 33.09 43.52
CA GLY A 1775 1.68 32.31 44.47
C GLY A 1775 2.26 30.93 44.66
N GLY A 1776 3.07 30.77 45.71
CA GLY A 1776 3.80 29.55 45.95
C GLY A 1776 3.07 28.57 46.81
N THR A 1777 3.84 27.76 47.54
CA THR A 1777 3.32 26.66 48.36
C THR A 1777 2.42 25.77 47.51
N PRO A 1778 2.96 25.09 46.50
CA PRO A 1778 2.10 24.32 45.60
C PRO A 1778 1.47 23.14 46.30
N VAL A 1779 0.35 22.69 45.75
CA VAL A 1779 -0.46 21.66 46.40
C VAL A 1779 -0.01 20.29 45.93
N GLU A 1780 0.23 19.40 46.89
CA GLU A 1780 0.70 18.04 46.64
C GLU A 1780 -0.34 17.07 47.21
N ARG A 1781 -0.69 16.06 46.43
CA ARG A 1781 -1.66 15.06 46.87
C ARG A 1781 -1.26 13.67 46.39
N PRO A 1782 -0.81 12.79 47.27
CA PRO A 1782 -0.51 11.41 46.86
C PRO A 1782 -1.77 10.59 46.67
N LEU A 1783 -1.61 9.50 45.93
CA LEU A 1783 -2.69 8.57 45.64
C LEU A 1783 -2.97 7.65 46.83
N PRO A 1784 -4.13 7.01 46.84
CA PRO A 1784 -4.41 5.99 47.85
C PRO A 1784 -3.62 4.71 47.59
N LYS A 1785 -3.60 3.84 48.60
CA LYS A 1785 -3.04 2.51 48.43
C LYS A 1785 -3.85 1.73 47.41
N GLY A 1786 -3.15 1.04 46.51
CA GLY A 1786 -3.83 0.23 45.51
C GLY A 1786 -4.31 0.96 44.29
N LEU A 1787 -3.90 2.21 44.10
CA LEU A 1787 -4.27 2.99 42.92
C LEU A 1787 -3.01 3.27 42.10
N GLN A 1788 -3.02 2.84 40.85
CA GLN A 1788 -1.87 3.07 39.98
C GLN A 1788 -1.78 4.55 39.60
N ALA A 1789 -0.54 5.01 39.41
CA ALA A 1789 -0.26 6.43 39.24
C ALA A 1789 0.15 6.80 37.81
N GLY A 1790 -0.15 5.97 36.83
CA GLY A 1790 0.21 6.29 35.47
C GLY A 1790 -0.91 6.10 34.48
N GLN A 1791 -2.00 5.48 34.92
CA GLN A 1791 -3.13 5.11 34.09
C GLN A 1791 -4.41 5.58 34.74
N PRO A 1792 -5.51 5.65 34.00
CA PRO A 1792 -6.79 6.00 34.61
C PRO A 1792 -7.14 5.04 35.73
N ASN A 1793 -7.63 5.60 36.83
CA ASN A 1793 -8.03 4.83 38.01
C ASN A 1793 -9.56 4.82 38.05
N LEU A 1794 -10.16 3.80 37.45
CA LEU A 1794 -11.62 3.70 37.40
C LEU A 1794 -12.15 3.03 38.67
N ILE A 1795 -13.17 3.62 39.25
CA ILE A 1795 -13.81 3.12 40.47
C ILE A 1795 -15.30 3.06 40.22
N LEU A 1796 -15.93 1.97 40.68
CA LEU A 1796 -17.37 1.79 40.57
C LEU A 1796 -17.92 1.66 41.99
N CYS A 1797 -18.18 2.80 42.63
CA CYS A 1797 -18.41 2.82 44.07
C CYS A 1797 -19.84 2.54 44.48
N GLY A 1798 -20.82 3.19 43.88
CA GLY A 1798 -22.18 3.15 44.37
C GLY A 1798 -22.69 4.56 44.58
N HIS A 1799 -23.95 4.79 44.21
CA HIS A 1799 -24.43 6.16 44.05
C HIS A 1799 -24.45 6.93 45.36
N SER A 1800 -24.63 6.24 46.47
CA SER A 1800 -24.61 6.90 47.77
C SER A 1800 -23.23 6.88 48.42
N GLU A 1801 -22.21 6.44 47.70
CA GLU A 1801 -20.86 6.35 48.24
C GLU A 1801 -19.81 7.02 47.38
N VAL A 1802 -20.15 7.40 46.14
CA VAL A 1802 -19.17 7.98 45.22
C VAL A 1802 -18.59 9.26 45.80
N LEU A 1803 -19.47 10.14 46.27
CA LEU A 1803 -18.99 11.43 46.78
C LEU A 1803 -18.15 11.26 48.05
N PRO A 1804 -18.57 10.47 49.05
CA PRO A 1804 -17.65 10.18 50.15
C PRO A 1804 -16.40 9.46 49.71
N ALA A 1805 -16.48 8.62 48.68
CA ALA A 1805 -15.27 7.96 48.16
C ALA A 1805 -14.25 8.99 47.72
N ALA A 1806 -14.68 9.98 46.92
CA ALA A 1806 -13.77 11.02 46.47
C ALA A 1806 -13.26 11.86 47.64
N LEU A 1807 -14.16 12.22 48.56
CA LEU A 1807 -13.74 13.04 49.69
C LEU A 1807 -12.78 12.30 50.60
N ALA A 1808 -12.78 10.96 50.56
CA ALA A 1808 -11.80 10.18 51.31
C ALA A 1808 -10.51 9.99 50.53
N ILE A 1809 -10.60 9.88 49.20
CA ILE A 1809 -9.41 9.84 48.36
C ILE A 1809 -8.56 11.09 48.61
N TYR A 1810 -9.22 12.24 48.70
CA TYR A 1810 -8.47 13.48 48.93
C TYR A 1810 -8.08 13.67 50.39
N MET A 1811 -8.52 12.78 51.29
CA MET A 1811 -8.18 12.94 52.71
C MET A 1811 -6.69 12.73 52.95
N GLN A 1812 -6.02 11.99 52.06
CA GLN A 1812 -4.65 11.57 52.28
C GLN A 1812 -3.66 12.72 52.19
N ALA A 1813 -4.17 13.94 52.15
CA ALA A 1813 -3.34 15.15 52.21
C ALA A 1813 -3.85 16.02 53.36
N PRO A 1814 -3.60 15.63 54.61
CA PRO A 1814 -3.97 16.50 55.72
C PRO A 1814 -3.22 17.82 55.64
N ARG A 1815 -3.86 18.87 56.14
CA ARG A 1815 -3.34 20.23 56.15
C ARG A 1815 -3.00 20.72 54.74
N GLN A 1816 -3.53 20.10 53.70
CA GLN A 1816 -3.39 20.61 52.36
C GLN A 1816 -4.64 21.40 51.96
N PRO A 1817 -4.50 22.49 51.21
CA PRO A 1817 -5.68 23.25 50.80
C PRO A 1817 -6.66 22.39 50.01
N LEU A 1818 -7.95 22.67 50.21
CA LEU A 1818 -9.01 21.85 49.65
C LEU A 1818 -9.02 21.96 48.14
N PRO A 1819 -9.55 20.95 47.46
CA PRO A 1819 -9.68 21.04 45.99
C PRO A 1819 -10.70 22.10 45.60
N THR A 1820 -10.62 22.51 44.35
CA THR A 1820 -11.53 23.51 43.79
C THR A 1820 -12.02 22.95 42.46
N PHE A 1821 -12.62 23.81 41.62
CA PHE A 1821 -13.28 23.31 40.42
C PHE A 1821 -12.31 22.59 39.51
N ASP A 1822 -11.01 22.88 39.65
CA ASP A 1822 -9.99 22.11 38.96
C ASP A 1822 -9.81 20.75 39.62
N GLU A 1823 -9.53 19.75 38.79
CA GLU A 1823 -9.17 18.39 39.20
C GLU A 1823 -10.32 17.67 39.88
N VAL A 1824 -11.45 18.34 40.07
CA VAL A 1824 -12.65 17.74 40.66
C VAL A 1824 -13.84 18.18 39.82
N LEU A 1825 -14.28 17.31 38.91
CA LEU A 1825 -15.41 17.63 38.03
C LEU A 1825 -16.61 16.80 38.42
N LEU A 1826 -17.62 17.44 38.97
CA LEU A 1826 -18.88 16.79 39.34
C LEU A 1826 -19.80 16.82 38.12
N CYS A 1827 -19.90 15.70 37.42
CA CYS A 1827 -20.65 15.66 36.18
C CYS A 1827 -22.15 15.56 36.46
N THR A 1828 -22.95 16.21 35.62
CA THR A 1828 -24.39 16.10 35.57
C THR A 1828 -24.81 15.72 34.16
N PRO A 1829 -25.99 15.11 34.00
CA PRO A 1829 -26.50 14.89 32.64
C PRO A 1829 -26.60 16.21 31.90
N ALA A 1830 -26.29 16.14 30.59
CA ALA A 1830 -26.14 17.33 29.76
C ALA A 1830 -25.12 18.29 30.36
N THR A 1831 -23.89 17.79 30.48
CA THR A 1831 -22.74 18.61 30.85
C THR A 1831 -21.95 18.95 29.59
N THR A 1832 -21.62 20.22 29.45
CA THR A 1832 -20.92 20.68 28.25
C THR A 1832 -19.60 19.94 28.10
N ILE A 1833 -19.31 19.52 26.87
CA ILE A 1833 -18.09 18.77 26.59
C ILE A 1833 -16.87 19.60 26.98
N GLU A 1834 -16.94 20.92 26.82
CA GLU A 1834 -15.77 21.75 27.06
C GLU A 1834 -15.26 21.63 28.48
N GLU A 1835 -16.14 21.45 29.46
CA GLU A 1835 -15.68 21.35 30.85
C GLU A 1835 -14.85 20.09 31.07
N VAL A 1836 -15.29 18.96 30.52
CA VAL A 1836 -14.49 17.75 30.67
C VAL A 1836 -13.21 17.84 29.84
N GLU A 1837 -13.24 18.53 28.69
CA GLU A 1837 -11.99 18.74 27.96
C GLU A 1837 -11.02 19.55 28.78
N LEU A 1838 -11.51 20.58 29.46
CA LEU A 1838 -10.66 21.40 30.32
C LEU A 1838 -10.10 20.59 31.47
N LEU A 1839 -10.91 19.71 32.06
CA LEU A 1839 -10.39 18.84 33.11
C LEU A 1839 -9.27 17.94 32.59
N LEU A 1840 -9.48 17.33 31.43
CA LEU A 1840 -8.47 16.44 30.87
C LEU A 1840 -7.19 17.20 30.57
N ARG A 1841 -7.31 18.42 30.03
CA ARG A 1841 -6.13 19.25 29.82
C ARG A 1841 -5.43 19.52 31.13
N ARG A 1842 -6.17 19.96 32.15
CA ARG A 1842 -5.55 20.27 33.43
C ARG A 1842 -4.83 19.07 34.00
N CYS A 1843 -5.29 17.86 33.71
CA CYS A 1843 -4.60 16.69 34.23
C CYS A 1843 -3.50 16.17 33.32
N LEU A 1844 -3.40 16.64 32.06
CA LEU A 1844 -2.35 16.18 31.16
C LEU A 1844 -1.59 17.34 30.53
N THR A 1845 -1.12 18.29 31.33
CA THR A 1845 -0.19 19.31 30.85
C THR A 1845 1.12 19.24 31.63
N SER A 1846 2.21 19.62 30.96
CA SER A 1846 3.53 19.49 31.57
C SER A 1846 3.76 20.52 32.66
N GLY A 1847 3.26 21.74 32.47
CA GLY A 1847 3.54 22.79 33.43
C GLY A 1847 2.53 22.87 34.56
N SER A 1848 2.86 22.27 35.70
CA SER A 1848 1.92 22.27 36.82
C SER A 1848 2.53 22.60 38.17
N GLN A 1849 3.86 22.59 38.30
CA GLN A 1849 4.59 22.83 39.54
C GLN A 1849 3.95 22.14 40.74
N GLY A 1850 3.39 20.95 40.53
CA GLY A 1850 2.79 20.20 41.61
C GLY A 1850 2.07 18.96 41.13
N HIS A 1851 2.07 17.92 41.94
CA HIS A 1851 1.38 16.67 41.62
C HIS A 1851 0.05 16.64 42.35
N LYS A 1852 -1.03 16.56 41.59
CA LYS A 1852 -2.38 16.58 42.15
C LYS A 1852 -3.21 15.49 41.52
N VAL A 1853 -4.18 15.00 42.28
CA VAL A 1853 -5.10 13.97 41.81
C VAL A 1853 -6.32 14.64 41.21
N TYR A 1854 -6.64 14.27 39.98
CA TYR A 1854 -7.69 14.90 39.19
C TYR A 1854 -8.84 13.90 39.07
N SER A 1855 -10.00 14.25 39.64
CA SER A 1855 -11.10 13.33 39.81
C SER A 1855 -12.29 13.73 38.93
N LEU A 1856 -12.89 12.74 38.31
CA LEU A 1856 -14.07 12.89 37.46
C LEU A 1856 -15.19 12.10 38.10
N LEU A 1857 -16.05 12.78 38.86
CA LEU A 1857 -17.11 12.10 39.58
C LEU A 1857 -18.29 11.84 38.67
N PHE A 1858 -19.08 10.81 39.00
CA PHE A 1858 -20.34 10.51 38.34
C PHE A 1858 -20.18 10.43 36.82
N ALA A 1859 -19.12 9.75 36.39
CA ALA A 1859 -18.76 9.77 34.98
C ALA A 1859 -19.90 9.25 34.10
N ASP A 1860 -20.64 8.24 34.57
CA ASP A 1860 -21.70 7.66 33.76
C ASP A 1860 -22.82 8.66 33.48
N GLN A 1861 -22.90 9.74 34.25
CA GLN A 1861 -23.99 10.69 34.08
C GLN A 1861 -23.81 11.62 32.90
N LEU A 1862 -22.61 11.69 32.32
CA LEU A 1862 -22.44 12.41 31.07
C LEU A 1862 -23.23 11.71 29.96
N SER A 1863 -23.64 12.48 28.96
CA SER A 1863 -24.45 11.90 27.90
C SER A 1863 -23.60 10.95 27.05
N TYR A 1864 -24.26 10.33 26.07
CA TYR A 1864 -23.56 9.43 25.16
C TYR A 1864 -22.58 10.20 24.29
N GLU A 1865 -23.05 11.26 23.63
CA GLU A 1865 -22.20 11.98 22.70
C GLU A 1865 -21.10 12.74 23.44
N VAL A 1866 -21.42 13.32 24.60
CA VAL A 1866 -20.41 14.00 25.40
C VAL A 1866 -19.36 13.00 25.88
N GLY A 1867 -19.80 11.81 26.29
CA GLY A 1867 -18.85 10.79 26.68
C GLY A 1867 -17.96 10.35 25.54
N CYS A 1868 -18.53 10.19 24.34
CA CYS A 1868 -17.74 9.79 23.18
C CYS A 1868 -16.70 10.84 22.83
N GLN A 1869 -17.10 12.12 22.83
CA GLN A 1869 -16.16 13.18 22.54
C GLN A 1869 -15.08 13.28 23.62
N ALA A 1870 -15.47 13.11 24.88
CA ALA A 1870 -14.51 13.15 25.98
C ALA A 1870 -13.48 12.03 25.84
N GLU A 1871 -13.94 10.83 25.52
CA GLU A 1871 -13.01 9.71 25.38
C GLU A 1871 -12.11 9.89 24.18
N GLU A 1872 -12.65 10.41 23.07
CA GLU A 1872 -11.82 10.69 21.90
C GLU A 1872 -10.74 11.70 22.24
N PHE A 1873 -11.10 12.78 22.95
CA PHE A 1873 -10.10 13.78 23.33
C PHE A 1873 -9.07 13.19 24.29
N PHE A 1874 -9.50 12.35 25.24
CA PHE A 1874 -8.56 11.76 26.18
C PHE A 1874 -7.55 10.88 25.46
N GLN A 1875 -8.03 10.01 24.56
CA GLN A 1875 -7.13 9.17 23.80
C GLN A 1875 -6.18 10.02 22.95
N SER A 1876 -6.70 11.08 22.32
CA SER A 1876 -5.85 11.95 21.53
C SER A 1876 -4.77 12.61 22.38
N LEU A 1877 -5.15 13.12 23.54
CA LEU A 1877 -4.19 13.86 24.37
C LEU A 1877 -3.14 12.93 24.95
N CYS A 1878 -3.51 11.67 25.21
CA CYS A 1878 -2.48 10.69 25.58
C CYS A 1878 -1.62 10.33 24.38
N THR A 1879 -2.19 10.40 23.17
CA THR A 1879 -1.42 10.06 21.97
C THR A 1879 -0.36 11.10 21.67
N ARG A 1880 -0.72 12.39 21.67
CA ARG A 1880 0.26 13.42 21.32
C ARG A 1880 1.40 13.48 22.33
N ALA A 1881 1.09 13.88 23.55
CA ALA A 1881 2.09 14.06 24.60
C ALA A 1881 1.38 14.41 25.90
N HIS A 1882 2.07 14.17 27.00
CA HIS A 1882 1.57 14.49 28.34
C HIS A 1882 2.72 14.30 29.32
N ARG A 1883 2.43 14.38 30.61
CA ARG A 1883 3.36 14.00 31.65
C ARG A 1883 2.97 12.63 32.18
N GLU A 1884 3.93 11.72 32.30
CA GLU A 1884 3.64 10.38 32.77
C GLU A 1884 3.86 10.24 34.27
N ASP A 1885 3.27 11.14 35.05
CA ASP A 1885 3.16 10.95 36.50
C ASP A 1885 1.82 11.45 37.00
N TYR A 1886 0.83 11.61 36.14
CA TYR A 1886 -0.45 12.19 36.52
C TYR A 1886 -1.27 11.22 37.36
N GLN A 1887 -2.05 11.78 38.25
CA GLN A 1887 -2.99 11.02 39.07
C GLN A 1887 -4.38 11.33 38.53
N LEU A 1888 -5.00 10.35 37.89
CA LEU A 1888 -6.35 10.50 37.37
C LEU A 1888 -7.27 9.46 38.00
N VAL A 1889 -8.34 9.93 38.63
CA VAL A 1889 -9.33 9.07 39.25
C VAL A 1889 -10.68 9.36 38.61
N ILE A 1890 -11.38 8.29 38.19
CA ILE A 1890 -12.72 8.38 37.65
C ILE A 1890 -13.64 7.60 38.57
N LEU A 1891 -14.79 8.18 38.92
CA LEU A 1891 -15.76 7.52 39.78
C LEU A 1891 -17.07 7.36 39.01
N CYS A 1892 -17.68 6.19 39.13
CA CYS A 1892 -18.91 5.89 38.43
C CYS A 1892 -19.90 5.29 39.42
N ASP A 1893 -21.12 5.04 38.96
CA ASP A 1893 -22.13 4.43 39.81
C ASP A 1893 -22.12 2.93 39.61
N ALA A 1894 -22.26 2.19 40.72
CA ALA A 1894 -22.13 0.74 40.68
C ALA A 1894 -23.18 0.08 39.81
N ALA A 1895 -24.39 0.64 39.74
CA ALA A 1895 -25.48 0.06 38.97
C ALA A 1895 -25.61 0.65 37.58
N ARG A 1896 -24.76 1.60 37.21
CA ARG A 1896 -24.84 2.28 35.93
C ARG A 1896 -23.60 1.99 35.10
N GLU A 1897 -23.19 0.72 35.10
CA GLU A 1897 -22.03 0.32 34.34
C GLU A 1897 -22.28 0.28 32.84
N HIS A 1898 -23.55 0.31 32.43
CA HIS A 1898 -23.89 0.11 31.03
C HIS A 1898 -23.63 1.34 30.15
N CYS A 1899 -23.32 2.48 30.74
CA CYS A 1899 -23.12 3.68 29.92
C CYS A 1899 -21.78 3.61 29.19
N TYR A 1900 -21.45 4.72 28.51
CA TYR A 1900 -20.34 4.70 27.56
C TYR A 1900 -18.99 4.75 28.26
N ILE A 1901 -18.76 5.79 29.06
CA ILE A 1901 -17.45 5.94 29.70
C ILE A 1901 -17.16 4.85 30.73
N PRO A 1902 -18.15 4.26 31.43
CA PRO A 1902 -17.79 3.10 32.28
C PRO A 1902 -17.51 1.85 31.47
N SER A 1903 -18.21 1.65 30.36
CA SER A 1903 -17.96 0.48 29.53
C SER A 1903 -16.59 0.57 28.86
N THR A 1904 -16.18 1.77 28.45
CA THR A 1904 -14.92 1.94 27.74
C THR A 1904 -13.70 1.92 28.66
N PHE A 1905 -13.90 1.95 29.98
CA PHE A 1905 -12.79 1.81 30.92
C PHE A 1905 -12.84 0.47 31.65
N SER A 1906 -13.51 -0.53 31.06
CA SER A 1906 -13.55 -1.85 31.69
C SER A 1906 -12.15 -2.44 31.83
N GLN A 1907 -11.34 -2.35 30.77
CA GLN A 1907 -9.97 -2.83 30.87
C GLN A 1907 -9.15 -2.00 31.86
N TYR A 1908 -9.40 -0.70 31.92
CA TYR A 1908 -8.71 0.18 32.86
C TYR A 1908 -9.45 0.28 34.18
N LYS A 1909 -9.80 -0.86 34.75
CA LYS A 1909 -10.62 -0.92 35.95
C LYS A 1909 -9.80 -1.27 37.17
N VAL A 1910 -10.02 -0.53 38.25
CA VAL A 1910 -9.41 -0.85 39.53
C VAL A 1910 -10.53 -1.35 40.45
N PRO A 1911 -10.77 -2.65 40.50
CA PRO A 1911 -11.87 -3.19 41.34
C PRO A 1911 -11.51 -3.19 42.82
N LEU A 1912 -11.31 -1.99 43.35
CA LEU A 1912 -10.90 -1.80 44.73
C LEU A 1912 -11.90 -1.00 45.54
N VAL A 1913 -12.45 0.07 44.96
CA VAL A 1913 -13.47 0.92 45.58
C VAL A 1913 -12.92 1.40 46.92
N PRO A 1914 -12.03 2.39 46.90
CA PRO A 1914 -11.50 2.91 48.17
C PRO A 1914 -12.56 3.68 48.94
N GLN A 1915 -12.40 3.69 50.26
CA GLN A 1915 -13.26 4.45 51.15
C GLN A 1915 -12.61 4.51 52.53
N ALA A 1916 -13.06 5.45 53.33
CA ALA A 1916 -12.57 5.67 54.68
C ALA A 1916 -13.75 5.76 55.63
N PRO A 1917 -13.52 5.50 56.91
CA PRO A 1917 -14.61 5.63 57.90
C PRO A 1917 -15.18 7.04 57.93
N LEU A 1918 -16.50 7.11 58.14
CA LEU A 1918 -17.21 8.39 58.16
C LEU A 1918 -16.64 9.39 59.16
N PRO A 1919 -16.28 9.03 60.39
CA PRO A 1919 -15.64 10.03 61.27
C PRO A 1919 -14.35 10.58 60.71
N ASN A 1920 -13.61 9.80 59.92
CA ASN A 1920 -12.36 10.31 59.34
C ASN A 1920 -12.65 11.41 58.32
N ILE A 1921 -13.60 11.17 57.40
CA ILE A 1921 -14.00 12.20 56.45
C ILE A 1921 -14.54 13.42 57.19
N GLN A 1922 -15.33 13.19 58.24
CA GLN A 1922 -15.90 14.30 59.00
C GLN A 1922 -14.80 15.14 59.63
N ALA A 1923 -13.80 14.49 60.24
CA ALA A 1923 -12.70 15.23 60.85
C ALA A 1923 -11.90 15.99 59.80
N TYR A 1924 -11.62 15.34 58.68
CA TYR A 1924 -10.97 16.01 57.55
C TYR A 1924 -11.68 17.31 57.21
N LEU A 1925 -12.96 17.21 56.87
CA LEU A 1925 -13.70 18.36 56.38
C LEU A 1925 -13.84 19.42 57.46
N GLN A 1926 -14.17 19.02 58.69
CA GLN A 1926 -14.39 19.98 59.76
C GLN A 1926 -13.11 20.73 60.09
N SER A 1927 -11.98 20.02 60.16
CA SER A 1927 -10.72 20.67 60.45
C SER A 1927 -10.30 21.58 59.30
N HIS A 1928 -10.59 21.19 58.06
CA HIS A 1928 -10.18 22.00 56.91
C HIS A 1928 -11.13 23.16 56.65
N TYR A 1929 -12.31 23.17 57.27
CA TYR A 1929 -13.20 24.33 57.21
C TYR A 1929 -12.88 25.37 58.26
N GLN A 1930 -12.01 25.06 59.21
CA GLN A 1930 -11.68 25.98 60.29
C GLN A 1930 -11.08 27.25 59.72
N VAL A 1931 -11.73 28.38 59.98
CA VAL A 1931 -11.13 29.66 59.59
C VAL A 1931 -10.01 30.01 60.56
N PRO A 1932 -8.81 30.33 60.08
CA PRO A 1932 -7.75 30.73 61.01
C PRO A 1932 -8.07 32.05 61.65
N LYS A 1933 -7.51 32.25 62.84
CA LYS A 1933 -7.68 33.51 63.53
C LYS A 1933 -7.08 34.65 62.70
N ARG A 1934 -7.47 35.88 63.06
CA ARG A 1934 -6.99 37.09 62.38
C ARG A 1934 -7.43 37.10 60.93
N LEU A 1935 -8.73 36.90 60.70
CA LEU A 1935 -9.32 37.01 59.38
C LEU A 1935 -10.62 37.81 59.36
N LEU A 1936 -11.22 38.10 60.51
CA LEU A 1936 -12.45 38.89 60.61
C LEU A 1936 -13.55 38.29 59.75
N SER A 1937 -13.94 37.08 60.14
CA SER A 1937 -14.86 36.24 59.39
C SER A 1937 -16.24 36.23 60.05
N ALA A 1938 -17.22 35.81 59.26
CA ALA A 1938 -18.57 35.60 59.75
C ALA A 1938 -18.71 34.32 60.56
N ALA A 1939 -17.70 33.45 60.53
CA ALA A 1939 -17.76 32.19 61.24
C ALA A 1939 -17.52 32.31 62.74
N THR A 1940 -17.20 33.51 63.22
CA THR A 1940 -16.90 33.68 64.64
C THR A 1940 -18.08 33.31 65.52
N VAL A 1941 -19.31 33.58 65.07
CA VAL A 1941 -20.49 33.24 65.85
C VAL A 1941 -20.88 31.77 65.73
N PHE A 1942 -20.45 31.10 64.68
CA PHE A 1942 -20.73 29.68 64.49
C PHE A 1942 -20.01 28.89 65.59
N ARG A 1943 -20.10 27.56 65.52
CA ARG A 1943 -19.55 26.74 66.59
C ARG A 1943 -18.03 26.82 66.56
N ASP A 1944 -17.51 28.00 66.87
CA ASP A 1944 -16.07 28.29 66.84
C ASP A 1944 -15.49 28.15 65.43
N GLY A 1945 -16.00 28.97 64.51
CA GLY A 1945 -15.28 29.26 63.27
C GLY A 1945 -15.14 28.16 62.24
N LEU A 1946 -16.22 27.85 61.52
CA LEU A 1946 -16.15 26.87 60.44
C LEU A 1946 -16.75 27.35 59.13
N CYS A 1947 -17.52 28.43 59.14
CA CYS A 1947 -17.98 29.12 57.94
C CYS A 1947 -18.86 28.25 57.05
N VAL A 1948 -19.15 27.01 57.47
CA VAL A 1948 -20.09 26.16 56.77
C VAL A 1948 -20.96 25.44 57.80
N GLY A 1949 -22.27 25.46 57.58
CA GLY A 1949 -23.17 24.67 58.39
C GLY A 1949 -24.39 24.19 57.63
N ILE A 1950 -24.70 22.91 57.73
CA ILE A 1950 -25.95 22.36 57.21
C ILE A 1950 -26.90 22.16 58.37
N VAL A 1951 -28.05 22.83 58.29
CA VAL A 1951 -29.06 22.78 59.34
C VAL A 1951 -30.16 21.85 58.88
N THR A 1952 -30.44 20.82 59.67
CA THR A 1952 -31.44 19.83 59.29
C THR A 1952 -32.23 19.41 60.52
N SER A 1953 -33.35 18.76 60.27
CA SER A 1953 -34.15 18.17 61.34
C SER A 1953 -35.07 17.12 60.76
N GLU A 1954 -35.49 16.18 61.60
CA GLU A 1954 -36.33 15.09 61.14
C GLU A 1954 -37.67 15.60 60.64
N ARG A 1955 -38.26 16.57 61.34
CA ARG A 1955 -39.49 17.18 60.91
C ARG A 1955 -39.35 18.70 60.99
N ALA A 1956 -40.16 19.39 60.20
CA ALA A 1956 -40.06 20.84 60.10
C ALA A 1956 -40.72 21.51 61.29
N GLY A 1957 -40.81 22.84 61.25
CA GLY A 1957 -41.42 23.58 62.33
C GLY A 1957 -40.68 23.53 63.65
N VAL A 1958 -39.35 23.61 63.62
CA VAL A 1958 -38.57 23.50 64.84
C VAL A 1958 -37.83 24.79 65.16
N GLY A 1959 -37.48 25.55 64.12
CA GLY A 1959 -36.79 26.80 64.34
C GLY A 1959 -35.39 26.85 63.76
N LYS A 1960 -35.13 26.07 62.72
CA LYS A 1960 -33.82 26.13 62.06
C LYS A 1960 -33.54 27.52 61.52
N SER A 1961 -34.52 28.11 60.82
CA SER A 1961 -34.39 29.49 60.38
C SER A 1961 -34.27 30.44 61.56
N LEU A 1962 -34.96 30.14 62.66
CA LEU A 1962 -34.80 30.94 63.86
C LEU A 1962 -33.37 30.85 64.38
N TYR A 1963 -32.76 29.66 64.32
CA TYR A 1963 -31.35 29.53 64.69
C TYR A 1963 -30.48 30.39 63.79
N VAL A 1964 -30.75 30.38 62.48
CA VAL A 1964 -29.98 31.19 61.56
C VAL A 1964 -30.07 32.67 61.93
N ASN A 1965 -31.29 33.14 62.16
CA ASN A 1965 -31.49 34.56 62.45
C ASN A 1965 -30.90 34.94 63.81
N THR A 1966 -30.95 34.03 64.78
CA THR A 1966 -30.38 34.36 66.08
C THR A 1966 -28.85 34.34 66.02
N LEU A 1967 -28.27 33.49 65.17
CA LEU A 1967 -26.83 33.57 64.94
C LEU A 1967 -26.46 34.89 64.27
N HIS A 1968 -27.28 35.32 63.31
CA HIS A 1968 -27.04 36.59 62.63
C HIS A 1968 -27.09 37.75 63.62
N THR A 1969 -28.08 37.75 64.51
CA THR A 1969 -28.17 38.84 65.47
C THR A 1969 -27.11 38.73 66.56
N LYS A 1970 -26.64 37.53 66.87
CA LYS A 1970 -25.50 37.41 67.79
C LYS A 1970 -24.25 38.02 67.17
N LEU A 1971 -24.03 37.78 65.88
CA LEU A 1971 -22.94 38.47 65.20
C LEU A 1971 -23.16 39.98 65.22
N LYS A 1972 -24.39 40.41 65.00
CA LYS A 1972 -24.70 41.84 65.04
C LYS A 1972 -24.41 42.43 66.42
N ALA A 1973 -24.54 41.63 67.47
CA ALA A 1973 -24.32 42.14 68.82
C ALA A 1973 -22.89 42.61 69.00
N LYS A 1974 -21.92 41.75 68.69
CA LYS A 1974 -20.53 42.17 68.63
C LYS A 1974 -20.30 42.92 67.33
N LEU A 1975 -19.10 43.47 67.16
CA LEU A 1975 -18.69 44.21 65.97
C LEU A 1975 -19.81 45.17 65.52
N ARG A 1976 -20.05 46.14 66.40
CA ARG A 1976 -21.13 47.12 66.23
C ARG A 1976 -21.07 47.80 64.88
N ASP A 1977 -22.19 48.37 64.43
CA ASP A 1977 -22.30 48.96 63.10
C ASP A 1977 -22.01 47.91 62.01
N GLU A 1978 -22.61 46.73 62.17
CA GLU A 1978 -22.23 45.58 61.36
C GLU A 1978 -22.80 45.65 59.95
N THR A 1979 -24.03 46.15 59.81
CA THR A 1979 -24.82 46.19 58.57
C THR A 1979 -24.65 44.93 57.75
N VAL A 1980 -24.55 43.79 58.41
CA VAL A 1980 -24.22 42.53 57.74
C VAL A 1980 -25.41 42.03 56.93
N PRO A 1981 -25.27 41.87 55.62
CA PRO A 1981 -26.36 41.32 54.82
C PRO A 1981 -26.59 39.85 55.13
N LEU A 1982 -27.83 39.41 54.94
CA LEU A 1982 -28.23 38.01 55.11
C LEU A 1982 -29.00 37.61 53.86
N LYS A 1983 -28.28 37.18 52.83
CA LYS A 1983 -28.94 36.76 51.61
C LYS A 1983 -29.70 35.47 51.84
N ILE A 1984 -30.89 35.37 51.24
CA ILE A 1984 -31.73 34.19 51.31
C ILE A 1984 -32.06 33.77 49.90
N ILE A 1985 -31.83 32.50 49.57
CA ILE A 1985 -32.15 31.96 48.26
C ILE A 1985 -33.01 30.73 48.47
N ARG A 1986 -34.19 30.71 47.87
CA ARG A 1986 -35.15 29.64 48.08
C ARG A 1986 -35.18 28.75 46.84
N LEU A 1987 -34.24 27.81 46.78
CA LEU A 1987 -34.17 26.86 45.67
C LEU A 1987 -35.38 25.95 45.75
N THR A 1988 -36.24 25.99 44.74
CA THR A 1988 -37.56 25.38 44.85
C THR A 1988 -37.92 24.47 43.69
N GLU A 1989 -37.36 24.68 42.51
CA GLU A 1989 -37.90 23.77 41.51
C GLU A 1989 -37.17 22.42 41.56
N PRO A 1990 -37.83 21.35 41.13
CA PRO A 1990 -37.12 20.07 40.95
C PRO A 1990 -36.19 20.12 39.76
N HIS A 1991 -35.36 19.09 39.62
CA HIS A 1991 -34.25 19.08 38.68
C HIS A 1991 -33.39 20.32 38.89
N LEU A 1992 -32.79 20.38 40.08
CA LEU A 1992 -32.23 21.63 40.59
C LEU A 1992 -31.19 22.22 39.64
N ASP A 1993 -31.20 23.54 39.54
CA ASP A 1993 -30.31 24.28 38.65
C ASP A 1993 -29.37 25.15 39.47
N GLU A 1994 -28.06 25.01 39.22
CA GLU A 1994 -27.06 25.81 39.90
C GLU A 1994 -27.00 27.24 39.38
N ASN A 1995 -27.44 27.48 38.15
CA ASN A 1995 -27.33 28.81 37.57
C ASN A 1995 -28.17 29.82 38.34
N GLN A 1996 -29.34 29.39 38.83
CA GLN A 1996 -30.21 30.30 39.57
C GLN A 1996 -29.55 30.76 40.85
N VAL A 1997 -28.99 29.82 41.63
CA VAL A 1997 -28.37 30.20 42.89
C VAL A 1997 -27.09 30.99 42.64
N LEU A 1998 -26.34 30.63 41.59
CA LEU A 1998 -25.19 31.45 41.23
C LEU A 1998 -25.59 32.89 40.94
N SER A 1999 -26.62 33.07 40.10
CA SER A 1999 -27.04 34.42 39.74
C SER A 1999 -27.51 35.18 40.96
N ALA A 2000 -28.25 34.52 41.85
CA ALA A 2000 -28.69 35.19 43.07
C ALA A 2000 -27.50 35.56 43.95
N LEU A 2001 -26.40 34.80 43.85
CA LEU A 2001 -25.22 35.10 44.63
C LEU A 2001 -24.33 36.15 43.99
N LEU A 2002 -24.51 36.42 42.70
CA LEU A 2002 -23.57 37.26 41.95
C LEU A 2002 -23.34 38.63 42.57
N PRO A 2003 -24.36 39.45 42.88
CA PRO A 2003 -24.10 40.87 43.13
C PRO A 2003 -23.52 41.15 44.51
N PHE A 2004 -23.00 40.14 45.20
CA PHE A 2004 -22.69 40.30 46.62
C PHE A 2004 -21.20 40.48 46.91
N LEU A 2005 -20.32 39.85 46.14
CA LEU A 2005 -18.89 40.10 46.31
C LEU A 2005 -18.22 40.63 45.06
N LYS A 2006 -19.00 41.04 44.06
CA LYS A 2006 -18.45 41.74 42.92
C LYS A 2006 -18.35 43.23 43.18
N GLU A 2007 -18.31 43.64 44.45
CA GLU A 2007 -18.32 45.04 44.82
C GLU A 2007 -17.13 45.48 45.68
N LYS A 2008 -16.55 44.57 46.47
CA LYS A 2008 -15.35 44.80 47.26
C LYS A 2008 -15.65 45.72 48.45
N TYR A 2009 -16.83 46.33 48.47
CA TYR A 2009 -17.29 47.04 49.65
C TYR A 2009 -18.14 46.14 50.53
N GLN A 2010 -18.38 44.91 50.08
CA GLN A 2010 -19.07 43.89 50.86
C GLN A 2010 -18.11 42.83 51.38
N LYS A 2011 -16.79 43.08 51.29
CA LYS A 2011 -15.80 42.17 51.86
C LYS A 2011 -15.99 41.98 53.35
N MET A 2012 -16.84 42.78 53.97
CA MET A 2012 -17.17 42.60 55.37
C MET A 2012 -17.86 41.24 55.51
N PRO A 2013 -17.77 40.57 56.67
CA PRO A 2013 -18.45 39.28 56.82
C PRO A 2013 -19.94 39.34 56.51
N VAL A 2014 -20.37 38.53 55.54
CA VAL A 2014 -21.76 38.42 55.15
C VAL A 2014 -22.24 37.01 55.46
N ILE A 2015 -23.19 36.89 56.38
CA ILE A 2015 -23.72 35.59 56.75
C ILE A 2015 -24.78 35.19 55.73
N PHE A 2016 -24.38 34.42 54.72
CA PHE A 2016 -25.32 33.93 53.73
C PHE A 2016 -26.16 32.83 54.39
N HIS A 2017 -27.40 32.69 53.94
CA HIS A 2017 -28.31 31.69 54.47
C HIS A 2017 -29.14 31.13 53.31
N ILE A 2018 -28.67 30.04 52.73
CA ILE A 2018 -29.42 29.35 51.69
C ILE A 2018 -30.58 28.66 52.38
N ASP A 2019 -31.67 28.45 51.64
CA ASP A 2019 -32.79 27.65 52.11
C ASP A 2019 -33.33 26.82 50.96
N ILE A 2020 -34.02 25.73 51.29
CA ILE A 2020 -34.44 24.77 50.29
C ILE A 2020 -35.89 24.39 50.53
N SER A 2021 -36.52 23.89 49.46
CA SER A 2021 -37.89 23.41 49.50
C SER A 2021 -37.94 21.91 49.20
N THR A 2022 -39.01 21.26 49.62
CA THR A 2022 -39.10 19.82 49.59
C THR A 2022 -39.52 19.29 48.23
N SER A 2023 -39.32 20.05 47.17
CA SER A 2023 -39.57 19.60 45.80
C SER A 2023 -38.32 19.78 44.95
N VAL A 2024 -37.17 19.38 45.48
CA VAL A 2024 -35.88 19.52 44.81
C VAL A 2024 -35.21 18.15 44.71
N GLN A 2025 -36.01 17.11 44.58
CA GLN A 2025 -35.60 15.76 44.99
C GLN A 2025 -34.32 15.28 44.32
N THR A 2026 -34.05 15.73 43.10
CA THR A 2026 -32.98 15.14 42.28
C THR A 2026 -31.80 16.09 42.08
N GLY A 2027 -31.62 17.06 42.97
CA GLY A 2027 -30.56 18.01 42.74
C GLY A 2027 -29.80 18.51 43.96
N ILE A 2028 -29.94 17.84 45.10
CA ILE A 2028 -29.31 18.30 46.34
C ILE A 2028 -27.81 18.04 46.33
N PRO A 2029 -27.34 16.80 46.13
CA PRO A 2029 -25.95 16.49 46.47
C PRO A 2029 -24.94 17.21 45.60
N ILE A 2030 -25.16 17.23 44.29
CA ILE A 2030 -24.20 17.85 43.38
C ILE A 2030 -24.00 19.31 43.74
N PHE A 2031 -25.10 20.04 43.95
CA PHE A 2031 -24.96 21.45 44.31
C PHE A 2031 -24.29 21.63 45.65
N LEU A 2032 -24.68 20.81 46.65
CA LEU A 2032 -24.08 20.99 47.97
C LEU A 2032 -22.58 20.81 47.91
N PHE A 2033 -22.12 19.79 47.18
CA PHE A 2033 -20.69 19.52 47.09
C PHE A 2033 -19.97 20.55 46.23
N LYS A 2034 -20.62 21.03 45.16
CA LYS A 2034 -20.01 22.09 44.35
C LYS A 2034 -19.78 23.35 45.17
N LEU A 2035 -20.75 23.73 46.00
CA LEU A 2035 -20.60 24.98 46.73
C LEU A 2035 -19.71 24.82 47.95
N LEU A 2036 -20.05 23.89 48.84
CA LEU A 2036 -19.37 23.87 50.14
C LEU A 2036 -17.97 23.27 50.07
N ILE A 2037 -17.75 22.28 49.20
CA ILE A 2037 -16.48 21.57 49.20
C ILE A 2037 -15.53 22.20 48.18
N LEU A 2038 -15.92 22.15 46.92
CA LEU A 2038 -15.12 22.67 45.83
C LEU A 2038 -15.00 24.19 45.87
N GLN A 2039 -15.90 24.86 46.57
CA GLN A 2039 -15.84 26.30 46.84
C GLN A 2039 -16.08 27.15 45.60
N TYR A 2040 -16.70 26.59 44.55
CA TYR A 2040 -16.87 27.33 43.31
C TYR A 2040 -18.32 27.24 42.84
N LEU A 2041 -18.72 28.22 42.03
CA LEU A 2041 -19.98 28.16 41.28
C LEU A 2041 -19.68 28.43 39.81
N MET A 2042 -20.28 27.62 38.95
CA MET A 2042 -19.89 27.55 37.55
C MET A 2042 -20.86 28.27 36.65
N ASP A 2043 -20.41 28.54 35.42
CA ASP A 2043 -21.29 28.81 34.31
C ASP A 2043 -20.47 28.63 33.04
N ILE A 2044 -21.08 28.00 32.03
CA ILE A 2044 -20.34 27.55 30.86
C ILE A 2044 -19.72 28.74 30.11
N ASN A 2045 -20.38 29.90 30.17
CA ASN A 2045 -19.96 31.03 29.37
C ASN A 2045 -19.77 32.32 30.16
N GLY A 2046 -19.81 32.26 31.48
CA GLY A 2046 -19.68 33.49 32.25
C GLY A 2046 -18.76 33.37 33.45
N LYS A 2047 -18.82 34.35 34.33
CA LYS A 2047 -17.92 34.44 35.47
C LYS A 2047 -18.11 33.26 36.42
N ILE A 2048 -17.19 33.13 37.36
CA ILE A 2048 -17.15 32.03 38.31
C ILE A 2048 -17.20 32.60 39.72
N TRP A 2049 -18.13 32.10 40.53
CA TRP A 2049 -18.23 32.48 41.93
C TRP A 2049 -17.41 31.51 42.77
N ARG A 2050 -16.57 32.05 43.64
CA ARG A 2050 -15.70 31.27 44.49
C ARG A 2050 -16.16 31.42 45.93
N ARG A 2051 -16.48 30.31 46.58
CA ARG A 2051 -16.83 30.36 47.99
C ARG A 2051 -15.67 30.94 48.78
N SER A 2052 -15.99 31.75 49.77
CA SER A 2052 -14.73 32.27 50.28
C SER A 2052 -14.55 31.91 51.74
N PRO A 2053 -13.30 31.76 52.17
CA PRO A 2053 -13.03 31.49 53.59
C PRO A 2053 -13.20 32.74 54.45
N GLY A 2054 -14.43 32.98 54.89
CA GLY A 2054 -14.72 34.18 55.66
C GLY A 2054 -16.14 34.66 55.48
N HIS A 2055 -16.84 34.08 54.50
CA HIS A 2055 -18.27 34.26 54.35
C HIS A 2055 -18.95 32.98 54.84
N LEU A 2056 -19.68 33.08 55.94
CA LEU A 2056 -20.33 31.90 56.50
C LEU A 2056 -21.50 31.47 55.63
N TYR A 2057 -21.60 30.16 55.38
CA TYR A 2057 -22.68 29.60 54.59
C TYR A 2057 -23.52 28.67 55.45
N LEU A 2058 -24.81 28.61 55.15
CA LEU A 2058 -25.74 27.78 55.90
C LEU A 2058 -26.78 27.23 54.92
N VAL A 2059 -26.99 25.93 54.93
CA VAL A 2059 -27.94 25.29 54.04
C VAL A 2059 -28.97 24.55 54.89
N GLU A 2060 -30.22 24.99 54.84
CA GLU A 2060 -31.27 24.18 55.43
C GLU A 2060 -31.57 22.99 54.52
N ILE A 2061 -31.92 21.87 55.14
CA ILE A 2061 -32.31 20.68 54.40
C ILE A 2061 -33.25 19.85 55.28
N PRO A 2062 -34.45 19.53 54.81
CA PRO A 2062 -35.40 18.78 55.64
C PRO A 2062 -35.31 17.28 55.39
N GLN A 2063 -35.91 16.53 56.32
CA GLN A 2063 -35.98 15.09 56.19
C GLN A 2063 -37.43 14.63 56.17
N PRO A 2080 -30.67 7.08 51.11
CA PRO A 2080 -30.35 8.14 50.14
C PRO A 2080 -29.43 9.22 50.70
N LEU A 2081 -30.00 10.39 50.98
CA LEU A 2081 -29.21 11.54 51.40
C LEU A 2081 -28.84 11.49 52.88
N PHE A 2082 -29.54 10.68 53.68
CA PHE A 2082 -29.35 10.68 55.13
C PHE A 2082 -27.89 10.53 55.51
N LYS A 2083 -27.19 9.58 54.88
CA LYS A 2083 -25.76 9.45 55.13
C LYS A 2083 -25.01 10.69 54.67
N PHE A 2084 -25.43 11.27 53.55
CA PHE A 2084 -24.67 12.39 52.97
C PHE A 2084 -24.65 13.59 53.90
N LEU A 2085 -25.79 13.93 54.50
CA LEU A 2085 -25.79 15.14 55.33
C LEU A 2085 -24.77 15.08 56.45
N ASP A 2086 -24.39 13.88 56.89
CA ASP A 2086 -23.47 13.77 58.02
C ASP A 2086 -22.06 14.21 57.67
N LEU A 2087 -21.73 14.33 56.39
CA LEU A 2087 -20.36 14.64 55.99
C LEU A 2087 -19.93 16.03 56.46
N PHE A 2088 -20.78 17.03 56.25
CA PHE A 2088 -20.47 18.40 56.57
C PHE A 2088 -20.68 18.66 58.06
N PRO A 2089 -20.12 19.75 58.59
CA PRO A 2089 -20.38 20.06 60.00
C PRO A 2089 -21.82 20.48 60.20
N LYS A 2090 -22.62 19.58 60.76
CA LYS A 2090 -24.07 19.66 60.72
C LYS A 2090 -24.61 20.13 62.06
N VAL A 2091 -25.75 20.81 62.02
CA VAL A 2091 -26.53 21.11 63.21
C VAL A 2091 -27.94 20.61 62.99
N THR A 2092 -28.51 20.03 64.04
CA THR A 2092 -29.86 19.47 63.99
C THR A 2092 -30.65 19.99 65.18
N CYS A 2093 -31.97 20.08 64.98
CA CYS A 2093 -32.87 20.63 65.99
C CYS A 2093 -34.06 19.69 66.13
N ARG A 2094 -34.66 19.68 67.31
CA ARG A 2094 -35.73 18.76 67.63
C ARG A 2094 -36.87 19.51 68.30
N PRO A 2095 -38.11 19.02 68.17
CA PRO A 2095 -39.25 19.65 68.85
C PRO A 2095 -39.03 19.65 70.35
N PRO A 2096 -39.87 20.38 71.11
CA PRO A 2096 -39.72 20.36 72.57
C PRO A 2096 -39.79 18.98 73.17
N LYS A 2097 -40.68 18.12 72.68
CA LYS A 2097 -40.84 16.80 73.28
C LYS A 2097 -39.55 16.00 73.21
N GLU A 2098 -38.73 16.24 72.18
CA GLU A 2098 -37.47 15.53 72.01
C GLU A 2098 -36.27 16.30 72.51
N VAL A 2099 -36.47 17.36 73.30
CA VAL A 2099 -35.37 18.00 74.00
C VAL A 2099 -35.55 18.02 75.50
N ILE A 2100 -36.78 17.85 76.01
CA ILE A 2100 -37.01 17.89 77.45
C ILE A 2100 -36.24 16.78 78.15
N ASP A 2101 -36.14 15.61 77.53
CA ASP A 2101 -35.56 14.45 78.21
C ASP A 2101 -34.07 14.65 78.47
N MET A 2102 -33.32 15.06 77.45
CA MET A 2102 -31.86 15.14 77.56
C MET A 2102 -31.38 16.50 78.06
N GLU A 2103 -32.26 17.46 78.26
CA GLU A 2103 -31.86 18.78 78.75
C GLU A 2103 -32.88 19.35 79.72
N PRO A 2113 -30.49 25.94 75.71
CA PRO A 2113 -31.82 25.67 76.27
C PRO A 2113 -32.80 25.19 75.21
N ALA A 2114 -34.08 25.49 75.43
CA ALA A 2114 -35.11 25.19 74.44
C ALA A 2114 -35.78 26.46 73.94
N MET A 2115 -36.26 27.32 74.84
CA MET A 2115 -37.02 28.48 74.42
C MET A 2115 -36.12 29.59 73.91
N ASP A 2116 -36.66 30.40 73.00
CA ASP A 2116 -35.97 31.57 72.50
C ASP A 2116 -35.87 32.61 73.61
N PRO A 2117 -34.67 33.04 74.00
CA PRO A 2117 -34.57 34.02 75.09
C PRO A 2117 -35.28 35.33 74.80
N VAL A 2118 -35.22 35.82 73.57
CA VAL A 2118 -35.91 37.07 73.25
C VAL A 2118 -37.41 36.86 73.14
N GLU A 2119 -37.86 35.63 72.92
CA GLU A 2119 -39.29 35.37 72.82
C GLU A 2119 -39.90 35.05 74.18
N PHE A 2120 -39.20 34.33 75.05
CA PHE A 2120 -39.68 34.18 76.42
C PHE A 2120 -39.77 35.52 77.11
N CYS A 2121 -38.78 36.40 76.90
CA CYS A 2121 -38.83 37.72 77.50
C CYS A 2121 -39.87 38.61 76.82
N SER A 2122 -40.43 38.17 75.70
CA SER A 2122 -41.48 38.94 75.04
C SER A 2122 -42.82 38.70 75.72
N GLU A 2123 -43.74 39.65 75.54
CA GLU A 2123 -45.04 39.54 76.18
C GLU A 2123 -45.89 38.44 75.53
N ALA A 2124 -45.68 38.18 74.24
CA ALA A 2124 -46.47 37.16 73.54
C ALA A 2124 -46.28 35.77 74.16
N PHE A 2125 -45.22 35.58 74.94
CA PHE A 2125 -45.03 34.35 75.70
C PHE A 2125 -45.13 34.56 77.19
N GLN A 2126 -44.71 35.74 77.69
CA GLN A 2126 -44.73 36.00 79.12
C GLN A 2126 -46.16 36.08 79.65
N ARG A 2127 -47.02 36.82 78.96
CA ARG A 2127 -48.41 36.94 79.41
C ARG A 2127 -49.14 35.60 79.42
N PRO A 2128 -49.14 34.81 78.35
CA PRO A 2128 -49.78 33.48 78.44
C PRO A 2128 -49.17 32.62 79.52
N TYR A 2129 -47.84 32.67 79.67
CA TYR A 2129 -47.20 31.87 80.70
C TYR A 2129 -47.52 32.39 82.10
N GLN A 2130 -47.60 33.71 82.27
CA GLN A 2130 -47.96 34.24 83.57
C GLN A 2130 -49.37 33.81 83.97
N TYR A 2131 -50.32 33.90 83.04
CA TYR A 2131 -51.68 33.46 83.33
C TYR A 2131 -51.72 31.96 83.57
N LEU A 2132 -51.00 31.17 82.78
CA LEU A 2132 -50.97 29.73 82.99
C LEU A 2132 -50.33 29.37 84.32
N LYS A 2133 -49.32 30.15 84.74
CA LYS A 2133 -48.71 29.95 86.05
C LYS A 2133 -49.70 30.19 87.17
N ARG A 2134 -50.47 31.27 87.07
CA ARG A 2134 -51.47 31.54 88.09
C ARG A 2134 -52.63 30.55 88.04
N PHE A 2135 -52.91 29.95 86.89
CA PHE A 2135 -54.08 29.10 86.74
C PHE A 2135 -53.80 27.63 86.99
N HIS A 2136 -52.57 27.16 86.74
CA HIS A 2136 -52.26 25.74 86.89
C HIS A 2136 -52.57 25.27 88.30
N GLN A 2137 -52.05 25.96 89.30
CA GLN A 2137 -52.50 25.80 90.67
C GLN A 2137 -53.65 26.79 90.90
N GLN A 2138 -54.51 26.46 91.87
CA GLN A 2138 -55.79 27.14 91.96
C GLN A 2138 -55.66 28.41 92.80
N GLN A 2139 -55.66 29.56 92.13
CA GLN A 2139 -55.71 30.86 92.78
C GLN A 2139 -56.71 31.74 92.02
N ASN A 2140 -57.39 32.61 92.75
CA ASN A 2140 -58.29 33.56 92.11
C ASN A 2140 -57.47 34.57 91.33
N LEU A 2141 -57.89 34.84 90.10
CA LEU A 2141 -57.18 35.74 89.20
C LEU A 2141 -57.67 37.17 89.30
N ASP A 2142 -58.31 37.52 90.42
CA ASP A 2142 -58.76 38.90 90.63
C ASP A 2142 -57.58 39.85 90.79
N THR A 2143 -56.41 39.34 91.14
CA THR A 2143 -55.23 40.18 91.24
C THR A 2143 -54.89 40.79 89.89
N PHE A 2144 -54.24 41.95 89.91
CA PHE A 2144 -53.86 42.62 88.69
C PHE A 2144 -52.65 41.93 88.07
N GLN A 2145 -52.81 41.46 86.83
CA GLN A 2145 -51.79 40.71 86.12
C GLN A 2145 -51.19 41.57 85.00
N TYR A 2146 -50.18 41.02 84.35
CA TYR A 2146 -49.49 41.67 83.22
C TYR A 2146 -48.92 43.03 83.64
N GLU A 2147 -47.92 42.94 84.52
CA GLU A 2147 -47.11 44.05 85.02
C GLU A 2147 -46.26 44.71 83.96
N LYS A 2148 -46.35 44.34 82.68
CA LYS A 2148 -45.44 44.79 81.64
C LYS A 2148 -43.99 44.48 81.98
N GLY A 2149 -43.76 43.34 82.63
CA GLY A 2149 -42.43 42.91 83.03
C GLY A 2149 -42.23 41.44 82.74
N SER A 2150 -41.12 40.92 83.28
CA SER A 2150 -40.78 39.51 83.14
C SER A 2150 -40.89 38.84 84.51
N VAL A 2151 -41.83 37.90 84.61
CA VAL A 2151 -42.04 37.19 85.87
C VAL A 2151 -40.87 36.25 86.13
N GLU A 2152 -40.76 35.79 87.38
CA GLU A 2152 -39.70 34.86 87.76
C GLU A 2152 -40.07 33.44 87.34
N GLY A 2153 -40.39 33.26 86.07
CA GLY A 2153 -40.76 31.95 85.54
C GLY A 2153 -39.67 31.44 84.61
N SER A 2154 -39.55 30.12 84.54
CA SER A 2154 -38.46 29.72 83.68
C SER A 2154 -38.97 29.36 82.30
N PRO A 2155 -38.14 29.55 81.27
CA PRO A 2155 -38.52 29.07 79.93
C PRO A 2155 -38.79 27.58 79.90
N GLU A 2156 -38.05 26.81 80.70
CA GLU A 2156 -38.26 25.36 80.73
C GLU A 2156 -39.63 25.02 81.32
N GLU A 2157 -39.96 25.59 82.48
CA GLU A 2157 -41.27 25.33 83.07
C GLU A 2157 -42.40 25.94 82.24
N CYS A 2158 -42.12 27.07 81.57
CA CYS A 2158 -43.09 27.62 80.63
C CYS A 2158 -43.39 26.61 79.52
N LEU A 2159 -42.34 26.00 78.97
CA LEU A 2159 -42.53 24.99 77.95
C LEU A 2159 -43.29 23.80 78.52
N GLN A 2160 -42.99 23.42 79.76
CA GLN A 2160 -43.73 22.33 80.41
C GLN A 2160 -45.22 22.65 80.48
N HIS A 2161 -45.56 23.87 80.89
CA HIS A 2161 -46.97 24.26 81.00
C HIS A 2161 -47.64 24.21 79.63
N PHE A 2162 -47.00 24.82 78.63
CA PHE A 2162 -47.61 24.85 77.31
C PHE A 2162 -47.72 23.45 76.71
N LEU A 2163 -46.81 22.55 77.08
CA LEU A 2163 -46.92 21.17 76.62
C LEU A 2163 -48.08 20.45 77.29
N ILE A 2164 -48.18 20.55 78.62
CA ILE A 2164 -49.23 19.83 79.33
C ILE A 2164 -50.61 20.39 79.01
N TYR A 2165 -50.71 21.61 78.52
CA TYR A 2165 -51.98 22.15 78.08
C TYR A 2165 -52.16 22.19 76.57
N CYS A 2166 -51.14 21.80 75.79
CA CYS A 2166 -51.31 21.73 74.34
C CYS A 2166 -52.09 20.49 73.94
N GLY A 2167 -52.00 19.41 74.72
CA GLY A 2167 -52.76 18.20 74.45
C GLY A 2167 -52.23 17.24 73.41
N LEU A 2168 -51.87 17.74 72.23
CA LEU A 2168 -51.37 16.88 71.18
C LEU A 2168 -50.04 16.25 71.60
N ILE A 2169 -49.85 15.00 71.18
CA ILE A 2169 -48.78 14.16 71.73
C ILE A 2169 -47.40 14.72 71.40
N ASN A 2170 -47.15 15.00 70.12
CA ASN A 2170 -45.82 15.36 69.63
C ASN A 2170 -45.91 16.70 68.91
N PRO A 2171 -45.80 17.81 69.64
CA PRO A 2171 -45.89 19.13 69.02
C PRO A 2171 -44.55 19.68 68.60
N SER A 2172 -44.53 20.33 67.43
CA SER A 2172 -43.37 21.08 66.99
C SER A 2172 -43.31 22.42 67.71
N TRP A 2173 -42.19 23.12 67.55
CA TRP A 2173 -42.07 24.45 68.12
C TRP A 2173 -43.09 25.40 67.51
N SER A 2174 -43.43 25.18 66.23
CA SER A 2174 -44.41 26.02 65.57
C SER A 2174 -45.78 25.90 66.22
N GLU A 2175 -46.18 24.69 66.60
CA GLU A 2175 -47.49 24.51 67.21
C GLU A 2175 -47.55 25.15 68.60
N LEU A 2176 -46.48 25.03 69.38
CA LEU A 2176 -46.42 25.73 70.66
C LEU A 2176 -46.51 27.23 70.47
N ARG A 2177 -45.79 27.76 69.48
CA ARG A 2177 -45.84 29.18 69.19
C ARG A 2177 -47.26 29.60 68.80
N ASN A 2178 -47.94 28.79 67.98
CA ASN A 2178 -49.32 29.09 67.61
C ASN A 2178 -50.22 29.15 68.83
N PHE A 2179 -50.13 28.12 69.68
CA PHE A 2179 -50.94 28.08 70.90
C PHE A 2179 -50.71 29.34 71.73
N ALA A 2180 -49.45 29.65 72.01
CA ALA A 2180 -49.18 30.77 72.90
C ALA A 2180 -49.60 32.10 72.29
N TRP A 2181 -49.38 32.29 70.99
CA TRP A 2181 -49.77 33.54 70.35
C TRP A 2181 -51.28 33.72 70.37
N PHE A 2182 -52.03 32.67 70.03
CA PHE A 2182 -53.48 32.71 70.08
C PHE A 2182 -53.97 33.05 71.49
N LEU A 2183 -53.42 32.36 72.48
CA LEU A 2183 -53.87 32.54 73.86
C LEU A 2183 -53.53 33.95 74.35
N ASN A 2184 -52.37 34.47 73.94
CA ASN A 2184 -52.01 35.84 74.28
C ASN A 2184 -52.98 36.85 73.69
N CYS A 2185 -53.30 36.70 72.41
CA CYS A 2185 -54.24 37.64 71.79
C CYS A 2185 -55.58 37.60 72.50
N GLN A 2186 -56.09 36.40 72.76
CA GLN A 2186 -57.40 36.29 73.41
C GLN A 2186 -57.38 36.89 74.81
N LEU A 2187 -56.34 36.62 75.59
CA LEU A 2187 -56.28 37.20 76.93
C LEU A 2187 -56.05 38.70 76.89
N LYS A 2188 -55.40 39.20 75.83
CA LYS A 2188 -55.30 40.65 75.68
C LYS A 2188 -56.65 41.28 75.45
N ASP A 2189 -57.50 40.64 74.64
CA ASP A 2189 -58.86 41.15 74.50
C ASP A 2189 -59.60 41.07 75.83
N CYS A 2190 -59.40 39.99 76.58
CA CYS A 2190 -60.09 39.83 77.87
C CYS A 2190 -59.68 40.93 78.85
N GLU A 2191 -58.39 41.22 78.93
CA GLU A 2191 -57.93 42.29 79.81
C GLU A 2191 -58.40 43.65 79.33
N ALA A 2192 -58.38 43.86 78.01
CA ALA A 2192 -58.84 45.13 77.46
C ALA A 2192 -60.30 45.40 77.80
N SER A 2193 -61.10 44.35 77.95
CA SER A 2193 -62.47 44.52 78.41
C SER A 2193 -62.51 44.94 79.87
N ILE A 2194 -63.64 45.50 80.28
CA ILE A 2194 -63.81 46.05 81.62
C ILE A 2194 -64.46 45.00 82.51
N PHE A 2195 -64.38 43.74 82.11
CA PHE A 2195 -64.99 42.67 82.90
C PHE A 2195 -64.24 42.36 84.18
N CYS A 2196 -62.92 42.55 84.22
CA CYS A 2196 -62.23 42.41 85.49
C CYS A 2196 -62.71 43.46 86.49
N LYS A 2197 -62.76 44.72 86.06
CA LYS A 2197 -63.33 45.77 86.89
C LYS A 2197 -64.83 45.59 87.09
N SER A 2198 -65.51 44.97 86.12
CA SER A 2198 -66.93 44.67 86.31
C SER A 2198 -67.13 43.68 87.47
N ALA A 2199 -66.26 42.67 87.55
CA ALA A 2199 -66.31 41.75 88.68
C ALA A 2199 -65.91 42.43 89.97
N PHE A 2200 -64.92 43.33 89.91
CA PHE A 2200 -64.50 44.05 91.10
C PHE A 2200 -65.63 44.92 91.66
N THR A 2201 -66.36 45.60 90.78
CA THR A 2201 -67.49 46.44 91.21
C THR A 2201 -68.77 45.65 91.42
N GLY A 2202 -68.84 44.40 90.97
CA GLY A 2202 -70.00 43.58 91.21
C GLY A 2202 -69.85 42.75 92.47
N ASP A 2203 -68.60 42.42 92.81
CA ASP A 2203 -68.24 41.66 94.00
C ASP A 2203 -68.88 40.28 94.05
N THR A 2204 -69.54 39.85 92.97
CA THR A 2204 -70.18 38.54 92.93
C THR A 2204 -69.99 37.84 91.59
N LEU A 2205 -69.09 38.33 90.74
CA LEU A 2205 -68.77 37.68 89.46
C LEU A 2205 -67.63 36.68 89.60
N ARG A 2206 -67.46 36.10 90.78
CA ARG A 2206 -66.39 35.13 90.99
C ARG A 2206 -66.63 33.89 90.14
N GLY A 2207 -65.52 33.24 89.78
CA GLY A 2207 -65.57 32.11 88.86
C GLY A 2207 -65.60 32.48 87.41
N PHE A 2208 -65.49 33.77 87.08
CA PHE A 2208 -65.54 34.20 85.68
C PHE A 2208 -64.26 33.86 84.95
N LYS A 2209 -63.10 34.11 85.59
CA LYS A 2209 -61.83 33.99 84.90
C LYS A 2209 -61.38 32.55 84.71
N ASN A 2210 -61.71 31.65 85.64
CA ASN A 2210 -61.42 30.24 85.40
C ASN A 2210 -62.20 29.72 84.20
N PHE A 2211 -63.47 30.12 84.10
CA PHE A 2211 -64.23 29.82 82.90
C PHE A 2211 -63.58 30.45 81.67
N VAL A 2212 -63.06 31.67 81.82
CA VAL A 2212 -62.41 32.33 80.70
C VAL A 2212 -61.26 31.49 80.17
N VAL A 2213 -60.39 31.04 81.07
CA VAL A 2213 -59.22 30.29 80.63
C VAL A 2213 -59.62 28.90 80.14
N THR A 2214 -60.64 28.29 80.74
CA THR A 2214 -61.09 26.99 80.27
C THR A 2214 -61.62 27.07 78.85
N PHE A 2215 -62.46 28.09 78.59
CA PHE A 2215 -62.97 28.27 77.24
C PHE A 2215 -61.87 28.66 76.28
N MET A 2216 -60.84 29.35 76.77
CA MET A 2216 -59.67 29.62 75.94
C MET A 2216 -59.01 28.32 75.51
N ILE A 2217 -58.85 27.39 76.45
CA ILE A 2217 -58.29 26.09 76.09
C ILE A 2217 -59.19 25.37 75.10
N LEU A 2218 -60.50 25.49 75.24
CA LEU A 2218 -61.41 24.82 74.31
C LEU A 2218 -61.26 25.37 72.90
N MET A 2219 -61.32 26.68 72.75
CA MET A 2219 -61.17 27.25 71.42
C MET A 2219 -59.76 27.08 70.89
N ALA A 2220 -58.76 26.87 71.77
CA ALA A 2220 -57.44 26.51 71.29
C ALA A 2220 -57.41 25.08 70.78
N ARG A 2221 -58.11 24.16 71.47
CA ARG A 2221 -58.34 22.83 70.92
C ARG A 2221 -58.91 22.93 69.52
N ASP A 2222 -59.81 23.89 69.32
CA ASP A 2222 -60.33 24.12 67.99
C ASP A 2222 -59.24 24.59 67.03
N PHE A 2223 -58.48 25.60 67.43
CA PHE A 2223 -57.66 26.33 66.45
C PHE A 2223 -56.28 25.75 66.24
N ALA A 2224 -55.47 25.68 67.31
CA ALA A 2224 -54.07 25.34 67.20
C ALA A 2224 -53.80 23.87 67.48
N THR A 2225 -54.75 22.99 67.16
CA THR A 2225 -54.57 21.55 67.34
C THR A 2225 -55.25 20.83 66.17
N PRO A 2226 -54.53 20.67 65.05
CA PRO A 2226 -54.94 19.66 64.08
C PRO A 2226 -54.28 18.33 64.40
N THR A 2227 -54.89 17.25 63.92
CA THR A 2227 -54.42 15.89 64.17
C THR A 2227 -54.22 15.62 65.65
N GLU A 2247 -54.82 5.98 51.76
CA GLU A 2247 -53.56 5.74 51.07
C GLU A 2247 -52.39 6.04 52.00
N GLU A 2248 -51.27 5.35 51.80
CA GLU A 2248 -50.15 5.50 52.73
C GLU A 2248 -49.44 6.84 52.54
N ASP A 2249 -49.21 7.25 51.29
CA ASP A 2249 -48.53 8.52 51.07
C ASP A 2249 -49.45 9.71 51.29
N LEU A 2250 -50.75 9.53 51.06
CA LEU A 2250 -51.72 10.57 51.34
C LEU A 2250 -52.13 10.60 52.80
N ALA A 2251 -51.64 9.67 53.60
CA ALA A 2251 -51.97 9.65 55.03
C ALA A 2251 -51.60 10.93 55.75
N PRO A 2252 -50.43 11.55 55.54
CA PRO A 2252 -50.16 12.83 56.22
C PRO A 2252 -51.12 13.94 55.83
N PHE A 2253 -51.79 13.83 54.69
CA PHE A 2253 -52.66 14.88 54.17
C PHE A 2253 -54.13 14.57 54.33
N SER A 2254 -54.59 13.42 53.81
CA SER A 2254 -56.01 13.12 53.79
C SER A 2254 -56.55 12.79 55.18
N LEU A 2255 -55.68 12.40 56.11
CA LEU A 2255 -56.14 11.99 57.43
C LEU A 2255 -56.61 13.22 58.18
N ARG A 2256 -57.89 13.52 58.08
CA ARG A 2256 -58.49 14.69 58.72
C ARG A 2256 -59.32 14.20 59.89
N LYS A 2257 -58.79 14.38 61.11
CA LYS A 2257 -59.49 13.94 62.30
C LYS A 2257 -60.70 14.81 62.59
N ARG A 2258 -60.56 16.11 62.42
CA ARG A 2258 -61.63 17.06 62.73
C ARG A 2258 -62.05 17.80 61.46
N TRP A 2259 -63.36 17.86 61.24
CA TRP A 2259 -63.97 18.65 60.18
C TRP A 2259 -64.82 19.76 60.81
N GLU A 2260 -65.53 20.50 59.96
CA GLU A 2260 -66.52 21.43 60.47
C GLU A 2260 -67.76 20.72 60.99
N SER A 2261 -67.88 19.41 60.75
CA SER A 2261 -68.91 18.60 61.38
C SER A 2261 -68.44 18.18 62.77
N GLU A 2262 -68.00 19.14 63.57
CA GLU A 2262 -67.49 18.91 64.91
C GLU A 2262 -67.84 20.12 65.75
N PRO A 2263 -67.81 19.99 67.07
CA PRO A 2263 -68.08 21.17 67.91
C PRO A 2263 -67.03 22.25 67.72
N HIS A 2264 -67.48 23.50 67.61
CA HIS A 2264 -66.60 24.65 67.48
C HIS A 2264 -67.02 25.72 68.47
N PRO A 2265 -66.81 25.49 69.76
CA PRO A 2265 -67.20 26.49 70.76
C PRO A 2265 -66.34 27.74 70.64
N TYR A 2266 -67.00 28.89 70.52
CA TYR A 2266 -66.36 30.16 70.21
C TYR A 2266 -66.88 31.25 71.14
N VAL A 2267 -65.96 32.03 71.72
CA VAL A 2267 -66.30 33.27 72.39
C VAL A 2267 -65.35 34.36 71.92
N PHE A 2268 -65.86 35.59 71.86
CA PHE A 2268 -65.13 36.75 71.35
C PHE A 2268 -65.49 37.95 72.20
N PHE A 2269 -64.59 38.93 72.24
CA PHE A 2269 -64.79 40.13 73.05
C PHE A 2269 -64.82 41.33 72.10
N ASN A 2270 -65.96 42.02 72.06
CA ASN A 2270 -66.14 43.10 71.10
C ASN A 2270 -65.55 44.39 71.67
N GLY A 2271 -64.57 44.95 70.95
CA GLY A 2271 -63.78 46.05 71.47
C GLY A 2271 -64.50 47.36 71.68
N ASP A 2272 -65.16 47.88 70.66
CA ASP A 2272 -65.71 49.23 70.74
C ASP A 2272 -66.79 49.33 71.81
N HIS A 2273 -67.68 48.34 71.87
CA HIS A 2273 -68.77 48.37 72.85
C HIS A 2273 -68.48 47.40 73.99
N MET A 2274 -69.47 47.20 74.85
CA MET A 2274 -69.37 46.37 76.03
C MET A 2274 -70.34 45.19 75.98
N THR A 2275 -70.43 44.56 74.82
CA THR A 2275 -71.27 43.38 74.64
C THR A 2275 -70.45 42.32 73.91
N MET A 2276 -70.58 41.07 74.38
CA MET A 2276 -69.81 39.95 73.85
C MET A 2276 -70.70 39.09 72.99
N THR A 2277 -70.14 37.94 72.56
CA THR A 2277 -70.81 37.07 71.62
C THR A 2277 -70.34 35.64 71.84
N PHE A 2278 -71.29 34.74 72.12
CA PHE A 2278 -71.00 33.34 72.43
C PHE A 2278 -71.61 32.48 71.34
N ILE A 2279 -70.80 32.05 70.39
CA ILE A 2279 -71.30 31.36 69.20
C ILE A 2279 -70.70 29.97 69.14
N GLY A 2280 -71.45 29.01 68.62
CA GLY A 2280 -70.94 27.68 68.37
C GLY A 2280 -71.20 26.67 69.46
N PHE A 2281 -71.97 27.03 70.48
CA PHE A 2281 -72.28 26.09 71.56
C PHE A 2281 -73.52 26.59 72.29
N HIS A 2282 -73.88 25.88 73.35
CA HIS A 2282 -75.03 26.22 74.18
C HIS A 2282 -74.67 25.99 75.64
N LEU A 2283 -75.33 26.76 76.51
CA LEU A 2283 -75.18 26.62 77.96
C LEU A 2283 -76.48 26.10 78.54
N GLU A 2284 -76.48 24.84 78.98
CA GLU A 2284 -77.68 24.19 79.49
C GLU A 2284 -77.50 23.80 80.95
N THR A 2285 -78.53 24.03 81.75
CA THR A 2285 -78.43 23.78 83.18
C THR A 2285 -78.11 22.31 83.44
N ASN A 2286 -77.09 22.08 84.26
CA ASN A 2286 -76.65 20.75 84.63
C ASN A 2286 -77.55 20.19 85.74
N ASN A 2287 -77.41 18.89 85.99
CA ASN A 2287 -78.21 18.26 87.03
C ASN A 2287 -77.71 18.61 88.42
N ASN A 2288 -76.40 18.79 88.59
CA ASN A 2288 -75.81 19.15 89.87
C ASN A 2288 -75.93 20.63 90.18
N GLY A 2289 -76.77 21.35 89.45
CA GLY A 2289 -76.96 22.77 89.64
C GLY A 2289 -76.14 23.66 88.74
N TYR A 2290 -75.17 23.11 88.01
CA TYR A 2290 -74.29 23.90 87.17
C TYR A 2290 -74.88 24.07 85.78
N VAL A 2291 -74.04 24.56 84.86
CA VAL A 2291 -74.40 24.75 83.47
C VAL A 2291 -73.28 24.19 82.59
N ASP A 2292 -73.63 23.34 81.64
CA ASP A 2292 -72.67 22.62 80.81
C ASP A 2292 -72.81 23.03 79.35
N ALA A 2293 -71.75 22.71 78.60
CA ALA A 2293 -71.64 23.07 77.19
C ALA A 2293 -72.28 21.98 76.33
N ILE A 2294 -73.43 22.29 75.76
CA ILE A 2294 -74.20 21.38 74.92
C ILE A 2294 -74.20 21.95 73.51
N ASN A 2295 -73.74 21.17 72.55
CA ASN A 2295 -73.70 21.65 71.18
C ASN A 2295 -75.11 21.71 70.59
N PRO A 2296 -75.35 22.59 69.63
CA PRO A 2296 -76.67 22.66 69.02
C PRO A 2296 -76.96 21.45 68.14
N SER A 2297 -78.24 21.21 67.91
CA SER A 2297 -78.79 20.19 67.01
C SER A 2297 -78.51 18.77 67.48
N ASN A 2298 -77.83 18.57 68.59
CA ASN A 2298 -77.59 17.24 69.15
C ASN A 2298 -77.12 17.41 70.59
N GLY A 2299 -76.83 16.30 71.24
CA GLY A 2299 -76.38 16.34 72.63
C GLY A 2299 -74.93 15.94 72.81
N LYS A 2300 -74.09 16.90 73.17
CA LYS A 2300 -72.71 16.64 73.57
C LYS A 2300 -72.45 17.36 74.88
N VAL A 2301 -71.97 16.62 75.88
CA VAL A 2301 -71.98 17.10 77.26
C VAL A 2301 -70.56 17.42 77.71
N ILE A 2302 -69.73 17.88 76.77
CA ILE A 2302 -68.32 18.12 77.06
C ILE A 2302 -68.16 19.16 78.18
N LYS A 2303 -67.01 19.08 78.85
CA LYS A 2303 -66.58 20.09 79.83
C LYS A 2303 -67.55 20.21 81.00
N LYS A 2304 -67.66 19.13 81.76
CA LYS A 2304 -68.42 19.16 83.00
C LYS A 2304 -67.76 20.07 84.02
N ASP A 2305 -68.57 20.82 84.76
CA ASP A 2305 -68.12 21.63 85.90
C ASP A 2305 -67.07 22.65 85.46
N VAL A 2306 -67.53 23.58 84.62
CA VAL A 2306 -66.66 24.63 84.11
C VAL A 2306 -66.81 25.96 84.84
N MET A 2307 -67.99 26.25 85.38
CA MET A 2307 -68.24 27.57 85.92
C MET A 2307 -68.98 27.47 87.25
N THR A 2308 -68.90 28.55 88.03
CA THR A 2308 -69.65 28.66 89.27
C THR A 2308 -70.95 29.44 89.03
N LYS A 2309 -71.97 29.09 89.81
CA LYS A 2309 -73.27 29.70 89.64
C LYS A 2309 -73.28 31.19 89.95
N GLU A 2310 -72.32 31.67 90.74
CA GLU A 2310 -72.23 33.11 90.97
C GLU A 2310 -71.80 33.84 89.70
N LEU A 2311 -70.90 33.22 88.91
CA LEU A 2311 -70.59 33.76 87.60
C LEU A 2311 -71.82 33.79 86.71
N PHE A 2312 -72.64 32.74 86.75
CA PHE A 2312 -73.84 32.70 85.94
C PHE A 2312 -74.81 33.81 86.34
N ASP A 2313 -74.98 34.01 87.65
CA ASP A 2313 -75.84 35.08 88.13
C ASP A 2313 -75.32 36.44 87.70
N GLY A 2314 -74.01 36.67 87.84
CA GLY A 2314 -73.45 37.93 87.39
C GLY A 2314 -73.58 38.12 85.89
N LEU A 2315 -73.52 37.02 85.13
CA LEU A 2315 -73.68 37.10 83.69
C LEU A 2315 -75.10 37.52 83.32
N ARG A 2316 -76.10 36.91 83.99
CA ARG A 2316 -77.47 37.29 83.69
C ARG A 2316 -77.78 38.69 84.22
N LEU A 2317 -77.00 39.16 85.20
CA LEU A 2317 -77.06 40.57 85.57
C LEU A 2317 -76.45 41.45 84.48
N GLN A 2318 -75.41 40.96 83.81
CA GLN A 2318 -74.75 41.70 82.74
C GLN A 2318 -75.46 41.57 81.40
N ARG A 2319 -76.48 40.71 81.30
CA ARG A 2319 -77.28 40.55 80.09
C ARG A 2319 -76.40 40.14 78.90
N VAL A 2320 -75.57 39.13 79.13
CA VAL A 2320 -74.64 38.65 78.10
C VAL A 2320 -75.40 37.78 77.10
N PRO A 2321 -75.20 37.99 75.80
CA PRO A 2321 -75.92 37.18 74.80
C PRO A 2321 -75.42 35.76 74.72
N PHE A 2322 -75.66 34.97 75.76
CA PHE A 2322 -75.17 33.61 75.86
C PHE A 2322 -76.26 32.63 75.44
N ASN A 2323 -75.82 31.49 74.89
CA ASN A 2323 -76.71 30.36 74.55
C ASN A 2323 -77.81 30.81 73.59
N ILE A 2324 -77.38 31.22 72.40
CA ILE A 2324 -78.29 31.70 71.36
C ILE A 2324 -78.20 30.76 70.17
N ASP A 2325 -79.32 30.18 69.79
CA ASP A 2325 -79.43 29.42 68.54
C ASP A 2325 -79.66 30.42 67.42
N PHE A 2326 -78.71 30.52 66.51
CA PHE A 2326 -78.73 31.54 65.49
C PHE A 2326 -79.45 31.12 64.22
N ASP A 2327 -80.04 29.91 64.20
CA ASP A 2327 -80.79 29.48 63.03
C ASP A 2327 -82.13 30.17 62.92
N ASN A 2328 -82.62 30.78 64.01
CA ASN A 2328 -83.93 31.41 64.03
C ASN A 2328 -83.81 32.87 64.47
N LEU A 2329 -82.81 33.56 63.94
CA LEU A 2329 -82.62 34.98 64.19
C LEU A 2329 -82.54 35.72 62.87
N PRO A 2330 -83.05 36.95 62.82
CA PRO A 2330 -83.17 37.66 61.53
C PRO A 2330 -81.82 38.03 60.94
N ARG A 2331 -81.85 38.30 59.64
CA ARG A 2331 -80.62 38.62 58.92
C ARG A 2331 -79.98 39.90 59.45
N TYR A 2332 -80.79 40.92 59.74
CA TYR A 2332 -80.23 42.14 60.31
C TYR A 2332 -79.61 41.87 61.67
N GLU A 2333 -80.27 41.06 62.50
CA GLU A 2333 -79.72 40.79 63.84
C GLU A 2333 -78.47 39.92 63.78
N LYS A 2334 -78.45 38.92 62.89
CA LYS A 2334 -77.23 38.12 62.75
C LYS A 2334 -76.09 38.96 62.20
N LEU A 2335 -76.38 39.92 61.31
CA LEU A 2335 -75.34 40.82 60.85
C LEU A 2335 -74.86 41.73 61.95
N GLU A 2336 -75.75 42.18 62.83
CA GLU A 2336 -75.31 42.95 64.00
C GLU A 2336 -74.41 42.11 64.90
N ARG A 2337 -74.78 40.85 65.11
CA ARG A 2337 -73.95 39.95 65.90
C ARG A 2337 -72.57 39.80 65.28
N LEU A 2338 -72.53 39.65 63.95
CA LEU A 2338 -71.24 39.54 63.26
C LEU A 2338 -70.42 40.81 63.43
N CYS A 2339 -71.03 41.96 63.15
CA CYS A 2339 -70.31 43.23 63.18
C CYS A 2339 -69.77 43.51 64.58
N LEU A 2340 -70.54 43.18 65.61
CA LEU A 2340 -70.00 43.23 66.96
C LEU A 2340 -68.81 42.28 67.09
N ALA A 2341 -69.00 41.02 66.67
CA ALA A 2341 -67.93 40.04 66.74
C ALA A 2341 -66.76 40.44 65.84
N LEU A 2342 -67.04 40.89 64.63
CA LEU A 2342 -66.00 41.38 63.74
C LEU A 2342 -65.51 42.77 64.11
N GLY A 2343 -66.00 43.33 65.21
CA GLY A 2343 -65.54 44.63 65.70
C GLY A 2343 -65.80 45.78 64.76
N ILE A 2344 -66.94 45.76 64.06
CA ILE A 2344 -67.27 46.77 63.07
C ILE A 2344 -68.28 47.74 63.68
N GLU A 2345 -67.98 49.03 63.60
CA GLU A 2345 -68.82 50.07 64.16
C GLU A 2345 -69.61 50.77 63.05
N TRP A 2346 -70.86 51.12 63.38
CA TRP A 2346 -71.84 51.59 62.40
C TRP A 2346 -71.95 50.61 61.25
N PRO A 2347 -72.45 49.39 61.50
CA PRO A 2347 -72.50 48.39 60.44
C PRO A 2347 -73.47 48.77 59.35
N ILE A 2348 -73.12 48.39 58.12
CA ILE A 2348 -74.01 48.49 56.98
C ILE A 2348 -74.02 47.14 56.29
N ASP A 2349 -75.10 46.85 55.58
CA ASP A 2349 -75.26 45.52 55.02
C ASP A 2349 -74.93 45.56 53.53
N PRO A 2350 -73.77 45.04 53.14
CA PRO A 2350 -73.34 45.15 51.73
C PRO A 2350 -73.97 44.12 50.80
N ASP A 2351 -74.17 42.90 51.29
CA ASP A 2351 -74.74 41.84 50.47
C ASP A 2351 -75.73 41.03 51.30
N GLU A 2352 -76.85 40.68 50.66
CA GLU A 2352 -77.88 39.87 51.28
C GLU A 2352 -78.37 38.76 50.35
N THR A 2353 -77.67 38.55 49.24
CA THR A 2353 -78.03 37.51 48.27
C THR A 2353 -77.38 36.17 48.60
N TYR A 2354 -76.62 36.09 49.69
CA TYR A 2354 -76.00 34.85 50.15
C TYR A 2354 -76.53 34.49 51.53
N GLU A 2355 -77.00 33.26 51.66
CA GLU A 2355 -77.49 32.78 52.95
C GLU A 2355 -76.34 32.71 53.94
N LEU A 2356 -76.60 33.15 55.16
CA LEU A 2356 -75.58 33.26 56.20
C LEU A 2356 -75.98 32.33 57.34
N THR A 2357 -75.58 31.06 57.22
CA THR A 2357 -75.94 30.05 58.22
C THR A 2357 -74.98 30.10 59.40
N THR A 2358 -75.26 29.29 60.41
CA THR A 2358 -74.43 29.25 61.61
C THR A 2358 -73.02 28.74 61.30
N ASP A 2359 -72.92 27.70 60.46
CA ASP A 2359 -71.59 27.17 60.14
C ASP A 2359 -70.75 28.19 59.38
N ASN A 2360 -71.37 28.94 58.46
CA ASN A 2360 -70.64 30.00 57.79
C ASN A 2360 -70.19 31.07 58.78
N MET A 2361 -71.02 31.35 59.79
CA MET A 2361 -70.60 32.25 60.85
C MET A 2361 -69.37 31.71 61.58
N LEU A 2362 -69.39 30.41 61.90
CA LEU A 2362 -68.23 29.81 62.53
C LEU A 2362 -66.99 29.97 61.66
N LYS A 2363 -67.14 29.76 60.36
CA LYS A 2363 -66.00 29.87 59.45
C LYS A 2363 -65.45 31.29 59.41
N ILE A 2364 -66.34 32.28 59.30
CA ILE A 2364 -65.86 33.66 59.17
C ILE A 2364 -65.20 34.12 60.46
N LEU A 2365 -65.79 33.81 61.60
CA LEU A 2365 -65.11 34.15 62.86
C LEU A 2365 -63.81 33.39 63.03
N ALA A 2366 -63.74 32.14 62.55
CA ALA A 2366 -62.50 31.39 62.63
C ALA A 2366 -61.41 32.08 61.82
N ILE A 2367 -61.73 32.47 60.59
CA ILE A 2367 -60.75 33.15 59.75
C ILE A 2367 -60.32 34.46 60.38
N GLU A 2368 -61.28 35.25 60.86
CA GLU A 2368 -60.95 36.56 61.42
C GLU A 2368 -60.07 36.42 62.66
N MET A 2369 -60.40 35.49 63.55
CA MET A 2369 -59.53 35.21 64.69
C MET A 2369 -58.14 34.79 64.22
N ARG A 2370 -58.09 33.87 63.24
CA ARG A 2370 -56.82 33.33 62.80
C ARG A 2370 -55.89 34.44 62.31
N PHE A 2371 -56.38 35.32 61.44
CA PHE A 2371 -55.50 36.32 60.88
C PHE A 2371 -55.45 37.60 61.70
N ARG A 2372 -56.23 37.72 62.78
CA ARG A 2372 -56.06 38.88 63.63
C ARG A 2372 -55.23 38.58 64.87
N CYS A 2373 -55.08 37.30 65.23
CA CYS A 2373 -54.12 36.99 66.28
C CYS A 2373 -52.71 36.85 65.72
N GLY A 2374 -52.56 36.17 64.59
CA GLY A 2374 -51.27 36.04 63.95
C GLY A 2374 -51.02 34.69 63.31
N ILE A 2375 -51.91 33.74 63.54
CA ILE A 2375 -51.72 32.39 62.97
C ILE A 2375 -51.82 32.47 61.45
N PRO A 2376 -50.93 31.82 60.70
CA PRO A 2376 -51.12 31.72 59.25
C PRO A 2376 -52.43 30.99 58.93
N VAL A 2377 -53.10 31.46 57.89
CA VAL A 2377 -54.44 30.97 57.58
C VAL A 2377 -54.46 30.26 56.23
N ILE A 2378 -54.30 28.95 56.25
CA ILE A 2378 -54.47 28.12 55.06
C ILE A 2378 -55.84 27.47 55.15
N ILE A 2379 -56.52 27.38 54.02
CA ILE A 2379 -57.91 26.94 53.96
C ILE A 2379 -57.95 25.56 53.31
N MET A 2380 -58.65 24.64 53.96
CA MET A 2380 -58.72 23.26 53.55
C MET A 2380 -60.14 22.98 53.06
N GLY A 2381 -60.29 22.52 51.83
CA GLY A 2381 -61.60 22.21 51.32
C GLY A 2381 -61.57 21.92 49.84
N GLU A 2382 -62.70 21.42 49.35
CA GLU A 2382 -62.87 21.05 47.96
C GLU A 2382 -63.44 22.24 47.17
N THR A 2383 -63.57 22.07 45.86
CA THR A 2383 -64.07 23.16 45.02
C THR A 2383 -65.56 23.41 45.27
N GLY A 2384 -66.28 22.39 45.71
CA GLY A 2384 -67.71 22.56 45.95
C GLY A 2384 -68.02 23.58 47.02
N CYS A 2385 -67.24 23.56 48.11
CA CYS A 2385 -67.48 24.49 49.20
C CYS A 2385 -67.24 25.92 48.74
N GLY A 2386 -68.03 26.85 49.29
CA GLY A 2386 -67.87 28.25 48.96
C GLY A 2386 -66.86 28.93 49.84
N LYS A 2387 -65.63 29.08 49.36
CA LYS A 2387 -64.55 29.70 50.11
C LYS A 2387 -64.28 31.13 49.65
N THR A 2388 -64.14 31.34 48.34
CA THR A 2388 -63.91 32.69 47.83
C THR A 2388 -65.06 33.60 48.19
N ARG A 2389 -66.29 33.10 48.08
CA ARG A 2389 -67.46 33.91 48.40
C ARG A 2389 -67.43 34.35 49.85
N LEU A 2390 -67.06 33.43 50.76
CA LEU A 2390 -67.09 33.76 52.18
C LEU A 2390 -66.02 34.78 52.55
N ILE A 2391 -64.80 34.64 52.00
CA ILE A 2391 -63.76 35.61 52.32
C ILE A 2391 -64.11 36.96 51.71
N LYS A 2392 -64.70 36.97 50.51
CA LYS A 2392 -65.14 38.24 49.94
C LYS A 2392 -66.22 38.88 50.81
N PHE A 2393 -67.12 38.05 51.35
CA PHE A 2393 -68.12 38.52 52.29
C PHE A 2393 -67.47 39.19 53.49
N LEU A 2394 -66.47 38.53 54.07
CA LEU A 2394 -65.78 39.11 55.22
C LEU A 2394 -65.09 40.40 54.84
N SER A 2395 -64.45 40.45 53.67
CA SER A 2395 -63.74 41.65 53.25
C SER A 2395 -64.69 42.82 53.08
N ASP A 2396 -65.83 42.59 52.45
CA ASP A 2396 -66.76 43.71 52.26
C ASP A 2396 -67.43 44.11 53.57
N LEU A 2397 -67.63 43.16 54.49
CA LEU A 2397 -68.11 43.54 55.81
C LEU A 2397 -67.11 44.43 56.52
N LYS A 2398 -65.82 44.08 56.43
CA LYS A 2398 -64.78 44.94 57.01
C LYS A 2398 -64.77 46.30 56.33
N ARG A 2399 -64.93 46.33 55.02
CA ARG A 2399 -64.86 47.57 54.26
C ARG A 2399 -66.12 48.42 54.46
N GLY A 2400 -67.27 47.83 54.18
CA GLY A 2400 -68.54 48.53 54.29
C GLY A 2400 -68.92 49.32 53.05
N SER A 2401 -68.29 50.49 52.84
CA SER A 2401 -68.67 51.34 51.72
C SER A 2401 -67.52 52.05 51.05
N VAL A 2402 -66.27 51.84 51.48
CA VAL A 2402 -65.14 52.48 50.82
C VAL A 2402 -64.91 51.81 49.47
N GLU A 2403 -64.47 52.59 48.48
CA GLU A 2403 -64.28 52.06 47.14
C GLU A 2403 -62.93 51.38 46.94
N ALA A 2404 -62.04 51.45 47.92
CA ALA A 2404 -60.72 50.84 47.79
C ALA A 2404 -60.82 49.34 47.63
N GLU A 2405 -59.81 48.77 46.97
CA GLU A 2405 -59.78 47.33 46.69
C GLU A 2405 -59.27 46.59 47.91
N THR A 2406 -60.16 45.92 48.63
CA THR A 2406 -59.79 45.21 49.85
C THR A 2406 -59.45 43.76 49.56
N MET A 2407 -60.38 43.00 49.01
CA MET A 2407 -60.09 41.64 48.59
C MET A 2407 -59.20 41.68 47.36
N LYS A 2408 -58.26 40.73 47.28
CA LYS A 2408 -57.36 40.60 46.13
C LYS A 2408 -57.25 39.11 45.80
N LEU A 2409 -58.03 38.67 44.83
CA LEU A 2409 -57.98 37.27 44.40
C LEU A 2409 -56.77 37.06 43.51
N VAL A 2410 -56.12 35.91 43.65
CA VAL A 2410 -55.00 35.51 42.83
C VAL A 2410 -55.26 34.10 42.34
N LYS A 2411 -55.35 33.93 41.03
CA LYS A 2411 -55.66 32.62 40.47
C LYS A 2411 -54.38 31.80 40.31
N VAL A 2412 -54.19 30.83 41.19
CA VAL A 2412 -52.99 30.01 41.21
C VAL A 2412 -53.29 28.71 40.48
N HIS A 2413 -52.42 28.34 39.56
CA HIS A 2413 -52.64 27.21 38.68
C HIS A 2413 -51.30 26.51 38.39
N GLY A 2414 -51.39 25.36 37.72
CA GLY A 2414 -50.25 24.47 37.52
C GLY A 2414 -49.21 24.91 36.52
N GLY A 2415 -49.11 26.21 36.24
CA GLY A 2415 -48.01 26.73 35.47
C GLY A 2415 -47.43 27.95 36.15
N THR A 2416 -47.94 28.25 37.33
CA THR A 2416 -47.52 29.42 38.08
C THR A 2416 -46.13 29.19 38.65
N THR A 2417 -45.22 30.14 38.39
CA THR A 2417 -43.85 30.03 38.85
C THR A 2417 -43.55 31.11 39.89
N PRO A 2418 -42.57 30.88 40.77
CA PRO A 2418 -42.40 31.77 41.93
C PRO A 2418 -42.23 33.24 41.61
N SER A 2419 -41.74 33.59 40.42
CA SER A 2419 -41.55 35.00 40.08
C SER A 2419 -42.86 35.77 40.14
N MET A 2420 -43.91 35.23 39.52
CA MET A 2420 -45.18 35.94 39.48
C MET A 2420 -45.84 35.99 40.85
N ILE A 2421 -45.70 34.93 41.65
CA ILE A 2421 -46.27 34.97 42.99
C ILE A 2421 -45.57 36.01 43.85
N TYR A 2422 -44.24 36.07 43.76
CA TYR A 2422 -43.50 37.09 44.51
C TYR A 2422 -43.88 38.50 44.06
N SER A 2423 -43.98 38.72 42.75
CA SER A 2423 -44.37 40.02 42.25
C SER A 2423 -45.78 40.39 42.68
N LYS A 2424 -46.71 39.45 42.61
CA LYS A 2424 -48.09 39.72 43.00
C LYS A 2424 -48.20 40.01 44.49
N VAL A 2425 -47.46 39.29 45.32
CA VAL A 2425 -47.46 39.61 46.75
C VAL A 2425 -46.89 40.99 47.00
N LYS A 2426 -45.84 41.36 46.24
CA LYS A 2426 -45.28 42.69 46.41
C LYS A 2426 -46.29 43.77 46.03
N GLU A 2427 -46.96 43.61 44.90
CA GLU A 2427 -47.99 44.58 44.51
C GLU A 2427 -49.14 44.60 45.50
N ALA A 2428 -49.49 43.45 46.06
CA ALA A 2428 -50.54 43.39 47.07
C ALA A 2428 -50.14 44.17 48.32
N GLU A 2429 -48.88 44.06 48.73
CA GLU A 2429 -48.45 44.85 49.89
C GLU A 2429 -48.39 46.33 49.55
N ARG A 2430 -48.08 46.66 48.29
CA ARG A 2430 -48.12 48.06 47.87
C ARG A 2430 -49.53 48.63 47.98
N THR A 2431 -50.50 47.94 47.38
CA THR A 2431 -51.89 48.38 47.51
C THR A 2431 -52.37 48.28 48.94
N ALA A 2432 -51.71 47.47 49.77
CA ALA A 2432 -52.02 47.41 51.19
C ALA A 2432 -51.61 48.69 51.89
N PHE A 2433 -50.40 49.20 51.61
CA PHE A 2433 -50.06 50.52 52.11
C PHE A 2433 -51.05 51.55 51.58
N SER A 2434 -51.39 51.46 50.30
CA SER A 2434 -52.34 52.39 49.71
C SER A 2434 -53.64 52.43 50.52
N ASN A 2435 -54.20 51.27 50.81
CA ASN A 2435 -55.45 51.22 51.57
C ASN A 2435 -55.27 51.73 52.99
N LYS A 2436 -54.27 51.20 53.71
CA LYS A 2436 -54.14 51.53 55.13
C LYS A 2436 -53.80 52.99 55.38
N ALA A 2437 -52.77 53.51 54.71
CA ALA A 2437 -52.21 54.81 55.08
C ALA A 2437 -53.23 55.93 54.89
N GLN A 2438 -53.98 55.89 53.79
CA GLN A 2438 -54.90 56.98 53.47
C GLN A 2438 -56.36 56.57 53.51
N HIS A 2439 -56.68 55.36 53.99
CA HIS A 2439 -58.05 54.98 54.25
C HIS A 2439 -58.28 54.44 55.65
N LYS A 2440 -57.22 54.08 56.38
CA LYS A 2440 -57.33 53.37 57.65
C LYS A 2440 -58.25 52.16 57.48
N LEU A 2441 -57.80 51.21 56.67
CA LEU A 2441 -58.56 50.02 56.34
C LEU A 2441 -57.62 48.82 56.31
N ASP A 2442 -58.17 47.64 56.54
CA ASP A 2442 -57.41 46.40 56.50
C ASP A 2442 -57.83 45.59 55.28
N THR A 2443 -56.86 45.25 54.44
CA THR A 2443 -57.12 44.53 53.20
C THR A 2443 -56.70 43.08 53.35
N ILE A 2444 -57.00 42.30 52.30
CA ILE A 2444 -56.76 40.86 52.28
C ILE A 2444 -56.24 40.49 50.90
N LEU A 2445 -55.21 39.64 50.87
CA LEU A 2445 -54.77 38.98 49.64
C LEU A 2445 -55.11 37.50 49.74
N PHE A 2446 -55.64 36.95 48.65
CA PHE A 2446 -56.10 35.57 48.65
C PHE A 2446 -55.46 34.81 47.49
N PHE A 2447 -55.22 33.52 47.74
CA PHE A 2447 -54.73 32.57 46.75
C PHE A 2447 -55.74 31.43 46.71
N ASP A 2448 -56.22 31.09 45.52
CA ASP A 2448 -57.10 29.95 45.40
C ASP A 2448 -56.33 28.74 44.89
N GLN A 2449 -56.72 27.56 45.37
CA GLN A 2449 -56.06 26.29 45.11
C GLN A 2449 -54.55 26.45 45.05
N ALA A 2450 -53.97 27.12 46.05
CA ALA A 2450 -52.56 27.45 46.03
C ALA A 2450 -51.74 26.23 46.40
N ASN A 2451 -52.03 25.13 45.73
CA ASN A 2451 -51.42 23.85 46.06
C ASN A 2451 -50.98 23.21 44.75
N THR A 2452 -51.70 23.55 43.66
CA THR A 2452 -51.39 23.00 42.34
C THR A 2452 -50.03 23.47 41.82
N THR A 2453 -49.55 24.61 42.32
CA THR A 2453 -48.24 25.11 41.90
C THR A 2453 -47.13 24.22 42.44
N GLU A 2454 -46.10 24.03 41.61
CA GLU A 2454 -44.85 23.45 42.10
C GLU A 2454 -44.24 24.34 43.17
N ALA A 2455 -44.64 25.60 43.21
CA ALA A 2455 -44.14 26.57 44.19
C ALA A 2455 -45.09 26.73 45.36
N VAL A 2456 -45.75 25.64 45.78
CA VAL A 2456 -46.56 25.72 46.99
C VAL A 2456 -45.71 26.15 48.18
N SER A 2457 -44.47 25.67 48.24
CA SER A 2457 -43.57 26.10 49.30
C SER A 2457 -43.30 27.59 49.24
N CYS A 2458 -43.40 28.21 48.07
CA CYS A 2458 -43.31 29.66 48.02
C CYS A 2458 -44.43 30.28 48.83
N ILE A 2459 -45.64 29.75 48.69
CA ILE A 2459 -46.75 30.17 49.54
C ILE A 2459 -46.41 29.90 50.99
N LYS A 2460 -45.71 28.80 51.26
CA LYS A 2460 -45.32 28.49 52.63
C LYS A 2460 -44.47 29.61 53.22
N GLU A 2461 -43.39 30.01 52.52
CA GLU A 2461 -42.59 31.09 53.11
C GLU A 2461 -43.32 32.41 53.09
N ILE A 2462 -44.29 32.58 52.19
CA ILE A 2462 -45.07 33.82 52.18
C ILE A 2462 -45.88 33.93 53.47
N LEU A 2463 -46.56 32.86 53.86
CA LEU A 2463 -47.58 32.99 54.90
C LEU A 2463 -47.17 32.44 56.26
N CYS A 2464 -46.31 31.41 56.30
CA CYS A 2464 -46.00 30.76 57.57
C CYS A 2464 -45.00 31.56 58.39
N ASP A 2465 -43.95 32.07 57.75
CA ASP A 2465 -42.91 32.79 58.47
C ASP A 2465 -42.76 34.24 58.03
N ARG A 2466 -43.71 34.75 57.23
CA ARG A 2466 -43.77 36.17 56.89
C ARG A 2466 -42.47 36.66 56.25
N THR A 2467 -42.15 36.11 55.07
CA THR A 2467 -40.95 36.51 54.34
C THR A 2467 -41.12 36.18 52.87
N VAL A 2468 -41.07 37.20 52.02
CA VAL A 2468 -41.30 37.05 50.59
C VAL A 2468 -39.96 37.21 49.87
N ASP A 2469 -39.56 36.15 49.14
CA ASP A 2469 -38.37 36.19 48.29
C ASP A 2469 -37.14 36.64 49.08
N GLY A 2470 -37.08 36.25 50.35
CA GLY A 2470 -36.01 36.67 51.22
C GLY A 2470 -36.21 38.00 51.91
N GLU A 2471 -37.34 38.67 51.69
CA GLU A 2471 -37.61 39.96 52.30
C GLU A 2471 -38.79 39.85 53.26
N HIS A 2472 -38.63 40.47 54.42
CA HIS A 2472 -39.63 40.36 55.48
C HIS A 2472 -40.87 41.18 55.15
N LEU A 2473 -42.03 40.64 55.51
CA LEU A 2473 -43.29 41.34 55.31
C LEU A 2473 -43.66 42.14 56.57
N HIS A 2474 -43.92 43.42 56.38
CA HIS A 2474 -44.11 44.32 57.52
C HIS A 2474 -45.47 44.06 58.17
N GLU A 2475 -45.45 43.90 59.50
CA GLU A 2475 -46.70 43.69 60.23
C GLU A 2475 -47.51 44.98 60.35
N ASP A 2476 -46.84 46.14 60.30
CA ASP A 2476 -47.52 47.42 60.32
C ASP A 2476 -47.96 47.88 58.95
N SER A 2477 -47.66 47.12 57.89
CA SER A 2477 -48.15 47.46 56.57
C SER A 2477 -49.67 47.39 56.52
N GLY A 2478 -50.22 46.28 57.00
CA GLY A 2478 -51.65 46.05 57.01
C GLY A 2478 -52.04 45.18 55.84
N LEU A 2479 -52.14 43.87 56.07
CA LEU A 2479 -52.43 42.90 55.03
C LEU A 2479 -52.61 41.54 55.69
N HIS A 2480 -53.55 40.76 55.17
CA HIS A 2480 -53.79 39.40 55.65
C HIS A 2480 -53.74 38.46 54.47
N ILE A 2481 -52.89 37.44 54.54
CA ILE A 2481 -52.69 36.49 53.46
C ILE A 2481 -53.50 35.24 53.76
N ILE A 2482 -54.37 34.87 52.83
CA ILE A 2482 -55.17 33.67 52.94
C ILE A 2482 -54.93 32.84 51.68
N ALA A 2483 -54.57 31.58 51.86
CA ALA A 2483 -54.33 30.68 50.74
C ALA A 2483 -55.26 29.49 50.88
N ALA A 2484 -55.58 28.86 49.75
CA ALA A 2484 -56.45 27.70 49.75
C ALA A 2484 -55.65 26.44 49.43
N CYS A 2485 -56.32 25.29 49.55
CA CYS A 2485 -55.73 24.01 49.19
C CYS A 2485 -56.82 23.04 48.78
N ASN A 2486 -56.50 22.13 47.87
CA ASN A 2486 -57.41 21.07 47.50
C ASN A 2486 -57.25 19.87 48.44
N PRO A 2487 -58.27 19.04 48.59
CA PRO A 2487 -58.11 17.78 49.34
C PRO A 2487 -57.30 16.77 48.56
N TYR A 2488 -56.41 16.09 49.26
CA TYR A 2488 -55.49 15.12 48.68
C TYR A 2488 -56.15 13.75 48.74
N ARG A 2489 -56.73 13.30 47.63
CA ARG A 2489 -57.34 11.98 47.63
C ARG A 2489 -57.21 11.39 46.23
N LYS A 2490 -56.92 10.10 46.19
CA LYS A 2490 -56.75 9.38 44.93
C LYS A 2490 -58.11 9.06 44.31
N HIS A 2491 -58.14 9.03 42.99
CA HIS A 2491 -59.34 8.67 42.27
C HIS A 2491 -59.71 7.21 42.55
N SER A 2492 -60.91 6.84 42.13
CA SER A 2492 -61.29 5.44 42.12
C SER A 2492 -60.61 4.71 40.97
N GLN A 2493 -60.36 3.41 41.18
CA GLN A 2493 -59.77 2.59 40.13
C GLN A 2493 -60.70 2.45 38.93
N GLU A 2494 -62.01 2.53 39.14
CA GLU A 2494 -62.96 2.47 38.04
C GLU A 2494 -62.74 3.61 37.05
N MET A 2495 -62.65 4.83 37.55
CA MET A 2495 -62.44 5.95 36.64
C MET A 2495 -61.00 6.00 36.13
N ILE A 2496 -60.06 5.39 36.85
CA ILE A 2496 -58.71 5.26 36.30
C ILE A 2496 -58.72 4.34 35.09
N LEU A 2497 -59.48 3.25 35.16
CA LEU A 2497 -59.70 2.42 33.98
C LEU A 2497 -60.40 3.20 32.88
N ARG A 2498 -61.36 4.04 33.26
CA ARG A 2498 -62.04 4.89 32.28
C ARG A 2498 -61.04 5.81 31.55
N LEU A 2499 -60.14 6.44 32.31
CA LEU A 2499 -59.18 7.37 31.72
C LEU A 2499 -58.19 6.63 30.82
N GLU A 2500 -57.57 5.58 31.33
CA GLU A 2500 -56.60 4.85 30.54
C GLU A 2500 -57.22 4.21 29.30
N SER A 2501 -58.53 4.00 29.30
CA SER A 2501 -59.21 3.43 28.15
C SER A 2501 -59.80 4.47 27.22
N ALA A 2502 -59.54 5.76 27.47
CA ALA A 2502 -60.07 6.83 26.63
C ALA A 2502 -59.31 6.82 25.31
N GLY A 2503 -59.74 5.95 24.40
CA GLY A 2503 -59.00 5.77 23.17
C GLY A 2503 -57.59 5.28 23.46
N LEU A 2504 -56.60 5.95 22.87
CA LEU A 2504 -55.23 5.63 23.18
C LEU A 2504 -54.92 5.97 24.63
N GLY A 2505 -54.16 5.10 25.28
CA GLY A 2505 -53.76 5.33 26.65
C GLY A 2505 -52.85 6.54 26.76
N TYR A 2506 -52.41 6.79 27.99
CA TYR A 2506 -51.54 7.92 28.25
C TYR A 2506 -50.20 7.74 27.53
N ARG A 2507 -49.54 8.86 27.23
CA ARG A 2507 -48.21 8.81 26.64
C ARG A 2507 -47.23 8.13 27.58
N VAL A 2508 -47.17 8.62 28.83
CA VAL A 2508 -46.29 8.06 29.84
C VAL A 2508 -47.15 7.31 30.85
N SER A 2509 -46.77 6.07 31.14
CA SER A 2509 -47.52 5.29 32.10
C SER A 2509 -47.13 5.67 33.53
N ALA A 2510 -47.89 5.15 34.49
CA ALA A 2510 -47.77 5.61 35.87
C ALA A 2510 -46.38 5.34 36.44
N GLU A 2511 -45.77 4.21 36.09
CA GLU A 2511 -44.47 3.88 36.67
C GLU A 2511 -43.39 4.88 36.25
N GLU A 2512 -43.56 5.49 35.08
CA GLU A 2512 -42.55 6.39 34.52
C GLU A 2512 -43.01 7.84 34.44
N THR A 2513 -43.96 8.25 35.28
CA THR A 2513 -44.38 9.64 35.32
C THR A 2513 -43.51 10.40 36.31
N ALA A 2514 -42.92 11.51 35.86
CA ALA A 2514 -41.96 12.23 36.69
C ALA A 2514 -42.64 13.06 37.76
N ASP A 2515 -43.78 13.69 37.44
CA ASP A 2515 -44.45 14.60 38.36
C ASP A 2515 -45.45 13.83 39.21
N ARG A 2516 -44.96 13.33 40.34
CA ARG A 2516 -45.76 12.67 41.35
C ARG A 2516 -45.79 13.53 42.61
N LEU A 2517 -46.39 13.01 43.65
CA LEU A 2517 -46.14 13.50 45.00
C LEU A 2517 -45.49 12.44 45.88
N GLY A 2518 -45.83 11.17 45.68
CA GLY A 2518 -45.21 10.05 46.35
C GLY A 2518 -44.96 8.94 45.36
N SER A 2519 -45.49 7.76 45.66
CA SER A 2519 -45.46 6.63 44.74
C SER A 2519 -46.66 6.63 43.80
N ILE A 2520 -47.39 7.73 43.71
CA ILE A 2520 -48.60 7.81 42.88
C ILE A 2520 -48.54 9.07 42.02
N PRO A 2521 -48.81 8.96 40.72
CA PRO A 2521 -48.75 10.16 39.87
C PRO A 2521 -49.85 11.15 40.20
N LEU A 2522 -49.57 12.42 39.89
CA LEU A 2522 -50.61 13.44 39.96
C LEU A 2522 -51.71 13.19 38.95
N ARG A 2523 -51.46 12.37 37.94
CA ARG A 2523 -52.44 12.09 36.91
C ARG A 2523 -53.61 11.28 37.46
N GLN A 2524 -53.39 10.51 38.51
CA GLN A 2524 -54.42 9.67 39.10
C GLN A 2524 -55.10 10.31 40.31
N LEU A 2525 -54.65 11.49 40.73
CA LEU A 2525 -55.24 12.18 41.86
C LEU A 2525 -56.49 12.97 41.42
N VAL A 2526 -57.37 13.22 42.39
CA VAL A 2526 -58.61 13.93 42.08
C VAL A 2526 -58.32 15.41 41.81
N TYR A 2527 -57.34 15.99 42.49
CA TYR A 2527 -56.73 17.24 42.05
C TYR A 2527 -55.23 17.01 41.92
N ARG A 2528 -54.64 17.50 40.83
CA ARG A 2528 -53.19 17.40 40.71
C ARG A 2528 -52.60 18.41 41.70
N VAL A 2529 -52.23 17.90 42.86
CA VAL A 2529 -51.72 18.71 43.95
C VAL A 2529 -50.44 18.09 44.47
N HIS A 2530 -49.42 18.92 44.62
CA HIS A 2530 -48.12 18.42 45.06
C HIS A 2530 -48.07 18.38 46.58
N ALA A 2531 -47.02 17.75 47.08
CA ALA A 2531 -46.88 17.54 48.52
C ALA A 2531 -46.91 18.88 49.24
N LEU A 2532 -47.92 19.05 50.09
CA LEU A 2532 -47.92 20.20 50.97
C LEU A 2532 -46.74 20.08 51.92
N PRO A 2533 -45.87 21.08 51.99
CA PRO A 2533 -44.71 20.97 52.86
C PRO A 2533 -45.13 20.96 54.30
N PRO A 2534 -44.30 20.40 55.19
CA PRO A 2534 -44.59 20.50 56.63
C PRO A 2534 -44.63 21.94 57.12
N SER A 2535 -45.03 22.11 58.37
CA SER A 2535 -45.33 23.41 58.99
C SER A 2535 -46.57 24.02 58.37
N LEU A 2536 -47.14 23.34 57.37
CA LEU A 2536 -48.47 23.67 56.86
C LEU A 2536 -49.51 22.63 57.25
N ILE A 2537 -49.12 21.38 57.43
CA ILE A 2537 -49.99 20.33 57.95
C ILE A 2537 -50.54 20.75 59.32
N PRO A 2538 -49.72 21.31 60.24
CA PRO A 2538 -50.29 21.77 61.52
C PRO A 2538 -51.11 23.03 61.39
N LEU A 2539 -51.40 23.46 60.15
CA LEU A 2539 -52.14 24.69 59.93
C LEU A 2539 -53.43 24.52 59.13
N VAL A 2540 -53.54 23.50 58.29
CA VAL A 2540 -54.75 23.34 57.50
C VAL A 2540 -55.92 23.02 58.41
N TRP A 2541 -57.12 23.45 58.01
CA TRP A 2541 -58.34 23.12 58.74
C TRP A 2541 -59.51 23.19 57.78
N ASP A 2542 -60.29 22.11 57.72
CA ASP A 2542 -61.27 21.92 56.66
C ASP A 2542 -62.46 22.85 56.82
N PHE A 2543 -62.95 23.36 55.69
CA PHE A 2543 -64.17 24.15 55.67
C PHE A 2543 -65.43 23.30 55.72
N GLY A 2544 -65.43 22.15 55.08
CA GLY A 2544 -66.64 21.33 55.06
C GLY A 2544 -66.80 20.57 53.76
N GLN A 2545 -67.67 19.56 53.78
CA GLN A 2545 -67.87 18.69 52.63
C GLN A 2545 -69.11 19.05 51.82
N LEU A 2546 -69.87 20.08 52.23
CA LEU A 2546 -71.12 20.44 51.59
C LEU A 2546 -72.10 19.27 51.62
N ASN A 2547 -72.57 19.00 52.84
CA ASN A 2547 -73.31 17.80 53.22
C ASN A 2547 -74.60 17.58 52.45
N ASP A 2548 -74.92 18.46 51.52
CA ASP A 2548 -76.11 18.50 50.67
C ASP A 2548 -77.33 19.01 51.43
N SER A 2549 -77.21 19.27 52.72
CA SER A 2549 -78.34 19.86 53.45
C SER A 2549 -78.54 21.31 53.05
N ALA A 2550 -77.46 22.03 52.79
CA ALA A 2550 -77.52 23.39 52.26
C ALA A 2550 -77.15 23.47 50.79
N GLU A 2551 -76.80 22.34 50.17
CA GLU A 2551 -76.51 22.34 48.74
C GLU A 2551 -77.74 22.75 47.94
N LYS A 2552 -78.87 22.08 48.19
CA LYS A 2552 -80.07 22.34 47.41
C LYS A 2552 -80.55 23.76 47.61
N LEU A 2553 -80.38 24.33 48.80
CA LEU A 2553 -80.75 25.72 49.02
C LEU A 2553 -79.90 26.66 48.19
N TYR A 2554 -78.59 26.41 48.13
CA TYR A 2554 -77.71 27.24 47.31
C TYR A 2554 -78.05 27.09 45.82
N ILE A 2555 -78.40 25.87 45.40
CA ILE A 2555 -78.81 25.66 44.02
C ILE A 2555 -80.09 26.42 43.72
N GLN A 2556 -81.05 26.39 44.66
CA GLN A 2556 -82.29 27.15 44.47
C GLN A 2556 -82.01 28.64 44.41
N GLN A 2557 -81.10 29.12 45.25
CA GLN A 2557 -80.71 30.53 45.19
C GLN A 2557 -80.12 30.89 43.85
N ILE A 2558 -79.23 30.04 43.33
CA ILE A 2558 -78.62 30.31 42.02
C ILE A 2558 -79.68 30.32 40.93
N VAL A 2559 -80.56 29.31 40.93
CA VAL A 2559 -81.54 29.16 39.87
C VAL A 2559 -82.65 30.20 40.00
N GLN A 2560 -82.77 30.86 41.15
CA GLN A 2560 -83.69 31.98 41.26
C GLN A 2560 -83.03 33.32 40.96
N ARG A 2561 -81.71 33.41 41.13
CA ARG A 2561 -80.99 34.65 40.89
C ARG A 2561 -80.60 34.83 39.43
N LEU A 2562 -80.23 33.75 38.74
CA LEU A 2562 -79.68 33.86 37.39
C LEU A 2562 -80.58 33.31 36.30
N VAL A 2563 -81.67 32.62 36.64
CA VAL A 2563 -82.61 32.22 35.61
C VAL A 2563 -83.49 33.38 35.18
N ASP A 2564 -83.84 34.27 36.11
CA ASP A 2564 -84.81 35.34 35.89
C ASP A 2564 -86.18 34.75 35.50
N SER A 2565 -86.74 34.02 36.46
CA SER A 2565 -88.03 33.35 36.31
C SER A 2565 -89.17 34.17 36.91
N VAL A 2566 -89.11 35.49 36.77
CA VAL A 2566 -90.21 36.34 37.25
C VAL A 2566 -91.53 35.89 36.65
N SER A 2567 -91.54 35.64 35.34
CA SER A 2567 -92.63 34.89 34.69
C SER A 2567 -91.98 33.90 33.72
N VAL A 2568 -91.56 32.76 34.25
CA VAL A 2568 -91.09 31.66 33.41
C VAL A 2568 -91.83 30.40 33.83
N ASN A 2569 -91.70 30.03 35.10
CA ASN A 2569 -92.37 28.86 35.67
C ASN A 2569 -92.51 29.06 37.18
N PRO A 2570 -93.71 29.34 37.67
CA PRO A 2570 -93.85 29.66 39.11
C PRO A 2570 -93.46 28.53 40.04
N SER A 2571 -93.60 27.28 39.60
CA SER A 2571 -93.31 26.13 40.45
C SER A 2571 -92.32 25.14 39.86
N GLU A 2572 -92.13 25.13 38.53
CA GLU A 2572 -91.21 24.18 37.92
C GLU A 2572 -89.76 24.46 38.30
N THR A 2573 -89.45 25.67 38.76
CA THR A 2573 -88.11 25.95 39.25
C THR A 2573 -87.73 25.04 40.41
N CYS A 2574 -88.70 24.67 41.24
CA CYS A 2574 -88.44 23.69 42.29
C CYS A 2574 -88.03 22.36 41.68
N VAL A 2575 -88.70 21.95 40.60
CA VAL A 2575 -88.33 20.70 39.93
C VAL A 2575 -86.92 20.79 39.35
N ILE A 2576 -86.59 21.93 38.75
CA ILE A 2576 -85.26 22.11 38.17
C ILE A 2576 -84.19 22.01 39.25
N ALA A 2577 -84.40 22.70 40.38
CA ALA A 2577 -83.43 22.64 41.46
C ALA A 2577 -83.34 21.23 42.04
N ASP A 2578 -84.47 20.55 42.16
CA ASP A 2578 -84.47 19.21 42.72
C ASP A 2578 -83.73 18.22 41.82
N VAL A 2579 -83.94 18.32 40.51
CA VAL A 2579 -83.23 17.40 39.61
C VAL A 2579 -81.75 17.77 39.53
N LEU A 2580 -81.41 19.06 39.67
CA LEU A 2580 -80.00 19.44 39.78
C LEU A 2580 -79.36 18.78 41.00
N SER A 2581 -80.04 18.85 42.14
CA SER A 2581 -79.52 18.22 43.35
C SER A 2581 -79.47 16.70 43.20
N ALA A 2582 -80.44 16.12 42.50
CA ALA A 2582 -80.45 14.68 42.28
C ALA A 2582 -79.26 14.27 41.43
N SER A 2583 -78.96 15.02 40.38
CA SER A 2583 -77.79 14.72 39.57
C SER A 2583 -76.51 14.91 40.36
N GLN A 2584 -76.44 15.95 41.18
CA GLN A 2584 -75.27 16.13 42.02
C GLN A 2584 -75.10 14.95 42.97
N MET A 2585 -76.20 14.47 43.56
CA MET A 2585 -76.11 13.32 44.44
C MET A 2585 -75.70 12.08 43.68
N PHE A 2586 -76.13 11.95 42.42
CA PHE A 2586 -75.63 10.88 41.57
C PHE A 2586 -74.12 10.97 41.43
N MET A 2587 -73.61 12.19 41.26
CA MET A 2587 -72.17 12.39 41.14
C MET A 2587 -71.47 11.99 42.43
N ARG A 2588 -72.04 12.36 43.58
CA ARG A 2588 -71.45 11.96 44.85
C ARG A 2588 -71.70 10.49 45.15
N LYS A 2589 -72.90 9.99 44.85
CA LYS A 2589 -73.22 8.58 45.09
C LYS A 2589 -72.62 7.74 43.96
N ARG A 2590 -71.31 7.85 43.81
CA ARG A 2590 -70.55 7.08 42.83
C ARG A 2590 -69.09 7.18 43.22
N GLU A 2591 -68.37 6.06 43.08
CA GLU A 2591 -67.05 5.97 43.68
C GLU A 2591 -66.06 6.95 43.09
N ASN A 2592 -66.38 7.56 41.95
CA ASN A 2592 -65.46 8.50 41.32
C ASN A 2592 -66.24 9.65 40.69
N GLU A 2593 -65.52 10.73 40.43
CA GLU A 2593 -66.08 11.94 39.87
C GLU A 2593 -65.05 12.52 38.91
N CYS A 2594 -65.51 13.35 37.97
CA CYS A 2594 -64.60 13.94 36.99
C CYS A 2594 -63.51 14.74 37.67
N GLY A 2595 -63.88 15.84 38.32
CA GLY A 2595 -62.90 16.68 38.99
C GLY A 2595 -63.42 17.34 40.25
N PHE A 2596 -64.43 16.72 40.89
CA PHE A 2596 -65.18 17.36 41.96
C PHE A 2596 -65.71 18.71 41.49
N VAL A 2597 -66.60 18.62 40.49
CA VAL A 2597 -67.18 19.76 39.80
C VAL A 2597 -68.40 20.23 40.59
N SER A 2598 -68.50 19.79 41.84
CA SER A 2598 -69.59 20.17 42.71
C SER A 2598 -69.68 21.69 42.85
N LEU A 2599 -70.90 22.21 42.72
CA LEU A 2599 -71.18 23.65 42.80
C LEU A 2599 -70.33 24.48 41.86
N ARG A 2600 -69.85 23.86 40.80
CA ARG A 2600 -69.16 24.52 39.70
C ARG A 2600 -69.79 24.18 38.37
N ASP A 2601 -70.30 22.96 38.21
CA ASP A 2601 -71.05 22.63 37.01
C ASP A 2601 -72.50 23.11 37.11
N VAL A 2602 -73.01 23.26 38.33
CA VAL A 2602 -74.38 23.77 38.48
C VAL A 2602 -74.44 25.24 38.12
N GLU A 2603 -73.45 26.02 38.55
CA GLU A 2603 -73.40 27.44 38.20
C GLU A 2603 -72.94 27.65 36.77
N ARG A 2604 -72.51 26.58 36.10
CA ARG A 2604 -72.23 26.61 34.68
C ARG A 2604 -73.39 26.11 33.86
N CYS A 2605 -74.30 25.36 34.49
CA CYS A 2605 -75.42 24.76 33.78
C CYS A 2605 -76.72 25.54 33.94
N VAL A 2606 -76.82 26.37 34.98
CA VAL A 2606 -77.95 27.28 35.05
C VAL A 2606 -77.95 28.21 33.84
N LYS A 2607 -76.75 28.65 33.43
CA LYS A 2607 -76.63 29.47 32.22
C LYS A 2607 -77.03 28.68 30.99
N VAL A 2608 -76.65 27.40 30.93
CA VAL A 2608 -77.06 26.55 29.81
C VAL A 2608 -78.57 26.44 29.76
N PHE A 2609 -79.21 26.25 30.91
CA PHE A 2609 -80.67 26.15 30.97
C PHE A 2609 -81.31 27.44 30.50
N ARG A 2610 -80.78 28.58 30.95
CA ARG A 2610 -81.33 29.86 30.53
C ARG A 2610 -81.22 30.03 29.03
N TRP A 2611 -80.07 29.67 28.46
CA TRP A 2611 -79.92 29.77 27.01
C TRP A 2611 -80.90 28.85 26.30
N PHE A 2612 -81.06 27.62 26.80
CA PHE A 2612 -81.97 26.67 26.15
C PHE A 2612 -83.41 27.18 26.18
N HIS A 2613 -83.80 27.80 27.29
CA HIS A 2613 -85.14 28.37 27.38
C HIS A 2613 -85.28 29.60 26.47
N ASP A 2614 -84.23 30.41 26.36
CA ASP A 2614 -84.31 31.62 25.55
C ASP A 2614 -84.53 31.29 24.08
N HIS A 2615 -83.97 30.18 23.61
CA HIS A 2615 -84.16 29.72 22.24
C HIS A 2615 -85.08 28.51 22.17
N SER A 2616 -85.93 28.30 23.18
CA SER A 2616 -86.83 27.16 23.23
C SER A 2616 -88.07 27.35 22.37
N ASP A 2617 -88.14 28.42 21.59
CA ASP A 2617 -89.32 28.75 20.79
C ASP A 2617 -89.24 28.13 19.40
N MET A 2618 -88.22 28.52 18.62
CA MET A 2618 -88.02 27.91 17.32
C MET A 2618 -87.49 26.49 17.42
N LEU A 2619 -86.82 26.14 18.52
CA LEU A 2619 -86.35 24.78 18.70
C LEU A 2619 -87.48 23.78 18.73
N LEU A 2620 -88.55 24.07 19.46
CA LEU A 2620 -89.67 23.13 19.53
C LEU A 2620 -90.40 23.04 18.20
N LYS A 2621 -90.50 24.16 17.48
CA LYS A 2621 -91.11 24.13 16.15
C LYS A 2621 -90.31 23.24 15.21
N GLU A 2622 -88.98 23.39 15.23
CA GLU A 2622 -88.15 22.54 14.39
C GLU A 2622 -88.18 21.09 14.85
N LEU A 2623 -88.29 20.87 16.16
CA LEU A 2623 -88.42 19.50 16.67
C LEU A 2623 -89.67 18.84 16.11
N ASP A 2624 -90.80 19.54 16.18
CA ASP A 2624 -92.04 18.98 15.66
C ASP A 2624 -91.95 18.76 14.16
N LYS A 2625 -91.35 19.71 13.43
CA LYS A 2625 -91.22 19.55 11.99
C LYS A 2625 -90.34 18.35 11.66
N PHE A 2626 -89.21 18.21 12.35
CA PHE A 2626 -88.30 17.10 12.08
C PHE A 2626 -88.96 15.76 12.39
N LEU A 2627 -89.60 15.67 13.55
CA LEU A 2627 -90.23 14.41 13.94
C LEU A 2627 -91.41 14.08 13.03
N HIS A 2628 -92.09 15.10 12.50
CA HIS A 2628 -93.19 14.84 11.58
C HIS A 2628 -92.68 14.40 10.21
N GLU A 2629 -91.62 15.04 9.74
CA GLU A 2629 -91.10 14.78 8.40
C GLU A 2629 -90.11 13.62 8.36
N SER A 2630 -89.77 13.03 9.50
CA SER A 2630 -88.85 11.90 9.49
C SER A 2630 -89.22 10.79 10.46
N SER A 2631 -90.39 10.84 11.09
CA SER A 2631 -90.75 9.83 12.08
C SER A 2631 -92.27 9.70 12.12
N ASP A 2632 -92.72 8.66 12.83
CA ASP A 2632 -94.14 8.38 12.99
C ASP A 2632 -94.72 9.25 14.10
N SER A 2633 -95.94 8.91 14.54
CA SER A 2633 -96.70 9.74 15.45
C SER A 2633 -96.24 9.66 16.90
N THR A 2634 -95.32 8.75 17.24
CA THR A 2634 -94.94 8.59 18.64
C THR A 2634 -94.26 9.86 19.18
N HIS A 2635 -93.34 10.43 18.41
CA HIS A 2635 -92.72 11.70 18.79
C HIS A 2635 -93.46 12.89 18.18
N THR A 2636 -94.77 12.92 18.36
CA THR A 2636 -95.62 13.96 17.81
C THR A 2636 -96.51 14.54 18.91
N PHE A 2637 -95.88 14.89 20.04
CA PHE A 2637 -96.57 15.43 21.19
C PHE A 2637 -95.92 16.73 21.60
N GLU A 2638 -96.70 17.58 22.25
CA GLU A 2638 -96.17 18.84 22.76
C GLU A 2638 -95.16 18.57 23.87
N ARG A 2639 -94.20 19.46 24.01
CA ARG A 2639 -93.18 19.39 25.04
C ARG A 2639 -93.08 20.74 25.73
N ASP A 2640 -92.80 20.70 27.03
CA ASP A 2640 -92.70 21.95 27.79
C ASP A 2640 -91.51 22.75 27.29
N PRO A 2641 -91.62 24.08 27.19
CA PRO A 2641 -90.43 24.90 26.91
C PRO A 2641 -89.37 24.80 27.99
N VAL A 2642 -89.77 24.37 29.20
CA VAL A 2642 -88.84 24.24 30.31
C VAL A 2642 -88.34 22.81 30.46
N LEU A 2643 -89.25 21.83 30.46
CA LEU A 2643 -88.88 20.46 30.74
C LEU A 2643 -87.95 19.90 29.66
N TRP A 2644 -88.24 20.21 28.39
CA TRP A 2644 -87.33 19.84 27.32
C TRP A 2644 -86.00 20.58 27.47
N SER A 2645 -86.04 21.86 27.86
CA SER A 2645 -84.81 22.58 28.14
C SER A 2645 -84.07 21.97 29.30
N LEU A 2646 -84.79 21.46 30.31
CA LEU A 2646 -84.14 20.73 31.39
C LEU A 2646 -83.47 19.47 30.88
N VAL A 2647 -84.15 18.73 29.99
CA VAL A 2647 -83.55 17.53 29.41
C VAL A 2647 -82.27 17.89 28.67
N MET A 2648 -82.26 19.03 27.98
CA MET A 2648 -81.07 19.43 27.25
C MET A 2648 -79.95 19.84 28.21
N ALA A 2649 -80.29 20.56 29.27
CA ALA A 2649 -79.26 20.99 30.22
C ALA A 2649 -78.62 19.80 30.90
N ILE A 2650 -79.43 18.82 31.31
CA ILE A 2650 -78.87 17.61 31.93
C ILE A 2650 -78.09 16.80 30.90
N GLY A 2651 -78.56 16.76 29.65
CA GLY A 2651 -77.84 16.04 28.62
C GLY A 2651 -76.49 16.63 28.30
N VAL A 2652 -76.38 17.95 28.38
CA VAL A 2652 -75.14 18.61 27.96
C VAL A 2652 -74.16 18.75 29.12
N CYS A 2653 -74.62 19.20 30.28
CA CYS A 2653 -73.70 19.46 31.37
C CYS A 2653 -73.23 18.17 32.04
N TYR A 2654 -74.15 17.21 32.23
CA TYR A 2654 -73.90 16.03 33.05
C TYR A 2654 -73.94 14.74 32.24
N HIS A 2655 -74.98 14.57 31.40
CA HIS A 2655 -75.13 13.33 30.64
C HIS A 2655 -74.14 13.24 29.50
N ALA A 2656 -73.43 14.33 29.20
CA ALA A 2656 -72.48 14.32 28.11
C ALA A 2656 -71.17 13.61 28.49
N SER A 2657 -70.72 13.78 29.72
CA SER A 2657 -69.36 13.35 30.06
C SER A 2657 -69.31 11.86 30.39
N LEU A 2658 -70.03 11.43 31.42
CA LEU A 2658 -69.79 10.13 32.04
C LEU A 2658 -70.07 8.98 31.08
N GLU A 2659 -69.40 7.86 31.32
CA GLU A 2659 -69.44 6.70 30.44
C GLU A 2659 -70.41 5.62 30.90
N GLU A 2660 -71.05 5.78 32.05
CA GLU A 2660 -72.02 4.82 32.57
C GLU A 2660 -73.44 5.36 32.36
N LYS A 2661 -73.68 5.90 31.17
CA LYS A 2661 -74.86 6.71 30.90
C LYS A 2661 -76.16 5.98 31.21
N ALA A 2662 -76.19 4.66 31.08
CA ALA A 2662 -77.42 3.92 31.37
C ALA A 2662 -77.83 4.08 32.83
N SER A 2663 -76.86 4.00 33.74
CA SER A 2663 -77.16 4.17 35.16
C SER A 2663 -77.68 5.57 35.43
N TYR A 2664 -77.08 6.58 34.82
CA TYR A 2664 -77.55 7.94 35.02
C TYR A 2664 -78.96 8.13 34.49
N ARG A 2665 -79.26 7.55 33.32
CA ARG A 2665 -80.59 7.64 32.76
C ARG A 2665 -81.62 6.98 33.67
N THR A 2666 -81.28 5.83 34.26
CA THR A 2666 -82.21 5.16 35.15
C THR A 2666 -82.29 5.80 36.52
N ALA A 2667 -81.27 6.54 36.94
CA ALA A 2667 -81.25 7.15 38.27
C ALA A 2667 -81.60 8.63 38.26
N ILE A 2668 -81.91 9.21 37.11
CA ILE A 2668 -82.42 10.58 37.07
C ILE A 2668 -83.84 10.65 36.53
N ALA A 2669 -84.35 9.57 35.93
CA ALA A 2669 -85.73 9.59 35.44
C ALA A 2669 -86.74 9.72 36.56
N ARG A 2670 -86.35 9.48 37.81
CA ARG A 2670 -87.29 9.56 38.92
C ARG A 2670 -87.77 10.99 39.13
N CYS A 2671 -86.84 11.95 39.19
CA CYS A 2671 -87.22 13.32 39.45
C CYS A 2671 -87.92 13.97 38.26
N PHE A 2672 -87.93 13.32 37.11
CA PHE A 2672 -88.58 13.91 35.95
C PHE A 2672 -90.09 13.73 36.02
N PRO A 2673 -90.84 14.69 35.50
CA PRO A 2673 -92.30 14.56 35.46
C PRO A 2673 -92.79 13.55 34.43
N LYS A 2674 -94.10 13.53 34.21
CA LYS A 2674 -94.76 12.50 33.42
C LYS A 2674 -94.15 12.24 32.05
N PRO A 2675 -93.84 13.25 31.23
CA PRO A 2675 -93.37 12.94 29.85
C PRO A 2675 -92.10 12.11 29.80
N TYR A 2676 -91.19 12.26 30.75
CA TYR A 2676 -89.91 11.57 30.71
C TYR A 2676 -89.68 10.77 31.99
N ASN A 2677 -90.65 9.96 32.39
CA ASN A 2677 -90.52 9.20 33.63
C ASN A 2677 -89.46 8.11 33.56
N SER A 2678 -88.96 7.77 32.37
CA SER A 2678 -88.04 6.66 32.22
C SER A 2678 -86.77 7.09 31.49
N SER A 2679 -85.90 6.12 31.26
CA SER A 2679 -84.65 6.38 30.55
C SER A 2679 -84.87 6.53 29.05
N ARG A 2680 -85.79 5.75 28.49
CA ARG A 2680 -86.02 5.78 27.05
C ARG A 2680 -86.44 7.17 26.59
N ALA A 2681 -87.31 7.82 27.35
CA ALA A 2681 -87.79 9.15 26.95
C ALA A 2681 -86.63 10.15 26.90
N ILE A 2682 -85.82 10.19 27.95
CA ILE A 2682 -84.70 11.12 28.00
C ILE A 2682 -83.73 10.83 26.85
N LEU A 2683 -83.43 9.55 26.64
CA LEU A 2683 -82.49 9.18 25.58
C LEU A 2683 -83.01 9.62 24.22
N ASP A 2684 -84.29 9.35 23.93
CA ASP A 2684 -84.82 9.69 22.61
C ASP A 2684 -84.89 11.20 22.42
N GLU A 2685 -85.20 11.94 23.48
CA GLU A 2685 -85.22 13.40 23.36
C GLU A 2685 -83.83 13.94 23.04
N VAL A 2686 -82.81 13.47 23.77
CA VAL A 2686 -81.45 13.95 23.53
C VAL A 2686 -81.00 13.56 22.12
N THR A 2687 -81.26 12.32 21.72
CA THR A 2687 -80.84 11.87 20.39
C THR A 2687 -81.57 12.66 19.30
N HIS A 2688 -82.86 12.96 19.50
CA HIS A 2688 -83.60 13.71 18.51
C HIS A 2688 -83.05 15.12 18.37
N VAL A 2689 -82.67 15.74 19.47
CA VAL A 2689 -82.13 17.10 19.35
C VAL A 2689 -80.77 17.09 18.69
N GLN A 2690 -79.93 16.10 19.02
CA GLN A 2690 -78.64 15.99 18.34
C GLN A 2690 -78.83 15.77 16.84
N ASP A 2691 -79.80 14.93 16.47
CA ASP A 2691 -80.10 14.73 15.07
C ASP A 2691 -80.62 16.00 14.42
N LEU A 2692 -81.39 16.80 15.17
CA LEU A 2692 -81.88 18.07 14.64
C LEU A 2692 -80.72 18.99 14.32
N PHE A 2693 -79.75 19.09 15.23
CA PHE A 2693 -78.60 19.94 14.92
C PHE A 2693 -77.74 19.35 13.80
N LEU A 2694 -77.73 18.03 13.64
CA LEU A 2694 -77.04 17.46 12.48
C LEU A 2694 -77.77 17.82 11.19
N ARG A 2695 -79.09 17.70 11.17
CA ARG A 2695 -79.87 18.04 9.97
C ARG A 2695 -79.75 19.51 9.63
N GLY A 2696 -79.72 20.38 10.64
CA GLY A 2696 -79.54 21.80 10.38
C GLY A 2696 -78.21 22.11 9.75
N ALA A 2697 -77.17 21.37 10.11
CA ALA A 2697 -75.86 21.58 9.51
C ALA A 2697 -75.90 21.19 8.03
N PRO A 2698 -75.07 21.83 7.21
CA PRO A 2698 -75.03 21.46 5.79
C PRO A 2698 -74.68 19.99 5.61
N ILE A 2699 -75.39 19.36 4.69
CA ILE A 2699 -75.23 17.93 4.44
C ILE A 2699 -73.90 17.68 3.75
N ARG A 2700 -73.40 16.44 3.87
CA ARG A 2700 -72.27 15.98 3.08
C ARG A 2700 -72.51 14.51 2.78
N THR A 2701 -72.45 14.15 1.49
CA THR A 2701 -72.65 12.77 1.11
C THR A 2701 -71.53 11.91 1.69
N ASN A 2702 -71.83 10.64 1.90
CA ASN A 2702 -70.88 9.66 2.45
C ASN A 2702 -70.37 10.11 3.82
N ILE A 2703 -71.32 10.53 4.65
CA ILE A 2703 -71.05 10.85 6.05
C ILE A 2703 -72.00 10.03 6.92
N ALA A 2704 -71.44 9.33 7.90
CA ALA A 2704 -72.22 8.43 8.74
C ALA A 2704 -72.80 9.16 9.92
N ARG A 2705 -74.02 8.78 10.29
CA ARG A 2705 -74.73 9.40 11.41
C ARG A 2705 -74.51 8.63 12.71
N ASN A 2706 -73.24 8.37 13.04
CA ASN A 2706 -72.94 7.68 14.28
C ASN A 2706 -73.20 8.59 15.47
N LEU A 2707 -73.45 7.97 16.63
CA LEU A 2707 -73.58 8.75 17.85
C LEU A 2707 -72.34 9.60 18.08
N ALA A 2708 -71.19 9.14 17.60
CA ALA A 2708 -69.95 9.88 17.75
C ALA A 2708 -70.09 11.29 17.16
N LEU A 2709 -70.27 11.36 15.83
CA LEU A 2709 -70.21 12.64 15.13
C LEU A 2709 -71.26 13.61 15.63
N LYS A 2710 -72.50 13.13 15.76
CA LYS A 2710 -73.56 13.98 16.27
C LYS A 2710 -73.23 14.47 17.67
N GLU A 2711 -72.67 13.60 18.51
CA GLU A 2711 -72.32 14.01 19.86
C GLU A 2711 -71.26 15.10 19.85
N ASN A 2712 -70.22 14.96 19.02
CA ASN A 2712 -69.18 15.98 19.04
C ASN A 2712 -69.72 17.31 18.52
N VAL A 2713 -70.44 17.29 17.41
CA VAL A 2713 -70.94 18.55 16.85
C VAL A 2713 -71.94 19.19 17.80
N PHE A 2714 -72.76 18.37 18.47
CA PHE A 2714 -73.66 18.90 19.49
C PHE A 2714 -72.91 19.59 20.61
N MET A 2715 -72.02 18.86 21.30
CA MET A 2715 -71.31 19.47 22.40
C MET A 2715 -70.55 20.70 21.94
N MET A 2716 -70.04 20.68 20.70
CA MET A 2716 -69.30 21.81 20.19
C MET A 2716 -70.18 23.04 20.04
N VAL A 2717 -71.31 22.89 19.34
CA VAL A 2717 -72.20 24.02 19.12
C VAL A 2717 -72.73 24.57 20.44
N ILE A 2718 -73.01 23.70 21.41
CA ILE A 2718 -73.47 24.22 22.69
C ILE A 2718 -72.34 24.92 23.45
N CYS A 2719 -71.12 24.39 23.40
CA CYS A 2719 -70.09 24.99 24.25
C CYS A 2719 -69.66 26.35 23.70
N ILE A 2720 -69.43 26.46 22.39
CA ILE A 2720 -68.93 27.74 21.89
C ILE A 2720 -70.05 28.79 21.92
N GLU A 2721 -71.30 28.34 22.05
CA GLU A 2721 -72.38 29.27 22.32
C GLU A 2721 -72.34 29.75 23.78
N LEU A 2722 -72.11 28.84 24.72
CA LEU A 2722 -71.93 29.19 26.11
C LEU A 2722 -70.49 29.50 26.45
N LYS A 2723 -69.59 29.47 25.46
CA LYS A 2723 -68.17 29.76 25.67
C LYS A 2723 -67.59 28.85 26.76
N ILE A 2724 -67.64 27.55 26.49
CA ILE A 2724 -67.22 26.52 27.43
C ILE A 2724 -66.12 25.71 26.75
N PRO A 2725 -64.98 25.47 27.41
CA PRO A 2725 -63.92 24.69 26.78
C PRO A 2725 -64.35 23.26 26.51
N LEU A 2726 -63.86 22.72 25.40
CA LEU A 2726 -64.14 21.35 25.01
C LEU A 2726 -62.82 20.61 24.81
N PHE A 2727 -62.75 19.38 25.30
CA PHE A 2727 -61.53 18.59 25.32
C PHE A 2727 -61.76 17.26 24.65
N LEU A 2728 -62.33 17.30 23.45
CA LEU A 2728 -62.63 16.09 22.71
C LEU A 2728 -61.40 15.24 22.49
N VAL A 2729 -61.37 14.06 23.10
CA VAL A 2729 -60.33 13.08 22.89
C VAL A 2729 -60.93 11.88 22.18
N GLY A 2730 -60.10 10.92 21.87
CA GLY A 2730 -60.56 9.71 21.21
C GLY A 2730 -59.50 9.17 20.28
N LYS A 2731 -59.63 7.88 19.99
CA LYS A 2731 -58.68 7.22 19.11
C LYS A 2731 -58.84 7.79 17.69
N PRO A 2732 -57.81 7.63 16.85
CA PRO A 2732 -57.92 8.12 15.47
C PRO A 2732 -59.13 7.54 14.76
N GLY A 2733 -59.88 8.42 14.10
CA GLY A 2733 -61.15 8.05 13.51
C GLY A 2733 -62.36 8.40 14.35
N SER A 2734 -62.20 9.22 15.39
CA SER A 2734 -63.30 9.58 16.28
C SER A 2734 -64.11 10.77 15.77
N SER A 2735 -63.82 11.25 14.57
CA SER A 2735 -64.53 12.35 13.92
C SER A 2735 -64.41 13.67 14.66
N LYS A 2736 -63.39 13.86 15.50
CA LYS A 2736 -63.25 15.14 16.20
C LYS A 2736 -62.88 16.25 15.23
N SER A 2737 -61.90 16.01 14.35
CA SER A 2737 -61.50 17.04 13.40
C SER A 2737 -62.61 17.33 12.40
N LEU A 2738 -63.27 16.28 11.92
CA LEU A 2738 -64.42 16.48 11.04
C LEU A 2738 -65.51 17.25 11.74
N ALA A 2739 -65.71 16.99 13.04
CA ALA A 2739 -66.65 17.78 13.82
C ALA A 2739 -66.25 19.24 13.85
N LYS A 2740 -64.94 19.51 14.04
CA LYS A 2740 -64.49 20.88 14.06
C LYS A 2740 -64.78 21.58 12.74
N ILE A 2741 -64.51 20.91 11.63
CA ILE A 2741 -64.73 21.53 10.31
C ILE A 2741 -66.21 21.77 10.08
N ILE A 2742 -67.05 20.79 10.39
CA ILE A 2742 -68.48 20.96 10.12
C ILE A 2742 -69.07 22.03 11.03
N VAL A 2743 -68.62 22.10 12.28
CA VAL A 2743 -69.07 23.16 13.17
C VAL A 2743 -68.63 24.52 12.65
N ALA A 2744 -67.40 24.62 12.15
CA ALA A 2744 -66.93 25.89 11.62
C ALA A 2744 -67.76 26.34 10.43
N ASP A 2745 -68.09 25.41 9.53
CA ASP A 2745 -68.83 25.78 8.33
C ASP A 2745 -70.34 25.69 8.51
N ALA A 2746 -70.81 25.38 9.71
CA ALA A 2746 -72.24 25.24 9.95
C ALA A 2746 -72.83 26.36 10.79
N MET A 2747 -72.01 27.08 11.56
CA MET A 2747 -72.51 28.09 12.49
C MET A 2747 -72.26 29.51 12.00
N GLN A 2748 -72.28 29.73 10.69
CA GLN A 2748 -72.22 31.09 10.18
C GLN A 2748 -73.50 31.84 10.56
N GLY A 2749 -73.34 33.11 10.90
CA GLY A 2749 -74.40 33.86 11.56
C GLY A 2749 -75.66 34.08 10.77
N GLN A 2750 -75.59 34.91 9.73
CA GLN A 2750 -76.79 35.33 9.02
C GLN A 2750 -77.01 34.61 7.70
N ALA A 2751 -75.94 34.20 7.04
CA ALA A 2751 -76.04 33.45 5.79
C ALA A 2751 -76.14 31.95 6.02
N ALA A 2752 -76.49 31.52 7.24
CA ALA A 2752 -76.59 30.10 7.53
C ALA A 2752 -77.67 29.45 6.68
N PHE A 2753 -77.40 28.21 6.28
CA PHE A 2753 -78.34 27.48 5.44
C PHE A 2753 -79.64 27.20 6.18
N SER A 2754 -79.55 26.82 7.46
CA SER A 2754 -80.73 26.57 8.28
C SER A 2754 -81.09 27.82 9.08
N GLU A 2755 -82.39 27.96 9.37
CA GLU A 2755 -82.83 29.11 10.14
C GLU A 2755 -82.36 29.04 11.59
N LEU A 2756 -82.16 27.84 12.12
CA LEU A 2756 -81.68 27.72 13.50
C LEU A 2756 -80.24 28.18 13.64
N PHE A 2757 -79.39 27.77 12.71
CA PHE A 2757 -78.05 28.32 12.67
C PHE A 2757 -78.05 29.78 12.23
N ARG A 2758 -79.15 30.25 11.63
CA ARG A 2758 -79.28 31.67 11.33
C ARG A 2758 -79.57 32.47 12.59
N CYS A 2759 -80.38 31.92 13.50
CA CYS A 2759 -80.66 32.58 14.76
C CYS A 2759 -79.52 32.44 15.76
N LEU A 2760 -78.55 31.58 15.47
CA LEU A 2760 -77.39 31.39 16.32
C LEU A 2760 -76.26 32.29 15.83
N LYS A 2761 -75.19 32.36 16.63
CA LYS A 2761 -74.11 33.30 16.36
C LYS A 2761 -73.36 32.91 15.09
N GLN A 2762 -72.43 33.76 14.70
CA GLN A 2762 -71.42 33.44 13.70
C GLN A 2762 -70.16 33.04 14.42
N VAL A 2763 -69.45 32.05 13.90
CA VAL A 2763 -68.23 31.56 14.53
C VAL A 2763 -67.06 31.74 13.58
N HIS A 2764 -65.95 32.20 14.14
CA HIS A 2764 -64.69 32.30 13.40
C HIS A 2764 -63.59 31.73 14.28
N LEU A 2765 -63.33 30.45 14.13
CA LEU A 2765 -62.22 29.80 14.81
C LEU A 2765 -60.90 30.33 14.26
N VAL A 2766 -59.84 30.15 15.03
CA VAL A 2766 -58.48 30.41 14.58
C VAL A 2766 -57.66 29.17 14.90
N SER A 2767 -57.33 28.40 13.87
CA SER A 2767 -56.63 27.15 14.07
C SER A 2767 -55.26 27.37 14.68
N PHE A 2768 -54.77 26.35 15.38
CA PHE A 2768 -53.39 26.36 15.86
C PHE A 2768 -52.97 24.91 16.04
N GLN A 2769 -52.21 24.38 15.08
CA GLN A 2769 -51.70 23.03 15.22
C GLN A 2769 -50.77 22.95 16.43
N CYS A 2770 -50.77 21.81 17.09
CA CYS A 2770 -50.03 21.64 18.34
C CYS A 2770 -49.00 20.52 18.12
N SER A 2771 -47.84 20.91 17.61
CA SER A 2771 -46.73 19.99 17.49
C SER A 2771 -46.07 19.78 18.85
N PRO A 2772 -45.44 18.63 19.06
CA PRO A 2772 -44.79 18.40 20.37
C PRO A 2772 -43.71 19.41 20.68
N HIS A 2773 -43.21 20.12 19.68
CA HIS A 2773 -42.29 21.24 19.88
C HIS A 2773 -43.04 22.57 19.90
N SER A 2774 -44.01 22.70 20.81
CA SER A 2774 -44.86 23.87 20.89
C SER A 2774 -44.40 24.76 22.04
N THR A 2775 -44.64 26.06 21.90
CA THR A 2775 -44.33 27.16 22.79
C THR A 2775 -45.62 27.81 23.27
N PRO A 2776 -45.71 28.22 24.55
CA PRO A 2776 -46.92 28.92 25.01
C PRO A 2776 -47.17 30.21 24.27
N GLN A 2777 -46.14 30.82 23.68
CA GLN A 2777 -46.35 32.02 22.89
C GLN A 2777 -47.28 31.78 21.72
N GLY A 2778 -47.28 30.56 21.16
CA GLY A 2778 -48.16 30.27 20.04
C GLY A 2778 -49.62 30.32 20.42
N ILE A 2779 -49.98 29.66 21.52
CA ILE A 2779 -51.37 29.71 21.97
C ILE A 2779 -51.73 31.11 22.46
N ILE A 2780 -50.79 31.82 23.08
CA ILE A 2780 -51.04 33.20 23.50
C ILE A 2780 -51.35 34.06 22.28
N SER A 2781 -50.59 33.87 21.20
CA SER A 2781 -50.82 34.61 19.98
C SER A 2781 -52.18 34.27 19.37
N THR A 2782 -52.54 32.99 19.37
CA THR A 2782 -53.85 32.61 18.84
C THR A 2782 -54.96 33.26 19.65
N PHE A 2783 -54.82 33.25 20.98
CA PHE A 2783 -55.82 33.87 21.84
C PHE A 2783 -55.91 35.37 21.60
N LYS A 2784 -54.77 36.05 21.48
CA LYS A 2784 -54.78 37.48 21.18
C LYS A 2784 -55.42 37.75 19.83
N GLN A 2785 -55.18 36.87 18.85
CA GLN A 2785 -55.77 37.03 17.54
C GLN A 2785 -57.29 36.96 17.60
N CYS A 2786 -57.82 35.96 18.31
CA CYS A 2786 -59.28 35.89 18.39
C CYS A 2786 -59.86 36.99 19.29
N ALA A 2787 -59.07 37.47 20.25
CA ALA A 2787 -59.50 38.60 21.07
C ALA A 2787 -59.64 39.86 20.23
N ARG A 2788 -58.70 40.08 19.32
CA ARG A 2788 -58.88 41.16 18.34
C ARG A 2788 -60.04 40.89 17.41
N PHE A 2789 -60.23 39.62 17.00
CA PHE A 2789 -61.28 39.28 16.05
C PHE A 2789 -62.66 39.59 16.61
N GLN A 2790 -62.91 39.23 17.87
CA GLN A 2790 -64.18 39.54 18.48
C GLN A 2790 -64.24 40.95 19.05
N GLN A 2791 -63.15 41.72 18.94
CA GLN A 2791 -63.15 43.10 19.39
C GLN A 2791 -63.83 43.99 18.35
N GLY A 2792 -64.87 44.70 18.79
CA GLY A 2792 -65.57 45.63 17.92
C GLY A 2792 -66.67 45.02 17.09
N LYS A 2793 -66.84 43.70 17.09
CA LYS A 2793 -67.92 43.05 16.38
C LYS A 2793 -69.03 42.69 17.36
N ASP A 2794 -70.12 42.15 16.81
CA ASP A 2794 -71.28 41.81 17.62
C ASP A 2794 -70.98 40.60 18.48
N LEU A 2795 -70.97 40.79 19.81
CA LEU A 2795 -70.73 39.67 20.71
C LEU A 2795 -71.83 38.63 20.62
N GLY A 2796 -73.08 39.07 20.50
CA GLY A 2796 -74.21 38.17 20.42
C GLY A 2796 -74.45 37.52 19.08
N GLN A 2797 -73.65 37.85 18.07
CA GLN A 2797 -73.75 37.18 16.79
C GLN A 2797 -72.41 36.80 16.18
N TYR A 2798 -71.30 37.28 16.71
CA TYR A 2798 -69.97 36.88 16.23
C TYR A 2798 -69.10 36.51 17.40
N VAL A 2799 -68.50 35.32 17.34
CA VAL A 2799 -67.63 34.80 18.39
C VAL A 2799 -66.45 34.11 17.74
N SER A 2800 -65.26 34.32 18.31
CA SER A 2800 -64.04 33.70 17.82
C SER A 2800 -63.46 32.80 18.89
N VAL A 2801 -63.08 31.58 18.47
CA VAL A 2801 -62.60 30.55 19.37
C VAL A 2801 -61.27 30.03 18.85
N VAL A 2802 -60.61 29.21 19.66
CA VAL A 2802 -59.34 28.59 19.30
C VAL A 2802 -59.53 27.08 19.21
N VAL A 2803 -58.65 26.44 18.45
CA VAL A 2803 -58.65 24.99 18.32
C VAL A 2803 -57.20 24.53 18.30
N LEU A 2804 -56.87 23.57 19.16
CA LEU A 2804 -55.51 23.04 19.25
C LEU A 2804 -55.62 21.57 18.87
N ASP A 2805 -55.51 21.29 17.57
CA ASP A 2805 -55.93 19.99 17.03
C ASP A 2805 -55.16 18.84 17.66
N GLN A 2806 -53.97 19.09 18.17
CA GLN A 2806 -53.21 18.04 18.84
C GLN A 2806 -52.79 18.51 20.23
N VAL A 2807 -53.73 19.05 21.00
CA VAL A 2807 -53.40 19.61 22.31
C VAL A 2807 -52.77 18.56 23.22
N GLY A 2808 -53.24 17.32 23.15
CA GLY A 2808 -52.67 16.29 23.99
C GLY A 2808 -51.22 15.98 23.71
N LEU A 2809 -50.74 16.32 22.52
CA LEU A 2809 -49.35 16.03 22.15
C LEU A 2809 -48.36 16.83 22.99
N ALA A 2810 -48.66 18.12 23.22
CA ALA A 2810 -47.76 19.01 23.95
C ALA A 2810 -48.07 19.06 25.43
N GLU A 2811 -48.68 18.01 25.98
CA GLU A 2811 -48.85 17.92 27.42
C GLU A 2811 -47.52 17.65 28.12
N ASP A 2812 -46.59 16.98 27.45
CA ASP A 2812 -45.26 16.72 27.98
C ASP A 2812 -44.20 17.30 27.05
N SER A 2813 -44.49 18.42 26.41
CA SER A 2813 -43.48 19.14 25.66
C SER A 2813 -42.44 19.70 26.63
N PRO A 2814 -41.17 19.74 26.24
CA PRO A 2814 -40.13 20.21 27.18
C PRO A 2814 -40.24 21.68 27.54
N LYS A 2815 -41.03 22.47 26.81
CA LYS A 2815 -41.09 23.91 27.02
C LYS A 2815 -42.32 24.35 27.80
N MET A 2816 -43.00 23.42 28.46
CA MET A 2816 -44.17 23.68 29.30
C MET A 2816 -45.20 24.54 28.57
N PRO A 2817 -45.71 24.09 27.42
CA PRO A 2817 -46.63 24.97 26.67
C PRO A 2817 -48.01 25.09 27.29
N LEU A 2818 -48.61 23.98 27.70
CA LEU A 2818 -49.98 24.00 28.21
C LEU A 2818 -50.01 24.22 29.71
N LYS A 2819 -49.28 25.23 30.16
CA LYS A 2819 -49.22 25.55 31.58
C LYS A 2819 -49.76 26.93 31.90
N THR A 2820 -49.94 27.79 30.90
CA THR A 2820 -50.63 29.06 31.09
C THR A 2820 -52.03 29.04 30.49
N LEU A 2821 -52.50 27.87 30.05
CA LEU A 2821 -53.85 27.77 29.49
C LEU A 2821 -54.93 27.93 30.55
N HIS A 2822 -54.64 27.52 31.79
CA HIS A 2822 -55.64 27.59 32.85
C HIS A 2822 -56.11 29.02 33.12
N PRO A 2823 -55.23 30.00 33.36
CA PRO A 2823 -55.74 31.39 33.46
C PRO A 2823 -56.33 31.88 32.16
N LEU A 2824 -55.79 31.46 31.02
CA LEU A 2824 -56.29 31.92 29.73
C LEU A 2824 -57.75 31.57 29.52
N LEU A 2825 -58.16 30.35 29.89
CA LEU A 2825 -59.53 29.92 29.68
C LEU A 2825 -60.48 30.42 30.75
N GLU A 2826 -60.04 31.35 31.60
CA GLU A 2826 -60.93 31.98 32.55
C GLU A 2826 -61.08 33.49 32.29
N ASP A 2827 -59.98 34.23 32.24
CA ASP A 2827 -60.05 35.68 32.05
C ASP A 2827 -59.53 36.11 30.68
N GLY A 2828 -59.66 35.24 29.67
CA GLY A 2828 -59.35 35.63 28.31
C GLY A 2828 -57.87 35.74 28.00
N CYS A 2829 -57.17 36.60 28.72
CA CYS A 2829 -55.75 36.82 28.50
C CYS A 2829 -55.07 36.99 29.85
N ILE A 2830 -53.74 37.12 29.83
CA ILE A 2830 -52.92 37.04 31.02
C ILE A 2830 -52.09 38.31 31.14
N GLU A 2831 -51.62 38.58 32.36
CA GLU A 2831 -50.80 39.74 32.66
C GLU A 2831 -51.48 41.03 32.19
N ASP A 2832 -52.80 41.09 32.37
CA ASP A 2832 -53.59 42.24 31.95
C ASP A 2832 -54.97 42.12 32.57
N ASP A 2833 -55.76 43.18 32.45
CA ASP A 2833 -57.12 43.18 32.99
C ASP A 2833 -57.99 42.20 32.22
N PRO A 2834 -58.87 41.46 32.90
CA PRO A 2834 -60.00 40.84 32.20
C PRO A 2834 -60.89 41.93 31.61
N ALA A 2835 -61.46 41.65 30.45
CA ALA A 2835 -62.26 42.65 29.74
C ALA A 2835 -63.17 41.92 28.76
N PRO A 2836 -64.21 42.59 28.27
CA PRO A 2836 -64.97 42.03 27.15
C PRO A 2836 -64.10 41.89 25.91
N TYR A 2837 -64.65 41.32 24.84
CA TYR A 2837 -63.91 40.95 23.62
C TYR A 2837 -62.63 40.19 23.93
N LYS A 2838 -62.56 39.55 25.09
CA LYS A 2838 -61.45 38.70 25.48
C LYS A 2838 -61.85 37.27 25.78
N LYS A 2839 -63.10 37.04 26.17
CA LYS A 2839 -63.57 35.68 26.42
C LYS A 2839 -63.67 34.93 25.11
N VAL A 2840 -63.01 33.78 25.04
CA VAL A 2840 -62.82 33.05 23.80
C VAL A 2840 -63.11 31.58 24.05
N GLY A 2841 -63.80 30.94 23.11
CA GLY A 2841 -64.03 29.52 23.21
C GLY A 2841 -62.77 28.72 22.93
N PHE A 2842 -62.84 27.43 23.23
CA PHE A 2842 -61.67 26.57 23.10
C PHE A 2842 -62.13 25.13 22.90
N VAL A 2843 -61.61 24.49 21.86
CA VAL A 2843 -61.90 23.09 21.57
C VAL A 2843 -60.55 22.36 21.54
N GLY A 2844 -60.15 21.81 22.69
CA GLY A 2844 -58.89 21.12 22.77
C GLY A 2844 -58.94 19.71 22.22
N ILE A 2845 -59.03 19.58 20.90
CA ILE A 2845 -59.05 18.28 20.28
C ILE A 2845 -57.73 17.57 20.52
N SER A 2846 -57.80 16.32 20.97
CA SER A 2846 -56.61 15.51 21.19
C SER A 2846 -56.86 14.09 20.70
N ASN A 2847 -55.83 13.49 20.10
CA ASN A 2847 -55.87 12.10 19.68
C ASN A 2847 -55.18 11.18 20.68
N TRP A 2848 -54.91 11.68 21.88
CA TRP A 2848 -54.22 10.93 22.92
C TRP A 2848 -54.92 11.19 24.25
N ALA A 2849 -54.78 10.25 25.17
CA ALA A 2849 -55.36 10.40 26.49
C ALA A 2849 -54.84 11.68 27.13
N LEU A 2850 -55.76 12.46 27.70
CA LEU A 2850 -55.46 13.79 28.19
C LEU A 2850 -55.47 13.81 29.71
N ASP A 2851 -54.62 14.64 30.29
CA ASP A 2851 -54.58 14.82 31.73
C ASP A 2851 -55.91 15.44 32.18
N PRO A 2852 -56.67 14.76 33.05
CA PRO A 2852 -57.97 15.31 33.44
C PRO A 2852 -57.91 16.29 34.59
N ALA A 2853 -56.91 16.18 35.46
CA ALA A 2853 -56.89 16.99 36.68
C ALA A 2853 -56.83 18.48 36.34
N LYS A 2854 -55.91 18.87 35.47
CA LYS A 2854 -55.78 20.28 35.14
C LYS A 2854 -56.95 20.78 34.30
N MET A 2855 -57.33 20.01 33.28
CA MET A 2855 -58.31 20.46 32.30
C MET A 2855 -59.75 20.20 32.73
N ASN A 2856 -59.98 20.06 34.04
CA ASN A 2856 -61.32 19.73 34.52
C ASN A 2856 -62.33 20.84 34.25
N ARG A 2857 -61.86 22.09 34.14
CA ARG A 2857 -62.79 23.21 34.04
C ARG A 2857 -63.61 23.15 32.76
N GLY A 2858 -63.14 22.42 31.75
CA GLY A 2858 -63.89 22.24 30.53
C GLY A 2858 -64.84 21.07 30.62
N ILE A 2859 -65.24 20.58 29.45
CA ILE A 2859 -66.11 19.42 29.35
C ILE A 2859 -65.33 18.32 28.63
N PHE A 2860 -64.96 17.28 29.37
CA PHE A 2860 -64.27 16.11 28.81
C PHE A 2860 -65.27 15.23 28.11
N VAL A 2861 -65.40 15.39 26.80
CA VAL A 2861 -66.14 14.41 26.03
C VAL A 2861 -65.15 13.34 25.62
N SER A 2862 -64.90 12.39 26.53
CA SER A 2862 -63.87 11.37 26.32
C SER A 2862 -64.51 10.21 25.57
N ARG A 2863 -64.39 10.25 24.25
CA ARG A 2863 -64.96 9.20 23.41
C ARG A 2863 -64.37 7.85 23.79
N GLY A 2864 -65.25 6.85 23.92
CA GLY A 2864 -64.83 5.50 24.21
C GLY A 2864 -64.51 4.72 22.94
N SER A 2865 -64.22 3.45 23.13
CA SER A 2865 -63.97 2.58 22.00
C SER A 2865 -65.26 2.38 21.22
N PRO A 2866 -65.26 2.60 19.92
CA PRO A 2866 -66.50 2.49 19.13
C PRO A 2866 -67.03 1.06 19.12
N ASN A 2867 -68.21 0.89 19.72
CA ASN A 2867 -68.77 -0.44 19.94
C ASN A 2867 -69.26 -1.04 18.62
N GLU A 2868 -69.56 -2.34 18.67
CA GLU A 2868 -69.94 -3.05 17.46
C GLU A 2868 -71.19 -2.48 16.83
N LYS A 2869 -72.19 -2.15 17.67
CA LYS A 2869 -73.37 -1.47 17.16
C LYS A 2869 -73.01 -0.12 16.57
N GLU A 2870 -72.10 0.61 17.22
CA GLU A 2870 -71.63 1.88 16.66
C GLU A 2870 -70.99 1.67 15.30
N LEU A 2871 -70.21 0.61 15.16
CA LEU A 2871 -69.51 0.36 13.90
C LEU A 2871 -70.48 -0.01 12.79
N ILE A 2872 -71.49 -0.82 13.11
CA ILE A 2872 -72.48 -1.16 12.07
C ILE A 2872 -73.29 0.08 11.71
N GLU A 2873 -73.58 0.95 12.68
CA GLU A 2873 -74.33 2.17 12.36
C GLU A 2873 -73.51 3.09 11.45
N SER A 2874 -72.25 3.32 11.80
CA SER A 2874 -71.37 4.11 10.93
C SER A 2874 -71.25 3.45 9.56
N ALA A 2875 -71.23 2.12 9.53
CA ALA A 2875 -71.19 1.39 8.27
C ALA A 2875 -72.42 1.70 7.43
N GLU A 2876 -73.59 1.73 8.05
CA GLU A 2876 -74.80 2.08 7.32
C GLU A 2876 -74.75 3.52 6.85
N GLY A 2877 -74.21 4.42 7.68
CA GLY A 2877 -74.27 5.84 7.36
C GLY A 2877 -73.28 6.27 6.30
N ILE A 2878 -72.12 5.62 6.22
CA ILE A 2878 -71.11 6.03 5.24
C ILE A 2878 -71.60 5.72 3.82
N CYS A 2879 -72.20 4.56 3.62
CA CYS A 2879 -72.67 4.15 2.31
C CYS A 2879 -74.04 4.74 1.98
N SER A 2880 -74.49 5.75 2.72
CA SER A 2880 -75.81 6.33 2.51
C SER A 2880 -75.91 7.07 1.19
N SER A 2881 -74.78 7.32 0.52
CA SER A 2881 -74.79 8.11 -0.71
C SER A 2881 -75.71 7.49 -1.75
N ASP A 2882 -75.61 6.18 -1.95
CA ASP A 2882 -76.51 5.47 -2.84
C ASP A 2882 -77.37 4.52 -2.00
N ARG A 2883 -78.69 4.62 -2.15
CA ARG A 2883 -79.59 3.72 -1.44
C ARG A 2883 -79.50 2.31 -1.98
N LEU A 2884 -79.30 2.15 -3.30
CA LEU A 2884 -79.50 0.86 -3.92
C LEU A 2884 -78.40 -0.13 -3.54
N VAL A 2885 -77.13 0.27 -3.66
CA VAL A 2885 -76.05 -0.66 -3.36
C VAL A 2885 -75.88 -0.87 -1.87
N GLN A 2886 -76.33 0.08 -1.05
CA GLN A 2886 -76.25 -0.11 0.40
C GLN A 2886 -77.11 -1.29 0.84
N ASP A 2887 -78.29 -1.44 0.24
CA ASP A 2887 -79.11 -2.60 0.59
C ASP A 2887 -78.54 -3.89 0.03
N LYS A 2888 -77.63 -3.83 -0.94
CA LYS A 2888 -76.96 -5.03 -1.41
C LYS A 2888 -75.78 -5.41 -0.53
N ILE A 2889 -75.09 -4.42 0.04
CA ILE A 2889 -73.87 -4.66 0.80
C ILE A 2889 -74.07 -4.49 2.30
N ARG A 2890 -75.31 -4.33 2.75
CA ARG A 2890 -75.56 -4.17 4.18
C ARG A 2890 -75.12 -5.38 4.99
N GLY A 2891 -75.12 -6.56 4.37
CA GLY A 2891 -74.84 -7.78 5.12
C GLY A 2891 -73.42 -7.84 5.65
N TYR A 2892 -72.44 -7.43 4.84
CA TYR A 2892 -71.04 -7.56 5.22
C TYR A 2892 -70.65 -6.65 6.37
N PHE A 2893 -71.49 -5.68 6.73
CA PHE A 2893 -71.07 -4.63 7.64
C PHE A 2893 -70.75 -5.17 9.03
N ALA A 2894 -71.67 -5.96 9.61
CA ALA A 2894 -71.47 -6.43 10.97
C ALA A 2894 -70.25 -7.35 11.09
N PRO A 2895 -70.05 -8.35 10.23
CA PRO A 2895 -68.81 -9.14 10.34
C PRO A 2895 -67.56 -8.32 10.16
N PHE A 2896 -67.62 -7.28 9.32
CA PHE A 2896 -66.48 -6.37 9.19
C PHE A 2896 -66.15 -5.74 10.53
N ALA A 2897 -67.17 -5.25 11.23
CA ALA A 2897 -66.96 -4.63 12.54
C ALA A 2897 -66.41 -5.63 13.53
N LYS A 2898 -66.95 -6.85 13.54
CA LYS A 2898 -66.47 -7.87 14.46
C LYS A 2898 -65.00 -8.17 14.22
N ALA A 2899 -64.62 -8.37 12.95
CA ALA A 2899 -63.23 -8.67 12.63
C ALA A 2899 -62.33 -7.49 12.97
N TYR A 2900 -62.79 -6.26 12.72
CA TYR A 2900 -61.98 -5.09 13.03
C TYR A 2900 -61.73 -4.98 14.53
N GLU A 2901 -62.76 -5.22 15.34
CA GLU A 2901 -62.54 -5.17 16.78
C GLU A 2901 -61.62 -6.29 17.23
N THR A 2902 -61.73 -7.47 16.63
CA THR A 2902 -60.82 -8.56 16.99
C THR A 2902 -59.37 -8.18 16.69
N VAL A 2903 -59.12 -7.62 15.51
CA VAL A 2903 -57.74 -7.27 15.16
C VAL A 2903 -57.24 -6.12 16.03
N CYS A 2904 -58.12 -5.16 16.34
CA CYS A 2904 -57.68 -4.02 17.15
C CYS A 2904 -57.37 -4.45 18.58
N GLN A 2905 -58.10 -5.46 19.09
CA GLN A 2905 -57.80 -5.98 20.41
C GLN A 2905 -56.74 -7.09 20.38
N LYS A 2906 -56.32 -7.51 19.20
CA LYS A 2906 -55.31 -8.56 19.11
C LYS A 2906 -53.92 -8.02 19.39
N GLN A 2907 -53.49 -7.02 18.63
CA GLN A 2907 -52.17 -6.42 18.83
C GLN A 2907 -52.26 -5.33 19.89
N ASP A 2908 -51.33 -5.38 20.86
CA ASP A 2908 -51.25 -4.33 21.86
C ASP A 2908 -50.92 -2.99 21.22
N LYS A 2909 -50.01 -3.00 20.24
CA LYS A 2909 -49.69 -1.78 19.51
C LYS A 2909 -50.91 -1.30 18.74
N GLU A 2910 -51.05 0.02 18.65
CA GLU A 2910 -52.23 0.64 18.05
C GLU A 2910 -51.98 0.88 16.55
N PHE A 2911 -51.57 -0.19 15.87
CA PHE A 2911 -51.16 -0.06 14.48
C PHE A 2911 -52.34 0.11 13.55
N PHE A 2912 -53.49 -0.44 13.92
CA PHE A 2912 -54.69 -0.35 13.09
C PHE A 2912 -55.81 0.37 13.84
N GLY A 2913 -56.56 1.17 13.12
CA GLY A 2913 -57.59 1.99 13.74
C GLY A 2913 -58.81 2.27 12.87
N LEU A 2914 -59.59 3.27 13.28
CA LEU A 2914 -60.86 3.54 12.63
C LEU A 2914 -60.69 4.06 11.21
N ARG A 2915 -59.67 4.88 10.98
CA ARG A 2915 -59.48 5.44 9.64
C ARG A 2915 -59.34 4.34 8.61
N ASP A 2916 -58.61 3.29 8.96
CA ASP A 2916 -58.47 2.15 8.05
C ASP A 2916 -59.82 1.50 7.79
N TYR A 2917 -60.65 1.38 8.82
CA TYR A 2917 -61.97 0.77 8.65
C TYR A 2917 -62.85 1.61 7.73
N TYR A 2918 -62.85 2.93 7.94
CA TYR A 2918 -63.65 3.80 7.08
C TYR A 2918 -63.15 3.76 5.65
N SER A 2919 -61.83 3.76 5.46
CA SER A 2919 -61.29 3.63 4.12
C SER A 2919 -61.71 2.31 3.49
N LEU A 2920 -61.71 1.24 4.27
CA LEU A 2920 -62.11 -0.07 3.78
C LEU A 2920 -63.57 -0.04 3.31
N ILE A 2921 -64.44 0.55 4.12
CA ILE A 2921 -65.85 0.53 3.78
C ILE A 2921 -66.14 1.46 2.61
N LYS A 2922 -65.46 2.60 2.53
CA LYS A 2922 -65.62 3.49 1.38
C LYS A 2922 -65.10 2.82 0.12
N MET A 2923 -64.02 2.06 0.24
CA MET A 2923 -63.45 1.38 -0.91
C MET A 2923 -64.39 0.31 -1.43
N VAL A 2924 -64.95 -0.50 -0.53
CA VAL A 2924 -65.90 -1.52 -0.98
C VAL A 2924 -67.16 -0.84 -1.53
N PHE A 2925 -67.57 0.27 -0.95
CA PHE A 2925 -68.69 1.05 -1.46
C PHE A 2925 -68.45 1.47 -2.90
N ALA A 2926 -67.29 2.06 -3.16
CA ALA A 2926 -66.97 2.54 -4.51
C ALA A 2926 -66.82 1.38 -5.48
N LYS A 2927 -66.19 0.28 -5.05
CA LYS A 2927 -66.04 -0.87 -5.94
C LYS A 2927 -67.39 -1.45 -6.33
N ALA A 2928 -68.29 -1.61 -5.34
CA ALA A 2928 -69.61 -2.14 -5.66
C ALA A 2928 -70.39 -1.20 -6.55
N LYS A 2929 -70.34 0.11 -6.28
CA LYS A 2929 -71.13 1.04 -7.07
C LYS A 2929 -70.58 1.18 -8.48
N ALA A 2930 -69.27 1.03 -8.67
CA ALA A 2930 -68.72 1.07 -10.03
C ALA A 2930 -68.99 -0.23 -10.75
N SER A 2931 -68.97 -1.35 -10.02
CA SER A 2931 -69.23 -2.64 -10.65
C SER A 2931 -70.72 -2.88 -10.82
N LYS A 2932 -71.54 -2.26 -9.96
CA LYS A 2932 -73.01 -2.24 -10.08
C LYS A 2932 -73.65 -3.62 -9.97
N ARG A 2933 -72.86 -4.67 -9.73
CA ARG A 2933 -73.44 -6.01 -9.65
C ARG A 2933 -73.31 -6.64 -8.28
N GLY A 2934 -72.70 -5.96 -7.32
CA GLY A 2934 -72.51 -6.55 -6.00
C GLY A 2934 -71.05 -6.58 -5.60
N LEU A 2935 -70.59 -7.74 -5.14
CA LEU A 2935 -69.20 -7.87 -4.69
C LEU A 2935 -68.68 -9.24 -5.07
N SER A 2936 -67.53 -9.28 -5.73
CA SER A 2936 -66.80 -10.52 -5.91
C SER A 2936 -65.75 -10.65 -4.80
N PRO A 2937 -65.44 -11.87 -4.36
CA PRO A 2937 -64.55 -12.03 -3.20
C PRO A 2937 -63.19 -11.40 -3.38
N GLN A 2938 -62.69 -11.36 -4.62
CA GLN A 2938 -61.40 -10.73 -4.87
C GLN A 2938 -61.43 -9.26 -4.47
N ASP A 2939 -62.56 -8.58 -4.70
CA ASP A 2939 -62.66 -7.18 -4.30
C ASP A 2939 -62.57 -7.02 -2.79
N ILE A 2940 -63.27 -7.86 -2.03
CA ILE A 2940 -63.24 -7.75 -0.57
C ILE A 2940 -61.85 -8.03 -0.04
N THR A 2941 -61.21 -9.10 -0.54
CA THR A 2941 -59.88 -9.43 -0.04
C THR A 2941 -58.87 -8.36 -0.44
N HIS A 2942 -59.01 -7.79 -1.64
CA HIS A 2942 -58.15 -6.67 -2.02
C HIS A 2942 -58.34 -5.50 -1.07
N ALA A 2943 -59.59 -5.19 -0.73
CA ALA A 2943 -59.85 -4.04 0.13
C ALA A 2943 -59.22 -4.23 1.50
N VAL A 2944 -59.48 -5.38 2.12
CA VAL A 2944 -58.94 -5.61 3.46
C VAL A 2944 -57.42 -5.69 3.42
N LEU A 2945 -56.86 -6.30 2.37
CA LEU A 2945 -55.41 -6.36 2.24
C LEU A 2945 -54.82 -4.97 2.14
N ARG A 2946 -55.44 -4.10 1.33
CA ARG A 2946 -54.90 -2.77 1.11
C ARG A 2946 -54.98 -1.93 2.38
N ASN A 2947 -56.11 -1.97 3.06
CA ASN A 2947 -56.26 -1.09 4.20
C ASN A 2947 -55.81 -1.76 5.49
N PHE A 2948 -55.47 -3.04 5.44
CA PHE A 2948 -54.90 -3.76 6.57
C PHE A 2948 -53.73 -4.59 6.07
N SER A 2949 -52.50 -4.10 6.31
CA SER A 2949 -51.29 -4.82 5.94
C SER A 2949 -50.12 -4.13 6.63
N GLY A 2950 -48.93 -4.67 6.40
CA GLY A 2950 -47.71 -4.11 6.96
C GLY A 2950 -47.32 -4.69 8.30
N LYS A 2951 -48.27 -4.81 9.22
CA LYS A 2951 -47.97 -5.40 10.52
C LYS A 2951 -47.51 -6.84 10.34
N ASP A 2952 -46.41 -7.18 10.98
CA ASP A 2952 -45.79 -8.49 10.75
C ASP A 2952 -46.62 -9.61 11.37
N ASN A 2953 -47.01 -9.47 12.63
CA ASN A 2953 -47.70 -10.56 13.33
C ASN A 2953 -49.22 -10.41 13.23
N ILE A 2954 -49.72 -10.17 12.02
CA ILE A 2954 -51.16 -10.04 11.80
C ILE A 2954 -51.49 -10.63 10.43
N GLN A 2955 -52.16 -11.78 10.42
CA GLN A 2955 -52.69 -12.32 9.17
C GLN A 2955 -54.13 -11.83 9.01
N ALA A 2956 -54.25 -10.52 8.82
CA ALA A 2956 -55.57 -9.88 8.83
C ALA A 2956 -56.48 -10.45 7.76
N LEU A 2957 -55.92 -10.91 6.65
CA LEU A 2957 -56.74 -11.57 5.63
C LEU A 2957 -57.41 -12.80 6.21
N SER A 2958 -56.65 -13.60 6.96
CA SER A 2958 -57.23 -14.79 7.59
C SER A 2958 -58.31 -14.39 8.60
N ILE A 2959 -58.05 -13.35 9.39
CA ILE A 2959 -59.01 -12.94 10.42
C ILE A 2959 -60.32 -12.49 9.79
N PHE A 2960 -60.24 -11.67 8.75
CA PHE A 2960 -61.47 -11.21 8.11
C PHE A 2960 -62.18 -12.35 7.39
N THR A 2961 -61.43 -13.22 6.70
CA THR A 2961 -62.06 -14.26 5.91
C THR A 2961 -62.60 -15.40 6.78
N ALA A 2962 -62.11 -15.54 8.00
CA ALA A 2962 -62.72 -16.50 8.92
C ALA A 2962 -64.16 -16.12 9.23
N SER A 2963 -64.39 -14.87 9.59
CA SER A 2963 -65.75 -14.40 9.83
C SER A 2963 -66.55 -14.25 8.54
N LEU A 2964 -65.91 -14.36 7.38
CA LEU A 2964 -66.59 -14.28 6.08
C LEU A 2964 -66.23 -15.50 5.26
N PRO A 2965 -66.71 -16.69 5.66
CA PRO A 2965 -66.34 -17.91 4.94
C PRO A 2965 -66.73 -17.89 3.47
N GLU A 2966 -67.81 -17.20 3.11
CA GLU A 2966 -68.16 -17.08 1.70
C GLU A 2966 -67.20 -16.16 0.97
N ALA A 2967 -66.63 -15.18 1.66
CA ALA A 2967 -65.68 -14.25 1.07
C ALA A 2967 -64.26 -14.77 1.16
N ARG A 2968 -64.06 -16.01 0.74
CA ARG A 2968 -62.74 -16.62 0.70
C ARG A 2968 -62.09 -16.33 -0.65
N TYR A 2969 -60.76 -16.35 -0.68
CA TYR A 2969 -60.02 -16.32 -1.92
C TYR A 2969 -58.89 -17.33 -1.78
N LYS A 2970 -58.70 -18.18 -2.79
CA LYS A 2970 -57.66 -19.20 -2.72
C LYS A 2970 -56.52 -18.96 -3.70
N GLU A 2971 -56.54 -17.87 -4.45
CA GLU A 2971 -55.43 -17.48 -5.30
C GLU A 2971 -54.53 -16.48 -4.60
N GLU A 2972 -53.34 -16.29 -5.16
CA GLU A 2972 -52.33 -15.41 -4.58
C GLU A 2972 -52.44 -14.01 -5.16
N VAL A 2973 -52.51 -13.02 -4.28
CA VAL A 2973 -52.48 -11.60 -4.67
C VAL A 2973 -51.32 -10.96 -3.95
N SER A 2974 -50.41 -10.34 -4.71
CA SER A 2974 -49.16 -9.84 -4.17
C SER A 2974 -49.21 -8.33 -3.96
N THR A 2975 -48.29 -7.84 -3.14
CA THR A 2975 -48.23 -6.43 -2.80
C THR A 2975 -47.99 -5.54 -4.02
N VAL A 2976 -47.33 -6.06 -5.06
CA VAL A 2976 -46.99 -5.24 -6.22
C VAL A 2976 -48.25 -4.70 -6.88
N GLU A 2977 -49.24 -5.57 -7.12
CA GLU A 2977 -50.47 -5.09 -7.77
C GLU A 2977 -51.28 -4.21 -6.82
N LEU A 2978 -51.18 -4.44 -5.52
CA LEU A 2978 -51.84 -3.55 -4.57
C LEU A 2978 -51.26 -2.14 -4.66
N ILE A 2979 -49.94 -2.03 -4.76
CA ILE A 2979 -49.32 -0.72 -4.95
C ILE A 2979 -49.75 -0.12 -6.29
N LYS A 2980 -49.77 -0.95 -7.34
CA LYS A 2980 -50.15 -0.44 -8.65
C LYS A 2980 -51.58 0.08 -8.65
N GLN A 2981 -52.47 -0.55 -7.88
CA GLN A 2981 -53.83 -0.05 -7.78
C GLN A 2981 -53.91 1.20 -6.92
N ASN A 2982 -53.16 1.24 -5.82
CA ASN A 2982 -53.19 2.43 -4.95
C ASN A 2982 -52.68 3.65 -5.68
N ILE A 2983 -51.60 3.52 -6.43
CA ILE A 2983 -50.96 4.68 -7.03
C ILE A 2983 -51.56 5.04 -8.39
N TYR A 2984 -52.15 4.08 -9.09
CA TYR A 2984 -52.74 4.41 -10.38
C TYR A 2984 -54.25 4.19 -10.34
N PRO A 2985 -55.02 5.13 -9.80
CA PRO A 2985 -56.48 4.99 -9.84
C PRO A 2985 -57.02 5.07 -11.26
N GLY A 2986 -58.20 4.50 -11.45
CA GLY A 2986 -58.75 4.29 -12.77
C GLY A 2986 -59.21 5.55 -13.47
N PRO A 2987 -59.46 5.43 -14.79
CA PRO A 2987 -60.05 6.56 -15.51
C PRO A 2987 -61.52 6.76 -15.18
N GLN A 2988 -62.23 5.68 -14.89
CA GLN A 2988 -63.59 5.80 -14.37
C GLN A 2988 -63.59 6.36 -12.95
N ALA A 2989 -62.45 6.27 -12.27
CA ALA A 2989 -62.32 6.79 -10.92
C ALA A 2989 -62.13 8.30 -10.93
N SER A 2990 -62.76 8.96 -9.96
CA SER A 2990 -62.71 10.42 -9.85
C SER A 2990 -63.19 11.07 -11.14
N SER A 2991 -64.25 10.51 -11.73
CA SER A 2991 -64.78 10.99 -12.98
C SER A 2991 -66.22 11.50 -12.88
N ARG A 2992 -66.86 11.37 -11.73
CA ARG A 2992 -68.19 11.93 -11.52
C ARG A 2992 -68.09 13.13 -10.57
N GLY A 2993 -69.23 13.73 -10.25
CA GLY A 2993 -69.28 14.93 -9.44
C GLY A 2993 -68.62 14.78 -8.08
N LEU A 2994 -67.73 15.72 -7.76
CA LEU A 2994 -66.97 15.78 -6.51
C LEU A 2994 -66.14 14.52 -6.29
N ASP A 2995 -65.28 14.53 -5.27
CA ASP A 2995 -64.39 13.41 -4.97
C ASP A 2995 -64.69 12.94 -3.56
N GLY A 2996 -65.68 12.06 -3.41
CA GLY A 2996 -66.02 11.51 -2.13
C GLY A 2996 -65.32 10.19 -1.85
N ALA A 2997 -64.92 9.50 -2.91
CA ALA A 2997 -64.34 8.17 -2.79
C ALA A 2997 -62.96 8.18 -3.45
N GLU A 2998 -61.93 8.07 -2.63
CA GLU A 2998 -60.56 8.03 -3.13
C GLU A 2998 -59.72 7.16 -2.21
N SER A 2999 -58.58 6.72 -2.74
CA SER A 2999 -57.64 5.93 -1.96
C SER A 2999 -56.87 6.82 -1.01
N ARG A 3000 -56.19 6.19 -0.06
CA ARG A 3000 -55.33 6.95 0.84
C ARG A 3000 -53.92 7.05 0.25
N TYR A 3001 -53.15 7.98 0.80
CA TYR A 3001 -51.74 8.07 0.44
C TYR A 3001 -50.99 6.90 1.03
N LEU A 3002 -49.98 6.43 0.29
CA LEU A 3002 -49.36 5.16 0.61
C LEU A 3002 -48.11 5.38 1.45
N LEU A 3003 -47.85 4.43 2.36
CA LEU A 3003 -46.64 4.46 3.18
C LEU A 3003 -45.99 3.09 3.13
N VAL A 3004 -44.96 2.95 2.31
CA VAL A 3004 -44.28 1.67 2.15
C VAL A 3004 -43.36 1.43 3.34
N LEU A 3005 -43.44 0.24 3.92
CA LEU A 3005 -42.55 -0.18 5.00
C LEU A 3005 -41.48 -1.07 4.38
N THR A 3006 -40.21 -0.75 4.65
CA THR A 3006 -39.10 -1.45 4.02
C THR A 3006 -37.99 -1.66 5.04
N ARG A 3007 -36.81 -2.02 4.54
CA ARG A 3007 -35.61 -2.11 5.36
C ARG A 3007 -34.41 -1.99 4.44
N ASN A 3008 -33.37 -1.29 4.90
CA ASN A 3008 -32.17 -1.01 4.10
C ASN A 3008 -32.47 -0.14 2.89
N TYR A 3009 -33.54 0.67 2.98
CA TYR A 3009 -33.84 1.72 2.01
C TYR A 3009 -33.88 1.17 0.59
N VAL A 3010 -34.72 0.17 0.37
CA VAL A 3010 -34.76 -0.52 -0.91
C VAL A 3010 -35.96 -0.11 -1.77
N ALA A 3011 -36.98 0.51 -1.19
CA ALA A 3011 -38.23 0.71 -1.90
C ALA A 3011 -38.04 1.48 -3.21
N LEU A 3012 -37.19 2.50 -3.17
CA LEU A 3012 -37.03 3.37 -4.32
C LEU A 3012 -36.55 2.60 -5.55
N GLN A 3013 -35.65 1.64 -5.35
CA GLN A 3013 -35.15 0.87 -6.49
C GLN A 3013 -36.29 0.19 -7.22
N ILE A 3014 -37.11 -0.60 -6.52
CA ILE A 3014 -38.17 -1.34 -7.19
C ILE A 3014 -39.21 -0.38 -7.76
N LEU A 3015 -39.57 0.65 -6.98
CA LEU A 3015 -40.60 1.58 -7.41
C LEU A 3015 -40.19 2.31 -8.68
N GLN A 3016 -38.93 2.70 -8.79
CA GLN A 3016 -38.45 3.35 -9.99
C GLN A 3016 -38.16 2.35 -11.11
N GLN A 3017 -38.06 1.06 -10.79
CA GLN A 3017 -37.89 0.07 -11.84
C GLN A 3017 -39.21 -0.20 -12.56
N THR A 3018 -40.20 -0.71 -11.84
CA THR A 3018 -41.34 -1.31 -12.53
C THR A 3018 -42.68 -0.63 -12.28
N PHE A 3019 -42.76 0.43 -11.49
CA PHE A 3019 -44.02 1.14 -11.30
C PHE A 3019 -43.99 2.55 -11.90
N PHE A 3020 -42.96 3.34 -11.62
CA PHE A 3020 -42.95 4.74 -12.04
C PHE A 3020 -42.68 4.81 -13.53
N GLU A 3021 -43.72 4.50 -14.31
CA GLU A 3021 -43.65 4.49 -15.75
C GLU A 3021 -44.26 5.76 -16.33
N GLY A 3022 -43.77 6.15 -17.50
CA GLY A 3022 -44.28 7.31 -18.19
C GLY A 3022 -43.84 8.62 -17.56
N GLN A 3023 -44.35 8.89 -16.37
CA GLN A 3023 -44.00 10.10 -15.62
C GLN A 3023 -43.28 9.70 -14.34
N GLN A 3024 -42.06 10.22 -14.17
CA GLN A 3024 -41.28 9.93 -12.98
C GLN A 3024 -41.66 10.90 -11.87
N PRO A 3025 -42.14 10.42 -10.73
CA PRO A 3025 -42.48 11.33 -9.64
C PRO A 3025 -41.26 11.99 -9.05
N GLU A 3026 -41.47 13.20 -8.53
CA GLU A 3026 -40.40 13.89 -7.83
C GLU A 3026 -40.04 13.17 -6.54
N ILE A 3027 -38.78 13.27 -6.15
CA ILE A 3027 -38.28 12.69 -4.91
C ILE A 3027 -37.83 13.82 -4.01
N ILE A 3028 -38.35 13.84 -2.78
CA ILE A 3028 -38.08 14.90 -1.83
C ILE A 3028 -37.35 14.29 -0.65
N PHE A 3029 -36.43 15.04 -0.06
CA PHE A 3029 -35.55 14.50 0.98
C PHE A 3029 -34.88 15.65 1.72
N GLY A 3030 -34.30 15.30 2.86
CA GLY A 3030 -33.51 16.23 3.65
C GLY A 3030 -32.07 16.29 3.19
N SER A 3031 -31.82 17.03 2.11
CA SER A 3031 -30.54 17.05 1.42
C SER A 3031 -29.37 17.04 2.40
N SER A 3032 -28.37 16.21 2.09
CA SER A 3032 -27.22 16.00 2.97
C SER A 3032 -26.04 16.90 2.60
N PHE A 3033 -26.25 17.87 1.71
CA PHE A 3033 -25.18 18.79 1.36
C PHE A 3033 -24.71 19.55 2.59
N PRO A 3034 -23.42 19.88 2.66
CA PRO A 3034 -22.90 20.55 3.84
C PRO A 3034 -23.51 21.93 4.02
N GLN A 3035 -23.61 22.34 5.29
CA GLN A 3035 -24.12 23.65 5.71
C GLN A 3035 -25.34 24.09 4.89
N ASP A 3036 -26.40 23.30 5.01
CA ASP A 3036 -27.75 23.70 4.63
C ASP A 3036 -28.59 23.73 5.89
N GLN A 3037 -29.22 24.86 6.17
CA GLN A 3037 -30.09 24.95 7.33
C GLN A 3037 -31.33 24.09 7.11
N GLU A 3038 -31.77 23.41 8.17
CA GLU A 3038 -32.89 22.49 8.05
C GLU A 3038 -34.18 23.24 7.73
N TYR A 3039 -34.37 24.43 8.30
CA TYR A 3039 -35.62 25.16 8.12
C TYR A 3039 -35.82 25.54 6.65
N THR A 3040 -34.77 26.09 6.02
CA THR A 3040 -34.89 26.47 4.62
C THR A 3040 -35.12 25.24 3.74
N GLN A 3041 -34.48 24.12 4.08
CA GLN A 3041 -34.64 22.92 3.30
C GLN A 3041 -36.06 22.38 3.40
N ILE A 3042 -36.64 22.37 4.60
CA ILE A 3042 -38.00 21.87 4.73
C ILE A 3042 -38.98 22.84 4.07
N CYS A 3043 -38.69 24.14 4.12
CA CYS A 3043 -39.55 25.10 3.40
C CYS A 3043 -39.52 24.83 1.91
N ARG A 3044 -38.33 24.59 1.35
CA ARG A 3044 -38.22 24.31 -0.08
C ARG A 3044 -38.92 23.01 -0.42
N ASN A 3045 -38.78 21.98 0.42
CA ASN A 3045 -39.48 20.72 0.19
C ASN A 3045 -40.98 20.93 0.19
N ILE A 3046 -41.48 21.72 1.14
CA ILE A 3046 -42.91 22.00 1.20
C ILE A 3046 -43.37 22.73 -0.03
N ASN A 3047 -42.60 23.72 -0.50
CA ASN A 3047 -42.97 24.44 -1.71
C ASN A 3047 -43.03 23.50 -2.90
N ARG A 3048 -42.05 22.60 -3.01
CA ARG A 3048 -42.08 21.63 -4.10
C ARG A 3048 -43.29 20.72 -3.98
N VAL A 3049 -43.65 20.35 -2.75
CA VAL A 3049 -44.84 19.54 -2.53
C VAL A 3049 -46.08 20.28 -3.03
N LYS A 3050 -46.17 21.58 -2.70
CA LYS A 3050 -47.32 22.37 -3.12
C LYS A 3050 -47.38 22.49 -4.62
N ILE A 3051 -46.24 22.71 -5.26
CA ILE A 3051 -46.20 22.80 -6.71
C ILE A 3051 -46.66 21.49 -7.34
N CYS A 3052 -46.20 20.37 -6.80
CA CYS A 3052 -46.62 19.08 -7.32
C CYS A 3052 -48.12 18.87 -7.15
N MET A 3053 -48.66 19.24 -5.98
CA MET A 3053 -50.09 19.05 -5.77
C MET A 3053 -50.91 19.90 -6.73
N GLU A 3054 -50.55 21.18 -6.86
CA GLU A 3054 -51.28 22.04 -7.79
C GLU A 3054 -51.19 21.50 -9.21
N THR A 3055 -49.98 21.14 -9.65
CA THR A 3055 -49.84 20.60 -11.00
C THR A 3055 -50.47 19.22 -11.12
N GLY A 3056 -50.27 18.36 -10.12
CA GLY A 3056 -50.82 17.03 -10.16
C GLY A 3056 -49.79 15.98 -10.52
N LYS A 3057 -48.57 16.17 -10.02
CA LYS A 3057 -47.46 15.25 -10.27
C LYS A 3057 -47.09 14.56 -8.98
N MET A 3058 -46.91 13.24 -9.06
CA MET A 3058 -46.74 12.41 -7.88
C MET A 3058 -45.55 12.86 -7.05
N VAL A 3059 -45.61 12.60 -5.74
CA VAL A 3059 -44.56 12.94 -4.80
C VAL A 3059 -44.14 11.67 -4.09
N VAL A 3060 -42.84 11.45 -3.97
CA VAL A 3060 -42.28 10.37 -3.18
C VAL A 3060 -41.39 10.98 -2.12
N LEU A 3061 -41.81 10.91 -0.87
CA LEU A 3061 -41.09 11.49 0.25
C LEU A 3061 -40.04 10.53 0.76
N LEU A 3062 -39.11 11.05 1.55
CA LEU A 3062 -38.11 10.23 2.20
C LEU A 3062 -38.00 10.46 3.69
N ASN A 3063 -38.16 11.68 4.17
CA ASN A 3063 -38.08 12.00 5.59
C ASN A 3063 -39.42 12.54 6.06
N LEU A 3064 -40.00 11.87 7.05
CA LEU A 3064 -41.24 12.34 7.66
C LEU A 3064 -41.10 12.81 9.09
N GLN A 3065 -40.07 12.37 9.82
CA GLN A 3065 -39.93 12.80 11.21
C GLN A 3065 -39.62 14.28 11.33
N ASN A 3066 -39.58 15.02 10.23
CA ASN A 3066 -39.35 16.45 10.26
C ASN A 3066 -40.43 17.27 9.55
N LEU A 3067 -41.25 16.63 8.70
CA LEU A 3067 -42.36 17.32 8.06
C LEU A 3067 -43.68 16.56 8.20
N TYR A 3068 -43.87 15.83 9.31
CA TYR A 3068 -45.17 15.21 9.54
C TYR A 3068 -46.20 16.24 9.97
N GLU A 3069 -45.77 17.22 10.77
CA GLU A 3069 -46.70 18.22 11.29
C GLU A 3069 -47.14 19.21 10.23
N SER A 3070 -46.46 19.25 9.09
CA SER A 3070 -46.83 20.13 8.00
C SER A 3070 -47.59 19.40 6.90
N LEU A 3071 -47.91 18.13 7.07
CA LEU A 3071 -48.56 17.35 6.03
C LEU A 3071 -49.81 16.60 6.47
N TYR A 3072 -49.94 16.26 7.75
CA TYR A 3072 -51.04 15.38 8.16
C TYR A 3072 -52.39 15.96 7.81
N ASP A 3073 -52.53 17.29 7.75
CA ASP A 3073 -53.76 17.87 7.26
C ASP A 3073 -53.95 17.58 5.78
N ALA A 3074 -52.87 17.65 4.99
CA ALA A 3074 -52.95 17.18 3.62
C ALA A 3074 -53.02 15.66 3.56
N LEU A 3075 -52.48 15.00 4.57
CA LEU A 3075 -52.67 13.56 4.71
C LEU A 3075 -53.97 13.19 5.40
N ASN A 3076 -54.75 14.19 5.82
CA ASN A 3076 -56.10 13.90 6.30
C ASN A 3076 -57.07 13.64 5.16
N GLN A 3077 -56.75 14.08 3.95
CA GLN A 3077 -57.52 13.79 2.75
C GLN A 3077 -58.92 14.40 2.79
N TYR A 3078 -59.13 15.40 3.64
CA TYR A 3078 -60.36 16.16 3.64
C TYR A 3078 -60.13 17.45 2.86
N TYR A 3079 -61.13 17.86 2.10
CA TYR A 3079 -61.00 18.98 1.17
C TYR A 3079 -62.02 20.05 1.47
N VAL A 3080 -61.57 21.29 1.53
CA VAL A 3080 -62.45 22.45 1.71
C VAL A 3080 -62.81 22.93 0.31
N TYR A 3081 -63.89 22.37 -0.23
CA TYR A 3081 -64.24 22.63 -1.62
C TYR A 3081 -64.55 24.11 -1.84
N LEU A 3082 -64.21 24.59 -3.03
CA LEU A 3082 -64.50 25.96 -3.43
C LEU A 3082 -64.39 26.02 -4.95
N GLY A 3083 -65.47 26.39 -5.62
CA GLY A 3083 -65.47 26.40 -7.07
C GLY A 3083 -65.30 25.03 -7.67
N GLY A 3084 -65.64 23.98 -6.92
CA GLY A 3084 -65.44 22.63 -7.39
C GLY A 3084 -64.01 22.16 -7.37
N GLN A 3085 -63.13 22.87 -6.68
CA GLN A 3085 -61.71 22.53 -6.62
C GLN A 3085 -61.33 22.19 -5.19
N LYS A 3086 -60.47 21.18 -5.04
CA LYS A 3086 -60.08 20.72 -3.71
C LYS A 3086 -59.02 21.64 -3.13
N TYR A 3087 -59.10 21.87 -1.83
CA TYR A 3087 -58.11 22.70 -1.14
C TYR A 3087 -57.81 22.08 0.22
N VAL A 3088 -56.52 22.05 0.57
CA VAL A 3088 -56.04 21.37 1.77
C VAL A 3088 -55.22 22.34 2.60
N ASP A 3089 -55.04 22.05 3.88
CA ASP A 3089 -54.27 22.91 4.75
C ASP A 3089 -52.81 22.45 4.80
N LEU A 3090 -51.89 23.34 4.42
CA LEU A 3090 -50.47 23.13 4.61
C LEU A 3090 -49.93 24.18 5.57
N GLY A 3091 -49.13 23.74 6.53
CA GLY A 3091 -48.71 24.61 7.61
C GLY A 3091 -47.21 24.71 7.73
N LEU A 3092 -46.74 25.94 7.92
CA LEU A 3092 -45.33 26.21 8.16
C LEU A 3092 -45.23 26.96 9.48
N GLY A 3093 -44.66 26.31 10.50
CA GLY A 3093 -44.54 26.96 11.79
C GLY A 3093 -45.90 27.37 12.31
N THR A 3094 -45.97 28.61 12.82
CA THR A 3094 -47.24 29.17 13.26
C THR A 3094 -47.96 29.84 12.10
N HIS A 3095 -48.17 29.09 11.02
CA HIS A 3095 -48.83 29.63 9.83
C HIS A 3095 -49.40 28.48 9.03
N ARG A 3096 -50.72 28.37 8.99
CA ARG A 3096 -51.41 27.35 8.22
C ARG A 3096 -52.22 28.03 7.13
N VAL A 3097 -52.06 27.56 5.90
CA VAL A 3097 -52.65 28.19 4.73
C VAL A 3097 -53.22 27.12 3.82
N LYS A 3098 -54.41 27.37 3.30
CA LYS A 3098 -55.03 26.46 2.34
C LYS A 3098 -54.34 26.58 0.98
N CYS A 3099 -54.33 25.47 0.24
CA CYS A 3099 -53.64 25.41 -1.03
C CYS A 3099 -54.32 24.38 -1.92
N ARG A 3100 -54.18 24.58 -3.22
CA ARG A 3100 -54.89 23.78 -4.20
C ARG A 3100 -54.31 22.36 -4.28
N VAL A 3101 -55.15 21.42 -4.69
CA VAL A 3101 -54.72 20.04 -4.94
C VAL A 3101 -55.38 19.56 -6.22
N HIS A 3102 -54.57 19.06 -7.16
CA HIS A 3102 -55.10 18.55 -8.40
C HIS A 3102 -55.83 17.22 -8.18
N THR A 3103 -56.74 16.89 -9.08
CA THR A 3103 -57.56 15.69 -8.91
C THR A 3103 -56.79 14.43 -9.28
N ALA A 3104 -55.65 14.57 -9.94
CA ALA A 3104 -54.78 13.45 -10.27
C ALA A 3104 -53.46 13.67 -9.52
N PHE A 3105 -53.42 13.21 -8.27
CA PHE A 3105 -52.27 13.44 -7.41
C PHE A 3105 -52.14 12.27 -6.44
N ARG A 3106 -50.93 11.72 -6.34
CA ARG A 3106 -50.69 10.59 -5.45
C ARG A 3106 -49.44 10.88 -4.62
N LEU A 3107 -49.43 10.35 -3.40
CA LEU A 3107 -48.33 10.59 -2.48
C LEU A 3107 -47.86 9.27 -1.88
N ILE A 3108 -46.54 9.11 -1.83
CA ILE A 3108 -45.89 7.91 -1.32
C ILE A 3108 -44.85 8.33 -0.29
N VAL A 3109 -44.89 7.70 0.89
CA VAL A 3109 -43.90 7.90 1.93
C VAL A 3109 -43.10 6.61 2.06
N ILE A 3110 -41.78 6.71 1.91
CA ILE A 3110 -40.90 5.55 1.95
C ILE A 3110 -40.17 5.55 3.28
N GLU A 3111 -40.44 4.55 4.11
CA GLU A 3111 -39.85 4.45 5.43
C GLU A 3111 -39.55 3.00 5.73
N GLU A 3112 -38.61 2.78 6.65
CA GLU A 3112 -38.21 1.43 7.01
C GLU A 3112 -39.13 0.88 8.10
N LYS A 3113 -39.11 -0.45 8.26
CA LYS A 3113 -39.99 -1.08 9.23
C LYS A 3113 -39.70 -0.62 10.65
N ASP A 3114 -38.44 -0.62 11.07
CA ASP A 3114 -38.11 -0.31 12.44
C ASP A 3114 -38.51 1.11 12.80
N VAL A 3115 -38.21 2.07 11.92
CA VAL A 3115 -38.45 3.47 12.24
C VAL A 3115 -39.94 3.73 12.39
N VAL A 3116 -40.77 3.12 11.53
CA VAL A 3116 -42.20 3.35 11.66
C VAL A 3116 -42.73 2.64 12.91
N TYR A 3117 -42.30 1.40 13.15
CA TYR A 3117 -42.88 0.65 14.26
C TYR A 3117 -42.49 1.21 15.61
N LYS A 3118 -41.38 1.94 15.69
CA LYS A 3118 -40.95 2.47 16.98
C LYS A 3118 -40.89 3.99 17.07
N GLN A 3119 -41.11 4.73 15.98
CA GLN A 3119 -41.02 6.18 16.05
C GLN A 3119 -42.18 6.88 15.37
N PHE A 3120 -42.86 6.21 14.45
CA PHE A 3120 -43.95 6.87 13.73
C PHE A 3120 -45.17 7.02 14.64
N PRO A 3121 -45.81 8.19 14.65
CA PRO A 3121 -47.04 8.36 15.42
C PRO A 3121 -48.20 7.60 14.79
N VAL A 3122 -49.01 7.01 15.66
CA VAL A 3122 -50.16 6.23 15.20
C VAL A 3122 -51.14 7.05 14.36
N PRO A 3123 -51.43 8.33 14.66
CA PRO A 3123 -52.30 9.08 13.75
C PRO A 3123 -51.81 9.09 12.32
N LEU A 3124 -50.49 9.26 12.14
CA LEU A 3124 -49.92 9.19 10.80
C LEU A 3124 -50.08 7.81 10.22
N ILE A 3125 -49.92 6.78 11.04
CA ILE A 3125 -50.06 5.41 10.57
C ILE A 3125 -51.45 5.20 10.00
N ASN A 3126 -52.46 5.71 10.69
CA ASN A 3126 -53.84 5.53 10.24
C ASN A 3126 -54.19 6.45 9.07
N ARG A 3127 -53.57 7.63 8.98
CA ARG A 3127 -53.79 8.50 7.83
C ARG A 3127 -53.19 7.92 6.56
N LEU A 3128 -52.24 7.00 6.67
CA LEU A 3128 -51.49 6.46 5.55
C LEU A 3128 -51.83 5.00 5.32
N GLU A 3129 -52.02 4.63 4.07
CA GLU A 3129 -52.30 3.25 3.70
C GLU A 3129 -50.99 2.46 3.76
N LYS A 3130 -50.88 1.57 4.75
CA LYS A 3130 -49.64 0.84 4.95
C LYS A 3130 -49.45 -0.23 3.88
N HIS A 3131 -48.19 -0.56 3.62
CA HIS A 3131 -47.82 -1.63 2.70
C HIS A 3131 -46.35 -1.96 2.90
N TYR A 3132 -46.05 -3.25 2.93
CA TYR A 3132 -44.67 -3.70 3.07
C TYR A 3132 -44.21 -4.27 1.75
N LEU A 3133 -43.17 -3.66 1.17
CA LEU A 3133 -42.50 -4.13 -0.03
C LEU A 3133 -41.03 -3.83 0.20
N ASP A 3134 -40.31 -4.77 0.82
CA ASP A 3134 -38.95 -4.44 1.19
C ASP A 3134 -37.91 -4.88 0.16
N MET A 3135 -37.70 -6.19 0.05
CA MET A 3135 -36.79 -6.70 -0.94
C MET A 3135 -37.31 -7.97 -1.60
N ASN A 3136 -38.10 -8.77 -0.89
CA ASN A 3136 -38.53 -10.09 -1.33
C ASN A 3136 -39.95 -10.11 -1.86
N THR A 3137 -40.77 -9.11 -1.51
CA THR A 3137 -42.16 -9.11 -1.96
C THR A 3137 -42.25 -9.07 -3.47
N VAL A 3138 -41.52 -8.16 -4.11
CA VAL A 3138 -41.45 -8.11 -5.56
C VAL A 3138 -40.78 -9.36 -6.12
N LEU A 3139 -39.82 -9.91 -5.39
CA LEU A 3139 -39.01 -11.00 -5.91
C LEU A 3139 -39.79 -12.30 -5.86
N GLN A 3140 -40.00 -12.91 -7.02
CA GLN A 3140 -40.59 -14.23 -7.11
C GLN A 3140 -39.63 -15.25 -6.51
N PRO A 3141 -40.16 -16.39 -6.03
CA PRO A 3141 -39.24 -17.43 -5.51
C PRO A 3141 -38.22 -17.89 -6.53
N TRP A 3142 -38.62 -18.07 -7.79
CA TRP A 3142 -37.64 -18.45 -8.80
C TRP A 3142 -36.65 -17.33 -9.06
N GLN A 3143 -37.09 -16.09 -8.87
CA GLN A 3143 -36.16 -14.97 -8.94
C GLN A 3143 -35.20 -14.97 -7.76
N LYS A 3144 -35.65 -15.43 -6.59
CA LYS A 3144 -34.71 -15.64 -5.49
C LYS A 3144 -33.72 -16.74 -5.82
N SER A 3145 -34.16 -17.78 -6.52
CA SER A 3145 -33.22 -18.80 -6.97
C SER A 3145 -32.20 -18.22 -7.96
N ILE A 3146 -32.66 -17.34 -8.86
CA ILE A 3146 -31.73 -16.63 -9.71
C ILE A 3146 -30.72 -15.87 -8.87
N VAL A 3147 -31.19 -15.24 -7.79
CA VAL A 3147 -30.31 -14.48 -6.92
C VAL A 3147 -29.23 -15.39 -6.34
N GLN A 3148 -29.63 -16.56 -5.83
CA GLN A 3148 -28.64 -17.42 -5.18
C GLN A 3148 -27.68 -18.03 -6.18
N GLU A 3149 -28.18 -18.41 -7.37
CA GLU A 3149 -27.30 -18.94 -8.40
C GLU A 3149 -26.29 -17.89 -8.84
N LEU A 3150 -26.73 -16.64 -9.01
CA LEU A 3150 -25.79 -15.57 -9.34
C LEU A 3150 -24.84 -15.30 -8.18
N GLN A 3151 -25.32 -15.44 -6.95
CA GLN A 3151 -24.45 -15.26 -5.79
C GLN A 3151 -23.31 -16.26 -5.81
N GLN A 3152 -23.63 -17.54 -6.03
CA GLN A 3152 -22.58 -18.55 -6.07
C GLN A 3152 -21.75 -18.44 -7.34
N TRP A 3153 -22.30 -17.89 -8.41
CA TRP A 3153 -21.54 -17.69 -9.64
C TRP A 3153 -20.50 -16.59 -9.47
N ALA A 3154 -20.86 -15.52 -8.77
CA ALA A 3154 -19.94 -14.42 -8.54
C ALA A 3154 -19.10 -14.59 -7.28
N HIS A 3155 -19.39 -15.61 -6.47
CA HIS A 3155 -18.52 -15.91 -5.34
C HIS A 3155 -17.26 -16.63 -5.79
N GLU A 3156 -17.35 -17.39 -6.87
CA GLU A 3156 -16.18 -18.05 -7.41
C GLU A 3156 -15.55 -17.29 -8.57
N PHE A 3157 -16.08 -16.11 -8.92
CA PHE A 3157 -15.45 -15.31 -9.95
C PHE A 3157 -14.15 -14.72 -9.44
N ALA A 3158 -14.12 -14.36 -8.16
CA ALA A 3158 -12.87 -13.94 -7.54
C ALA A 3158 -12.02 -15.13 -7.12
N ASP A 3159 -12.59 -16.34 -7.14
CA ASP A 3159 -11.87 -17.54 -6.72
C ASP A 3159 -10.90 -17.91 -7.83
N VAL A 3160 -9.67 -17.43 -7.72
CA VAL A 3160 -8.59 -17.75 -8.66
C VAL A 3160 -7.43 -18.34 -7.88
N LYS A 3161 -6.87 -19.42 -8.41
CA LYS A 3161 -5.67 -20.04 -7.88
C LYS A 3161 -4.64 -20.13 -9.00
N ALA A 3162 -3.59 -19.33 -8.89
CA ALA A 3162 -2.62 -19.25 -9.98
C ALA A 3162 -1.23 -19.13 -9.40
N ASP A 3163 -0.28 -19.77 -10.08
CA ASP A 3163 1.14 -19.64 -9.78
C ASP A 3163 1.86 -18.78 -10.81
N GLN A 3164 1.13 -17.92 -11.52
CA GLN A 3164 1.79 -16.91 -12.34
C GLN A 3164 2.59 -15.96 -11.48
N PHE A 3165 2.21 -15.79 -10.22
CA PHE A 3165 2.99 -15.04 -9.25
C PHE A 3165 3.14 -15.88 -7.99
N ILE A 3166 4.26 -15.69 -7.29
CA ILE A 3166 4.52 -16.41 -6.04
C ILE A 3166 3.86 -15.59 -4.94
N ALA A 3167 2.56 -15.79 -4.76
CA ALA A 3167 1.79 -15.04 -3.79
C ALA A 3167 0.50 -15.79 -3.52
N ARG A 3168 -0.01 -15.64 -2.30
CA ARG A 3168 -1.27 -16.25 -1.85
C ARG A 3168 -2.15 -15.14 -1.29
N HIS A 3169 -3.05 -14.64 -2.13
CA HIS A 3169 -4.01 -13.60 -1.75
C HIS A 3169 -5.36 -14.00 -2.30
N LYS A 3170 -6.25 -14.46 -1.42
CA LYS A 3170 -7.59 -14.82 -1.84
C LYS A 3170 -8.37 -13.57 -2.24
N TYR A 3171 -9.04 -13.64 -3.38
CA TYR A 3171 -9.79 -12.50 -3.89
C TYR A 3171 -11.23 -12.58 -3.42
N SER A 3172 -11.70 -11.51 -2.80
CA SER A 3172 -13.09 -11.43 -2.38
C SER A 3172 -13.98 -11.13 -3.58
N PRO A 3173 -15.24 -11.57 -3.55
CA PRO A 3173 -16.17 -11.18 -4.64
C PRO A 3173 -16.38 -9.68 -4.72
N ALA A 3174 -16.07 -8.95 -3.65
CA ALA A 3174 -16.15 -7.50 -3.71
C ALA A 3174 -15.13 -6.93 -4.69
N ASP A 3175 -13.90 -7.46 -4.67
CA ASP A 3175 -12.84 -6.86 -5.47
C ASP A 3175 -12.97 -7.20 -6.94
N VAL A 3176 -13.42 -8.42 -7.25
CA VAL A 3176 -13.60 -8.78 -8.65
C VAL A 3176 -14.69 -7.93 -9.28
N PHE A 3177 -15.79 -7.73 -8.57
CA PHE A 3177 -16.92 -6.92 -9.06
C PHE A 3177 -17.02 -5.71 -8.12
N ILE A 3178 -16.46 -4.58 -8.55
CA ILE A 3178 -16.43 -3.41 -7.68
C ILE A 3178 -17.83 -2.98 -7.29
N GLY A 3179 -18.00 -2.62 -6.02
CA GLY A 3179 -19.26 -2.20 -5.48
C GLY A 3179 -20.01 -3.29 -4.73
N TYR A 3180 -19.86 -4.55 -5.16
CA TYR A 3180 -20.63 -5.65 -4.59
C TYR A 3180 -20.63 -5.61 -3.07
N HIS A 3181 -21.82 -5.72 -2.49
CA HIS A 3181 -21.99 -5.54 -1.04
C HIS A 3181 -22.92 -6.60 -0.46
N SER A 3182 -22.77 -7.85 -0.90
CA SER A 3182 -23.50 -8.99 -0.36
C SER A 3182 -25.00 -8.86 -0.58
N ASP A 3183 -25.43 -7.79 -1.24
CA ASP A 3183 -26.82 -7.53 -1.53
C ASP A 3183 -27.02 -7.12 -2.97
N ALA A 3184 -25.96 -6.74 -3.69
CA ALA A 3184 -26.11 -6.23 -5.04
C ALA A 3184 -26.67 -7.26 -6.00
N CYS A 3185 -26.66 -8.54 -5.63
CA CYS A 3185 -27.30 -9.54 -6.48
C CYS A 3185 -28.80 -9.31 -6.57
N ALA A 3186 -29.43 -8.94 -5.44
CA ALA A 3186 -30.85 -8.63 -5.48
C ALA A 3186 -31.14 -7.45 -6.39
N SER A 3187 -30.37 -6.37 -6.23
CA SER A 3187 -30.59 -5.18 -7.06
C SER A 3187 -30.35 -5.48 -8.53
N VAL A 3188 -29.29 -6.25 -8.83
CA VAL A 3188 -28.97 -6.53 -10.23
C VAL A 3188 -30.02 -7.43 -10.86
N VAL A 3189 -30.57 -8.39 -10.10
CA VAL A 3189 -31.61 -9.20 -10.70
C VAL A 3189 -32.89 -8.40 -10.88
N LEU A 3190 -33.15 -7.45 -9.98
CA LEU A 3190 -34.24 -6.50 -10.21
C LEU A 3190 -34.04 -5.78 -11.53
N GLN A 3191 -32.83 -5.25 -11.74
CA GLN A 3191 -32.51 -4.56 -12.98
C GLN A 3191 -32.71 -5.47 -14.17
N ALA A 3192 -32.28 -6.73 -14.05
CA ALA A 3192 -32.39 -7.66 -15.15
C ALA A 3192 -33.84 -7.92 -15.53
N VAL A 3193 -34.68 -8.26 -14.54
CA VAL A 3193 -36.07 -8.56 -14.87
C VAL A 3193 -36.74 -7.32 -15.43
N GLU A 3194 -36.39 -6.14 -14.93
CA GLU A 3194 -36.95 -4.90 -15.50
C GLU A 3194 -36.54 -4.76 -16.96
N ARG A 3195 -35.28 -5.05 -17.28
CA ARG A 3195 -34.83 -4.95 -18.67
C ARG A 3195 -35.58 -5.92 -19.56
N GLN A 3196 -35.83 -7.15 -19.07
CA GLN A 3196 -36.57 -8.12 -19.87
C GLN A 3196 -37.97 -7.62 -20.18
N GLY A 3197 -38.65 -7.08 -19.16
CA GLY A 3197 -39.95 -6.47 -19.37
C GLY A 3197 -41.12 -7.44 -19.50
N CYS A 3198 -40.95 -8.47 -20.33
CA CYS A 3198 -42.07 -9.38 -20.62
C CYS A 3198 -42.62 -10.00 -19.34
N ARG A 3199 -41.76 -10.40 -18.43
CA ARG A 3199 -42.14 -10.80 -17.07
C ARG A 3199 -43.16 -11.95 -17.09
N ASP A 3200 -42.72 -13.08 -17.63
CA ASP A 3200 -43.49 -14.31 -17.61
C ASP A 3200 -42.51 -15.45 -17.33
N LEU A 3201 -42.99 -16.69 -17.38
CA LEU A 3201 -42.11 -17.85 -17.21
C LEU A 3201 -42.29 -18.76 -18.41
N THR A 3202 -41.25 -18.87 -19.23
CA THR A 3202 -41.26 -19.72 -20.42
C THR A 3202 -40.04 -20.63 -20.47
N GLU A 3203 -39.22 -20.63 -19.42
CA GLU A 3203 -37.98 -21.39 -19.32
C GLU A 3203 -36.91 -20.79 -20.22
N GLU A 3204 -37.30 -19.83 -21.05
CA GLU A 3204 -36.36 -19.05 -21.85
C GLU A 3204 -36.09 -17.70 -21.20
N LEU A 3205 -37.13 -17.09 -20.64
CA LEU A 3205 -36.94 -15.86 -19.89
C LEU A 3205 -36.06 -16.10 -18.67
N TYR A 3206 -36.17 -17.26 -18.02
CA TYR A 3206 -35.29 -17.57 -16.91
C TYR A 3206 -33.83 -17.53 -17.34
N ARG A 3207 -33.50 -18.24 -18.43
CA ARG A 3207 -32.12 -18.27 -18.89
C ARG A 3207 -31.65 -16.88 -19.29
N LYS A 3208 -32.49 -16.13 -20.01
CA LYS A 3208 -32.02 -14.86 -20.51
C LYS A 3208 -31.91 -13.82 -19.40
N VAL A 3209 -32.77 -13.88 -18.39
CA VAL A 3209 -32.62 -12.97 -17.26
C VAL A 3209 -31.37 -13.32 -16.47
N SER A 3210 -31.07 -14.61 -16.34
CA SER A 3210 -29.82 -15.00 -15.67
C SER A 3210 -28.62 -14.47 -16.45
N GLU A 3211 -28.65 -14.58 -17.77
CA GLU A 3211 -27.51 -14.14 -18.56
C GLU A 3211 -27.38 -12.62 -18.59
N GLU A 3212 -28.49 -11.90 -18.68
CA GLU A 3212 -28.39 -10.44 -18.59
C GLU A 3212 -27.91 -10.02 -17.21
N ALA A 3213 -28.31 -10.73 -16.16
CA ALA A 3213 -27.78 -10.42 -14.83
C ALA A 3213 -26.28 -10.65 -14.79
N ARG A 3214 -25.80 -11.73 -15.41
CA ARG A 3214 -24.36 -11.95 -15.51
C ARG A 3214 -23.69 -10.81 -16.25
N SER A 3215 -24.31 -10.34 -17.33
CA SER A 3215 -23.74 -9.24 -18.09
C SER A 3215 -23.66 -7.97 -17.26
N ILE A 3216 -24.70 -7.67 -16.48
CA ILE A 3216 -24.68 -6.47 -15.64
C ILE A 3216 -23.64 -6.60 -14.55
N LEU A 3217 -23.46 -7.81 -14.01
CA LEU A 3217 -22.39 -8.00 -13.04
C LEU A 3217 -21.04 -7.72 -13.66
N LEU A 3218 -20.74 -8.38 -14.79
CA LEU A 3218 -19.43 -8.23 -15.40
C LEU A 3218 -19.20 -6.83 -15.94
N ASP A 3219 -20.28 -6.07 -16.18
CA ASP A 3219 -20.15 -4.70 -16.63
C ASP A 3219 -19.58 -3.79 -15.54
N CYS A 3220 -19.53 -4.27 -14.30
CA CYS A 3220 -18.94 -3.53 -13.20
C CYS A 3220 -17.72 -4.25 -12.64
N ALA A 3221 -17.01 -4.98 -13.50
CA ALA A 3221 -15.87 -5.80 -13.11
C ALA A 3221 -14.57 -5.18 -13.61
N THR A 3222 -13.60 -5.06 -12.71
CA THR A 3222 -12.32 -4.47 -13.07
C THR A 3222 -11.61 -5.33 -14.10
N PRO A 3223 -10.93 -4.71 -15.08
CA PRO A 3223 -10.38 -5.50 -16.21
C PRO A 3223 -9.37 -6.54 -15.78
N ASP A 3224 -8.59 -6.24 -14.75
CA ASP A 3224 -7.64 -7.22 -14.25
C ASP A 3224 -8.34 -8.50 -13.83
N ALA A 3225 -9.51 -8.37 -13.20
CA ALA A 3225 -10.27 -9.54 -12.81
C ALA A 3225 -10.74 -10.32 -14.03
N VAL A 3226 -11.21 -9.61 -15.07
CA VAL A 3226 -11.71 -10.33 -16.23
C VAL A 3226 -10.58 -11.03 -16.97
N VAL A 3227 -9.33 -10.57 -16.82
CA VAL A 3227 -8.25 -11.28 -17.49
C VAL A 3227 -7.70 -12.39 -16.59
N ARG A 3228 -7.74 -12.22 -15.28
CA ARG A 3228 -7.45 -13.32 -14.36
C ARG A 3228 -8.47 -14.43 -14.46
N LEU A 3229 -9.64 -14.12 -15.01
CA LEU A 3229 -10.74 -15.08 -15.09
C LEU A 3229 -10.37 -16.31 -15.91
N SER A 3230 -9.31 -16.23 -16.72
CA SER A 3230 -8.88 -17.40 -17.51
C SER A 3230 -8.55 -18.58 -16.62
N GLY A 3231 -7.88 -18.34 -15.50
CA GLY A 3231 -7.52 -19.38 -14.57
C GLY A 3231 -8.35 -19.48 -13.32
N SER A 3232 -9.47 -18.76 -13.24
CA SER A 3232 -10.29 -18.81 -12.04
C SER A 3232 -11.24 -20.00 -12.10
N SER A 3233 -11.97 -20.22 -11.00
CA SER A 3233 -12.78 -21.42 -10.86
C SER A 3233 -13.95 -21.47 -11.83
N LEU A 3234 -14.26 -20.35 -12.49
CA LEU A 3234 -15.27 -20.40 -13.55
C LEU A 3234 -14.91 -21.43 -14.61
N GLY A 3235 -13.69 -21.33 -15.12
CA GLY A 3235 -13.27 -22.17 -16.23
C GLY A 3235 -12.42 -21.35 -17.17
N SER A 3236 -12.27 -21.87 -18.39
CA SER A 3236 -11.48 -21.20 -19.40
C SER A 3236 -12.15 -21.12 -20.76
N PHE A 3237 -13.39 -21.59 -20.89
CA PHE A 3237 -14.20 -21.13 -22.02
C PHE A 3237 -15.08 -19.96 -21.60
N THR A 3238 -15.74 -20.08 -20.45
CA THR A 3238 -16.50 -18.95 -19.92
C THR A 3238 -15.61 -17.73 -19.77
N ALA A 3239 -14.34 -17.95 -19.47
CA ALA A 3239 -13.40 -16.83 -19.40
C ALA A 3239 -13.28 -16.12 -20.74
N LYS A 3240 -13.11 -16.89 -21.82
CA LYS A 3240 -13.03 -16.28 -23.14
C LYS A 3240 -14.32 -15.54 -23.48
N GLN A 3241 -15.46 -16.17 -23.21
CA GLN A 3241 -16.74 -15.56 -23.58
C GLN A 3241 -16.94 -14.25 -22.84
N LEU A 3242 -16.70 -14.26 -21.53
CA LEU A 3242 -16.94 -13.07 -20.72
C LEU A 3242 -15.92 -11.98 -21.04
N SER A 3243 -14.68 -12.34 -21.36
CA SER A 3243 -13.72 -11.35 -21.80
C SER A 3243 -14.16 -10.71 -23.11
N GLN A 3244 -14.69 -11.52 -24.02
CA GLN A 3244 -15.22 -11.00 -25.27
C GLN A 3244 -16.34 -9.99 -24.99
N GLU A 3245 -17.29 -10.36 -24.14
CA GLU A 3245 -18.37 -9.43 -23.82
C GLU A 3245 -17.86 -8.18 -23.11
N TYR A 3246 -16.81 -8.33 -22.30
CA TYR A 3246 -16.32 -7.18 -21.54
C TYR A 3246 -15.54 -6.21 -22.41
N TYR A 3247 -14.91 -6.70 -23.48
CA TYR A 3247 -14.10 -5.83 -24.33
C TYR A 3247 -14.68 -5.57 -25.70
N TYR A 3248 -15.69 -6.32 -26.14
CA TYR A 3248 -16.25 -6.13 -27.47
C TYR A 3248 -17.67 -5.56 -27.43
N ALA A 3249 -18.60 -6.22 -26.74
CA ALA A 3249 -19.96 -5.70 -26.69
C ALA A 3249 -20.07 -4.53 -25.72
N GLN A 3250 -19.79 -4.77 -24.45
CA GLN A 3250 -19.72 -3.67 -23.49
C GLN A 3250 -18.50 -2.82 -23.80
N GLN A 3251 -18.60 -1.53 -23.52
CA GLN A 3251 -17.53 -0.57 -23.81
C GLN A 3251 -16.85 -0.18 -22.51
N HIS A 3252 -15.56 -0.48 -22.39
CA HIS A 3252 -14.83 -0.17 -21.18
C HIS A 3252 -13.42 0.37 -21.43
N ASN A 3253 -13.07 0.70 -22.67
CA ASN A 3253 -11.76 1.29 -22.92
C ASN A 3253 -11.64 2.63 -22.22
N SER A 3254 -12.45 3.60 -22.62
CA SER A 3254 -12.32 4.95 -22.09
C SER A 3254 -13.69 5.59 -21.98
N PHE A 3255 -13.76 6.62 -21.14
CA PHE A 3255 -15.01 7.33 -20.93
C PHE A 3255 -15.56 7.88 -22.24
N VAL A 3256 -14.68 8.36 -23.12
CA VAL A 3256 -15.13 8.95 -24.38
C VAL A 3256 -15.70 7.89 -25.30
N ASP A 3257 -15.06 6.72 -25.37
CA ASP A 3257 -15.60 5.62 -26.16
C ASP A 3257 -16.97 5.20 -25.64
N PHE A 3258 -17.09 5.13 -24.31
CA PHE A 3258 -18.39 4.82 -23.69
C PHE A 3258 -19.44 5.85 -24.08
N LEU A 3259 -19.09 7.13 -24.04
CA LEU A 3259 -20.04 8.18 -24.40
C LEU A 3259 -20.47 8.07 -25.85
N GLN A 3260 -19.52 7.82 -26.76
CA GLN A 3260 -19.89 7.67 -28.16
C GLN A 3260 -20.86 6.51 -28.34
N ALA A 3261 -20.53 5.35 -27.77
CA ALA A 3261 -21.40 4.19 -27.91
C ALA A 3261 -22.77 4.46 -27.29
N HIS A 3262 -22.80 5.16 -26.17
CA HIS A 3262 -24.07 5.44 -25.50
C HIS A 3262 -24.94 6.37 -26.33
N LEU A 3263 -24.36 7.50 -26.78
CA LEU A 3263 -25.16 8.49 -27.49
C LEU A 3263 -25.56 8.00 -28.88
N ARG A 3264 -24.83 7.03 -29.43
CA ARG A 3264 -25.22 6.52 -30.75
C ARG A 3264 -26.58 5.83 -30.72
N MET A 3265 -26.89 5.10 -29.66
CA MET A 3265 -28.08 4.28 -29.60
C MET A 3265 -29.22 5.00 -28.90
N THR A 3266 -30.45 4.65 -29.28
CA THR A 3266 -31.64 5.16 -28.60
C THR A 3266 -31.94 4.35 -27.34
N HIS A 3267 -33.10 4.59 -26.76
CA HIS A 3267 -33.44 4.05 -25.44
C HIS A 3267 -34.91 3.67 -25.41
N HIS A 3268 -35.40 3.37 -24.20
CA HIS A 3268 -36.77 2.93 -23.99
C HIS A 3268 -37.66 4.17 -23.90
N GLU A 3269 -37.63 4.96 -24.99
CA GLU A 3269 -38.45 6.15 -25.16
C GLU A 3269 -38.27 7.15 -24.02
N CYS A 3270 -37.30 6.92 -23.15
CA CYS A 3270 -37.05 7.79 -22.01
C CYS A 3270 -36.29 9.01 -22.48
N ARG A 3271 -36.79 10.19 -22.13
CA ARG A 3271 -36.17 11.42 -22.60
C ARG A 3271 -34.72 11.52 -22.12
N ALA A 3272 -34.39 10.91 -20.99
CA ALA A 3272 -33.05 10.95 -20.44
C ALA A 3272 -32.63 9.56 -19.99
N VAL A 3273 -31.32 9.33 -19.98
CA VAL A 3273 -30.72 8.11 -19.44
C VAL A 3273 -29.65 8.51 -18.44
N PHE A 3274 -29.71 7.92 -17.25
CA PHE A 3274 -28.83 8.29 -16.15
C PHE A 3274 -27.90 7.14 -15.82
N THR A 3275 -26.60 7.39 -15.92
CA THR A 3275 -25.58 6.36 -15.82
C THR A 3275 -24.60 6.75 -14.72
N GLU A 3276 -24.20 5.77 -13.92
CA GLU A 3276 -23.20 5.96 -12.89
C GLU A 3276 -21.92 5.26 -13.33
N ILE A 3277 -20.79 5.93 -13.14
CA ILE A 3277 -19.50 5.48 -13.64
C ILE A 3277 -18.56 5.37 -12.45
N THR A 3278 -17.94 4.21 -12.29
CA THR A 3278 -16.90 4.03 -11.28
C THR A 3278 -15.55 3.78 -11.95
N THR A 3279 -14.53 4.50 -11.50
CA THR A 3279 -13.25 4.52 -12.17
C THR A 3279 -12.12 4.43 -11.14
N PHE A 3280 -10.95 4.03 -11.63
CA PHE A 3280 -9.71 4.10 -10.85
C PHE A 3280 -8.79 5.23 -11.29
N SER A 3281 -8.93 5.71 -12.53
CA SER A 3281 -8.15 6.84 -13.00
C SER A 3281 -8.56 8.10 -12.26
N ARG A 3282 -7.84 9.18 -12.53
CA ARG A 3282 -8.10 10.44 -11.86
C ARG A 3282 -9.22 11.20 -12.56
N LEU A 3283 -9.97 11.95 -11.76
CA LEU A 3283 -11.12 12.68 -12.24
C LEU A 3283 -10.69 13.79 -13.20
N LEU A 3284 -11.57 14.10 -14.15
CA LEU A 3284 -11.24 15.03 -15.22
C LEU A 3284 -10.99 16.42 -14.66
N THR A 3285 -10.05 17.14 -15.27
CA THR A 3285 -9.47 18.34 -14.64
C THR A 3285 -9.80 19.65 -15.36
N GLY A 3286 -10.47 19.61 -16.50
CA GLY A 3286 -10.93 20.84 -17.11
C GLY A 3286 -10.52 21.07 -18.56
N ASN A 3287 -9.27 20.75 -18.91
CA ASN A 3287 -8.93 20.69 -20.32
C ASN A 3287 -9.43 19.38 -20.93
N ASP A 3288 -9.57 18.35 -20.09
CA ASP A 3288 -10.02 17.06 -20.58
C ASP A 3288 -11.45 17.14 -21.09
N CYS A 3289 -12.31 17.91 -20.42
CA CYS A 3289 -13.67 18.05 -20.94
C CYS A 3289 -13.68 18.86 -22.23
N ASP A 3290 -12.73 19.80 -22.38
CA ASP A 3290 -12.62 20.54 -23.63
C ASP A 3290 -12.27 19.62 -24.79
N VAL A 3291 -11.24 18.79 -24.63
CA VAL A 3291 -10.93 17.83 -25.69
C VAL A 3291 -12.06 16.83 -25.85
N LEU A 3292 -12.72 16.49 -24.75
CA LEU A 3292 -13.83 15.54 -24.76
C LEU A 3292 -14.92 16.04 -25.70
N ALA A 3293 -15.27 17.33 -25.59
CA ALA A 3293 -16.18 17.93 -26.55
C ALA A 3293 -15.54 18.01 -27.93
N SER A 3294 -14.20 18.11 -27.99
CA SER A 3294 -13.53 18.22 -29.28
C SER A 3294 -13.77 17.00 -30.14
N GLU A 3295 -13.73 15.80 -29.54
CA GLU A 3295 -14.20 14.66 -30.34
C GLU A 3295 -15.67 14.35 -30.10
N LEU A 3296 -16.40 15.22 -29.39
CA LEU A 3296 -17.85 15.14 -29.31
C LEU A 3296 -18.51 16.33 -30.00
N ARG A 3297 -17.88 16.83 -31.06
CA ARG A 3297 -18.45 17.96 -31.78
C ARG A 3297 -19.73 17.60 -32.53
N GLY A 3298 -20.05 16.32 -32.64
CA GLY A 3298 -21.20 15.90 -33.40
C GLY A 3298 -22.45 15.66 -32.58
N LEU A 3299 -22.28 15.20 -31.35
CA LEU A 3299 -23.42 14.80 -30.53
C LEU A 3299 -23.55 15.61 -29.26
N ALA A 3300 -22.46 15.77 -28.50
CA ALA A 3300 -22.55 16.43 -27.21
C ALA A 3300 -22.76 17.94 -27.39
N SER A 3301 -22.91 18.62 -26.26
CA SER A 3301 -23.20 20.05 -26.21
C SER A 3301 -22.31 20.72 -25.17
N LYS A 3302 -21.01 20.46 -25.26
CA LYS A 3302 -20.02 20.98 -24.31
C LYS A 3302 -20.32 20.50 -22.91
N PRO A 3303 -20.08 19.22 -22.61
CA PRO A 3303 -20.36 18.72 -21.26
C PRO A 3303 -19.60 19.49 -20.20
N VAL A 3304 -20.26 19.65 -19.06
CA VAL A 3304 -19.72 20.41 -17.93
C VAL A 3304 -19.41 19.44 -16.80
N VAL A 3305 -18.26 19.64 -16.16
CA VAL A 3305 -17.86 18.83 -15.02
C VAL A 3305 -18.15 19.58 -13.74
N LEU A 3306 -18.46 18.84 -12.68
CA LEU A 3306 -18.88 19.42 -11.41
C LEU A 3306 -18.11 18.76 -10.28
N SER A 3307 -17.36 19.57 -9.54
CA SER A 3307 -16.65 19.10 -8.36
C SER A 3307 -17.57 19.25 -7.15
N LEU A 3308 -17.70 18.18 -6.37
CA LEU A 3308 -18.65 18.14 -5.27
C LEU A 3308 -18.01 18.52 -3.93
N GLN A 3309 -16.76 18.93 -3.91
CA GLN A 3309 -16.16 19.41 -2.67
C GLN A 3309 -16.42 20.88 -2.41
N GLN A 3310 -16.89 21.61 -3.43
CA GLN A 3310 -17.10 23.06 -3.33
C GLN A 3310 -18.55 23.43 -3.05
N TYR A 3311 -19.50 22.55 -3.37
CA TYR A 3311 -20.92 22.86 -3.24
C TYR A 3311 -21.33 22.80 -1.77
N ASP A 3312 -20.89 23.82 -1.03
CA ASP A 3312 -21.29 23.96 0.36
C ASP A 3312 -22.73 24.42 0.50
N THR A 3313 -23.49 24.45 -0.59
CA THR A 3313 -24.92 24.69 -0.57
C THR A 3313 -25.57 23.90 -1.69
N GLU A 3314 -26.82 23.48 -1.47
CA GLU A 3314 -27.54 22.76 -2.51
C GLU A 3314 -27.79 23.65 -3.72
N TYR A 3315 -28.03 24.93 -3.48
CA TYR A 3315 -28.42 25.80 -4.58
C TYR A 3315 -27.30 26.04 -5.57
N SER A 3316 -26.04 25.88 -5.16
CA SER A 3316 -24.96 25.97 -6.14
C SER A 3316 -25.11 24.89 -7.20
N PHE A 3317 -25.34 23.65 -6.75
CA PHE A 3317 -25.59 22.56 -7.68
C PHE A 3317 -26.85 22.82 -8.48
N LEU A 3318 -27.90 23.32 -7.83
CA LEU A 3318 -29.15 23.57 -8.54
C LEU A 3318 -28.96 24.60 -9.64
N LYS A 3319 -28.24 25.68 -9.35
CA LYS A 3319 -28.03 26.72 -10.36
C LYS A 3319 -27.13 26.22 -11.48
N ASP A 3320 -26.15 25.37 -11.16
CA ASP A 3320 -25.32 24.81 -12.22
C ASP A 3320 -26.16 23.94 -13.16
N VAL A 3321 -27.04 23.11 -12.58
CA VAL A 3321 -27.89 22.25 -13.41
C VAL A 3321 -28.86 23.10 -14.22
N ARG A 3322 -29.41 24.15 -13.61
CA ARG A 3322 -30.30 25.04 -14.34
C ARG A 3322 -29.60 25.68 -15.52
N SER A 3323 -28.36 26.15 -15.30
CA SER A 3323 -27.60 26.73 -16.40
C SER A 3323 -27.34 25.70 -17.48
N TRP A 3324 -27.01 24.46 -17.10
CA TRP A 3324 -26.70 23.46 -18.11
C TRP A 3324 -27.93 23.11 -18.93
N LEU A 3325 -29.11 23.12 -18.30
CA LEU A 3325 -30.33 22.89 -19.07
C LEU A 3325 -30.70 24.10 -19.92
N THR A 3326 -30.34 25.29 -19.47
CA THR A 3326 -30.74 26.50 -20.16
C THR A 3326 -30.00 26.66 -21.49
N ASN A 3327 -28.74 26.26 -21.55
CA ASN A 3327 -27.94 26.46 -22.74
C ASN A 3327 -28.51 25.67 -23.92
N PRO A 3328 -28.57 26.29 -25.10
CA PRO A 3328 -29.19 25.63 -26.26
C PRO A 3328 -28.42 24.41 -26.75
N GLY A 3329 -29.02 23.65 -27.65
CA GLY A 3329 -28.47 22.40 -28.13
C GLY A 3329 -29.42 21.23 -27.92
N LYS A 3330 -28.93 20.05 -28.28
CA LYS A 3330 -29.67 18.81 -28.10
C LYS A 3330 -28.72 17.68 -27.70
N ARG A 3331 -29.27 16.67 -27.02
CA ARG A 3331 -28.51 15.52 -26.54
C ARG A 3331 -27.36 15.97 -25.63
N LYS A 3332 -27.67 16.93 -24.76
CA LYS A 3332 -26.67 17.49 -23.87
C LYS A 3332 -26.15 16.43 -22.91
N VAL A 3333 -25.00 16.70 -22.32
CA VAL A 3333 -24.36 15.75 -21.41
C VAL A 3333 -23.81 16.54 -20.22
N LEU A 3334 -24.08 16.03 -19.02
CA LEU A 3334 -23.53 16.60 -17.80
C LEU A 3334 -22.85 15.50 -17.01
N VAL A 3335 -21.67 15.81 -16.48
CA VAL A 3335 -20.86 14.85 -15.75
C VAL A 3335 -20.54 15.41 -14.38
N ILE A 3336 -20.69 14.58 -13.35
CA ILE A 3336 -20.39 14.96 -11.97
C ILE A 3336 -19.26 14.09 -11.47
N GLN A 3337 -18.14 14.72 -11.12
CA GLN A 3337 -16.99 14.02 -10.56
C GLN A 3337 -17.18 13.86 -9.06
N ALA A 3338 -16.74 12.73 -8.52
CA ALA A 3338 -16.84 12.47 -7.09
C ALA A 3338 -15.70 11.57 -6.67
N ASP A 3339 -14.62 12.14 -6.17
CA ASP A 3339 -13.48 11.38 -5.68
C ASP A 3339 -13.83 10.82 -4.30
N PHE A 3340 -14.04 9.52 -4.21
CA PHE A 3340 -14.31 8.90 -2.93
C PHE A 3340 -13.06 8.76 -2.07
N ASP A 3341 -11.88 8.71 -2.68
CA ASP A 3341 -10.63 8.50 -1.95
C ASP A 3341 -9.94 9.85 -1.78
N ASP A 3342 -10.23 10.49 -0.64
CA ASP A 3342 -9.64 11.77 -0.28
C ASP A 3342 -10.05 12.08 1.15
N GLY A 3343 -9.58 13.21 1.65
CA GLY A 3343 -9.95 13.65 2.98
C GLY A 3343 -11.33 14.25 3.09
N THR A 3344 -11.98 14.52 1.98
CA THR A 3344 -13.29 15.15 2.00
C THR A 3344 -14.34 14.20 2.55
N ARG A 3345 -15.57 14.71 2.66
CA ARG A 3345 -16.71 13.92 3.11
C ARG A 3345 -17.63 13.55 1.95
N SER A 3346 -17.19 13.75 0.71
CA SER A 3346 -18.05 13.47 -0.44
C SER A 3346 -18.19 11.98 -0.65
N ALA A 3347 -18.83 11.30 0.30
CA ALA A 3347 -19.06 9.86 0.23
C ALA A 3347 -20.54 9.52 0.19
N GLN A 3348 -21.33 10.10 1.10
CA GLN A 3348 -22.77 9.91 1.10
C GLN A 3348 -23.49 11.03 0.36
N LEU A 3349 -22.84 12.19 0.23
CA LEU A 3349 -23.41 13.34 -0.46
C LEU A 3349 -23.89 13.01 -1.86
N VAL A 3350 -23.19 12.08 -2.54
CA VAL A 3350 -23.66 11.59 -3.84
C VAL A 3350 -25.15 11.37 -3.84
N ALA A 3351 -25.65 10.65 -2.83
CA ALA A 3351 -27.08 10.39 -2.72
C ALA A 3351 -27.88 11.66 -2.96
N SER A 3352 -27.69 12.67 -2.11
CA SER A 3352 -28.44 13.90 -2.27
C SER A 3352 -28.28 14.44 -3.67
N ALA A 3353 -27.04 14.60 -4.11
CA ALA A 3353 -26.79 15.18 -5.42
C ALA A 3353 -27.59 14.47 -6.48
N LYS A 3354 -27.54 13.13 -6.49
CA LYS A 3354 -28.20 12.40 -7.56
C LYS A 3354 -29.67 12.77 -7.61
N TYR A 3355 -30.36 12.67 -6.48
CA TYR A 3355 -31.79 13.00 -6.48
C TYR A 3355 -31.98 14.42 -7.01
N THR A 3356 -31.22 15.37 -6.46
CA THR A 3356 -31.35 16.75 -6.88
C THR A 3356 -31.29 16.85 -8.40
N ALA A 3357 -30.25 16.25 -8.99
CA ALA A 3357 -30.10 16.37 -10.44
C ALA A 3357 -31.34 15.88 -11.13
N ILE A 3358 -31.77 14.66 -10.79
CA ILE A 3358 -32.95 14.11 -11.45
C ILE A 3358 -34.15 15.00 -11.17
N ASN A 3359 -34.31 15.42 -9.92
CA ASN A 3359 -35.40 16.34 -9.59
C ASN A 3359 -35.38 17.53 -10.53
N GLU A 3360 -34.20 18.17 -10.66
CA GLU A 3360 -34.13 19.35 -11.50
C GLU A 3360 -34.59 19.04 -12.91
N ILE A 3361 -34.12 17.93 -13.48
CA ILE A 3361 -34.55 17.59 -14.82
C ILE A 3361 -36.06 17.48 -14.87
N ASN A 3362 -36.63 16.72 -13.93
CA ASN A 3362 -38.07 16.45 -13.97
C ASN A 3362 -38.86 17.74 -13.85
N LYS A 3363 -38.24 18.80 -13.34
CA LYS A 3363 -38.91 20.07 -13.19
C LYS A 3363 -38.31 21.19 -14.02
N THR A 3364 -37.16 20.98 -14.68
CA THR A 3364 -36.56 22.09 -15.42
C THR A 3364 -36.29 21.76 -16.87
N GLN A 3365 -36.30 20.49 -17.25
CA GLN A 3365 -36.13 20.15 -18.65
C GLN A 3365 -37.43 20.42 -19.41
N GLY A 3366 -37.29 20.86 -20.64
CA GLY A 3366 -38.43 21.12 -21.50
C GLY A 3366 -39.03 19.85 -22.04
N THR A 3367 -39.49 19.91 -23.29
CA THR A 3367 -40.09 18.77 -23.94
C THR A 3367 -39.41 18.47 -25.28
N LYS A 3368 -38.26 19.09 -25.55
CA LYS A 3368 -37.65 18.93 -26.86
C LYS A 3368 -36.12 18.81 -26.83
N ASP A 3369 -35.52 18.30 -25.76
CA ASP A 3369 -34.09 18.08 -25.72
C ASP A 3369 -33.79 16.83 -24.90
N PHE A 3370 -32.98 15.93 -25.46
CA PHE A 3370 -32.51 14.77 -24.73
C PHE A 3370 -31.47 15.19 -23.69
N VAL A 3371 -31.31 14.38 -22.66
CA VAL A 3371 -30.37 14.66 -21.59
C VAL A 3371 -29.67 13.37 -21.20
N PHE A 3372 -28.36 13.45 -20.95
CA PHE A 3372 -27.58 12.34 -20.44
C PHE A 3372 -26.77 12.83 -19.24
N VAL A 3373 -27.01 12.23 -18.08
CA VAL A 3373 -26.30 12.58 -16.86
C VAL A 3373 -25.40 11.43 -16.48
N TYR A 3374 -24.11 11.70 -16.32
CA TYR A 3374 -23.13 10.69 -15.94
C TYR A 3374 -22.49 11.10 -14.63
N PHE A 3375 -22.47 10.18 -13.68
CA PHE A 3375 -21.84 10.39 -12.39
C PHE A 3375 -20.57 9.55 -12.36
N VAL A 3376 -19.42 10.21 -12.20
CA VAL A 3376 -18.13 9.53 -12.26
C VAL A 3376 -17.51 9.57 -10.87
N THR A 3377 -16.92 8.45 -10.45
CA THR A 3377 -16.23 8.40 -9.17
C THR A 3377 -14.91 7.66 -9.31
N LYS A 3378 -13.88 8.19 -8.66
CA LYS A 3378 -12.55 7.61 -8.69
C LYS A 3378 -12.32 6.79 -7.44
N LEU A 3379 -11.92 5.53 -7.62
CA LEU A 3379 -11.68 4.61 -6.53
C LEU A 3379 -10.26 4.09 -6.62
N SER A 3380 -9.80 3.50 -5.51
CA SER A 3380 -8.47 2.92 -5.43
C SER A 3380 -8.59 1.40 -5.45
N ARG A 3381 -7.44 0.74 -5.54
CA ARG A 3381 -7.36 -0.70 -5.40
C ARG A 3381 -6.87 -1.12 -4.03
N MET A 3382 -6.77 -0.17 -3.10
CA MET A 3382 -6.32 -0.42 -1.74
C MET A 3382 -7.45 -0.70 -0.76
N GLY A 3383 -8.56 -1.27 -1.24
CA GLY A 3383 -9.68 -1.62 -0.39
C GLY A 3383 -10.80 -0.61 -0.41
N SER A 3384 -10.53 0.62 -0.83
CA SER A 3384 -11.61 1.55 -1.11
C SER A 3384 -12.42 1.12 -2.32
N GLY A 3385 -11.89 0.21 -3.12
CA GLY A 3385 -12.63 -0.40 -4.20
C GLY A 3385 -13.49 -1.57 -3.81
N THR A 3386 -13.55 -1.89 -2.52
CA THR A 3386 -14.47 -2.88 -2.00
C THR A 3386 -15.43 -2.32 -0.97
N SER A 3387 -15.03 -1.28 -0.24
CA SER A 3387 -15.91 -0.60 0.70
C SER A 3387 -16.86 0.37 0.03
N TYR A 3388 -17.00 0.29 -1.29
CA TYR A 3388 -17.89 1.15 -2.05
C TYR A 3388 -19.22 0.42 -2.27
N VAL A 3389 -20.32 1.14 -2.04
CA VAL A 3389 -21.64 0.53 -2.06
C VAL A 3389 -21.95 0.00 -3.47
N GLY A 3390 -22.99 -0.83 -3.53
CA GLY A 3390 -23.23 -1.62 -4.72
C GLY A 3390 -23.90 -0.93 -5.88
N PHE A 3391 -24.72 -1.69 -6.61
CA PHE A 3391 -25.31 -1.23 -7.86
C PHE A 3391 -26.64 -0.57 -7.52
N HIS A 3392 -26.59 0.74 -7.23
CA HIS A 3392 -27.82 1.45 -6.90
C HIS A 3392 -28.79 1.29 -8.05
N GLY A 3393 -29.87 0.55 -7.81
CA GLY A 3393 -30.73 0.12 -8.89
C GLY A 3393 -31.80 1.12 -9.24
N GLY A 3394 -32.56 0.75 -10.27
CA GLY A 3394 -33.64 1.62 -10.70
C GLY A 3394 -33.16 2.62 -11.71
N LEU A 3395 -33.11 3.87 -11.30
CA LEU A 3395 -32.72 4.96 -12.20
C LEU A 3395 -31.25 5.31 -12.07
N TRP A 3396 -30.39 4.30 -12.18
CA TRP A 3396 -28.94 4.52 -12.30
C TRP A 3396 -28.34 3.28 -12.95
N ARG A 3397 -27.96 3.40 -14.22
CA ARG A 3397 -27.26 2.32 -14.92
C ARG A 3397 -25.80 2.36 -14.49
N SER A 3398 -25.41 1.44 -13.61
CA SER A 3398 -24.05 1.44 -13.09
C SER A 3398 -23.11 0.73 -14.05
N VAL A 3399 -21.89 1.25 -14.14
CA VAL A 3399 -20.87 0.66 -15.01
C VAL A 3399 -19.50 1.14 -14.54
N HIS A 3400 -18.47 0.40 -14.92
CA HIS A 3400 -17.12 0.58 -14.42
C HIS A 3400 -16.15 0.77 -15.56
N ILE A 3401 -15.48 1.92 -15.56
CA ILE A 3401 -14.45 2.24 -16.54
C ILE A 3401 -13.12 2.34 -15.81
N ASP A 3402 -12.12 1.59 -16.29
CA ASP A 3402 -10.84 1.58 -15.59
C ASP A 3402 -10.21 2.96 -15.60
N ASP A 3403 -10.07 3.57 -16.78
CA ASP A 3403 -9.51 4.91 -16.91
C ASP A 3403 -10.39 5.75 -17.80
N LEU A 3404 -10.69 6.96 -17.35
CA LEU A 3404 -11.57 7.84 -18.13
C LEU A 3404 -10.89 8.30 -19.42
N ARG A 3405 -9.63 8.72 -19.32
CA ARG A 3405 -8.91 9.24 -20.47
C ARG A 3405 -8.65 8.15 -21.50
N ARG A 3406 -8.76 8.52 -22.78
CA ARG A 3406 -8.44 7.59 -23.85
C ARG A 3406 -6.95 7.27 -23.83
N SER A 3407 -6.61 6.12 -24.42
CA SER A 3407 -5.23 5.68 -24.52
C SER A 3407 -4.92 5.48 -26.00
N THR A 3408 -4.12 6.38 -26.57
CA THR A 3408 -3.63 6.22 -27.92
C THR A 3408 -2.39 5.34 -27.99
N ILE A 3409 -1.67 5.17 -26.89
CA ILE A 3409 -0.40 4.44 -26.91
C ILE A 3409 -0.65 2.94 -26.97
N MET A 3410 -1.26 2.39 -25.94
CA MET A 3410 -1.62 0.98 -25.94
C MET A 3410 -2.86 0.75 -26.80
N ALA A 3411 -3.03 -0.49 -27.22
CA ALA A 3411 -4.23 -0.84 -27.96
C ALA A 3411 -5.45 -0.83 -27.03
N SER A 3412 -6.62 -0.72 -27.63
CA SER A 3412 -7.88 -0.72 -26.89
C SER A 3412 -8.47 -2.10 -26.72
N ASP A 3413 -7.69 -3.15 -27.03
CA ASP A 3413 -8.20 -4.52 -26.94
C ASP A 3413 -7.06 -5.36 -26.35
N VAL A 3414 -7.19 -5.72 -25.07
CA VAL A 3414 -6.11 -6.39 -24.38
C VAL A 3414 -6.05 -7.87 -24.70
N THR A 3415 -7.08 -8.42 -25.36
CA THR A 3415 -7.04 -9.83 -25.74
C THR A 3415 -5.96 -10.10 -26.80
N LYS A 3416 -5.80 -9.17 -27.74
CA LYS A 3416 -4.71 -9.31 -28.70
C LYS A 3416 -3.36 -9.26 -27.98
N LEU A 3417 -3.22 -8.37 -27.01
CA LEU A 3417 -2.00 -8.32 -26.21
C LEU A 3417 -1.79 -9.62 -25.44
N GLN A 3418 -2.88 -10.29 -25.06
CA GLN A 3418 -2.77 -11.63 -24.52
C GLN A 3418 -2.23 -12.60 -25.56
N ASN A 3419 -2.71 -12.49 -26.80
CA ASN A 3419 -2.25 -13.40 -27.86
C ASN A 3419 -0.77 -13.19 -28.17
N VAL A 3420 -0.33 -11.94 -28.25
CA VAL A 3420 1.01 -11.64 -28.73
C VAL A 3420 1.95 -11.49 -27.54
N THR A 3421 3.25 -11.55 -27.82
CA THR A 3421 4.30 -11.38 -26.84
C THR A 3421 5.01 -10.06 -27.08
N ILE A 3422 5.95 -9.73 -26.18
CA ILE A 3422 6.68 -8.47 -26.29
C ILE A 3422 7.52 -8.45 -27.57
N SER A 3423 8.06 -9.61 -27.96
CA SER A 3423 8.80 -9.68 -29.21
C SER A 3423 7.92 -9.32 -30.40
N GLN A 3424 6.71 -9.88 -30.45
CA GLN A 3424 5.83 -9.63 -31.58
C GLN A 3424 5.40 -8.17 -31.67
N LEU A 3425 5.63 -7.39 -30.61
CA LEU A 3425 5.31 -5.96 -30.65
C LEU A 3425 6.33 -5.16 -31.44
N PHE A 3426 7.48 -5.75 -31.78
CA PHE A 3426 8.54 -5.02 -32.48
C PHE A 3426 8.81 -5.55 -33.88
N LYS A 3427 7.91 -6.34 -34.44
CA LYS A 3427 8.16 -6.92 -35.76
C LYS A 3427 8.13 -5.84 -36.83
N PRO A 3428 9.02 -5.88 -37.83
CA PRO A 3428 8.94 -4.92 -38.93
C PRO A 3428 7.80 -5.24 -39.89
N GLU A 3429 7.52 -4.33 -40.82
CA GLU A 3429 6.42 -4.51 -41.76
C GLU A 3429 6.68 -5.70 -42.69
N SER A 3472 4.27 -3.19 -35.09
CA SER A 3472 2.87 -2.95 -35.45
C SER A 3472 2.32 -1.74 -34.70
N GLN A 3473 1.01 -1.56 -34.77
CA GLN A 3473 0.33 -0.46 -34.11
C GLN A 3473 -0.17 -0.81 -32.71
N PHE A 3474 0.10 -2.02 -32.23
CA PHE A 3474 -0.44 -2.48 -30.95
C PHE A 3474 0.14 -1.71 -29.78
N LEU A 3475 1.28 -1.04 -29.97
CA LEU A 3475 1.88 -0.21 -28.93
C LEU A 3475 2.89 0.71 -29.58
N ASP A 3476 2.89 1.98 -29.16
CA ASP A 3476 3.78 2.99 -29.72
C ASP A 3476 5.20 2.71 -29.22
N THR A 3477 5.96 1.98 -30.04
CA THR A 3477 7.33 1.63 -29.68
C THR A 3477 8.18 2.88 -29.50
N THR A 3478 8.03 3.85 -30.40
CA THR A 3478 8.81 5.08 -30.29
C THR A 3478 8.51 5.80 -28.98
N ARG A 3479 7.23 5.87 -28.60
CA ARG A 3479 6.89 6.46 -27.31
C ARG A 3479 7.51 5.69 -26.16
N LEU A 3480 7.48 4.35 -26.26
CA LEU A 3480 8.05 3.53 -25.20
C LEU A 3480 9.54 3.81 -25.01
N VAL A 3481 10.29 3.87 -26.11
CA VAL A 3481 11.73 4.10 -25.98
C VAL A 3481 12.00 5.53 -25.55
N GLN A 3482 11.24 6.50 -26.05
CA GLN A 3482 11.44 7.88 -25.62
C GLN A 3482 11.17 8.04 -24.13
N SER A 3483 10.25 7.25 -23.59
CA SER A 3483 9.98 7.31 -22.17
C SER A 3483 11.06 6.59 -21.36
N CYS A 3484 11.56 5.47 -21.88
CA CYS A 3484 12.43 4.61 -21.10
C CYS A 3484 13.92 4.89 -21.30
N VAL A 3485 14.29 5.80 -22.20
CA VAL A 3485 15.71 6.14 -22.34
C VAL A 3485 16.26 6.72 -21.05
N GLN A 3486 15.46 7.54 -20.36
CA GLN A 3486 15.91 8.11 -19.10
C GLN A 3486 16.19 7.01 -18.08
N GLY A 3487 15.29 6.04 -17.97
CA GLY A 3487 15.52 4.93 -17.07
C GLY A 3487 16.74 4.11 -17.45
N ALA A 3488 16.94 3.91 -18.76
CA ALA A 3488 18.08 3.11 -19.20
C ALA A 3488 19.40 3.79 -18.89
N VAL A 3489 19.53 5.06 -19.26
CA VAL A 3489 20.80 5.76 -19.08
C VAL A 3489 21.02 6.19 -17.63
N GLY A 3490 19.97 6.24 -16.81
CA GLY A 3490 20.14 6.66 -15.43
C GLY A 3490 21.06 5.76 -14.63
N MET A 3491 21.05 4.47 -14.92
CA MET A 3491 21.89 3.50 -14.21
C MET A 3491 23.24 3.28 -14.87
N LEU A 3492 23.50 3.90 -16.02
CA LEU A 3492 24.81 3.80 -16.63
C LEU A 3492 25.84 4.62 -15.85
N ARG A 3493 27.05 4.10 -15.78
CA ARG A 3493 28.13 4.79 -15.07
C ARG A 3493 29.45 4.55 -15.78
N ASP A 3494 30.25 5.60 -15.87
CA ASP A 3494 31.60 5.51 -16.41
C ASP A 3494 32.56 5.16 -15.29
N GLN A 3495 33.88 5.26 -15.53
CA GLN A 3495 34.83 4.98 -14.47
C GLN A 3495 35.03 6.21 -13.59
N ASN A 3496 33.93 6.84 -13.20
CA ASN A 3496 33.89 7.87 -12.16
C ASN A 3496 34.65 9.13 -12.54
N GLU A 3497 35.41 9.09 -13.64
CA GLU A 3497 36.16 10.25 -14.09
C GLU A 3497 36.23 10.40 -15.60
N SER A 3498 35.63 9.51 -16.38
CA SER A 3498 35.80 9.52 -17.83
C SER A 3498 34.63 10.21 -18.53
N CYS A 3499 34.47 11.50 -18.23
CA CYS A 3499 33.49 12.37 -18.88
C CYS A 3499 32.09 11.75 -18.85
N ALA A 3500 31.56 11.63 -17.64
CA ALA A 3500 30.20 11.15 -17.45
C ALA A 3500 29.23 12.05 -18.21
N ARG A 3501 28.50 11.47 -19.17
CA ARG A 3501 27.68 12.23 -20.10
C ARG A 3501 26.21 11.83 -20.01
N ASN A 3502 25.73 11.50 -18.82
CA ASN A 3502 24.38 10.96 -18.68
C ASN A 3502 23.33 11.93 -19.22
N MET A 3503 23.37 13.19 -18.75
CA MET A 3503 22.48 14.19 -19.31
C MET A 3503 22.80 14.42 -20.80
N ARG A 3504 24.08 14.45 -21.14
CA ARG A 3504 24.46 14.54 -22.54
C ARG A 3504 23.95 13.34 -23.33
N ARG A 3505 24.05 12.14 -22.75
CA ARG A 3505 23.60 10.95 -23.46
C ARG A 3505 22.10 11.00 -23.74
N VAL A 3506 21.30 11.35 -22.74
CA VAL A 3506 19.86 11.40 -22.95
C VAL A 3506 19.50 12.53 -23.92
N THR A 3507 20.18 13.67 -23.82
CA THR A 3507 19.91 14.78 -24.74
C THR A 3507 20.21 14.38 -26.17
N ILE A 3508 21.37 13.75 -26.40
CA ILE A 3508 21.75 13.36 -27.74
C ILE A 3508 20.82 12.27 -28.27
N LEU A 3509 20.37 11.36 -27.40
CA LEU A 3509 19.44 10.33 -27.82
C LEU A 3509 18.12 10.94 -28.28
N LEU A 3510 17.54 11.82 -27.45
CA LEU A 3510 16.29 12.45 -27.84
C LEU A 3510 16.46 13.35 -29.06
N ASP A 3511 17.66 13.90 -29.26
CA ASP A 3511 17.94 14.60 -30.50
C ASP A 3511 17.88 13.65 -31.69
N LEU A 3512 18.34 12.41 -31.49
CA LEU A 3512 18.42 11.43 -32.56
C LEU A 3512 17.32 10.37 -32.49
N LEU A 3513 16.32 10.54 -31.62
CA LEU A 3513 15.23 9.57 -31.48
C LEU A 3513 13.90 10.11 -31.99
N ASN A 3514 13.92 10.90 -33.07
CA ASN A 3514 12.71 11.45 -33.67
C ASN A 3514 12.50 10.84 -35.05
N GLU A 3515 11.43 11.28 -35.72
CA GLU A 3515 11.09 10.81 -37.05
C GLU A 3515 11.20 11.90 -38.11
N ASP A 3516 11.64 13.10 -37.75
CA ASP A 3516 11.71 14.19 -38.70
C ASP A 3516 12.74 13.92 -39.79
N ASN A 3517 13.88 13.34 -39.44
CA ASN A 3517 14.94 13.08 -40.39
C ASN A 3517 14.92 11.62 -40.86
N THR A 3518 15.20 11.42 -42.15
CA THR A 3518 15.27 10.07 -42.68
C THR A 3518 16.39 9.28 -42.02
N ARG A 3519 17.49 9.95 -41.67
CA ARG A 3519 18.54 9.30 -40.88
C ARG A 3519 17.99 8.84 -39.53
N ASN A 3520 17.21 9.69 -38.87
CA ASN A 3520 16.62 9.32 -37.60
C ASN A 3520 15.62 8.18 -37.78
N ALA A 3521 14.86 8.19 -38.87
CA ALA A 3521 13.93 7.10 -39.14
C ALA A 3521 14.66 5.79 -39.33
N SER A 3522 15.78 5.81 -40.07
CA SER A 3522 16.58 4.60 -40.25
C SER A 3522 17.14 4.13 -38.92
N PHE A 3523 17.61 5.05 -38.08
CA PHE A 3523 18.10 4.67 -36.77
C PHE A 3523 17.00 4.00 -35.95
N LEU A 3524 15.80 4.58 -35.98
CA LEU A 3524 14.68 4.02 -35.22
C LEU A 3524 14.32 2.63 -35.73
N ARG A 3525 14.31 2.44 -37.05
CA ARG A 3525 14.01 1.13 -37.60
C ARG A 3525 15.06 0.11 -37.18
N GLU A 3526 16.34 0.49 -37.25
CA GLU A 3526 17.39 -0.45 -36.87
C GLU A 3526 17.32 -0.78 -35.39
N SER A 3527 17.04 0.22 -34.55
CA SER A 3527 16.85 -0.06 -33.13
C SER A 3527 15.66 -0.97 -32.88
N LYS A 3528 14.59 -0.79 -33.67
CA LYS A 3528 13.42 -1.65 -33.53
C LYS A 3528 13.75 -3.09 -33.82
N MET A 3529 14.42 -3.35 -34.95
CA MET A 3529 14.80 -4.72 -35.29
C MET A 3529 15.81 -5.29 -34.28
N ARG A 3530 16.76 -4.47 -33.81
CA ARG A 3530 17.73 -4.96 -32.84
C ARG A 3530 17.06 -5.35 -31.53
N LEU A 3531 16.15 -4.51 -31.04
CA LEU A 3531 15.40 -4.83 -29.82
C LEU A 3531 14.56 -6.08 -30.03
N HIS A 3532 13.91 -6.18 -31.19
CA HIS A 3532 13.13 -7.37 -31.53
C HIS A 3532 13.97 -8.64 -31.44
N VAL A 3533 15.11 -8.67 -32.12
CA VAL A 3533 15.89 -9.90 -32.17
C VAL A 3533 16.51 -10.21 -30.81
N LEU A 3534 16.97 -9.17 -30.10
CA LEU A 3534 17.53 -9.40 -28.78
C LEU A 3534 16.50 -9.99 -27.83
N LEU A 3535 15.29 -9.42 -27.82
CA LEU A 3535 14.24 -9.96 -26.95
C LEU A 3535 13.79 -11.34 -27.41
N ASN A 3536 13.80 -11.58 -28.72
CA ASN A 3536 13.45 -12.90 -29.24
C ASN A 3536 14.41 -13.95 -28.71
N LYS A 3537 15.71 -13.65 -28.72
CA LYS A 3537 16.68 -14.56 -28.12
C LYS A 3537 16.57 -14.58 -26.60
N GLN A 3538 16.02 -13.51 -26.01
CA GLN A 3538 15.93 -13.41 -24.55
C GLN A 3538 14.82 -14.30 -23.97
N GLU A 3539 13.60 -14.17 -24.48
CA GLU A 3539 12.49 -14.87 -23.85
C GLU A 3539 12.57 -16.38 -24.02
N GLU A 3540 13.45 -16.89 -24.88
CA GLU A 3540 13.47 -18.32 -25.15
C GLU A 3540 13.88 -19.13 -23.93
N ASN A 3541 14.45 -18.50 -22.91
CA ASN A 3541 14.72 -19.20 -21.66
C ASN A 3541 13.53 -19.16 -20.71
N GLN A 3542 12.52 -18.34 -20.99
CA GLN A 3542 11.35 -18.28 -20.15
C GLN A 3542 10.49 -19.54 -20.35
N VAL A 3543 9.67 -19.84 -19.34
CA VAL A 3543 8.81 -21.02 -19.38
C VAL A 3543 7.41 -20.68 -19.89
N ARG A 3544 7.25 -19.53 -20.53
CA ARG A 3544 5.99 -19.02 -21.08
C ARG A 3544 5.08 -18.54 -19.96
N SER A 3545 5.46 -18.77 -18.70
CA SER A 3545 4.73 -18.15 -17.60
C SER A 3545 4.92 -16.64 -17.60
N LEU A 3546 6.03 -16.16 -18.17
CA LEU A 3546 6.22 -14.73 -18.38
C LEU A 3546 6.04 -14.32 -19.83
N LYS A 3547 6.05 -15.27 -20.78
CA LYS A 3547 5.69 -14.92 -22.15
C LYS A 3547 4.25 -14.44 -22.23
N GLU A 3548 3.34 -15.10 -21.50
CA GLU A 3548 1.97 -14.61 -21.32
C GLU A 3548 1.98 -13.58 -20.21
N TRP A 3549 2.52 -12.40 -20.55
CA TRP A 3549 2.85 -11.40 -19.55
C TRP A 3549 1.62 -10.71 -18.99
N VAL A 3550 0.53 -10.62 -19.76
CA VAL A 3550 -0.62 -9.86 -19.32
C VAL A 3550 -1.25 -10.49 -18.09
N THR A 3551 -1.62 -11.77 -18.19
CA THR A 3551 -2.22 -12.46 -17.06
C THR A 3551 -1.26 -12.58 -15.89
N ARG A 3552 0.02 -12.81 -16.17
CA ARG A 3552 1.00 -12.91 -15.11
C ARG A 3552 1.11 -11.62 -14.32
N GLU A 3553 1.10 -10.49 -15.02
CA GLU A 3553 1.08 -9.20 -14.34
C GLU A 3553 -0.21 -9.04 -13.54
N ALA A 3554 -1.35 -9.37 -14.15
CA ALA A 3554 -2.63 -9.18 -13.48
C ALA A 3554 -2.68 -9.94 -12.17
N ALA A 3555 -2.18 -11.18 -12.16
CA ALA A 3555 -2.13 -11.93 -10.91
C ALA A 3555 -1.20 -11.29 -9.88
N ASN A 3556 -0.29 -10.43 -10.32
CA ASN A 3556 0.60 -9.69 -9.41
C ASN A 3556 -0.16 -8.47 -8.91
N GLN A 3557 -1.01 -8.69 -7.92
CA GLN A 3557 -1.97 -7.66 -7.51
C GLN A 3557 -1.29 -6.45 -6.91
N ASP A 3558 -0.17 -6.63 -6.20
CA ASP A 3558 0.53 -5.47 -5.66
C ASP A 3558 1.04 -4.58 -6.79
N ALA A 3559 1.53 -5.20 -7.87
CA ALA A 3559 1.92 -4.42 -9.05
C ALA A 3559 0.72 -3.67 -9.62
N LEU A 3560 -0.47 -4.24 -9.46
CA LEU A 3560 -1.68 -3.58 -9.97
C LEU A 3560 -2.03 -2.37 -9.12
N GLN A 3561 -1.95 -2.51 -7.81
CA GLN A 3561 -2.33 -1.42 -6.93
C GLN A 3561 -1.24 -0.36 -6.84
N GLU A 3562 -0.01 -0.65 -7.27
CA GLU A 3562 1.01 0.38 -7.28
C GLU A 3562 0.99 1.20 -8.56
N ALA A 3563 0.41 0.68 -9.64
CA ALA A 3563 0.49 1.32 -10.94
C ALA A 3563 -0.85 1.87 -11.42
N GLY A 3564 -1.66 2.42 -10.53
CA GLY A 3564 -2.87 3.11 -10.96
C GLY A 3564 -3.88 2.16 -11.55
N THR A 3565 -4.17 2.35 -12.83
CA THR A 3565 -5.13 1.52 -13.54
C THR A 3565 -4.44 0.28 -14.11
N PHE A 3566 -5.15 -0.44 -14.97
CA PHE A 3566 -4.63 -1.68 -15.54
C PHE A 3566 -3.72 -1.40 -16.73
N ARG A 3567 -4.13 -0.49 -17.62
CA ARG A 3567 -3.30 -0.16 -18.77
C ARG A 3567 -2.02 0.54 -18.34
N HIS A 3568 -2.10 1.37 -17.30
CA HIS A 3568 -0.89 1.95 -16.73
C HIS A 3568 0.05 0.86 -16.24
N THR A 3569 -0.50 -0.18 -15.62
CA THR A 3569 0.35 -1.26 -15.12
C THR A 3569 0.98 -2.04 -16.26
N LEU A 3570 0.23 -2.28 -17.33
CA LEU A 3570 0.80 -2.94 -18.51
C LEU A 3570 1.93 -2.11 -19.10
N TRP A 3571 1.73 -0.80 -19.20
CA TRP A 3571 2.79 0.07 -19.74
C TRP A 3571 4.01 0.07 -18.83
N LYS A 3572 3.78 0.08 -17.52
CA LYS A 3572 4.90 0.04 -16.58
C LYS A 3572 5.68 -1.27 -16.74
N ARG A 3573 4.98 -2.39 -16.89
CA ARG A 3573 5.67 -3.67 -17.05
C ARG A 3573 6.47 -3.68 -18.35
N VAL A 3574 5.89 -3.17 -19.44
CA VAL A 3574 6.61 -3.14 -20.71
C VAL A 3574 7.85 -2.27 -20.59
N GLN A 3575 7.72 -1.09 -19.98
CA GLN A 3575 8.85 -0.19 -19.91
C GLN A 3575 9.95 -0.75 -19.01
N ASP A 3576 9.57 -1.45 -17.94
CA ASP A 3576 10.59 -2.05 -17.08
C ASP A 3576 11.24 -3.26 -17.72
N VAL A 3577 10.52 -3.94 -18.61
CA VAL A 3577 11.15 -5.00 -19.41
C VAL A 3577 12.13 -4.40 -20.41
N VAL A 3578 11.79 -3.23 -20.97
CA VAL A 3578 12.55 -2.69 -22.09
C VAL A 3578 13.77 -1.93 -21.59
N THR A 3579 13.67 -1.25 -20.45
CA THR A 3579 14.74 -0.35 -19.99
C THR A 3579 16.09 -1.02 -19.84
N PRO A 3580 16.24 -2.16 -19.15
CA PRO A 3580 17.59 -2.77 -19.06
C PRO A 3580 18.17 -3.16 -20.40
N ILE A 3581 17.34 -3.65 -21.33
CA ILE A 3581 17.86 -4.04 -22.64
C ILE A 3581 18.41 -2.83 -23.39
N LEU A 3582 17.66 -1.73 -23.38
CA LEU A 3582 18.12 -0.53 -24.06
C LEU A 3582 19.35 0.06 -23.38
N ALA A 3583 19.40 -0.04 -22.05
CA ALA A 3583 20.60 0.41 -21.33
C ALA A 3583 21.82 -0.40 -21.75
N SER A 3584 21.68 -1.71 -21.86
CA SER A 3584 22.78 -2.55 -22.34
C SER A 3584 23.14 -2.18 -23.77
N MET A 3585 22.14 -1.87 -24.59
CA MET A 3585 22.43 -1.43 -25.96
C MET A 3585 23.25 -0.15 -25.98
N ILE A 3586 22.89 0.82 -25.14
CA ILE A 3586 23.67 2.05 -25.05
C ILE A 3586 25.09 1.76 -24.58
N ALA A 3587 25.22 0.89 -23.58
CA ALA A 3587 26.56 0.57 -23.06
C ALA A 3587 27.41 -0.10 -24.13
N HIS A 3588 26.82 -1.02 -24.90
CA HIS A 3588 27.59 -1.73 -25.93
C HIS A 3588 27.91 -0.84 -27.11
N ILE A 3589 27.02 0.09 -27.44
CA ILE A 3589 27.22 1.00 -28.57
C ILE A 3589 28.04 2.22 -28.18
N ASP A 3590 27.66 2.90 -27.10
CA ASP A 3590 28.36 4.10 -26.66
C ASP A 3590 29.53 3.72 -25.73
N ARG A 3591 30.49 3.00 -26.30
CA ARG A 3591 31.69 2.64 -25.55
C ARG A 3591 32.56 3.86 -25.30
N ASP A 3592 32.67 4.76 -26.29
CA ASP A 3592 33.52 5.93 -26.16
C ASP A 3592 32.89 7.22 -26.67
N GLY A 3593 31.66 7.18 -27.19
CA GLY A 3593 31.07 8.39 -27.75
C GLY A 3593 30.68 8.25 -29.20
N ASN A 3594 30.37 7.03 -29.63
CA ASN A 3594 29.99 6.80 -31.02
C ASN A 3594 28.73 7.57 -31.42
N LEU A 3595 27.89 7.94 -30.45
CA LEU A 3595 26.64 8.61 -30.79
C LEU A 3595 26.88 10.05 -31.22
N GLU A 3596 27.91 10.69 -30.68
CA GLU A 3596 28.14 12.11 -30.94
C GLU A 3596 28.41 12.39 -32.41
N LEU A 3597 28.92 11.41 -33.15
CA LEU A 3597 29.24 11.62 -34.56
C LEU A 3597 27.98 11.96 -35.36
N LEU A 3598 26.89 11.24 -35.11
CA LEU A 3598 25.65 11.48 -35.82
C LEU A 3598 25.07 12.86 -35.51
N ALA A 3599 25.13 13.27 -34.23
CA ALA A 3599 24.57 14.56 -33.85
C ALA A 3599 25.46 15.73 -34.25
N GLN A 3600 26.76 15.51 -34.40
CA GLN A 3600 27.65 16.59 -34.82
C GLN A 3600 27.27 17.00 -36.25
N PRO A 3601 26.94 18.27 -36.48
CA PRO A 3601 26.53 18.68 -37.83
C PRO A 3601 27.67 18.67 -38.82
N ASP A 3602 27.37 18.98 -40.09
CA ASP A 3602 28.33 18.95 -41.20
C ASP A 3602 29.19 17.69 -41.18
N SER A 3603 28.62 16.57 -40.75
CA SER A 3603 29.34 15.32 -40.72
C SER A 3603 29.47 14.76 -42.14
N PRO A 3604 30.67 14.39 -42.56
CA PRO A 3604 30.83 13.83 -43.92
C PRO A 3604 30.04 12.54 -44.08
N ALA A 3605 29.62 12.28 -45.32
CA ALA A 3605 28.70 11.16 -45.58
C ALA A 3605 29.28 9.83 -45.11
N TRP A 3606 30.59 9.67 -45.16
CA TRP A 3606 31.19 8.40 -44.75
C TRP A 3606 30.95 8.13 -43.28
N VAL A 3607 30.90 9.17 -42.45
CA VAL A 3607 30.68 9.02 -41.02
C VAL A 3607 29.37 8.28 -40.76
N GLN A 3608 28.26 8.87 -41.18
CA GLN A 3608 26.96 8.24 -40.92
C GLN A 3608 26.79 6.96 -41.72
N ASP A 3609 27.37 6.89 -42.93
CA ASP A 3609 27.25 5.67 -43.72
C ASP A 3609 27.90 4.50 -43.01
N LEU A 3610 29.12 4.67 -42.51
CA LEU A 3610 29.81 3.60 -41.79
C LEU A 3610 29.13 3.30 -40.47
N TRP A 3611 28.66 4.34 -39.76
CA TRP A 3611 28.00 4.10 -38.49
C TRP A 3611 26.75 3.26 -38.68
N MET A 3612 25.93 3.59 -39.68
CA MET A 3612 24.75 2.80 -40.00
C MET A 3612 25.14 1.40 -40.43
N PHE A 3613 26.15 1.28 -41.30
CA PHE A 3613 26.54 -0.03 -41.83
C PHE A 3613 26.98 -0.97 -40.72
N ILE A 3614 27.82 -0.48 -39.79
CA ILE A 3614 28.22 -1.31 -38.66
C ILE A 3614 27.03 -1.57 -37.74
N TYR A 3615 26.14 -0.59 -37.61
CA TYR A 3615 24.97 -0.76 -36.76
C TYR A 3615 23.87 -1.58 -37.43
N SER A 3616 24.02 -1.89 -38.72
CA SER A 3616 23.01 -2.64 -39.47
C SER A 3616 23.41 -4.08 -39.72
N ASP A 3617 24.15 -4.70 -38.80
CA ASP A 3617 24.54 -6.09 -38.94
C ASP A 3617 24.35 -6.82 -37.61
N ILE A 3618 24.24 -8.14 -37.69
CA ILE A 3618 24.04 -9.00 -36.53
C ILE A 3618 25.34 -9.67 -36.10
N LYS A 3619 25.92 -10.49 -36.99
CA LYS A 3619 27.11 -11.25 -36.63
C LYS A 3619 28.30 -10.33 -36.35
N PHE A 3620 28.48 -9.30 -37.17
CA PHE A 3620 29.63 -8.40 -36.97
C PHE A 3620 29.56 -7.71 -35.62
N LEU A 3621 28.40 -7.18 -35.25
CA LEU A 3621 28.22 -6.50 -33.97
C LEU A 3621 27.16 -7.27 -33.19
N ASN A 3622 27.61 -8.30 -32.46
CA ASN A 3622 26.74 -9.10 -31.63
C ASN A 3622 26.67 -8.51 -30.24
N ILE A 3623 25.45 -8.34 -29.74
CA ILE A 3623 25.19 -7.65 -28.48
C ILE A 3623 24.65 -8.65 -27.47
N SER A 3624 25.30 -8.73 -26.32
CA SER A 3624 24.88 -9.58 -25.23
C SER A 3624 24.08 -8.78 -24.21
N LEU A 3625 23.63 -9.45 -23.15
CA LEU A 3625 22.80 -8.82 -22.15
C LEU A 3625 23.15 -9.37 -20.77
N VAL A 3626 22.53 -8.78 -19.75
CA VAL A 3626 22.76 -9.17 -18.36
C VAL A 3626 21.42 -9.32 -17.65
N SER A 3637 21.02 -3.08 -9.68
CA SER A 3637 22.15 -3.30 -10.57
C SER A 3637 22.51 -2.02 -11.33
N PHE A 3638 23.82 -1.84 -11.54
CA PHE A 3638 24.36 -0.71 -12.31
C PHE A 3638 25.38 -1.29 -13.30
N ILE A 3639 24.94 -1.50 -14.54
CA ILE A 3639 25.85 -2.00 -15.57
C ILE A 3639 26.93 -0.95 -15.85
N LEU A 3640 28.00 -1.39 -16.50
CA LEU A 3640 29.19 -0.55 -16.68
C LEU A 3640 29.47 -0.35 -18.17
N VAL A 3641 29.84 0.88 -18.53
CA VAL A 3641 30.36 1.21 -19.84
C VAL A 3641 31.82 1.63 -19.67
N GLN A 3642 32.70 1.05 -20.46
CA GLN A 3642 34.13 1.20 -20.26
C GLN A 3642 34.76 1.99 -21.41
N SER A 3643 35.75 2.80 -21.05
CA SER A 3643 36.52 3.57 -22.01
C SER A 3643 37.70 2.75 -22.52
N HIS A 3644 38.11 3.03 -23.76
CA HIS A 3644 39.11 2.23 -24.44
C HIS A 3644 40.36 3.01 -24.83
N MET A 3645 40.36 4.33 -24.71
CA MET A 3645 41.52 5.13 -25.07
C MET A 3645 41.92 6.15 -24.01
N ASN A 3646 41.30 6.08 -22.83
CA ASN A 3646 41.47 7.11 -21.80
C ASN A 3646 41.19 8.48 -22.40
N LEU A 3647 39.94 8.65 -22.82
CA LEU A 3647 39.54 9.83 -23.58
C LEU A 3647 39.76 11.11 -22.80
N LEU A 3648 40.21 12.14 -23.50
CA LEU A 3648 40.32 13.48 -22.93
C LEU A 3648 38.94 14.13 -22.95
N LYS A 3649 38.87 15.43 -22.70
CA LYS A 3649 37.59 16.13 -22.71
C LYS A 3649 36.96 16.10 -24.09
N ASP A 3650 35.88 15.32 -24.25
CA ASP A 3650 35.12 15.20 -25.49
C ASP A 3650 36.03 14.71 -26.63
N ALA A 3651 36.49 13.47 -26.45
CA ALA A 3651 37.31 12.85 -27.50
C ALA A 3651 36.47 12.51 -28.72
N TYR A 3652 35.34 11.83 -28.52
CA TYR A 3652 34.38 11.48 -29.57
C TYR A 3652 35.11 10.90 -30.80
N ASN A 3653 35.63 9.69 -30.64
CA ASN A 3653 36.46 9.03 -31.65
C ASN A 3653 35.94 9.27 -33.06
N ALA A 3654 36.85 9.71 -33.94
CA ALA A 3654 36.44 10.18 -35.26
C ALA A 3654 35.82 9.06 -36.09
N VAL A 3655 36.33 7.85 -35.96
CA VAL A 3655 35.76 6.68 -36.64
C VAL A 3655 34.41 6.38 -35.98
N PRO A 3656 33.41 5.92 -36.75
CA PRO A 3656 32.15 5.50 -36.12
C PRO A 3656 32.34 4.44 -35.05
N PHE A 3657 33.25 3.48 -35.26
CA PHE A 3657 33.50 2.43 -34.27
C PHE A 3657 34.98 2.17 -34.22
N SER A 3658 35.57 2.27 -33.02
CA SER A 3658 37.01 2.10 -32.86
C SER A 3658 37.38 0.68 -32.45
N TRP A 3659 36.86 0.23 -31.31
CA TRP A 3659 37.30 -1.04 -30.75
C TRP A 3659 36.87 -2.22 -31.62
N ARG A 3660 35.65 -2.17 -32.17
CA ARG A 3660 35.16 -3.30 -32.95
C ARG A 3660 35.99 -3.49 -34.22
N ILE A 3661 36.27 -2.41 -34.93
CA ILE A 3661 37.11 -2.50 -36.12
C ILE A 3661 38.51 -2.96 -35.73
N ARG A 3662 39.03 -2.46 -34.61
CA ARG A 3662 40.36 -2.85 -34.14
C ARG A 3662 40.43 -4.36 -33.93
N ASP A 3663 39.49 -4.92 -33.18
CA ASP A 3663 39.52 -6.34 -32.88
C ASP A 3663 39.24 -7.17 -34.14
N TYR A 3664 38.34 -6.70 -35.00
CA TYR A 3664 38.02 -7.44 -36.23
C TYR A 3664 39.25 -7.53 -37.13
N LEU A 3665 39.95 -6.42 -37.33
CA LEU A 3665 41.15 -6.46 -38.14
C LEU A 3665 42.27 -7.24 -37.46
N GLU A 3666 42.33 -7.21 -36.13
CA GLU A 3666 43.33 -8.00 -35.43
C GLU A 3666 43.12 -9.50 -35.65
N GLU A 3667 41.88 -9.97 -35.52
CA GLU A 3667 41.63 -11.39 -35.73
C GLU A 3667 41.77 -11.78 -37.20
N LEU A 3668 41.43 -10.86 -38.12
CA LEU A 3668 41.69 -11.14 -39.54
C LEU A 3668 43.18 -11.29 -39.81
N TRP A 3669 44.00 -10.41 -39.21
CA TRP A 3669 45.45 -10.55 -39.33
C TRP A 3669 45.93 -11.85 -38.74
N VAL A 3670 45.38 -12.24 -37.59
CA VAL A 3670 45.80 -13.49 -36.95
C VAL A 3670 45.53 -14.66 -37.88
N GLN A 3671 44.33 -14.72 -38.45
CA GLN A 3671 44.00 -15.81 -39.37
C GLN A 3671 44.89 -15.79 -40.60
N ALA A 3672 45.10 -14.62 -41.20
CA ALA A 3672 45.91 -14.53 -42.41
C ALA A 3672 47.35 -14.94 -42.15
N GLN A 3673 47.92 -14.50 -41.03
CA GLN A 3673 49.30 -14.84 -40.72
C GLN A 3673 49.45 -16.29 -40.27
N TYR A 3674 48.40 -16.89 -39.71
CA TYR A 3674 48.48 -18.31 -39.37
C TYR A 3674 48.43 -19.18 -40.63
N ILE A 3675 47.51 -18.84 -41.55
CA ILE A 3675 47.32 -19.71 -42.72
C ILE A 3675 48.51 -19.61 -43.67
N THR A 3676 49.02 -18.40 -43.91
CA THR A 3676 50.06 -18.17 -44.89
C THR A 3676 51.35 -17.69 -44.21
N ASP A 3677 52.49 -18.08 -44.79
CA ASP A 3677 53.79 -17.71 -44.24
C ASP A 3677 54.03 -16.21 -44.39
N THR A 3678 55.16 -15.77 -43.84
CA THR A 3678 55.50 -14.34 -43.82
C THR A 3678 56.24 -13.94 -45.10
N GLU A 3679 55.64 -14.27 -46.23
CA GLU A 3679 56.13 -13.86 -47.53
C GLU A 3679 55.09 -13.11 -48.36
N GLY A 3680 53.85 -13.58 -48.34
CA GLY A 3680 52.75 -12.85 -48.95
C GLY A 3680 51.78 -12.39 -47.87
N LEU A 3681 52.33 -12.05 -46.70
CA LEU A 3681 51.50 -11.66 -45.56
C LEU A 3681 50.68 -10.42 -45.89
N SER A 3682 51.29 -9.42 -46.50
CA SER A 3682 50.56 -8.21 -46.88
C SER A 3682 49.46 -8.53 -47.88
N LYS A 3683 49.78 -9.34 -48.89
CA LYS A 3683 48.81 -9.66 -49.93
C LYS A 3683 47.64 -10.45 -49.37
N LYS A 3684 47.92 -11.48 -48.56
CA LYS A 3684 46.85 -12.28 -47.99
C LYS A 3684 45.99 -11.43 -47.04
N PHE A 3685 46.64 -10.58 -46.24
CA PHE A 3685 45.90 -9.74 -45.31
C PHE A 3685 44.98 -8.78 -46.06
N VAL A 3686 45.48 -8.14 -47.11
CA VAL A 3686 44.64 -7.17 -47.83
C VAL A 3686 43.52 -7.89 -48.58
N GLU A 3687 43.80 -9.09 -49.13
CA GLU A 3687 42.74 -9.78 -49.85
C GLU A 3687 41.66 -10.30 -48.90
N ILE A 3688 42.03 -10.76 -47.71
CA ILE A 3688 41.01 -11.15 -46.75
C ILE A 3688 40.32 -9.94 -46.13
N PHE A 3689 40.95 -8.76 -46.20
CA PHE A 3689 40.25 -7.52 -45.84
C PHE A 3689 39.20 -7.17 -46.87
N GLN A 3690 39.55 -7.24 -48.16
CA GLN A 3690 38.58 -6.95 -49.21
C GLN A 3690 37.53 -8.04 -49.33
N LYS A 3691 37.77 -9.22 -48.77
CA LYS A 3691 36.76 -10.27 -48.82
C LYS A 3691 35.61 -10.01 -47.85
N THR A 3692 35.85 -9.28 -46.76
CA THR A 3692 34.80 -9.03 -45.79
C THR A 3692 33.79 -8.02 -46.35
N PRO A 3693 32.54 -8.06 -45.90
CA PRO A 3693 31.56 -7.07 -46.37
C PRO A 3693 31.94 -5.63 -46.06
N LEU A 3694 32.69 -5.39 -44.99
CA LEU A 3694 33.13 -4.04 -44.69
C LEU A 3694 34.02 -3.49 -45.80
N GLY A 3695 34.89 -4.33 -46.35
CA GLY A 3695 35.75 -3.88 -47.43
C GLY A 3695 34.99 -3.51 -48.68
N VAL A 3696 34.03 -4.37 -49.07
CA VAL A 3696 33.24 -4.06 -50.27
C VAL A 3696 32.34 -2.86 -50.02
N PHE A 3697 31.97 -2.61 -48.76
CA PHE A 3697 31.22 -1.39 -48.44
C PHE A 3697 32.09 -0.16 -48.63
N LEU A 3698 33.29 -0.17 -48.04
CA LEU A 3698 34.18 0.99 -48.14
C LEU A 3698 34.71 1.19 -49.55
N ALA A 3699 34.67 0.16 -50.40
CA ALA A 3699 35.10 0.34 -51.78
C ALA A 3699 34.20 1.31 -52.53
N GLN A 3700 32.95 1.44 -52.12
CA GLN A 3700 32.04 2.39 -52.75
C GLN A 3700 32.32 3.83 -52.34
N PHE A 3701 33.08 4.04 -51.27
CA PHE A 3701 33.45 5.38 -50.87
C PHE A 3701 34.42 5.99 -51.87
N PRO A 3702 34.27 7.28 -52.18
CA PRO A 3702 35.21 7.95 -53.08
C PRO A 3702 36.56 8.20 -52.41
N VAL A 3703 37.49 8.70 -53.21
CA VAL A 3703 38.88 8.81 -52.77
C VAL A 3703 39.02 9.77 -51.60
N ALA A 3704 38.34 10.92 -51.67
CA ALA A 3704 38.47 11.92 -50.61
C ALA A 3704 37.95 11.38 -49.28
N GLN A 3705 36.74 10.82 -49.29
CA GLN A 3705 36.18 10.25 -48.07
C GLN A 3705 37.00 9.05 -47.61
N GLN A 3706 37.49 8.24 -48.54
CA GLN A 3706 38.31 7.10 -48.16
C GLN A 3706 39.58 7.53 -47.44
N GLN A 3707 40.25 8.58 -47.95
CA GLN A 3707 41.50 9.01 -47.34
C GLN A 3707 41.25 9.74 -46.02
N LYS A 3708 40.14 10.48 -45.92
CA LYS A 3708 39.81 11.10 -44.64
C LYS A 3708 39.50 10.04 -43.60
N LEU A 3709 38.76 9.01 -43.99
CA LEU A 3709 38.50 7.88 -43.11
C LEU A 3709 39.80 7.19 -42.71
N LEU A 3710 40.73 7.05 -43.65
CA LEU A 3710 42.02 6.46 -43.34
C LEU A 3710 42.77 7.28 -42.29
N GLN A 3711 42.86 8.60 -42.49
CA GLN A 3711 43.58 9.45 -41.55
C GLN A 3711 42.92 9.40 -40.17
N SER A 3712 41.59 9.44 -40.13
CA SER A 3712 40.90 9.28 -38.86
C SER A 3712 41.19 7.92 -38.25
N TYR A 3713 41.39 6.90 -39.09
CA TYR A 3713 41.69 5.56 -38.59
C TYR A 3713 43.07 5.51 -37.95
N LEU A 3714 44.08 6.11 -38.59
CA LEU A 3714 45.39 6.20 -37.93
C LEU A 3714 45.27 6.97 -36.63
N LYS A 3715 44.50 8.06 -36.63
CA LYS A 3715 44.36 8.86 -35.41
C LYS A 3715 43.77 8.03 -34.27
N ASP A 3716 42.66 7.33 -34.54
CA ASP A 3716 42.01 6.57 -33.49
C ASP A 3716 42.86 5.39 -33.05
N PHE A 3717 43.54 4.71 -33.99
CA PHE A 3717 44.41 3.61 -33.61
C PHE A 3717 45.56 4.09 -32.75
N LEU A 3718 46.15 5.24 -33.10
CA LEU A 3718 47.23 5.78 -32.30
C LEU A 3718 46.75 6.14 -30.89
N LEU A 3719 45.58 6.78 -30.79
CA LEU A 3719 45.06 7.14 -29.48
C LEU A 3719 44.73 5.90 -28.64
N LEU A 3720 44.15 4.88 -29.28
CA LEU A 3720 43.81 3.66 -28.55
C LEU A 3720 45.05 2.93 -28.07
N THR A 3721 46.01 2.71 -28.99
CA THR A 3721 47.19 1.92 -28.66
C THR A 3721 48.10 2.64 -27.67
N MET A 3722 48.40 3.90 -27.94
CA MET A 3722 49.29 4.69 -27.11
C MET A 3722 48.60 5.97 -26.66
N LYS A 3723 48.71 6.26 -25.37
CA LYS A 3723 48.07 7.43 -24.77
C LYS A 3723 49.07 8.58 -24.68
N VAL A 3724 48.73 9.72 -25.26
CA VAL A 3724 49.60 10.88 -25.29
C VAL A 3724 48.92 12.00 -24.51
N SER A 3725 49.71 12.72 -23.72
CA SER A 3725 49.22 13.86 -22.94
C SER A 3725 49.46 15.19 -23.65
N SER A 3726 49.04 15.27 -24.92
CA SER A 3726 49.21 16.48 -25.72
C SER A 3726 48.42 16.32 -27.00
N ARG A 3727 48.56 17.30 -27.89
CA ARG A 3727 47.91 17.28 -29.20
C ARG A 3727 48.90 17.30 -30.36
N GLU A 3728 49.98 18.09 -30.25
CA GLU A 3728 50.95 18.16 -31.34
C GLU A 3728 51.70 16.84 -31.50
N GLU A 3729 52.04 16.18 -30.40
CA GLU A 3729 52.73 14.91 -30.49
C GLU A 3729 51.84 13.84 -31.13
N LEU A 3730 50.52 13.96 -30.95
CA LEU A 3730 49.61 13.05 -31.65
C LEU A 3730 49.72 13.23 -33.16
N MET A 3731 49.81 14.48 -33.63
CA MET A 3731 50.00 14.71 -35.06
C MET A 3731 51.37 14.26 -35.54
N PHE A 3732 52.39 14.40 -34.69
CA PHE A 3732 53.72 13.89 -35.05
C PHE A 3732 53.68 12.38 -35.23
N LEU A 3733 53.01 11.67 -34.31
CA LEU A 3733 52.84 10.23 -34.46
C LEU A 3733 52.00 9.90 -35.69
N GLN A 3734 50.99 10.73 -35.98
CA GLN A 3734 50.19 10.55 -37.19
C GLN A 3734 51.06 10.58 -38.43
N MET A 3735 51.90 11.61 -38.56
CA MET A 3735 52.77 11.72 -39.71
C MET A 3735 53.80 10.59 -39.74
N ALA A 3736 54.31 10.18 -38.58
CA ALA A 3736 55.26 9.06 -38.53
C ALA A 3736 54.61 7.79 -39.06
N LEU A 3737 53.38 7.51 -38.63
CA LEU A 3737 52.70 6.30 -39.08
C LEU A 3737 52.35 6.38 -40.56
N TRP A 3738 51.97 7.57 -41.05
CA TRP A 3738 51.70 7.74 -42.47
C TRP A 3738 52.96 7.51 -43.30
N SER A 3739 54.09 8.03 -42.83
CA SER A 3739 55.36 7.80 -43.52
C SER A 3739 55.75 6.33 -43.50
N CYS A 3740 55.54 5.66 -42.37
CA CYS A 3740 55.82 4.23 -42.29
C CYS A 3740 54.93 3.45 -43.25
N LEU A 3741 53.66 3.83 -43.36
CA LEU A 3741 52.76 3.17 -44.29
C LEU A 3741 53.21 3.36 -45.73
N ARG A 3742 53.59 4.59 -46.09
CA ARG A 3742 54.08 4.85 -47.45
C ARG A 3742 55.36 4.07 -47.73
N GLU A 3743 56.27 4.03 -46.75
CA GLU A 3743 57.51 3.29 -46.91
C GLU A 3743 57.24 1.79 -47.11
N LEU A 3744 56.29 1.25 -46.34
CA LEU A 3744 55.88 -0.13 -46.54
C LEU A 3744 55.30 -0.33 -47.94
N GLN A 3745 54.54 0.65 -48.42
CA GLN A 3745 53.99 0.60 -49.76
C GLN A 3745 55.03 0.90 -50.84
N GLU A 3746 56.27 1.19 -50.45
CA GLU A 3746 57.36 1.33 -51.40
C GLU A 3746 58.34 0.17 -51.36
N ALA A 3747 58.12 -0.80 -50.46
CA ALA A 3747 59.06 -1.91 -50.32
C ALA A 3747 59.10 -2.77 -51.58
N SER A 3748 57.94 -3.16 -52.09
CA SER A 3748 57.88 -3.92 -53.33
C SER A 3748 58.23 -3.03 -54.52
N GLY A 3749 58.87 -3.63 -55.52
CA GLY A 3749 59.29 -2.88 -56.69
C GLY A 3749 58.14 -2.33 -57.50
N THR A 3750 57.39 -3.20 -58.16
CA THR A 3750 56.22 -2.80 -58.95
C THR A 3750 55.28 -3.99 -59.10
N PRO A 3751 54.59 -4.42 -58.03
CA PRO A 3751 53.65 -5.55 -58.16
C PRO A 3751 52.42 -5.19 -58.98
N ASP A 3752 51.81 -4.04 -58.67
CA ASP A 3752 50.61 -3.55 -59.36
C ASP A 3752 49.42 -4.49 -59.20
N GLU A 3753 49.48 -5.38 -58.21
CA GLU A 3753 48.31 -6.18 -57.83
C GLU A 3753 47.88 -5.93 -56.39
N THR A 3754 48.80 -5.60 -55.50
CA THR A 3754 48.48 -5.20 -54.15
C THR A 3754 48.64 -3.71 -53.92
N TYR A 3755 49.31 -3.01 -54.83
CA TYR A 3755 49.45 -1.56 -54.77
C TYR A 3755 48.35 -0.83 -55.54
N LYS A 3756 47.39 -1.55 -56.11
CA LYS A 3756 46.27 -0.90 -56.78
C LYS A 3756 45.20 -0.41 -55.81
N PHE A 3757 45.25 -0.84 -54.55
CA PHE A 3757 44.41 -0.25 -53.50
C PHE A 3757 45.26 0.10 -52.27
N PRO A 3758 46.26 0.98 -52.44
CA PRO A 3758 47.14 1.28 -51.31
C PRO A 3758 46.47 2.10 -50.22
N LEU A 3759 45.41 2.84 -50.56
CA LEU A 3759 44.66 3.61 -49.58
C LEU A 3759 43.60 2.70 -48.96
N SER A 3760 44.07 1.77 -48.14
CA SER A 3760 43.20 0.77 -47.54
C SER A 3760 43.53 0.63 -46.06
N LEU A 3761 42.54 0.15 -45.30
CA LEU A 3761 42.69 0.03 -43.85
C LEU A 3761 43.80 -0.94 -43.43
N PRO A 3762 43.88 -2.17 -43.96
CA PRO A 3762 44.82 -3.15 -43.37
C PRO A 3762 46.26 -2.68 -43.32
N TRP A 3763 46.70 -1.86 -44.28
CA TRP A 3763 48.06 -1.35 -44.27
C TRP A 3763 48.43 -0.78 -42.91
N VAL A 3764 47.49 -0.04 -42.29
CA VAL A 3764 47.72 0.52 -40.96
C VAL A 3764 48.26 -0.56 -40.03
N HIS A 3765 47.48 -1.63 -39.82
CA HIS A 3765 47.94 -2.73 -38.98
C HIS A 3765 49.28 -3.25 -39.48
N LEU A 3766 49.39 -3.49 -40.79
CA LEU A 3766 50.64 -3.95 -41.36
C LEU A 3766 51.78 -3.05 -40.93
N ALA A 3767 51.61 -1.73 -41.08
CA ALA A 3767 52.65 -0.80 -40.69
C ALA A 3767 53.10 -1.06 -39.26
N PHE A 3768 52.14 -1.09 -38.33
CA PHE A 3768 52.50 -1.32 -36.93
C PHE A 3768 53.23 -2.63 -36.79
N GLN A 3769 52.70 -3.70 -37.41
CA GLN A 3769 53.26 -5.03 -37.21
C GLN A 3769 54.69 -5.10 -37.73
N HIS A 3770 55.11 -4.13 -38.55
CA HIS A 3770 56.46 -4.16 -39.08
C HIS A 3770 57.37 -3.13 -38.43
N PHE A 3771 56.80 -2.13 -37.77
CA PHE A 3771 57.58 -1.01 -37.24
C PHE A 3771 57.29 -0.74 -35.77
N ARG A 3772 56.55 -1.66 -35.13
CA ARG A 3772 56.08 -1.43 -33.77
C ARG A 3772 57.22 -1.01 -32.85
N THR A 3773 58.30 -1.80 -32.84
CA THR A 3773 59.45 -1.47 -31.99
C THR A 3773 59.92 -0.05 -32.24
N ARG A 3774 60.16 0.29 -33.51
CA ARG A 3774 60.54 1.66 -33.85
C ARG A 3774 59.55 2.65 -33.28
N LEU A 3775 58.25 2.44 -33.58
CA LEU A 3775 57.24 3.32 -33.03
C LEU A 3775 57.31 3.35 -31.52
N GLN A 3776 57.40 2.17 -30.90
CA GLN A 3776 57.50 2.13 -29.45
C GLN A 3776 58.67 2.98 -28.98
N ASN A 3777 59.84 2.81 -29.60
CA ASN A 3777 60.99 3.60 -29.19
C ASN A 3777 60.71 5.07 -29.40
N PHE A 3778 60.11 5.43 -30.55
CA PHE A 3778 59.72 6.81 -30.77
C PHE A 3778 58.79 7.28 -29.67
N SER A 3779 57.80 6.46 -29.32
CA SER A 3779 56.92 6.80 -28.21
C SER A 3779 57.74 7.08 -26.97
N ARG A 3780 58.72 6.24 -26.67
CA ARG A 3780 59.55 6.45 -25.50
C ARG A 3780 60.27 7.79 -25.59
N ILE A 3781 60.85 8.09 -26.75
CA ILE A 3781 61.62 9.33 -26.87
C ILE A 3781 60.67 10.53 -26.87
N LEU A 3782 59.38 10.27 -27.09
CA LEU A 3782 58.39 11.34 -26.94
C LEU A 3782 57.93 11.44 -25.49
N THR A 3783 57.90 10.31 -24.78
CA THR A 3783 57.42 10.33 -23.41
C THR A 3783 58.54 10.72 -22.43
N ILE A 3784 59.78 10.37 -22.76
CA ILE A 3784 60.88 10.62 -21.83
C ILE A 3784 61.21 12.12 -21.76
N HIS A 3785 61.07 12.84 -22.87
CA HIS A 3785 61.38 14.26 -22.91
C HIS A 3785 60.19 15.03 -23.47
N PRO A 3786 59.55 15.90 -22.69
CA PRO A 3786 58.41 16.66 -23.23
C PRO A 3786 58.82 17.89 -24.02
N GLN A 3787 60.01 18.44 -23.78
CA GLN A 3787 60.42 19.67 -24.46
C GLN A 3787 61.00 19.41 -25.85
N VAL A 3788 61.35 18.17 -26.18
CA VAL A 3788 61.93 17.87 -27.49
C VAL A 3788 60.95 18.22 -28.60
N LEU A 3789 59.64 18.19 -28.30
CA LEU A 3789 58.64 18.55 -29.28
C LEU A 3789 58.87 19.95 -29.84
N SER A 3790 59.45 20.84 -29.02
CA SER A 3790 59.79 22.18 -29.49
C SER A 3790 60.63 22.10 -30.76
N SER A 3791 61.70 21.30 -30.72
CA SER A 3791 62.49 21.10 -31.92
C SER A 3791 61.67 20.44 -33.02
N LEU A 3792 60.85 19.45 -32.67
CA LEU A 3792 59.94 18.87 -33.65
C LEU A 3792 59.00 19.92 -34.22
N SER A 3793 58.69 20.95 -33.43
CA SER A 3793 57.84 22.03 -33.89
C SER A 3793 58.42 22.74 -35.11
N GLN A 3794 59.74 22.66 -35.31
CA GLN A 3794 60.37 23.22 -36.49
C GLN A 3794 60.70 22.19 -37.55
N ALA A 3795 60.52 20.90 -37.26
CA ALA A 3795 61.03 19.85 -38.14
C ALA A 3795 60.49 20.00 -39.55
N ALA A 3796 59.18 19.81 -39.73
CA ALA A 3796 58.59 19.92 -41.06
C ALA A 3796 58.77 21.33 -41.62
N GLU A 3797 59.04 22.31 -40.76
CA GLU A 3797 59.24 23.66 -41.23
C GLU A 3797 60.61 23.84 -41.86
N LYS A 3798 61.61 23.09 -41.39
CA LYS A 3798 62.97 23.21 -41.89
C LYS A 3798 63.50 21.92 -42.49
N HIS A 3799 62.66 20.89 -42.65
CA HIS A 3799 63.09 19.64 -43.26
C HIS A 3799 62.17 19.12 -44.35
N SER A 3800 60.87 19.44 -44.32
CA SER A 3800 59.89 18.85 -45.23
C SER A 3800 60.00 17.33 -45.24
N LEU A 3801 60.06 16.76 -44.03
CA LEU A 3801 60.34 15.35 -43.86
C LEU A 3801 59.07 14.52 -44.08
N ALA A 3802 59.22 13.21 -43.90
CA ALA A 3802 58.13 12.24 -44.05
C ALA A 3802 57.52 12.29 -45.45
N GLY A 3803 58.39 12.20 -46.45
CA GLY A 3803 57.93 12.21 -47.83
C GLY A 3803 57.67 10.82 -48.37
N CYS A 3804 58.67 9.94 -48.27
CA CYS A 3804 58.55 8.55 -48.71
C CYS A 3804 58.76 7.57 -47.57
N GLU A 3805 59.82 7.75 -46.79
CA GLU A 3805 60.18 6.87 -45.69
C GLU A 3805 59.90 7.59 -44.37
N MET A 3806 60.26 6.94 -43.27
CA MET A 3806 60.09 7.52 -41.94
C MET A 3806 61.44 7.99 -41.42
N THR A 3807 61.44 9.18 -40.81
CA THR A 3807 62.66 9.74 -40.24
C THR A 3807 62.44 10.44 -38.91
N LEU A 3808 61.23 10.38 -38.34
CA LEU A 3808 60.93 11.20 -37.17
C LEU A 3808 61.70 10.75 -35.94
N ASP A 3809 61.93 9.44 -35.77
CA ASP A 3809 62.77 9.00 -34.67
C ASP A 3809 64.20 9.49 -34.83
N ALA A 3810 64.70 9.50 -36.08
CA ALA A 3810 66.04 10.01 -36.33
C ALA A 3810 66.13 11.50 -35.99
N PHE A 3811 65.11 12.28 -36.38
CA PHE A 3811 65.13 13.70 -36.05
C PHE A 3811 64.99 13.92 -34.55
N ALA A 3812 64.22 13.06 -33.88
CA ALA A 3812 64.10 13.18 -32.43
C ALA A 3812 65.45 12.93 -31.76
N ALA A 3813 66.18 11.92 -32.23
CA ALA A 3813 67.53 11.68 -31.71
C ALA A 3813 68.44 12.86 -31.99
N MET A 3814 68.34 13.44 -33.18
CA MET A 3814 69.14 14.60 -33.55
C MET A 3814 68.84 15.79 -32.63
N ALA A 3815 67.55 16.04 -32.38
CA ALA A 3815 67.15 17.14 -31.52
C ALA A 3815 67.62 16.92 -30.09
N CYS A 3816 67.50 15.69 -29.60
CA CYS A 3816 67.96 15.38 -28.25
C CYS A 3816 69.48 15.60 -28.14
N ALA A 3817 70.23 15.16 -29.15
CA ALA A 3817 71.67 15.37 -29.15
C ALA A 3817 72.01 16.85 -29.18
N GLU A 3818 71.27 17.63 -29.98
CA GLU A 3818 71.51 19.06 -30.04
C GLU A 3818 71.23 19.74 -28.70
N MET A 3819 70.14 19.36 -28.04
CA MET A 3819 69.82 19.96 -26.76
C MET A 3819 70.83 19.55 -25.70
N LEU A 3820 71.35 18.32 -25.79
CA LEU A 3820 72.48 17.92 -24.96
C LEU A 3820 73.68 18.84 -25.19
N LYS A 3821 74.07 19.02 -26.44
CA LYS A 3821 75.30 19.76 -26.73
C LYS A 3821 75.12 21.26 -26.57
N GLY A 3822 73.89 21.73 -26.39
CA GLY A 3822 73.65 23.16 -26.36
C GLY A 3822 74.20 23.84 -25.12
N ASP A 3823 73.83 23.34 -23.94
CA ASP A 3823 74.09 24.06 -22.69
C ASP A 3823 75.10 23.36 -21.80
N LEU A 3824 74.86 22.11 -21.42
CA LEU A 3824 75.76 21.22 -20.68
C LEU A 3824 75.92 21.59 -19.20
N LEU A 3825 75.47 22.78 -18.80
CA LEU A 3825 75.58 23.17 -17.39
C LEU A 3825 74.44 24.02 -16.86
N LYS A 3826 73.39 24.31 -17.64
CA LYS A 3826 72.49 25.39 -17.23
C LYS A 3826 71.53 24.99 -16.13
N PRO A 3827 70.71 23.92 -16.25
CA PRO A 3827 69.78 23.59 -15.15
C PRO A 3827 70.51 23.22 -13.89
N SER A 3828 71.34 22.18 -13.97
CA SER A 3828 72.25 21.73 -12.92
C SER A 3828 73.11 20.60 -13.49
N PRO A 3829 74.39 20.51 -13.10
CA PRO A 3829 75.19 19.37 -13.57
C PRO A 3829 74.59 18.02 -13.20
N LYS A 3830 74.03 17.90 -12.00
CA LYS A 3830 73.41 16.65 -11.58
C LYS A 3830 72.06 16.46 -12.24
N ALA A 3831 71.29 17.54 -12.41
CA ALA A 3831 70.03 17.44 -13.16
C ALA A 3831 70.30 17.09 -14.61
N TRP A 3832 71.33 17.70 -15.21
CA TRP A 3832 71.78 17.26 -16.53
C TRP A 3832 72.15 15.79 -16.56
N LEU A 3833 72.89 15.33 -15.53
CA LEU A 3833 73.34 13.95 -15.52
C LEU A 3833 72.14 13.01 -15.46
N GLN A 3834 71.15 13.35 -14.65
CA GLN A 3834 69.92 12.55 -14.58
C GLN A 3834 69.20 12.56 -15.93
N LEU A 3835 69.13 13.72 -16.58
CA LEU A 3835 68.47 13.80 -17.89
C LEU A 3835 69.17 12.90 -18.90
N VAL A 3836 70.48 13.03 -19.02
CA VAL A 3836 71.22 12.27 -20.04
C VAL A 3836 71.19 10.78 -19.73
N LYS A 3837 71.24 10.42 -18.44
CA LYS A 3837 71.19 9.00 -18.09
C LYS A 3837 69.81 8.41 -18.28
N ASN A 3838 68.76 9.24 -18.19
CA ASN A 3838 67.41 8.75 -18.44
C ASN A 3838 67.21 8.45 -19.93
N LEU A 3839 67.75 9.31 -20.79
CA LEU A 3839 67.66 9.12 -22.23
C LEU A 3839 68.89 8.46 -22.82
N SER A 3840 69.79 7.92 -21.98
CA SER A 3840 70.97 7.25 -22.49
C SER A 3840 70.61 5.97 -23.25
N THR A 3841 69.80 5.12 -22.64
CA THR A 3841 69.51 3.83 -23.26
C THR A 3841 68.58 3.92 -24.47
N PRO A 3842 67.57 4.81 -24.53
CA PRO A 3842 66.84 4.93 -25.80
C PRO A 3842 67.70 5.44 -26.93
N LEU A 3843 68.61 6.38 -26.64
CA LEU A 3843 69.52 6.86 -27.66
C LEU A 3843 70.54 5.81 -28.06
N GLU A 3844 70.85 4.88 -27.16
CA GLU A 3844 71.66 3.73 -27.55
C GLU A 3844 70.88 2.77 -28.45
N LEU A 3845 69.60 2.55 -28.13
CA LEU A 3845 68.78 1.65 -28.93
C LEU A 3845 68.56 2.19 -30.33
N VAL A 3846 68.31 3.49 -30.47
CA VAL A 3846 68.04 4.04 -31.79
C VAL A 3846 69.29 3.98 -32.66
N CYS A 3847 70.47 4.08 -32.05
CA CYS A 3847 71.71 4.07 -32.82
C CYS A 3847 72.26 2.66 -32.95
N SER A 3848 71.44 1.71 -33.38
CA SER A 3848 71.81 0.31 -33.49
C SER A 3848 71.50 -0.20 -34.88
N GLU A 3849 72.41 -1.01 -35.43
CA GLU A 3849 72.17 -1.59 -36.75
C GLU A 3849 71.03 -2.59 -36.72
N GLY A 3850 70.87 -3.30 -35.59
CA GLY A 3850 69.71 -4.17 -35.44
C GLY A 3850 68.41 -3.40 -35.47
N TYR A 3851 68.41 -2.18 -34.93
CA TYR A 3851 67.24 -1.33 -35.00
C TYR A 3851 66.90 -0.95 -36.45
N LEU A 3852 67.90 -0.48 -37.18
CA LEU A 3852 67.69 -0.03 -38.57
C LEU A 3852 68.11 -1.17 -39.49
N CYS A 3853 67.17 -2.10 -39.73
CA CYS A 3853 67.46 -3.23 -40.62
C CYS A 3853 67.75 -2.74 -42.04
N ASP A 3854 66.89 -1.87 -42.57
CA ASP A 3854 67.13 -1.29 -43.89
C ASP A 3854 66.33 0.00 -43.99
N SER A 3855 66.91 0.98 -44.68
CA SER A 3855 66.29 2.29 -44.92
C SER A 3855 67.10 2.99 -46.00
N GLY A 3856 66.79 4.27 -46.22
CA GLY A 3856 67.54 5.03 -47.20
C GLY A 3856 68.95 5.31 -46.72
N SER A 3857 69.84 5.62 -47.68
CA SER A 3857 71.21 5.94 -47.34
C SER A 3857 71.31 7.23 -46.53
N MET A 3858 70.42 8.19 -46.79
CA MET A 3858 70.40 9.41 -45.99
C MET A 3858 70.08 9.10 -44.54
N THR A 3859 69.13 8.19 -44.30
CA THR A 3859 68.82 7.80 -42.93
C THR A 3859 70.01 7.09 -42.28
N ARG A 3860 70.73 6.27 -43.05
CA ARG A 3860 71.91 5.61 -42.51
C ARG A 3860 72.99 6.62 -42.13
N SER A 3861 73.19 7.64 -42.97
CA SER A 3861 74.14 8.69 -42.63
C SER A 3861 73.69 9.44 -41.38
N VAL A 3862 72.38 9.67 -41.25
CA VAL A 3862 71.85 10.34 -40.07
C VAL A 3862 72.12 9.51 -38.82
N ILE A 3863 71.90 8.20 -38.90
CA ILE A 3863 72.13 7.36 -37.73
C ILE A 3863 73.61 7.30 -37.39
N GLN A 3864 74.48 7.32 -38.40
CA GLN A 3864 75.92 7.35 -38.11
C GLN A 3864 76.33 8.65 -37.42
N GLU A 3865 75.84 9.80 -37.91
CA GLU A 3865 76.24 11.05 -37.29
C GLU A 3865 75.64 11.20 -35.89
N VAL A 3866 74.42 10.70 -35.67
CA VAL A 3866 73.87 10.74 -34.33
C VAL A 3866 74.59 9.73 -33.43
N ARG A 3867 75.13 8.66 -34.02
CA ARG A 3867 76.01 7.77 -33.27
C ARG A 3867 77.24 8.52 -32.77
N ALA A 3868 77.85 9.32 -33.66
CA ALA A 3868 79.01 10.10 -33.27
C ALA A 3868 78.67 11.09 -32.16
N LEU A 3869 77.56 11.82 -32.33
CA LEU A 3869 77.18 12.83 -31.33
C LEU A 3869 76.78 12.17 -30.01
N TRP A 3870 76.10 11.01 -30.09
CA TRP A 3870 75.74 10.26 -28.89
C TRP A 3870 76.97 9.79 -28.14
N ASN A 3871 77.96 9.27 -28.86
CA ASN A 3871 79.20 8.85 -28.21
C ASN A 3871 79.88 10.05 -27.54
N ARG A 3872 79.88 11.20 -28.23
CA ARG A 3872 80.48 12.40 -27.65
C ARG A 3872 79.79 12.80 -26.35
N ILE A 3873 78.45 12.86 -26.36
CA ILE A 3873 77.73 13.32 -25.18
C ILE A 3873 77.82 12.29 -24.07
N PHE A 3874 77.89 11.00 -24.43
CA PHE A 3874 78.07 9.96 -23.42
C PHE A 3874 79.44 10.06 -22.77
N SER A 3875 80.48 10.37 -23.56
CA SER A 3875 81.80 10.60 -22.99
C SER A 3875 81.78 11.82 -22.06
N ILE A 3876 81.08 12.87 -22.46
CA ILE A 3876 80.98 14.05 -21.59
C ILE A 3876 80.26 13.70 -20.29
N ALA A 3877 79.19 12.90 -20.38
CA ALA A 3877 78.46 12.50 -19.18
C ALA A 3877 79.33 11.66 -18.26
N LEU A 3878 80.08 10.71 -18.81
CA LEU A 3878 81.00 9.92 -18.00
C LEU A 3878 82.05 10.81 -17.36
N PHE A 3879 82.60 11.75 -18.13
CA PHE A 3879 83.61 12.65 -17.58
C PHE A 3879 83.07 13.45 -16.41
N VAL A 3880 81.90 14.08 -16.59
CA VAL A 3880 81.35 14.92 -15.52
C VAL A 3880 81.02 14.07 -14.30
N GLU A 3881 80.38 12.91 -14.51
CA GLU A 3881 80.04 12.04 -13.39
C GLU A 3881 81.29 11.52 -12.69
N HIS A 3882 82.44 11.53 -13.37
CA HIS A 3882 83.63 11.02 -12.71
C HIS A 3882 84.40 12.11 -11.97
N VAL A 3883 84.44 13.33 -12.48
CA VAL A 3883 85.27 14.37 -11.86
C VAL A 3883 84.44 15.36 -11.04
N LEU A 3884 83.34 15.89 -11.60
CA LEU A 3884 82.62 16.94 -10.91
C LEU A 3884 81.95 16.42 -9.64
N LEU A 3885 81.40 15.20 -9.69
CA LEU A 3885 80.82 14.61 -8.48
C LEU A 3885 81.88 14.43 -7.40
N GLY A 3886 83.05 13.91 -7.77
CA GLY A 3886 84.11 13.72 -6.79
C GLY A 3886 84.64 15.01 -6.21
N THR A 3887 84.75 16.05 -7.06
CA THR A 3887 85.28 17.33 -6.60
C THR A 3887 84.22 18.20 -5.93
N GLU A 3888 82.94 17.82 -6.02
CA GLU A 3888 81.89 18.54 -5.31
C GLU A 3888 81.43 17.83 -4.05
N SER A 3889 81.71 16.54 -3.91
CA SER A 3889 81.34 15.81 -2.71
C SER A 3889 82.51 15.56 -1.77
N HIS A 3890 83.74 15.53 -2.30
CA HIS A 3890 84.91 15.23 -1.49
C HIS A 3890 85.84 16.43 -1.34
N ILE A 3891 86.30 17.01 -2.44
CA ILE A 3891 87.32 18.07 -2.39
C ILE A 3891 86.90 19.26 -3.24
N PRO A 3892 86.17 20.23 -2.67
CA PRO A 3892 85.76 21.40 -3.46
C PRO A 3892 86.90 22.37 -3.71
N GLU A 3893 87.95 21.90 -4.40
CA GLU A 3893 89.08 22.76 -4.73
C GLU A 3893 89.57 22.55 -6.16
N LEU A 3894 88.78 21.89 -7.02
CA LEU A 3894 89.21 21.64 -8.39
C LEU A 3894 88.12 21.91 -9.41
N SER A 3895 86.94 22.38 -8.99
CA SER A 3895 85.82 22.57 -9.93
C SER A 3895 86.15 23.52 -11.08
N PRO A 3896 86.74 24.70 -10.86
CA PRO A 3896 87.01 25.58 -12.02
C PRO A 3896 87.96 24.98 -13.04
N LEU A 3897 89.06 24.37 -12.57
CA LEU A 3897 90.02 23.78 -13.50
C LEU A 3897 89.39 22.63 -14.29
N VAL A 3898 88.58 21.81 -13.64
CA VAL A 3898 88.01 20.67 -14.34
C VAL A 3898 86.88 21.09 -15.25
N THR A 3899 86.19 22.19 -14.94
CA THR A 3899 85.22 22.73 -15.90
C THR A 3899 85.94 23.30 -17.12
N THR A 3900 87.08 23.96 -16.90
CA THR A 3900 87.90 24.41 -18.02
C THR A 3900 88.36 23.24 -18.86
N TYR A 3901 88.72 22.12 -18.21
CA TYR A 3901 89.13 20.93 -18.95
C TYR A 3901 87.94 20.28 -19.66
N VAL A 3902 86.73 20.40 -19.10
CA VAL A 3902 85.54 19.93 -19.80
C VAL A 3902 85.37 20.71 -21.10
N SER A 3903 85.49 22.03 -21.03
CA SER A 3903 85.41 22.84 -22.25
C SER A 3903 86.54 22.50 -23.21
N LEU A 3904 87.74 22.27 -22.68
CA LEU A 3904 88.89 21.93 -23.52
C LEU A 3904 88.66 20.61 -24.26
N LEU A 3905 88.16 19.60 -23.57
CA LEU A 3905 87.92 18.32 -24.21
C LEU A 3905 86.74 18.40 -25.18
N ASP A 3906 85.76 19.26 -24.88
CA ASP A 3906 84.67 19.48 -25.83
C ASP A 3906 85.18 20.08 -27.12
N LYS A 3907 86.00 21.14 -27.02
CA LYS A 3907 86.48 21.83 -28.22
C LYS A 3907 87.42 20.94 -29.04
N CYS A 3908 88.04 19.94 -28.42
CA CYS A 3908 88.90 19.02 -29.15
C CYS A 3908 88.22 17.71 -29.49
N LEU A 3909 86.90 17.63 -29.32
CA LEU A 3909 86.15 16.41 -29.61
C LEU A 3909 85.23 16.53 -30.83
N GLU A 3910 84.92 17.74 -31.28
CA GLU A 3910 84.04 17.90 -32.43
C GLU A 3910 84.69 17.35 -33.70
N GLU A 3911 85.97 17.65 -33.91
CA GLU A 3911 86.62 17.31 -35.17
C GLU A 3911 86.92 15.82 -35.29
N ASP A 3912 87.08 15.10 -34.17
CA ASP A 3912 87.34 13.66 -34.18
C ASP A 3912 86.36 12.99 -33.22
N SER A 3913 85.16 12.69 -33.71
CA SER A 3913 84.18 11.93 -32.93
C SER A 3913 84.22 10.45 -33.26
N ASN A 3914 85.43 9.87 -33.20
CA ASN A 3914 85.61 8.43 -33.41
C ASN A 3914 86.79 8.01 -32.53
N LEU A 3915 86.47 7.54 -31.32
CA LEU A 3915 87.50 7.20 -30.36
C LEU A 3915 88.27 5.94 -30.72
N LYS A 3916 87.84 5.20 -31.73
CA LYS A 3916 88.50 3.94 -32.09
C LYS A 3916 89.87 4.15 -32.73
N THR A 3917 90.17 5.34 -33.24
CA THR A 3917 91.47 5.60 -33.84
C THR A 3917 92.40 6.23 -32.81
N CYS A 3918 93.65 6.48 -33.22
CA CYS A 3918 94.69 6.89 -32.30
C CYS A 3918 94.62 8.34 -31.86
N ARG A 3919 94.21 9.25 -32.76
CA ARG A 3919 94.28 10.68 -32.43
C ARG A 3919 93.41 11.08 -31.24
N PRO A 3920 92.14 10.67 -31.12
CA PRO A 3920 91.37 11.11 -29.96
C PRO A 3920 91.79 10.42 -28.67
N PHE A 3921 92.22 9.16 -28.76
CA PHE A 3921 92.75 8.47 -27.58
C PHE A 3921 94.00 9.18 -27.06
N VAL A 3922 94.91 9.56 -27.96
CA VAL A 3922 96.09 10.30 -27.56
C VAL A 3922 95.70 11.66 -26.98
N ALA A 3923 94.74 12.34 -27.61
CA ALA A 3923 94.34 13.66 -27.13
C ALA A 3923 93.76 13.58 -25.73
N VAL A 3924 92.89 12.60 -25.47
CA VAL A 3924 92.26 12.49 -24.16
C VAL A 3924 93.28 12.00 -23.12
N MET A 3925 94.23 11.17 -23.55
CA MET A 3925 95.30 10.76 -22.63
C MET A 3925 96.13 11.96 -22.20
N THR A 3926 96.51 12.82 -23.16
CA THR A 3926 97.24 14.03 -22.82
C THR A 3926 96.40 14.96 -21.96
N THR A 3927 95.10 15.03 -22.23
CA THR A 3927 94.21 15.86 -21.44
C THR A 3927 94.16 15.40 -19.99
N LEU A 3928 94.04 14.08 -19.78
CA LEU A 3928 94.04 13.56 -18.42
C LEU A 3928 95.40 13.79 -17.75
N CYS A 3929 96.49 13.60 -18.50
CA CYS A 3929 97.82 13.76 -17.93
C CYS A 3929 98.06 15.19 -17.47
N ASP A 3930 97.84 16.17 -18.36
CA ASP A 3930 98.11 17.55 -17.98
C ASP A 3930 97.04 18.09 -17.03
N CYS A 3931 95.84 17.49 -17.03
CA CYS A 3931 94.87 17.82 -15.99
C CYS A 3931 95.37 17.39 -14.62
N LYS A 3932 95.95 16.19 -14.53
CA LYS A 3932 96.54 15.75 -13.27
C LYS A 3932 97.68 16.66 -12.87
N ASP A 3933 98.53 17.03 -13.83
CA ASP A 3933 99.65 17.90 -13.54
C ASP A 3933 99.19 19.26 -13.01
N LYS A 3934 98.21 19.88 -13.68
CA LYS A 3934 97.73 21.17 -13.23
C LYS A 3934 96.99 21.07 -11.90
N ALA A 3935 96.27 19.97 -11.67
CA ALA A 3935 95.60 19.78 -10.40
C ALA A 3935 96.61 19.69 -9.25
N SER A 3936 97.68 18.91 -9.46
CA SER A 3936 98.71 18.82 -8.42
C SER A 3936 99.42 20.16 -8.23
N LYS A 3937 99.65 20.89 -9.33
CA LYS A 3937 100.28 22.20 -9.24
C LYS A 3937 99.44 23.16 -8.41
N LYS A 3938 98.12 23.16 -8.62
CA LYS A 3938 97.25 24.02 -7.82
C LYS A 3938 97.08 23.49 -6.41
N PHE A 3939 97.25 22.18 -6.20
CA PHE A 3939 97.07 21.60 -4.88
C PHE A 3939 98.24 21.90 -3.96
N SER A 3940 99.44 21.45 -4.32
CA SER A 3940 100.52 21.30 -3.35
C SER A 3940 101.80 21.94 -3.85
N ARG A 3941 101.71 23.20 -4.30
CA ARG A 3941 102.87 24.02 -4.65
C ARG A 3941 103.69 23.34 -5.75
N PHE A 3942 103.08 23.28 -6.93
CA PHE A 3942 103.76 22.93 -8.18
C PHE A 3942 104.27 21.50 -8.16
N GLY A 3943 103.32 20.56 -8.05
CA GLY A 3943 103.58 19.18 -8.37
C GLY A 3943 104.48 18.40 -7.43
N ILE A 3944 103.98 18.08 -6.24
CA ILE A 3944 104.71 17.18 -5.34
C ILE A 3944 104.93 15.84 -6.03
N GLN A 3945 106.17 15.35 -5.99
CA GLN A 3945 106.60 14.16 -6.68
C GLN A 3945 106.70 12.99 -5.71
N PRO A 3946 106.57 11.75 -6.20
CA PRO A 3946 106.77 10.58 -5.33
C PRO A 3946 108.23 10.44 -4.93
N CYS A 3947 108.45 9.55 -3.97
CA CYS A 3947 109.81 9.26 -3.50
C CYS A 3947 110.66 8.72 -4.64
N PHE A 3948 111.87 9.26 -4.78
CA PHE A 3948 112.72 8.89 -5.90
C PHE A 3948 113.23 7.45 -5.79
N ILE A 3949 113.32 6.92 -4.57
CA ILE A 3949 113.91 5.60 -4.37
C ILE A 3949 112.91 4.50 -4.72
N CYS A 3950 111.75 4.52 -4.06
CA CYS A 3950 110.74 3.50 -4.28
C CYS A 3950 109.75 3.84 -5.39
N HIS A 3951 109.85 5.05 -5.96
CA HIS A 3951 109.04 5.47 -7.10
C HIS A 3951 107.55 5.53 -6.76
N GLY A 3952 107.21 5.52 -5.48
CA GLY A 3952 105.84 5.55 -5.04
C GLY A 3952 105.57 6.70 -4.08
N ASP A 3953 104.29 6.81 -3.69
CA ASP A 3953 103.89 7.90 -2.79
C ASP A 3953 104.53 7.74 -1.43
N ALA A 3954 104.89 8.88 -0.84
CA ALA A 3954 105.69 8.92 0.38
C ALA A 3954 104.78 9.01 1.61
N GLN A 3955 104.99 8.12 2.59
CA GLN A 3955 104.19 8.10 3.80
C GLN A 3955 104.91 8.82 4.94
N ASP A 3956 104.18 9.62 5.76
CA ASP A 3956 104.82 10.51 6.74
C ASP A 3956 105.82 11.42 6.01
N PRO A 3957 105.35 12.36 5.18
CA PRO A 3957 106.28 13.11 4.31
C PRO A 3957 107.26 13.99 5.09
N VAL A 3958 108.50 14.04 4.59
CA VAL A 3958 109.55 14.91 5.11
C VAL A 3958 109.96 15.90 4.01
N CYS A 3959 109.91 17.19 4.32
CA CYS A 3959 110.14 18.23 3.33
C CYS A 3959 111.62 18.60 3.33
N LEU A 3960 112.30 18.34 2.21
CA LEU A 3960 113.68 18.74 2.07
C LEU A 3960 113.77 20.25 1.83
N PRO A 3961 114.92 20.87 2.12
CA PRO A 3961 115.05 22.30 1.82
C PRO A 3961 114.86 22.62 0.35
N CYS A 3962 115.19 21.69 -0.54
CA CYS A 3962 114.97 21.83 -1.98
C CYS A 3962 113.55 21.42 -2.39
N ASP A 3963 112.63 21.32 -1.42
CA ASP A 3963 111.23 20.99 -1.68
C ASP A 3963 111.10 19.63 -2.37
N HIS A 3964 111.62 18.60 -1.70
CA HIS A 3964 111.56 17.23 -2.18
C HIS A 3964 110.85 16.36 -1.15
N VAL A 3965 109.93 15.53 -1.60
CA VAL A 3965 109.14 14.67 -0.74
C VAL A 3965 109.64 13.24 -0.90
N TYR A 3966 110.20 12.69 0.17
CA TYR A 3966 110.72 11.33 0.18
C TYR A 3966 110.08 10.57 1.34
N CYS A 3967 110.05 9.23 1.20
CA CYS A 3967 109.50 8.40 2.25
C CYS A 3967 110.32 8.53 3.52
N LEU A 3968 109.63 8.47 4.67
CA LEU A 3968 110.34 8.48 5.94
C LEU A 3968 111.23 7.25 6.07
N ARG A 3969 110.73 6.07 5.68
CA ARG A 3969 111.54 4.87 5.69
C ARG A 3969 112.70 4.98 4.70
N CYS A 3970 112.41 5.45 3.48
CA CYS A 3970 113.46 5.57 2.47
C CYS A 3970 114.52 6.58 2.88
N ILE A 3971 114.10 7.73 3.43
CA ILE A 3971 115.06 8.74 3.83
C ILE A 3971 115.83 8.28 5.07
N GLN A 3972 115.21 7.49 5.94
CA GLN A 3972 115.92 7.04 7.13
C GLN A 3972 116.90 5.91 6.82
N THR A 3973 116.62 5.10 5.80
CA THR A 3973 117.55 4.04 5.41
C THR A 3973 118.53 4.45 4.33
N TRP A 3974 118.36 5.63 3.73
CA TRP A 3974 119.23 6.09 2.65
C TRP A 3974 120.10 7.27 3.03
N LEU A 3975 119.64 8.15 3.92
CA LEU A 3975 120.38 9.35 4.28
C LEU A 3975 121.32 9.16 5.47
N ILE A 3976 121.30 7.99 6.10
CA ILE A 3976 122.17 7.74 7.25
C ILE A 3976 123.63 7.57 6.86
N PRO A 3977 123.99 6.93 5.71
CA PRO A 3977 125.41 6.87 5.36
C PRO A 3977 125.90 8.17 4.74
N GLY A 3978 127.15 8.18 4.28
CA GLY A 3978 127.76 9.39 3.76
C GLY A 3978 127.27 9.81 2.39
N GLN A 3979 125.95 9.86 2.21
CA GLN A 3979 125.32 10.37 1.00
C GLN A 3979 124.28 11.43 1.35
N MET A 3980 124.70 12.41 2.14
CA MET A 3980 123.82 13.46 2.63
C MET A 3980 123.54 14.44 1.51
N MET A 3981 122.72 14.03 0.54
CA MET A 3981 122.47 14.86 -0.64
C MET A 3981 121.20 14.35 -1.32
N CYS A 3982 120.41 15.29 -1.84
CA CYS A 3982 119.17 14.95 -2.52
C CYS A 3982 119.47 14.24 -3.83
N PRO A 3983 119.02 13.00 -4.01
CA PRO A 3983 119.40 12.25 -5.22
C PRO A 3983 118.88 12.85 -6.51
N TYR A 3984 117.83 13.68 -6.45
CA TYR A 3984 117.23 14.19 -7.68
C TYR A 3984 117.98 15.41 -8.20
N CYS A 3985 118.10 16.45 -7.38
CA CYS A 3985 118.71 17.72 -7.80
C CYS A 3985 120.12 17.89 -7.28
N LEU A 3986 120.67 16.90 -6.58
CA LEU A 3986 122.03 16.95 -6.05
C LEU A 3986 122.24 18.16 -5.13
N THR A 3987 121.51 18.18 -4.02
CA THR A 3987 121.58 19.24 -3.04
C THR A 3987 121.85 18.66 -1.66
N ASP A 3988 122.83 19.21 -0.95
CA ASP A 3988 123.17 18.74 0.39
C ASP A 3988 122.14 19.21 1.39
N LEU A 3989 121.69 18.29 2.24
CA LEU A 3989 120.75 18.62 3.31
C LEU A 3989 121.54 19.07 4.55
N PRO A 3990 121.29 20.26 5.09
CA PRO A 3990 122.17 20.81 6.13
C PRO A 3990 122.19 20.03 7.43
N ASP A 3991 121.05 19.86 8.10
CA ASP A 3991 121.03 19.32 9.46
C ASP A 3991 120.60 17.87 9.53
N LYS A 3992 119.37 17.57 9.11
CA LYS A 3992 118.77 16.25 9.32
C LYS A 3992 117.38 16.26 8.70
N PHE A 3993 116.83 15.05 8.53
CA PHE A 3993 115.45 14.91 8.08
C PHE A 3993 114.49 15.08 9.25
N SER A 3994 114.66 16.17 9.99
CA SER A 3994 113.83 16.50 11.15
C SER A 3994 112.53 17.20 10.76
N PRO A 3995 112.56 18.24 9.90
CA PRO A 3995 111.30 18.95 9.60
C PRO A 3995 110.30 18.10 8.82
N THR A 3996 109.20 17.75 9.47
CA THR A 3996 108.10 17.04 8.85
C THR A 3996 106.83 17.84 9.04
N VAL A 3997 105.93 17.76 8.05
CA VAL A 3997 104.69 18.54 8.04
C VAL A 3997 103.53 17.57 8.22
N SER A 3998 102.66 17.86 9.19
CA SER A 3998 101.50 17.05 9.48
C SER A 3998 100.19 17.75 9.17
N GLN A 3999 100.22 18.83 8.37
CA GLN A 3999 99.02 19.59 8.09
C GLN A 3999 98.82 19.81 6.59
N ASP A 4000 99.91 19.75 5.81
CA ASP A 4000 99.86 20.10 4.40
C ASP A 4000 100.13 18.91 3.48
N HIS A 4001 101.28 18.24 3.65
CA HIS A 4001 101.70 17.24 2.68
C HIS A 4001 100.76 16.03 2.64
N ARG A 4002 100.30 15.56 3.80
CA ARG A 4002 99.47 14.36 3.83
C ARG A 4002 98.13 14.60 3.15
N LYS A 4003 97.51 15.75 3.39
CA LYS A 4003 96.22 16.06 2.76
C LYS A 4003 96.37 16.16 1.25
N ALA A 4004 97.44 16.81 0.79
CA ALA A 4004 97.69 16.91 -0.64
C ALA A 4004 97.94 15.53 -1.24
N ILE A 4005 98.65 14.66 -0.52
CA ILE A 4005 98.91 13.32 -1.01
C ILE A 4005 97.61 12.53 -1.12
N GLU A 4006 96.74 12.64 -0.13
CA GLU A 4006 95.47 11.91 -0.21
C GLU A 4006 94.58 12.45 -1.33
N LYS A 4007 94.58 13.77 -1.53
CA LYS A 4007 93.83 14.34 -2.65
C LYS A 4007 94.38 13.85 -3.98
N HIS A 4008 95.70 13.81 -4.12
CA HIS A 4008 96.32 13.33 -5.34
C HIS A 4008 95.98 11.87 -5.58
N ALA A 4009 95.99 11.06 -4.51
CA ALA A 4009 95.65 9.65 -4.64
C ALA A 4009 94.19 9.47 -5.09
N GLN A 4010 93.27 10.23 -4.49
CA GLN A 4010 91.88 10.16 -4.89
C GLN A 4010 91.71 10.54 -6.36
N PHE A 4011 92.33 11.66 -6.75
CA PHE A 4011 92.19 12.15 -8.12
C PHE A 4011 92.77 11.15 -9.12
N ARG A 4012 93.94 10.57 -8.80
CA ARG A 4012 94.53 9.58 -9.69
C ARG A 4012 93.68 8.31 -9.76
N HIS A 4013 93.06 7.93 -8.64
CA HIS A 4013 92.20 6.75 -8.66
C HIS A 4013 91.02 6.95 -9.58
N MET A 4014 90.34 8.10 -9.46
CA MET A 4014 89.21 8.37 -10.35
C MET A 4014 89.65 8.46 -11.81
N CYS A 4015 90.79 9.13 -12.06
CA CYS A 4015 91.27 9.28 -13.43
C CYS A 4015 91.56 7.93 -14.06
N ASN A 4016 92.32 7.08 -13.36
CA ASN A 4016 92.65 5.76 -13.89
C ASN A 4016 91.40 4.90 -14.06
N SER A 4017 90.49 4.95 -13.09
CA SER A 4017 89.28 4.11 -13.16
C SER A 4017 88.44 4.46 -14.37
N PHE A 4018 88.15 5.75 -14.58
CA PHE A 4018 87.35 6.06 -15.76
C PHE A 4018 88.16 6.07 -17.04
N PHE A 4019 89.49 6.11 -16.97
CA PHE A 4019 90.28 5.89 -18.18
C PHE A 4019 90.14 4.45 -18.66
N VAL A 4020 90.26 3.48 -17.76
CA VAL A 4020 90.05 2.10 -18.18
C VAL A 4020 88.58 1.88 -18.56
N ASP A 4021 87.67 2.61 -17.90
CA ASP A 4021 86.27 2.54 -18.30
C ASP A 4021 86.08 3.00 -19.74
N LEU A 4022 86.68 4.13 -20.11
CA LEU A 4022 86.57 4.63 -21.47
C LEU A 4022 87.22 3.68 -22.48
N VAL A 4023 88.40 3.16 -22.15
CA VAL A 4023 89.08 2.26 -23.09
C VAL A 4023 88.29 0.96 -23.24
N SER A 4024 87.53 0.57 -22.21
CA SER A 4024 86.67 -0.60 -22.34
C SER A 4024 85.40 -0.27 -23.12
N THR A 4025 84.96 0.99 -23.07
CA THR A 4025 83.71 1.38 -23.72
C THR A 4025 83.94 2.07 -25.06
N MET A 4026 84.70 3.17 -25.06
CA MET A 4026 84.87 3.95 -26.29
C MET A 4026 85.61 3.15 -27.36
N CYS A 4027 86.63 2.39 -26.95
CA CYS A 4027 87.35 1.58 -27.91
C CYS A 4027 86.63 0.28 -28.27
N PHE A 4028 85.57 -0.07 -27.54
CA PHE A 4028 84.83 -1.32 -27.75
C PHE A 4028 83.33 -1.07 -27.75
N LYS A 4029 82.89 -0.06 -28.51
CA LYS A 4029 81.46 0.18 -28.65
C LYS A 4029 80.78 -0.94 -29.42
N ASP A 4030 81.37 -1.36 -30.53
CA ASP A 4030 80.73 -2.28 -31.47
C ASP A 4030 81.67 -3.44 -31.80
N ASN A 4031 81.26 -4.25 -32.78
CA ASN A 4031 82.03 -5.41 -33.23
C ASN A 4031 83.22 -5.04 -34.10
N THR A 4032 83.35 -3.79 -34.50
CA THR A 4032 84.47 -3.38 -35.33
C THR A 4032 85.75 -3.33 -34.50
N PRO A 4033 86.81 -4.03 -34.88
CA PRO A 4033 88.06 -3.92 -34.14
C PRO A 4033 88.66 -2.54 -34.31
N PRO A 4034 89.34 -2.02 -33.28
CA PRO A 4034 89.96 -0.69 -33.41
C PRO A 4034 91.19 -0.72 -34.30
N GLU A 4035 91.85 0.43 -34.45
CA GLU A 4035 93.05 0.50 -35.26
C GLU A 4035 94.23 -0.15 -34.50
N LYS A 4036 95.29 -0.43 -35.25
CA LYS A 4036 96.49 -1.00 -34.65
C LYS A 4036 97.19 0.01 -33.75
N SER A 4037 97.16 1.29 -34.13
CA SER A 4037 97.89 2.31 -33.40
C SER A 4037 97.37 2.48 -31.98
N VAL A 4038 96.04 2.50 -31.81
CA VAL A 4038 95.48 2.69 -30.47
C VAL A 4038 95.77 1.47 -29.61
N ILE A 4039 95.72 0.27 -30.19
CA ILE A 4039 96.08 -0.94 -29.47
C ILE A 4039 97.52 -0.87 -29.01
N ASP A 4040 98.42 -0.43 -29.89
CA ASP A 4040 99.83 -0.32 -29.53
C ASP A 4040 100.02 0.70 -28.42
N THR A 4041 99.32 1.84 -28.48
CA THR A 4041 99.47 2.84 -27.44
C THR A 4041 98.98 2.32 -26.10
N LEU A 4042 97.82 1.65 -26.08
CA LEU A 4042 97.29 1.16 -24.81
C LEU A 4042 98.15 0.04 -24.25
N LEU A 4043 98.80 -0.74 -25.13
CA LEU A 4043 99.68 -1.79 -24.63
C LEU A 4043 101.01 -1.22 -24.13
N SER A 4044 101.52 -0.18 -24.78
CA SER A 4044 102.78 0.43 -24.35
C SER A 4044 102.59 1.33 -23.12
N LEU A 4045 101.36 1.75 -22.84
CA LEU A 4045 101.10 2.55 -21.65
C LEU A 4045 101.48 1.82 -20.36
N LEU A 4046 101.51 0.49 -20.38
CA LEU A 4046 101.70 -0.30 -19.16
C LEU A 4046 103.14 -0.24 -18.65
N PHE A 4047 104.09 0.24 -19.44
CA PHE A 4047 105.50 0.11 -19.12
C PHE A 4047 106.09 1.43 -18.64
N VAL A 4048 107.12 1.31 -17.82
CA VAL A 4048 107.76 2.42 -17.10
C VAL A 4048 109.23 2.47 -17.51
N GLN A 4049 109.50 2.22 -18.80
CA GLN A 4049 110.82 1.87 -19.32
C GLN A 4049 111.95 2.79 -18.87
N LYS A 4050 113.18 2.30 -19.06
CA LYS A 4050 114.38 2.75 -18.34
C LYS A 4050 114.42 4.24 -18.06
N GLU A 4051 114.65 4.57 -16.79
CA GLU A 4051 114.88 5.93 -16.32
C GLU A 4051 116.09 5.93 -15.40
N LEU A 4052 116.57 7.12 -15.06
CA LEU A 4052 117.73 7.24 -14.20
C LEU A 4052 117.42 6.73 -12.80
N LEU A 4053 118.35 5.97 -12.24
CA LEU A 4053 118.19 5.41 -10.90
C LEU A 4053 119.36 5.81 -10.00
N HIS A 4060 114.36 -0.39 -9.54
CA HIS A 4060 114.04 -1.44 -10.49
C HIS A 4060 113.48 -0.83 -11.77
N ARG A 4061 113.64 -1.54 -12.88
CA ARG A 4061 113.17 -1.07 -14.19
C ARG A 4061 112.11 -2.01 -14.75
N GLU A 4062 111.28 -1.46 -15.64
CA GLU A 4062 110.29 -2.22 -16.39
C GLU A 4062 109.27 -2.90 -15.47
N HIS A 4063 108.53 -2.08 -14.73
CA HIS A 4063 107.38 -2.54 -13.98
C HIS A 4063 106.18 -2.69 -14.92
N THR A 4064 105.00 -2.89 -14.34
CA THR A 4064 103.77 -2.94 -15.12
C THR A 4064 102.67 -2.26 -14.33
N LYS A 4065 102.09 -1.21 -14.93
CA LYS A 4065 101.08 -0.39 -14.27
C LYS A 4065 99.68 -0.90 -14.61
N SER A 4066 98.71 -0.55 -13.77
CA SER A 4066 97.33 -0.96 -13.95
C SER A 4066 96.59 0.10 -14.78
N LEU A 4067 96.97 0.17 -16.06
CA LEU A 4067 96.31 1.03 -17.04
C LEU A 4067 96.30 2.50 -16.62
N SER A 4068 97.35 2.94 -15.95
CA SER A 4068 97.45 4.34 -15.53
C SER A 4068 98.20 5.15 -16.57
N PRO A 4069 97.60 6.18 -17.16
CA PRO A 4069 98.32 6.99 -18.16
C PRO A 4069 99.36 7.91 -17.55
N PHE A 4070 99.62 7.81 -16.25
CA PHE A 4070 100.51 8.71 -15.55
C PHE A 4070 101.79 7.97 -15.15
N ASP A 4071 102.78 8.72 -14.69
CA ASP A 4071 104.06 8.15 -14.31
C ASP A 4071 104.32 8.18 -12.81
N ASP A 4072 103.59 9.00 -12.06
CA ASP A 4072 103.79 9.07 -10.61
C ASP A 4072 103.07 7.94 -9.90
N VAL A 4073 103.30 6.71 -10.34
CA VAL A 4073 102.69 5.51 -9.79
C VAL A 4073 103.52 4.31 -10.20
N VAL A 4074 103.69 3.36 -9.29
CA VAL A 4074 104.51 2.18 -9.57
C VAL A 4074 104.06 1.03 -8.68
N ASP A 4075 104.28 -0.18 -9.17
CA ASP A 4075 104.18 -1.39 -8.37
C ASP A 4075 105.54 -2.07 -8.40
N GLN A 4076 106.18 -2.20 -7.24
CA GLN A 4076 107.53 -2.74 -7.21
C GLN A 4076 107.49 -4.26 -7.24
N THR A 4077 106.69 -4.81 -8.15
CA THR A 4077 106.53 -6.22 -8.49
C THR A 4077 105.97 -6.29 -9.90
N PRO A 4078 106.65 -6.94 -10.83
CA PRO A 4078 106.06 -7.11 -12.17
C PRO A 4078 104.84 -8.01 -12.14
N VAL A 4079 103.66 -7.42 -12.34
CA VAL A 4079 102.39 -8.13 -12.29
C VAL A 4079 101.68 -7.92 -13.62
N ILE A 4080 101.11 -8.99 -14.16
CA ILE A 4080 100.46 -8.98 -15.45
C ILE A 4080 98.96 -9.18 -15.24
N ARG A 4081 98.18 -8.16 -15.59
CA ARG A 4081 96.73 -8.22 -15.49
C ARG A 4081 96.16 -8.91 -16.73
N SER A 4082 94.87 -9.20 -16.69
CA SER A 4082 94.18 -9.85 -17.78
C SER A 4082 93.04 -9.01 -18.36
N VAL A 4083 92.86 -7.78 -17.87
CA VAL A 4083 91.77 -6.94 -18.35
C VAL A 4083 92.02 -6.52 -19.80
N LEU A 4084 93.26 -6.12 -20.12
CA LEU A 4084 93.59 -5.80 -21.50
C LEU A 4084 93.51 -7.03 -22.39
N LEU A 4085 94.02 -8.16 -21.90
CA LEU A 4085 93.93 -9.40 -22.64
C LEU A 4085 92.48 -9.79 -22.89
N LYS A 4086 91.63 -9.72 -21.85
CA LYS A 4086 90.23 -10.05 -22.02
C LYS A 4086 89.54 -9.13 -23.01
N LEU A 4087 89.80 -7.83 -22.90
CA LEU A 4087 89.19 -6.85 -23.80
C LEU A 4087 89.59 -7.10 -25.24
N LEU A 4088 90.87 -7.43 -25.48
CA LEU A 4088 91.28 -7.80 -26.82
C LEU A 4088 90.60 -9.09 -27.27
N LEU A 4089 90.43 -10.05 -26.35
CA LEU A 4089 89.93 -11.36 -26.71
C LEU A 4089 88.43 -11.39 -26.93
N LYS A 4090 87.69 -10.36 -26.50
CA LYS A 4090 86.26 -10.34 -26.80
C LYS A 4090 86.00 -10.35 -28.30
N TYR A 4091 86.91 -9.80 -29.09
CA TYR A 4091 86.79 -9.86 -30.54
C TYR A 4091 87.10 -11.27 -31.04
N SER A 4092 87.00 -11.45 -32.35
CA SER A 4092 87.32 -12.74 -32.94
C SER A 4092 88.81 -13.04 -32.79
N PHE A 4093 89.13 -14.31 -32.54
CA PHE A 4093 90.52 -14.68 -32.27
C PHE A 4093 91.42 -14.46 -33.48
N HIS A 4094 90.85 -14.48 -34.69
CA HIS A 4094 91.67 -14.38 -35.89
C HIS A 4094 92.29 -12.98 -36.03
N GLU A 4095 91.63 -11.96 -35.51
CA GLU A 4095 92.03 -10.57 -35.76
C GLU A 4095 92.78 -9.94 -34.60
N VAL A 4096 93.16 -10.72 -33.58
CA VAL A 4096 93.87 -10.14 -32.44
C VAL A 4096 95.10 -10.97 -32.08
N LYS A 4097 95.48 -11.91 -32.96
CA LYS A 4097 96.63 -12.75 -32.68
C LYS A 4097 97.92 -11.94 -32.57
N ASP A 4098 98.10 -10.97 -33.48
CA ASP A 4098 99.35 -10.21 -33.50
C ASP A 4098 99.53 -9.40 -32.21
N TYR A 4099 98.47 -8.75 -31.74
CA TYR A 4099 98.58 -7.89 -30.57
C TYR A 4099 98.90 -8.69 -29.31
N ILE A 4100 98.15 -9.78 -29.09
CA ILE A 4100 98.40 -10.61 -27.92
C ILE A 4100 99.76 -11.29 -28.01
N GLN A 4101 100.17 -11.68 -29.21
CA GLN A 4101 101.49 -12.28 -29.39
C GLN A 4101 102.60 -11.27 -29.07
N ASN A 4102 102.43 -10.03 -29.51
CA ASN A 4102 103.42 -9.00 -29.20
C ASN A 4102 103.48 -8.73 -27.70
N TYR A 4103 102.32 -8.66 -27.03
CA TYR A 4103 102.32 -8.46 -25.59
C TYR A 4103 103.00 -9.64 -24.89
N LEU A 4104 102.73 -10.87 -25.35
CA LEU A 4104 103.36 -12.05 -24.77
C LEU A 4104 104.87 -11.99 -24.91
N THR A 4105 105.35 -11.62 -26.10
CA THR A 4105 106.79 -11.51 -26.30
C THR A 4105 107.39 -10.43 -25.42
N GLN A 4106 106.69 -9.30 -25.28
CA GLN A 4106 107.21 -8.20 -24.45
C GLN A 4106 107.33 -8.62 -22.99
N LEU A 4107 106.29 -9.29 -22.47
CA LEU A 4107 106.34 -9.71 -21.07
C LEU A 4107 107.33 -10.86 -20.86
N GLU A 4108 107.55 -11.68 -21.88
CA GLU A 4108 108.56 -12.73 -21.78
C GLU A 4108 109.96 -12.16 -21.85
N LYS A 4109 110.13 -11.03 -22.53
CA LYS A 4109 111.45 -10.42 -22.70
C LYS A 4109 111.81 -9.41 -21.62
N LYS A 4110 110.83 -8.89 -20.86
CA LYS A 4110 111.14 -7.92 -19.82
C LYS A 4110 110.45 -8.15 -18.49
N ALA A 4111 109.57 -9.14 -18.36
CA ALA A 4111 108.86 -9.34 -17.10
C ALA A 4111 108.99 -10.78 -16.60
N PHE A 4112 109.04 -11.74 -17.50
CA PHE A 4112 109.02 -13.16 -17.17
C PHE A 4112 110.09 -13.91 -17.94
N LEU A 4113 111.33 -13.40 -17.89
CA LEU A 4113 112.43 -14.03 -18.60
C LEU A 4113 112.61 -15.48 -18.18
N THR A 4114 112.94 -15.71 -16.90
CA THR A 4114 113.12 -17.05 -16.35
C THR A 4114 112.37 -17.10 -15.03
N GLU A 4115 111.10 -17.47 -15.08
CA GLU A 4115 110.24 -17.50 -13.90
C GLU A 4115 109.23 -18.63 -14.07
N ASP A 4116 108.26 -18.68 -13.16
CA ASP A 4116 107.19 -19.67 -13.22
C ASP A 4116 106.19 -19.23 -14.29
N LYS A 4117 106.51 -19.55 -15.54
CA LYS A 4117 105.64 -19.23 -16.66
C LYS A 4117 104.39 -20.11 -16.72
N THR A 4118 104.31 -21.15 -15.87
CA THR A 4118 103.14 -22.01 -15.86
C THR A 4118 101.88 -21.22 -15.47
N GLU A 4119 102.00 -20.37 -14.44
CA GLU A 4119 100.88 -19.53 -14.04
C GLU A 4119 100.45 -18.61 -15.17
N LEU A 4120 101.42 -18.02 -15.87
CA LEU A 4120 101.12 -17.14 -16.99
C LEU A 4120 100.40 -17.89 -18.11
N TYR A 4121 100.89 -19.07 -18.45
CA TYR A 4121 100.28 -19.84 -19.53
C TYR A 4121 98.87 -20.29 -19.17
N LEU A 4122 98.65 -20.73 -17.92
CA LEU A 4122 97.31 -21.13 -17.53
C LEU A 4122 96.37 -19.93 -17.47
N LEU A 4123 96.89 -18.77 -17.06
CA LEU A 4123 96.09 -17.56 -17.07
C LEU A 4123 95.64 -17.21 -18.48
N PHE A 4124 96.59 -17.27 -19.44
CA PHE A 4124 96.24 -16.94 -20.82
C PHE A 4124 95.27 -17.97 -21.40
N ILE A 4125 95.47 -19.25 -21.08
CA ILE A 4125 94.56 -20.27 -21.56
C ILE A 4125 93.16 -20.06 -21.01
N SER A 4126 93.06 -19.72 -19.71
CA SER A 4126 91.76 -19.45 -19.11
C SER A 4126 91.09 -18.25 -19.77
N CYS A 4127 91.86 -17.19 -20.03
CA CYS A 4127 91.28 -16.02 -20.68
C CYS A 4127 90.80 -16.36 -22.09
N LEU A 4128 91.59 -17.11 -22.85
CA LEU A 4128 91.20 -17.47 -24.21
C LEU A 4128 89.94 -18.36 -24.20
N GLU A 4129 89.89 -19.32 -23.29
CA GLU A 4129 88.74 -20.22 -23.24
C GLU A 4129 87.50 -19.48 -22.76
N ASP A 4130 87.66 -18.52 -21.85
CA ASP A 4130 86.52 -17.69 -21.45
C ASP A 4130 86.03 -16.85 -22.62
N SER A 4131 86.96 -16.32 -23.42
CA SER A 4131 86.57 -15.54 -24.59
C SER A 4131 85.79 -16.38 -25.59
N VAL A 4132 86.28 -17.59 -25.89
CA VAL A 4132 85.56 -18.43 -26.85
C VAL A 4132 84.24 -18.90 -26.25
N HIS A 4133 84.18 -19.13 -24.94
CA HIS A 4133 82.92 -19.50 -24.30
C HIS A 4133 81.89 -18.38 -24.42
N GLN A 4134 82.32 -17.13 -24.21
CA GLN A 4134 81.41 -16.00 -24.38
C GLN A 4134 81.00 -15.83 -25.84
N LYS A 4135 81.93 -16.04 -26.77
CA LYS A 4135 81.59 -15.95 -28.18
C LYS A 4135 80.55 -16.98 -28.57
N THR A 4136 80.70 -18.21 -28.06
CA THR A 4136 79.74 -19.27 -28.40
C THR A 4136 78.40 -19.02 -27.72
N SER A 4137 78.41 -18.61 -26.45
CA SER A 4137 77.17 -18.47 -25.69
C SER A 4137 76.36 -17.25 -26.15
N ALA A 4138 77.03 -16.11 -26.34
CA ALA A 4138 76.33 -14.90 -26.72
C ALA A 4138 75.83 -14.95 -28.16
N GLY A 4139 76.57 -15.63 -29.04
CA GLY A 4139 76.18 -15.68 -30.43
C GLY A 4139 74.90 -16.50 -30.64
N CYS A 4140 74.26 -16.26 -31.78
CA CYS A 4140 73.02 -16.95 -32.13
C CYS A 4140 73.38 -18.21 -32.91
N ARG A 4141 73.58 -19.30 -32.18
CA ARG A 4141 73.92 -20.57 -32.81
C ARG A 4141 73.42 -21.73 -31.96
N ASN A 4142 73.07 -22.82 -32.63
CA ASN A 4142 72.55 -24.02 -31.99
C ASN A 4142 73.71 -24.91 -31.55
N LEU A 4143 73.39 -26.16 -31.17
CA LEU A 4143 74.39 -27.09 -30.66
C LEU A 4143 74.90 -28.07 -31.71
N GLU A 4144 74.09 -28.45 -32.70
CA GLU A 4144 74.55 -29.44 -33.66
C GLU A 4144 75.65 -28.89 -34.56
N GLN A 4145 75.56 -27.61 -34.94
CA GLN A 4145 76.61 -27.03 -35.78
C GLN A 4145 77.92 -26.91 -35.02
N VAL A 4146 77.88 -26.49 -33.75
CA VAL A 4146 79.12 -26.43 -32.98
C VAL A 4146 79.62 -27.84 -32.70
N LEU A 4147 78.72 -28.81 -32.54
CA LEU A 4147 79.16 -30.20 -32.34
C LEU A 4147 79.92 -30.71 -33.56
N ARG A 4148 79.37 -30.48 -34.76
CA ARG A 4148 80.06 -30.93 -35.96
C ARG A 4148 81.34 -30.13 -36.21
N GLU A 4149 81.36 -28.84 -35.83
CA GLU A 4149 82.58 -28.05 -35.95
C GLU A 4149 83.69 -28.61 -35.06
N GLU A 4150 83.35 -28.92 -33.80
CA GLU A 4150 84.35 -29.48 -32.89
C GLU A 4150 84.77 -30.88 -33.32
N GLY A 4151 83.84 -31.69 -33.83
CA GLY A 4151 84.21 -32.99 -34.34
C GLY A 4151 85.16 -32.91 -35.52
N HIS A 4152 84.90 -31.98 -36.44
CA HIS A 4152 85.80 -31.77 -37.56
C HIS A 4152 87.16 -31.28 -37.10
N PHE A 4153 87.19 -30.37 -36.12
CA PHE A 4153 88.45 -29.90 -35.57
C PHE A 4153 89.25 -31.03 -34.95
N LEU A 4154 88.59 -31.87 -34.15
CA LEU A 4154 89.28 -33.01 -33.56
C LEU A 4154 89.77 -33.98 -34.63
N ARG A 4155 88.96 -34.21 -35.66
CA ARG A 4155 89.38 -35.05 -36.77
C ARG A 4155 90.47 -34.40 -37.61
N THR A 4156 90.48 -33.06 -37.71
CA THR A 4156 91.49 -32.34 -38.47
C THR A 4156 92.58 -31.76 -37.58
N TYR A 4157 92.65 -32.20 -36.32
CA TYR A 4157 93.68 -31.73 -35.40
C TYR A 4157 95.02 -32.34 -35.81
N SER A 4158 95.79 -31.58 -36.57
CA SER A 4158 97.18 -31.95 -36.80
C SER A 4158 97.93 -31.85 -35.48
N PRO A 4159 98.69 -32.88 -35.07
CA PRO A 4159 99.28 -32.88 -33.73
C PRO A 4159 100.16 -31.67 -33.47
N GLY A 4160 101.22 -31.51 -34.24
CA GLY A 4160 102.11 -30.37 -34.08
C GLY A 4160 102.67 -30.21 -32.70
N LEU A 4161 102.87 -31.32 -31.97
CA LEU A 4161 103.30 -31.22 -30.58
C LEU A 4161 104.76 -30.82 -30.44
N GLN A 4162 105.53 -30.81 -31.54
CA GLN A 4162 106.95 -30.49 -31.49
C GLN A 4162 107.24 -29.03 -31.81
N GLY A 4163 106.24 -28.24 -32.20
CA GLY A 4163 106.46 -26.87 -32.59
C GLY A 4163 106.76 -25.94 -31.43
N GLN A 4164 105.82 -25.81 -30.50
CA GLN A 4164 105.94 -24.93 -29.35
C GLN A 4164 106.32 -25.68 -28.08
N GLU A 4165 106.96 -26.85 -28.20
CA GLU A 4165 107.23 -27.70 -27.05
C GLU A 4165 108.42 -27.26 -26.18
N PRO A 4166 109.65 -27.19 -26.74
CA PRO A 4166 110.83 -27.49 -25.92
C PRO A 4166 111.04 -26.64 -24.67
N VAL A 4167 111.29 -25.33 -24.79
CA VAL A 4167 111.53 -24.55 -23.58
C VAL A 4167 110.80 -23.22 -23.53
N ARG A 4168 110.57 -22.59 -24.70
CA ARG A 4168 110.17 -21.19 -24.68
C ARG A 4168 109.04 -20.82 -25.64
N ILE A 4169 108.83 -21.55 -26.74
CA ILE A 4169 107.89 -21.09 -27.74
C ILE A 4169 106.47 -21.39 -27.28
N ALA A 4170 105.62 -20.37 -27.25
CA ALA A 4170 104.21 -20.53 -26.92
C ALA A 4170 103.42 -19.60 -27.85
N SER A 4171 103.04 -20.14 -29.01
CA SER A 4171 102.26 -19.38 -29.97
C SER A 4171 100.81 -19.25 -29.49
N VAL A 4172 100.19 -18.11 -29.78
CA VAL A 4172 98.81 -17.90 -29.39
C VAL A 4172 97.89 -18.91 -30.09
N GLU A 4173 98.30 -19.39 -31.26
CA GLU A 4173 97.54 -20.44 -31.94
C GLU A 4173 97.51 -21.71 -31.11
N TYR A 4174 98.63 -22.06 -30.48
CA TYR A 4174 98.65 -23.25 -29.63
C TYR A 4174 97.83 -23.05 -28.37
N LEU A 4175 97.83 -21.83 -27.81
CA LEU A 4175 96.96 -21.55 -26.67
C LEU A 4175 95.50 -21.69 -27.04
N GLN A 4176 95.12 -21.19 -28.23
CA GLN A 4176 93.76 -21.38 -28.71
C GLN A 4176 93.45 -22.86 -28.89
N GLU A 4177 94.40 -23.62 -29.43
CA GLU A 4177 94.19 -25.05 -29.64
C GLU A 4177 93.97 -25.79 -28.33
N VAL A 4178 94.80 -25.50 -27.32
CA VAL A 4178 94.67 -26.20 -26.05
C VAL A 4178 93.39 -25.78 -25.33
N ALA A 4179 93.00 -24.51 -25.44
CA ALA A 4179 91.72 -24.10 -24.87
C ALA A 4179 90.56 -24.81 -25.56
N ARG A 4180 90.63 -24.94 -26.89
CA ARG A 4180 89.58 -25.61 -27.64
C ARG A 4180 89.47 -27.07 -27.25
N VAL A 4181 90.61 -27.77 -27.13
CA VAL A 4181 90.54 -29.18 -26.78
C VAL A 4181 90.09 -29.35 -25.32
N ARG A 4182 90.45 -28.41 -24.44
CA ARG A 4182 89.95 -28.49 -23.07
C ARG A 4182 88.44 -28.29 -23.02
N LEU A 4183 87.91 -27.36 -23.83
CA LEU A 4183 86.46 -27.20 -23.91
C LEU A 4183 85.79 -28.46 -24.45
N CYS A 4184 86.40 -29.07 -25.48
CA CYS A 4184 85.85 -30.31 -26.03
C CYS A 4184 85.84 -31.42 -24.98
N LEU A 4185 86.89 -31.50 -24.16
CA LEU A 4185 86.95 -32.52 -23.13
C LEU A 4185 85.94 -32.25 -22.02
N ASP A 4186 85.71 -30.97 -21.71
CA ASP A 4186 84.64 -30.63 -20.76
C ASP A 4186 83.28 -31.05 -21.29
N LEU A 4187 83.03 -30.82 -22.58
CA LEU A 4187 81.80 -31.27 -23.20
C LEU A 4187 81.67 -32.79 -23.14
N ALA A 4188 82.78 -33.49 -23.40
CA ALA A 4188 82.77 -34.96 -23.32
C ALA A 4188 82.49 -35.43 -21.90
N ALA A 4189 83.05 -34.74 -20.90
CA ALA A 4189 82.77 -35.09 -19.51
C ALA A 4189 81.29 -34.90 -19.18
N ASP A 4190 80.70 -33.80 -19.65
CA ASP A 4190 79.27 -33.59 -19.45
C ASP A 4190 78.46 -34.69 -20.11
N PHE A 4191 78.85 -35.08 -21.33
CA PHE A 4191 78.12 -36.12 -22.04
C PHE A 4191 78.22 -37.46 -21.31
N LEU A 4192 79.40 -37.79 -20.78
CA LEU A 4192 79.57 -39.02 -20.03
C LEU A 4192 78.74 -39.00 -18.75
N SER A 4193 78.69 -37.84 -18.07
CA SER A 4193 77.86 -37.71 -16.89
C SER A 4193 76.39 -37.92 -17.23
N GLU A 4194 75.93 -37.35 -18.34
CA GLU A 4194 74.54 -37.54 -18.75
C GLU A 4194 74.27 -39.00 -19.11
N LEU A 4195 75.22 -39.65 -19.77
CA LEU A 4195 75.06 -41.06 -20.11
C LEU A 4195 74.96 -41.92 -18.85
N GLN A 4196 75.77 -41.62 -17.83
CA GLN A 4196 75.68 -42.35 -16.57
C GLN A 4196 74.34 -42.08 -15.90
N GLU A 4197 73.86 -40.84 -15.94
CA GLU A 4197 72.59 -40.52 -15.31
C GLU A 4197 71.40 -41.04 -16.11
N GLY A 4198 71.50 -41.06 -17.44
CA GLY A 4198 70.35 -41.38 -18.26
C GLY A 4198 70.57 -42.41 -19.34
N SER A 4199 69.83 -42.28 -20.44
CA SER A 4199 69.83 -43.24 -21.54
C SER A 4199 70.87 -42.81 -22.59
N GLU A 4200 70.79 -43.41 -23.78
CA GLU A 4200 71.71 -43.11 -24.87
C GLU A 4200 71.66 -41.64 -25.26
N LEU A 4201 72.63 -41.24 -26.09
CA LEU A 4201 72.90 -39.84 -26.39
C LEU A 4201 72.39 -39.43 -27.78
N ALA A 4202 71.25 -40.01 -28.19
CA ALA A 4202 70.55 -39.62 -29.43
C ALA A 4202 71.40 -39.83 -30.69
N GLU A 4203 72.43 -40.67 -30.61
CA GLU A 4203 73.22 -41.11 -31.76
C GLU A 4203 74.05 -39.99 -32.36
N ASP A 4204 73.91 -38.77 -31.85
CA ASP A 4204 74.69 -37.63 -32.34
C ASP A 4204 75.80 -37.25 -31.36
N LYS A 4205 75.45 -37.07 -30.09
CA LYS A 4205 76.47 -36.88 -29.06
C LYS A 4205 77.35 -38.11 -28.91
N ARG A 4206 76.81 -39.29 -29.24
CA ARG A 4206 77.62 -40.49 -29.26
C ARG A 4206 78.73 -40.38 -30.31
N ARG A 4207 78.42 -39.75 -31.44
CA ARG A 4207 79.45 -39.51 -32.45
C ARG A 4207 80.54 -38.58 -31.92
N PHE A 4208 80.15 -37.53 -31.19
CA PHE A 4208 81.14 -36.63 -30.61
C PHE A 4208 82.01 -37.36 -29.59
N LEU A 4209 81.41 -38.19 -28.74
CA LEU A 4209 82.19 -38.97 -27.79
C LEU A 4209 83.11 -39.96 -28.49
N LYS A 4210 82.64 -40.57 -29.59
CA LYS A 4210 83.49 -41.47 -30.35
C LYS A 4210 84.68 -40.74 -30.95
N HIS A 4211 84.45 -39.53 -31.47
CA HIS A 4211 85.56 -38.74 -31.99
C HIS A 4211 86.52 -38.36 -30.88
N VAL A 4212 86.01 -38.04 -29.69
CA VAL A 4212 86.88 -37.74 -28.55
C VAL A 4212 87.72 -38.96 -28.18
N GLU A 4213 87.09 -40.15 -28.17
CA GLU A 4213 87.82 -41.37 -27.86
C GLU A 4213 88.89 -41.66 -28.92
N GLU A 4214 88.57 -41.44 -30.18
CA GLU A 4214 89.56 -41.62 -31.24
C GLU A 4214 90.72 -40.65 -31.08
N PHE A 4215 90.42 -39.40 -30.69
CA PHE A 4215 91.48 -38.44 -30.42
C PHE A 4215 92.35 -38.90 -29.26
N CYS A 4216 91.73 -39.37 -28.18
CA CYS A 4216 92.51 -39.77 -27.01
C CYS A 4216 93.38 -40.98 -27.29
N THR A 4217 92.85 -41.95 -28.05
CA THR A 4217 93.66 -43.10 -28.43
C THR A 4217 94.59 -42.82 -29.61
N ARG A 4218 94.49 -41.64 -30.22
CA ARG A 4218 95.35 -41.26 -31.32
C ARG A 4218 96.58 -40.48 -30.86
N VAL A 4219 96.39 -39.46 -30.03
CA VAL A 4219 97.48 -38.64 -29.53
C VAL A 4219 97.97 -39.22 -28.21
N ASN A 4220 99.27 -39.13 -27.97
CA ASN A 4220 99.88 -39.66 -26.76
C ASN A 4220 99.89 -38.65 -25.61
N ASN A 4221 99.31 -37.47 -25.81
CA ASN A 4221 99.28 -36.44 -24.76
C ASN A 4221 98.21 -36.82 -23.74
N ASP A 4222 98.61 -37.68 -22.80
CA ASP A 4222 97.69 -38.13 -21.76
C ASP A 4222 97.33 -37.02 -20.78
N TRP A 4223 98.02 -35.87 -20.85
CA TRP A 4223 97.66 -34.74 -19.99
C TRP A 4223 96.22 -34.31 -20.26
N HIS A 4224 95.77 -34.41 -21.50
CA HIS A 4224 94.38 -34.10 -21.82
C HIS A 4224 93.43 -35.09 -21.14
N ARG A 4225 93.81 -36.37 -21.10
CA ARG A 4225 92.99 -37.34 -20.39
C ARG A 4225 92.96 -37.05 -18.90
N VAL A 4226 94.10 -36.60 -18.34
CA VAL A 4226 94.13 -36.23 -16.93
C VAL A 4226 93.21 -35.04 -16.66
N TYR A 4227 93.23 -34.05 -17.56
CA TYR A 4227 92.31 -32.91 -17.42
C TYR A 4227 90.86 -33.37 -17.50
N LEU A 4228 90.56 -34.30 -18.41
CA LEU A 4228 89.19 -34.79 -18.56
C LEU A 4228 88.73 -35.52 -17.31
N VAL A 4229 89.59 -36.38 -16.74
CA VAL A 4229 89.17 -37.11 -15.55
C VAL A 4229 89.05 -36.17 -14.35
N ARG A 4230 89.92 -35.16 -14.27
CA ARG A 4230 89.79 -34.18 -13.20
C ARG A 4230 88.49 -33.41 -13.31
N LYS A 4231 88.11 -33.01 -14.53
CA LYS A 4231 86.84 -32.32 -14.74
C LYS A 4231 85.67 -33.23 -14.38
N LEU A 4232 85.74 -34.51 -14.77
CA LEU A 4232 84.67 -35.44 -14.43
C LEU A 4232 84.53 -35.60 -12.93
N SER A 4233 85.65 -35.70 -12.22
CA SER A 4233 85.61 -35.82 -10.76
C SER A 4233 85.06 -34.57 -10.12
N SER A 4234 85.48 -33.39 -10.60
CA SER A 4234 84.98 -32.15 -10.02
C SER A 4234 83.49 -31.96 -10.30
N GLN A 4235 83.00 -32.50 -11.41
CA GLN A 4235 81.58 -32.36 -11.71
C GLN A 4235 80.73 -33.27 -10.82
N ARG A 4236 81.15 -34.51 -10.63
CA ARG A 4236 80.33 -35.49 -9.91
C ARG A 4236 80.96 -35.92 -8.59
N GLY A 4237 82.17 -36.44 -8.61
CA GLY A 4237 82.81 -36.92 -7.39
C GLY A 4237 83.75 -38.07 -7.68
N MET A 4238 84.35 -38.59 -6.62
CA MET A 4238 85.27 -39.71 -6.79
C MET A 4238 84.53 -41.01 -7.08
N GLU A 4239 83.36 -41.23 -6.45
CA GLU A 4239 82.61 -42.45 -6.70
C GLU A 4239 82.22 -42.58 -8.17
N PHE A 4240 82.11 -41.46 -8.87
CA PHE A 4240 81.82 -41.50 -10.30
C PHE A 4240 82.92 -42.22 -11.07
N VAL A 4241 84.17 -41.81 -10.88
CA VAL A 4241 85.26 -42.46 -11.58
C VAL A 4241 85.57 -43.82 -10.98
N GLN A 4242 85.23 -44.05 -9.71
CA GLN A 4242 85.38 -45.39 -9.13
C GLN A 4242 84.44 -46.38 -9.80
N SER A 4243 83.18 -45.97 -10.03
CA SER A 4243 82.27 -46.80 -10.82
C SER A 4243 82.75 -46.94 -12.24
N PHE A 4244 83.29 -45.85 -12.82
CA PHE A 4244 83.85 -45.92 -14.17
C PHE A 4244 85.16 -46.70 -14.21
N SER A 4245 85.78 -46.99 -13.07
CA SER A 4245 86.99 -47.79 -13.02
C SER A 4245 86.72 -49.28 -12.88
N LYS A 4246 85.57 -49.75 -13.34
CA LYS A 4246 85.20 -51.16 -13.26
C LYS A 4246 85.89 -51.96 -14.36
N GLN A 4247 85.36 -53.16 -14.63
CA GLN A 4247 86.09 -54.18 -15.40
C GLN A 4247 85.39 -54.51 -16.70
N GLY A 4248 85.03 -53.50 -17.49
CA GLY A 4248 84.34 -53.75 -18.75
C GLY A 4248 83.28 -52.75 -19.14
N HIS A 4249 83.15 -51.66 -18.38
CA HIS A 4249 82.27 -50.58 -18.79
C HIS A 4249 82.78 -49.96 -20.09
N PRO A 4250 81.89 -49.55 -21.00
CA PRO A 4250 82.35 -48.95 -22.26
C PRO A 4250 82.79 -47.51 -22.10
N CYS A 4251 83.56 -47.24 -21.04
CA CYS A 4251 84.11 -45.91 -20.81
C CYS A 4251 85.55 -45.96 -20.29
N GLN A 4252 86.19 -47.13 -20.32
CA GLN A 4252 87.55 -47.26 -19.80
C GLN A 4252 88.56 -46.49 -20.63
N TRP A 4253 88.20 -46.09 -21.85
CA TRP A 4253 89.09 -45.32 -22.71
C TRP A 4253 89.38 -43.93 -22.14
N VAL A 4254 88.55 -43.44 -21.22
CA VAL A 4254 88.79 -42.14 -20.59
C VAL A 4254 89.84 -42.20 -19.50
N PHE A 4255 90.38 -43.38 -19.22
CA PHE A 4255 91.36 -43.58 -18.17
C PHE A 4255 92.71 -43.99 -18.75
N PRO A 4256 93.80 -43.62 -18.11
CA PRO A 4256 95.14 -44.02 -18.59
C PRO A 4256 95.32 -45.53 -18.51
N ARG A 4257 96.43 -45.98 -19.11
CA ARG A 4257 96.67 -47.42 -19.22
C ARG A 4257 97.11 -48.02 -17.88
N LYS A 4258 97.92 -47.30 -17.10
CA LYS A 4258 98.43 -47.86 -15.86
C LYS A 4258 97.42 -47.77 -14.73
N VAL A 4259 96.38 -46.95 -14.88
CA VAL A 4259 95.41 -46.77 -13.82
C VAL A 4259 94.44 -47.95 -13.73
N ILE A 4260 94.37 -48.78 -14.77
CA ILE A 4260 93.45 -49.91 -14.79
C ILE A 4260 94.17 -51.25 -14.68
N ALA A 4261 95.46 -51.32 -14.99
CA ALA A 4261 96.16 -52.60 -15.01
C ALA A 4261 96.33 -53.16 -13.60
N GLN A 4262 96.69 -52.31 -12.63
CA GLN A 4262 97.03 -52.75 -11.29
C GLN A 4262 96.01 -52.26 -10.25
N GLN A 4263 94.78 -51.98 -10.69
CA GLN A 4263 93.70 -51.58 -9.78
C GLN A 4263 92.86 -52.80 -9.47
N LYS A 4264 92.76 -53.14 -8.18
CA LYS A 4264 91.99 -54.28 -7.75
C LYS A 4264 90.51 -53.92 -7.67
N ASP A 4265 89.68 -54.93 -7.41
CA ASP A 4265 88.26 -54.72 -7.17
C ASP A 4265 87.95 -54.40 -5.71
N HIS A 4266 88.97 -54.30 -4.86
CA HIS A 4266 88.80 -53.93 -3.46
C HIS A 4266 88.89 -52.42 -3.25
N VAL A 4267 88.58 -51.63 -4.27
CA VAL A 4267 88.59 -50.18 -4.15
C VAL A 4267 87.38 -49.77 -3.30
N SER A 4268 87.65 -49.34 -2.08
CA SER A 4268 86.59 -48.98 -1.13
C SER A 4268 86.38 -47.46 -1.15
N LEU A 4269 85.53 -46.99 -0.25
CA LEU A 4269 85.30 -45.57 -0.05
C LEU A 4269 86.19 -45.08 1.09
N MET A 4270 86.43 -43.76 1.13
CA MET A 4270 87.20 -43.19 2.22
C MET A 4270 86.25 -42.65 3.27
N ASP A 4271 86.78 -42.48 4.48
CA ASP A 4271 86.04 -41.85 5.58
C ASP A 4271 86.22 -40.34 5.44
N ARG A 4272 85.12 -39.64 5.21
CA ARG A 4272 85.15 -38.19 5.12
C ARG A 4272 85.18 -37.52 6.48
N TYR A 4273 85.51 -38.27 7.53
CA TYR A 4273 85.50 -37.78 8.90
C TYR A 4273 86.86 -37.27 9.36
N LEU A 4274 87.83 -37.16 8.44
CA LEU A 4274 89.17 -36.70 8.78
C LEU A 4274 89.24 -35.20 9.07
N VAL A 4275 88.08 -34.54 9.19
CA VAL A 4275 88.04 -33.12 9.55
C VAL A 4275 88.66 -32.91 10.93
N HIS A 4276 88.53 -33.88 11.83
CA HIS A 4276 89.13 -33.76 13.15
C HIS A 4276 90.66 -33.75 13.05
N GLY A 4277 91.24 -34.82 12.53
CA GLY A 4277 92.67 -34.85 12.27
C GLY A 4277 93.53 -35.21 13.47
N ASN A 4278 94.45 -36.16 13.27
CA ASN A 4278 95.50 -36.56 14.19
C ASN A 4278 94.99 -37.22 15.47
N GLU A 4279 93.70 -37.17 15.75
CA GLU A 4279 93.16 -37.90 16.90
C GLU A 4279 92.01 -38.82 16.54
N TYR A 4280 91.15 -38.44 15.61
CA TYR A 4280 90.16 -39.38 15.10
C TYR A 4280 90.83 -40.47 14.29
N LYS A 4281 91.90 -40.14 13.58
CA LYS A 4281 92.64 -41.15 12.82
C LYS A 4281 93.24 -42.20 13.75
N ALA A 4282 93.81 -41.78 14.88
CA ALA A 4282 94.40 -42.73 15.80
C ALA A 4282 93.36 -43.66 16.40
N VAL A 4283 92.22 -43.12 16.83
CA VAL A 4283 91.20 -43.95 17.45
C VAL A 4283 90.57 -44.87 16.40
N ARG A 4284 90.42 -44.41 15.16
CA ARG A 4284 89.84 -45.26 14.13
C ARG A 4284 90.81 -46.37 13.73
N ASP A 4285 92.11 -46.09 13.71
CA ASP A 4285 93.10 -47.13 13.44
C ASP A 4285 93.11 -48.16 14.57
N ALA A 4286 93.02 -47.69 15.81
CA ALA A 4286 92.93 -48.63 16.94
C ALA A 4286 91.66 -49.48 16.86
N THR A 4287 90.54 -48.86 16.45
CA THR A 4287 89.30 -49.62 16.29
C THR A 4287 89.42 -50.66 15.18
N ALA A 4288 90.08 -50.30 14.07
CA ALA A 4288 90.29 -51.28 13.01
C ALA A 4288 91.17 -52.42 13.48
N LYS A 4289 92.23 -52.11 14.24
CA LYS A 4289 93.09 -53.15 14.80
C LYS A 4289 92.29 -54.07 15.72
N ALA A 4290 91.44 -53.49 16.58
CA ALA A 4290 90.61 -54.29 17.46
C ALA A 4290 89.60 -55.14 16.68
N VAL A 4291 89.15 -54.63 15.54
CA VAL A 4291 88.26 -55.42 14.67
C VAL A 4291 89.02 -56.61 14.10
N LEU A 4292 90.25 -56.40 13.65
CA LEU A 4292 91.04 -57.48 13.08
C LEU A 4292 91.32 -58.58 14.10
N GLU A 4293 91.71 -58.18 15.32
CA GLU A 4293 91.99 -59.13 16.38
C GLU A 4293 90.75 -59.32 17.25
N CYS A 4294 90.92 -59.96 18.40
CA CYS A 4294 89.84 -60.08 19.38
C CYS A 4294 90.02 -59.14 20.57
N LYS A 4295 91.24 -58.63 20.80
CA LYS A 4295 91.46 -57.68 21.87
C LYS A 4295 90.77 -56.36 21.55
N THR A 4296 90.18 -55.75 22.59
CA THR A 4296 89.45 -54.50 22.42
C THR A 4296 89.98 -53.38 23.31
N LEU A 4297 91.14 -53.58 23.94
CA LEU A 4297 91.70 -52.56 24.82
C LEU A 4297 92.52 -51.52 24.10
N ASP A 4298 92.94 -51.79 22.85
CA ASP A 4298 93.79 -50.86 22.12
C ASP A 4298 93.06 -49.54 21.87
N ILE A 4299 91.78 -49.61 21.50
CA ILE A 4299 91.01 -48.40 21.24
C ILE A 4299 90.89 -47.57 22.51
N GLY A 4300 90.61 -48.21 23.65
CA GLY A 4300 90.53 -47.48 24.91
C GLY A 4300 91.85 -46.85 25.30
N ASN A 4301 92.95 -47.58 25.13
CA ASN A 4301 94.27 -47.04 25.44
C ASN A 4301 94.60 -45.83 24.56
N ALA A 4302 94.27 -45.91 23.28
CA ALA A 4302 94.47 -44.76 22.40
C ALA A 4302 93.58 -43.59 22.80
N LEU A 4303 92.34 -43.87 23.18
CA LEU A 4303 91.42 -42.81 23.58
C LEU A 4303 91.93 -42.07 24.82
N MET A 4304 92.42 -42.82 25.81
CA MET A 4304 92.88 -42.19 27.04
C MET A 4304 94.22 -41.49 26.89
N ALA A 4305 94.90 -41.68 25.75
CA ALA A 4305 96.18 -41.04 25.48
C ALA A 4305 96.04 -39.83 24.57
N CYS A 4306 94.93 -39.09 24.69
CA CYS A 4306 94.67 -37.95 23.82
C CYS A 4306 93.94 -36.86 24.59
N ARG A 4307 94.03 -35.64 24.08
CA ARG A 4307 93.27 -34.50 24.58
C ARG A 4307 91.88 -34.54 23.94
N SER A 4308 91.13 -33.42 23.96
CA SER A 4308 89.78 -33.38 23.42
C SER A 4308 88.84 -34.28 24.23
N PRO A 4309 88.43 -33.82 25.42
CA PRO A 4309 87.72 -34.69 26.38
C PRO A 4309 86.35 -35.18 25.93
N LYS A 4310 85.63 -35.78 26.88
CA LYS A 4310 84.48 -36.67 26.77
C LYS A 4310 83.54 -36.43 25.59
N PRO A 4311 83.04 -35.21 25.32
CA PRO A 4311 82.11 -35.05 24.19
C PRO A 4311 82.71 -35.45 22.85
N GLN A 4312 83.80 -34.79 22.46
CA GLN A 4312 84.43 -35.09 21.17
C GLN A 4312 85.08 -36.47 21.18
N GLN A 4313 85.57 -36.92 22.33
CA GLN A 4313 86.14 -38.27 22.42
C GLN A 4313 85.08 -39.34 22.15
N THR A 4314 83.91 -39.19 22.76
CA THR A 4314 82.81 -40.12 22.49
C THR A 4314 82.35 -40.03 21.06
N ALA A 4315 82.33 -38.81 20.50
CA ALA A 4315 82.00 -38.66 19.09
C ALA A 4315 82.97 -39.44 18.21
N TYR A 4316 84.27 -39.33 18.51
CA TYR A 4316 85.28 -40.06 17.75
C TYR A 4316 85.08 -41.56 17.88
N LEU A 4317 84.84 -42.04 19.09
CA LEU A 4317 84.67 -43.48 19.31
C LEU A 4317 83.46 -44.01 18.54
N LEU A 4318 82.32 -43.33 18.67
CA LEU A 4318 81.11 -43.76 17.98
C LEU A 4318 81.28 -43.70 16.47
N LEU A 4319 81.93 -42.65 15.98
CA LEU A 4319 82.14 -42.50 14.54
C LEU A 4319 83.07 -43.59 14.00
N ALA A 4320 84.11 -43.93 14.76
CA ALA A 4320 85.00 -45.02 14.35
C ALA A 4320 84.25 -46.34 14.34
N LEU A 4321 83.39 -46.57 15.34
CA LEU A 4321 82.59 -47.78 15.35
C LEU A 4321 81.71 -47.87 14.12
N TYR A 4322 81.03 -46.77 13.78
CA TYR A 4322 80.16 -46.76 12.60
C TYR A 4322 80.98 -47.00 11.34
N THR A 4323 82.13 -46.34 11.23
CA THR A 4323 82.96 -46.50 10.02
C THR A 4323 83.42 -47.94 9.88
N GLU A 4324 83.84 -48.57 10.99
CA GLU A 4324 84.30 -49.96 10.92
C GLU A 4324 83.16 -50.89 10.52
N VAL A 4325 81.98 -50.74 11.14
CA VAL A 4325 80.89 -51.64 10.81
C VAL A 4325 80.42 -51.42 9.38
N ALA A 4326 80.40 -50.17 8.91
CA ALA A 4326 79.99 -49.90 7.55
C ALA A 4326 80.98 -50.46 6.54
N ALA A 4327 82.28 -50.31 6.80
CA ALA A 4327 83.29 -50.87 5.91
C ALA A 4327 83.20 -52.38 5.87
N LEU A 4328 82.95 -53.01 7.03
CA LEU A 4328 82.82 -54.47 7.05
C LEU A 4328 81.58 -54.93 6.29
N TYR A 4329 80.45 -54.22 6.46
CA TYR A 4329 79.20 -54.67 5.86
C TYR A 4329 79.18 -54.42 4.35
N ARG A 4330 79.64 -53.25 3.91
CA ARG A 4330 79.60 -52.94 2.48
C ARG A 4330 80.49 -53.89 1.69
N SER A 4331 81.66 -54.21 2.21
CA SER A 4331 82.54 -55.15 1.53
C SER A 4331 81.95 -56.55 1.63
N PRO A 4332 81.64 -57.20 0.50
CA PRO A 4332 80.99 -58.52 0.58
C PRO A 4332 81.88 -59.59 1.19
N ASN A 4333 83.20 -59.49 1.04
CA ASN A 4333 84.08 -60.54 1.53
C ASN A 4333 84.06 -60.64 3.05
N GLY A 4334 84.07 -59.51 3.74
CA GLY A 4334 84.09 -59.52 5.20
C GLY A 4334 82.75 -59.16 5.82
N SER A 4335 81.66 -59.65 5.24
CA SER A 4335 80.33 -59.34 5.73
C SER A 4335 80.12 -59.96 7.11
N LEU A 4336 79.53 -59.18 8.01
CA LEU A 4336 79.17 -59.63 9.36
C LEU A 4336 80.40 -60.18 10.11
N HIS A 4337 81.42 -59.33 10.20
CA HIS A 4337 82.67 -59.67 10.89
C HIS A 4337 82.52 -59.61 12.41
N PRO A 4338 81.92 -58.56 12.99
CA PRO A 4338 81.75 -58.55 14.45
C PRO A 4338 80.92 -59.71 14.98
N GLU A 4339 79.98 -60.22 14.20
CA GLU A 4339 79.19 -61.36 14.63
C GLU A 4339 80.00 -62.64 14.67
N ALA A 4340 81.20 -62.64 14.09
CA ALA A 4340 82.08 -63.82 14.12
C ALA A 4340 82.91 -63.79 15.40
N LYS A 4341 82.19 -63.87 16.53
CA LYS A 4341 82.78 -63.90 17.86
C LYS A 4341 83.61 -62.66 18.17
N GLN A 4342 83.32 -61.54 17.50
CA GLN A 4342 83.96 -60.27 17.80
C GLN A 4342 83.03 -59.26 18.44
N LEU A 4343 81.71 -59.42 18.29
CA LEU A 4343 80.76 -58.55 18.96
C LEU A 4343 80.87 -58.66 20.48
N GLU A 4344 81.30 -59.82 20.99
CA GLU A 4344 81.51 -59.96 22.43
C GLU A 4344 82.65 -59.06 22.89
N ALA A 4345 83.67 -58.87 22.05
CA ALA A 4345 84.78 -57.99 22.42
C ALA A 4345 84.30 -56.55 22.60
N VAL A 4346 83.57 -56.03 21.61
CA VAL A 4346 83.08 -54.65 21.72
C VAL A 4346 82.07 -54.52 22.84
N ASN A 4347 81.24 -55.56 23.05
CA ASN A 4347 80.28 -55.52 24.14
C ASN A 4347 80.99 -55.47 25.49
N LYS A 4348 82.06 -56.26 25.65
CA LYS A 4348 82.83 -56.22 26.89
C LYS A 4348 83.53 -54.88 27.06
N PHE A 4349 83.97 -54.28 25.95
CA PHE A 4349 84.56 -52.94 26.04
C PHE A 4349 83.52 -51.92 26.50
N ILE A 4350 82.30 -52.01 25.99
CA ILE A 4350 81.24 -51.09 26.41
C ILE A 4350 80.93 -51.29 27.89
N LYS A 4351 80.84 -52.55 28.32
CA LYS A 4351 80.54 -52.84 29.71
C LYS A 4351 81.68 -52.41 30.63
N GLU A 4352 82.91 -52.43 30.12
CA GLU A 4352 84.07 -52.09 30.93
C GLU A 4352 84.37 -50.59 30.88
N SER A 4353 84.37 -50.01 29.68
CA SER A 4353 84.67 -48.60 29.53
C SER A 4353 83.44 -47.76 29.87
N LYS A 4354 83.56 -46.92 30.90
CA LYS A 4354 82.49 -46.03 31.31
C LYS A 4354 82.57 -44.67 30.63
N ILE A 4355 83.50 -44.49 29.69
CA ILE A 4355 83.60 -43.24 28.97
C ILE A 4355 82.41 -43.03 28.04
N LEU A 4356 81.65 -44.08 27.75
CA LEU A 4356 80.45 -43.96 26.94
C LEU A 4356 79.28 -44.74 27.51
N SER A 4357 79.31 -45.12 28.79
CA SER A 4357 78.23 -45.89 29.38
C SER A 4357 77.07 -44.98 29.78
N ASP A 4358 76.60 -44.17 28.84
CA ASP A 4358 75.42 -43.33 28.99
C ASP A 4358 74.23 -44.03 28.37
N PRO A 4359 73.05 -44.00 29.01
CA PRO A 4359 71.92 -44.78 28.48
C PRO A 4359 71.57 -44.45 27.04
N ASN A 4360 71.63 -43.17 26.66
CA ASN A 4360 71.42 -42.82 25.26
C ASN A 4360 72.57 -43.32 24.41
N ILE A 4361 73.80 -43.12 24.87
CA ILE A 4361 74.96 -43.64 24.14
C ILE A 4361 74.93 -45.16 24.13
N ARG A 4362 74.49 -45.78 25.22
CA ARG A 4362 74.39 -47.24 25.25
C ARG A 4362 73.38 -47.75 24.23
N CYS A 4363 72.20 -47.12 24.15
CA CYS A 4363 71.20 -47.59 23.18
C CYS A 4363 71.68 -47.35 21.76
N PHE A 4364 72.33 -46.21 21.50
CA PHE A 4364 72.89 -45.96 20.18
C PHE A 4364 73.93 -47.01 19.81
N ALA A 4365 74.82 -47.35 20.76
CA ALA A 4365 75.86 -48.33 20.48
C ALA A 4365 75.27 -49.71 20.23
N ARG A 4366 74.29 -50.13 21.03
CA ARG A 4366 73.72 -51.46 20.83
C ARG A 4366 72.93 -51.52 19.52
N SER A 4367 72.31 -50.41 19.12
CA SER A 4367 71.60 -50.39 17.85
C SER A 4367 72.58 -50.41 16.68
N LEU A 4368 73.72 -49.73 16.82
CA LEU A 4368 74.66 -49.61 15.70
C LEU A 4368 75.49 -50.87 15.53
N VAL A 4369 75.80 -51.57 16.63
CA VAL A 4369 76.73 -52.70 16.55
C VAL A 4369 76.09 -53.86 15.78
N ASP A 4370 74.80 -54.11 16.00
CA ASP A 4370 74.10 -55.21 15.35
C ASP A 4370 73.37 -54.78 14.08
N ASN A 4371 73.62 -53.55 13.61
CA ASN A 4371 73.00 -53.02 12.39
C ASN A 4371 71.48 -52.96 12.50
N THR A 4372 70.97 -52.76 13.70
CA THR A 4372 69.54 -52.58 13.92
C THR A 4372 69.13 -51.11 13.92
N LEU A 4373 70.07 -50.20 13.72
CA LEU A 4373 69.77 -48.77 13.70
C LEU A 4373 69.03 -48.42 12.42
N PRO A 4374 67.93 -47.65 12.48
CA PRO A 4374 67.08 -47.38 11.32
C PRO A 4374 67.59 -46.24 10.43
N LEU A 4375 68.86 -46.31 10.04
CA LEU A 4375 69.41 -45.32 9.11
C LEU A 4375 70.03 -46.03 7.91
N LEU A 4376 70.51 -47.26 8.12
CA LEU A 4376 71.12 -48.02 7.03
C LEU A 4376 70.08 -48.39 5.97
N LYS A 4377 68.83 -48.55 6.37
CA LYS A 4377 67.78 -48.99 5.44
C LYS A 4377 67.08 -47.77 4.80
N ILE A 4378 67.90 -46.95 4.14
CA ILE A 4378 67.35 -45.82 3.38
C ILE A 4378 66.79 -46.26 2.03
N ARG A 4379 67.11 -47.49 1.60
CA ARG A 4379 66.57 -48.13 0.39
C ARG A 4379 66.55 -47.18 -0.81
N SER A 4380 67.66 -46.46 -1.00
CA SER A 4380 67.80 -45.58 -2.16
C SER A 4380 67.93 -46.43 -3.42
N ALA A 4381 67.96 -45.76 -4.58
CA ALA A 4381 67.97 -46.48 -5.85
C ALA A 4381 69.11 -46.03 -6.75
N ASN A 4382 69.58 -44.79 -6.59
CA ASN A 4382 70.65 -44.28 -7.44
C ASN A 4382 71.99 -44.93 -7.15
N SER A 4383 72.16 -45.50 -5.95
CA SER A 4383 73.36 -46.21 -5.52
C SER A 4383 74.60 -45.32 -5.52
N ILE A 4384 74.43 -44.00 -5.68
CA ILE A 4384 75.54 -43.05 -5.62
C ILE A 4384 75.46 -42.21 -4.35
N LEU A 4385 74.29 -41.62 -4.08
CA LEU A 4385 74.11 -40.78 -2.90
C LEU A 4385 73.55 -41.55 -1.71
N LYS A 4386 73.35 -42.87 -1.84
CA LYS A 4386 72.87 -43.67 -0.71
C LYS A 4386 73.85 -43.57 0.46
N GLY A 4387 75.12 -43.86 0.20
CA GLY A 4387 76.12 -43.80 1.26
C GLY A 4387 76.31 -42.39 1.80
N THR A 4388 76.28 -41.40 0.91
CA THR A 4388 76.44 -40.01 1.37
C THR A 4388 75.31 -39.59 2.29
N VAL A 4389 74.06 -39.88 1.90
CA VAL A 4389 72.92 -39.52 2.73
C VAL A 4389 72.97 -40.28 4.06
N THR A 4390 73.30 -41.56 4.00
CA THR A 4390 73.40 -42.35 5.23
C THR A 4390 74.48 -41.80 6.16
N GLU A 4391 75.60 -41.36 5.60
CA GLU A 4391 76.67 -40.86 6.45
C GLU A 4391 76.37 -39.46 6.99
N MET A 4392 75.69 -38.61 6.21
CA MET A 4392 75.16 -37.38 6.80
C MET A 4392 74.24 -37.70 7.97
N ALA A 4393 73.34 -38.65 7.80
CA ALA A 4393 72.39 -38.98 8.85
C ALA A 4393 73.10 -39.48 10.11
N VAL A 4394 74.05 -40.41 9.94
CA VAL A 4394 74.73 -40.97 11.10
C VAL A 4394 75.61 -39.92 11.77
N HIS A 4395 76.23 -39.03 10.98
CA HIS A 4395 77.09 -38.03 11.58
C HIS A 4395 76.29 -36.99 12.35
N VAL A 4396 75.15 -36.57 11.81
CA VAL A 4396 74.33 -35.61 12.55
C VAL A 4396 73.73 -36.26 13.80
N ALA A 4397 73.39 -37.56 13.71
CA ALA A 4397 72.91 -38.24 14.91
C ALA A 4397 74.00 -38.29 15.98
N THR A 4398 75.23 -38.63 15.59
CA THR A 4398 76.34 -38.66 16.54
C THR A 4398 76.62 -37.27 17.12
N ILE A 4399 76.54 -36.24 16.27
CA ILE A 4399 76.79 -34.88 16.73
C ILE A 4399 75.74 -34.47 17.76
N LEU A 4400 74.47 -34.76 17.48
CA LEU A 4400 73.41 -34.40 18.42
C LEU A 4400 73.51 -35.17 19.72
N LEU A 4401 73.85 -36.46 19.64
CA LEU A 4401 74.01 -37.25 20.86
C LEU A 4401 75.18 -36.74 21.69
N CYS A 4402 76.30 -36.41 21.04
CA CYS A 4402 77.49 -35.96 21.74
C CYS A 4402 77.54 -34.46 21.96
N GLY A 4403 76.67 -33.69 21.30
CA GLY A 4403 76.65 -32.25 21.51
C GLY A 4403 75.77 -31.86 22.66
N HIS A 4404 76.38 -31.62 23.82
CA HIS A 4404 75.65 -31.29 25.04
C HIS A 4404 75.60 -29.78 25.23
N ASN A 4405 75.00 -29.12 24.24
CA ASN A 4405 74.97 -27.67 24.18
C ASN A 4405 73.53 -27.17 24.17
N GLN A 4406 73.33 -25.95 24.67
CA GLN A 4406 71.99 -25.38 24.79
C GLN A 4406 71.35 -25.20 23.42
N ILE A 4407 72.11 -24.73 22.43
CA ILE A 4407 71.57 -24.54 21.09
C ILE A 4407 71.21 -25.87 20.46
N LEU A 4408 71.91 -26.95 20.83
CA LEU A 4408 71.63 -28.26 20.25
C LEU A 4408 70.45 -28.96 20.91
N LYS A 4409 69.89 -28.39 21.98
CA LYS A 4409 68.72 -29.02 22.62
C LYS A 4409 67.51 -29.06 21.70
N PRO A 4410 67.09 -27.98 21.04
CA PRO A 4410 65.98 -28.10 20.09
C PRO A 4410 66.28 -29.04 18.93
N LEU A 4411 67.53 -29.08 18.46
CA LEU A 4411 67.90 -30.01 17.40
C LEU A 4411 67.75 -31.45 17.87
N ARG A 4412 68.15 -31.71 19.11
CA ARG A 4412 67.94 -33.02 19.72
C ARG A 4412 66.46 -33.34 19.83
N ASN A 4413 65.65 -32.35 20.19
CA ASN A 4413 64.21 -32.58 20.29
C ASN A 4413 63.62 -32.93 18.93
N LEU A 4414 64.05 -32.24 17.87
CA LEU A 4414 63.56 -32.53 16.53
C LEU A 4414 63.98 -33.93 16.09
N ALA A 4415 65.24 -34.30 16.34
CA ALA A 4415 65.77 -35.55 15.81
C ALA A 4415 65.49 -36.76 16.69
N PHE A 4416 65.01 -36.56 17.92
CA PHE A 4416 64.78 -37.68 18.82
C PHE A 4416 63.46 -37.63 19.57
N TYR A 4417 62.76 -36.50 19.61
CA TYR A 4417 61.46 -36.39 20.27
C TYR A 4417 60.46 -35.77 19.31
N PRO A 4418 60.08 -36.50 18.25
CA PRO A 4418 59.10 -35.96 17.30
C PRO A 4418 57.70 -35.78 17.88
N VAL A 4419 57.32 -36.60 18.87
CA VAL A 4419 55.98 -36.49 19.44
C VAL A 4419 55.81 -35.14 20.14
N ASN A 4420 56.88 -34.63 20.76
CA ASN A 4420 56.81 -33.32 21.40
C ASN A 4420 56.85 -32.19 20.38
N MET A 4421 57.46 -32.41 19.22
CA MET A 4421 57.42 -31.47 18.11
C MET A 4421 56.12 -31.55 17.31
N ALA A 4422 55.10 -32.21 17.86
CA ALA A 4422 53.79 -32.24 17.19
C ALA A 4422 53.19 -30.84 17.18
N ASN A 4423 52.97 -30.30 15.98
CA ASN A 4423 52.46 -28.94 15.80
C ASN A 4423 53.37 -27.93 16.50
N ALA A 4424 54.61 -27.86 16.02
CA ALA A 4424 55.62 -26.96 16.55
C ALA A 4424 56.13 -26.04 15.45
N PHE A 4425 56.68 -24.91 15.87
CA PHE A 4425 57.19 -23.92 14.93
C PHE A 4425 58.47 -24.40 14.27
N LEU A 4426 58.34 -25.06 13.13
CA LEU A 4426 59.51 -25.61 12.43
C LEU A 4426 60.28 -24.49 11.75
N PRO A 4427 61.59 -24.44 11.88
CA PRO A 4427 62.36 -23.30 11.36
C PRO A 4427 62.48 -23.35 9.84
N THR A 4428 63.04 -22.27 9.30
CA THR A 4428 63.33 -22.13 7.87
C THR A 4428 62.09 -22.38 7.01
N MET A 4429 61.00 -21.73 7.40
CA MET A 4429 59.75 -21.78 6.67
C MET A 4429 59.25 -20.37 6.39
N PRO A 4430 58.58 -20.16 5.25
CA PRO A 4430 58.11 -18.82 4.92
C PRO A 4430 57.03 -18.34 5.87
N GLU A 4431 56.96 -17.02 6.03
CA GLU A 4431 55.95 -16.38 6.86
C GLU A 4431 55.34 -15.22 6.10
N ASP A 4432 54.09 -14.91 6.39
CA ASP A 4432 53.39 -13.82 5.72
C ASP A 4432 53.49 -12.52 6.51
N THR A 4499 52.57 -16.97 9.93
CA THR A 4499 52.39 -18.19 10.71
C THR A 4499 52.55 -19.43 9.83
N GLN A 4500 51.47 -20.19 9.69
CA GLN A 4500 51.44 -21.41 8.89
C GLN A 4500 52.55 -22.39 9.32
N THR A 4501 52.43 -22.84 10.57
CA THR A 4501 53.43 -23.71 11.16
C THR A 4501 53.38 -25.08 10.52
N GLY A 4502 54.45 -25.85 10.75
CA GLY A 4502 54.57 -27.18 10.19
C GLY A 4502 55.71 -27.29 9.19
N HIS A 4503 55.53 -28.13 8.18
CA HIS A 4503 56.52 -28.33 7.12
C HIS A 4503 55.86 -28.22 5.77
N VAL A 4504 55.08 -27.16 5.58
CA VAL A 4504 54.33 -26.96 4.35
C VAL A 4504 55.30 -26.69 3.20
N LEU A 4505 55.47 -27.68 2.33
CA LEU A 4505 56.31 -27.53 1.16
C LEU A 4505 55.75 -28.41 0.04
N GLY A 4506 55.90 -27.93 -1.19
CA GLY A 4506 55.49 -28.68 -2.36
C GLY A 4506 56.48 -29.78 -2.69
N SER A 4507 56.14 -30.53 -3.74
CA SER A 4507 57.03 -31.59 -4.20
C SER A 4507 58.33 -30.98 -4.70
N PRO A 4508 59.48 -31.52 -4.32
CA PRO A 4508 60.76 -30.90 -4.73
C PRO A 4508 60.98 -30.88 -6.23
N GLN A 4509 60.28 -31.73 -6.98
CA GLN A 4509 60.43 -31.77 -8.44
C GLN A 4509 59.57 -30.70 -9.10
N SER A 4510 59.69 -29.46 -8.64
CA SER A 4510 58.91 -28.34 -9.14
C SER A 4510 59.83 -27.32 -9.79
N SER A 4511 59.34 -26.70 -10.86
CA SER A 4511 60.09 -25.67 -11.58
C SER A 4511 59.89 -24.28 -10.99
N GLY A 4512 59.48 -24.19 -9.72
CA GLY A 4512 59.20 -22.92 -9.10
C GLY A 4512 60.47 -22.17 -8.71
N VAL A 4513 60.32 -21.28 -7.72
CA VAL A 4513 61.45 -20.49 -7.27
C VAL A 4513 62.48 -21.39 -6.60
N ALA A 4514 63.72 -20.89 -6.53
CA ALA A 4514 64.86 -21.60 -5.96
C ALA A 4514 64.86 -21.59 -4.44
N GLU A 4515 63.75 -21.23 -3.80
CA GLU A 4515 63.63 -21.15 -2.34
C GLU A 4515 64.60 -20.12 -1.77
N VAL A 4516 64.41 -18.88 -2.23
CA VAL A 4516 65.25 -17.78 -1.77
C VAL A 4516 65.10 -17.60 -0.27
N SER A 4517 66.08 -16.92 0.33
CA SER A 4517 66.12 -16.75 1.77
C SER A 4517 64.88 -15.99 2.27
N ASP A 4518 64.59 -16.17 3.55
CA ASP A 4518 63.42 -15.56 4.18
C ASP A 4518 63.68 -14.11 4.55
N ARG A 4519 62.83 -13.56 5.41
CA ARG A 4519 62.81 -12.13 5.70
C ARG A 4519 64.17 -11.61 6.18
N GLY A 4520 64.89 -12.38 6.99
CA GLY A 4520 66.06 -11.84 7.64
C GLY A 4520 67.28 -12.73 7.75
N GLN A 4521 67.51 -13.61 6.78
CA GLN A 4521 68.62 -14.53 6.84
C GLN A 4521 69.48 -14.43 5.58
N SER A 4522 70.79 -14.56 5.76
CA SER A 4522 71.70 -14.66 4.63
C SER A 4522 71.45 -15.96 3.87
N PRO A 4523 71.55 -15.95 2.53
CA PRO A 4523 71.16 -17.14 1.77
C PRO A 4523 71.94 -18.40 2.13
N VAL A 4524 73.26 -18.30 2.31
CA VAL A 4524 74.04 -19.49 2.64
C VAL A 4524 73.65 -20.04 4.01
N VAL A 4525 73.51 -19.15 5.00
CA VAL A 4525 73.13 -19.58 6.34
C VAL A 4525 71.73 -20.17 6.33
N PHE A 4526 70.79 -19.52 5.61
CA PHE A 4526 69.44 -20.05 5.52
C PHE A 4526 69.43 -21.44 4.88
N ILE A 4527 70.22 -21.63 3.83
CA ILE A 4527 70.31 -22.92 3.16
C ILE A 4527 70.84 -23.97 4.12
N LEU A 4528 71.93 -23.66 4.82
CA LEU A 4528 72.50 -24.63 5.75
C LEU A 4528 71.52 -24.96 6.87
N THR A 4529 70.81 -23.95 7.38
CA THR A 4529 69.86 -24.17 8.45
C THR A 4529 68.70 -25.05 8.00
N ARG A 4530 68.18 -24.81 6.79
CA ARG A 4530 67.09 -25.65 6.31
C ARG A 4530 67.57 -27.06 6.02
N LEU A 4531 68.80 -27.22 5.51
CA LEU A 4531 69.34 -28.56 5.30
C LEU A 4531 69.44 -29.32 6.63
N LEU A 4532 69.94 -28.63 7.67
CA LEU A 4532 70.06 -29.27 8.98
C LEU A 4532 68.69 -29.60 9.56
N THR A 4533 67.71 -28.72 9.36
CA THR A 4533 66.36 -29.02 9.83
C THR A 4533 65.77 -30.22 9.10
N HIS A 4534 66.01 -30.31 7.79
CA HIS A 4534 65.51 -31.44 7.01
C HIS A 4534 66.14 -32.74 7.47
N LEU A 4535 67.46 -32.75 7.69
CA LEU A 4535 68.09 -33.99 8.14
C LEU A 4535 67.67 -34.33 9.57
N ALA A 4536 67.39 -33.32 10.39
CA ALA A 4536 66.85 -33.57 11.72
C ALA A 4536 65.47 -34.21 11.65
N MET A 4537 64.64 -33.72 10.73
CA MET A 4537 63.32 -34.33 10.56
C MET A 4537 63.44 -35.76 10.04
N LEU A 4538 64.44 -36.03 9.19
CA LEU A 4538 64.70 -37.40 8.76
C LEU A 4538 65.10 -38.28 9.95
N VAL A 4539 65.99 -37.77 10.81
CA VAL A 4539 66.43 -38.54 11.96
C VAL A 4539 65.26 -38.84 12.89
N GLY A 4540 64.41 -37.84 13.12
CA GLY A 4540 63.23 -38.05 13.95
C GLY A 4540 62.25 -39.03 13.32
N ALA A 4541 62.07 -38.94 12.00
CA ALA A 4541 61.11 -39.79 11.32
C ALA A 4541 61.58 -41.23 11.22
N THR A 4542 62.90 -41.47 11.27
CA THR A 4542 63.42 -42.83 11.21
C THR A 4542 63.00 -43.67 12.40
N HIS A 4543 62.56 -43.06 13.49
CA HIS A 4543 62.01 -43.77 14.63
C HIS A 4543 60.49 -43.89 14.57
N ASN A 4544 59.78 -42.75 14.48
CA ASN A 4544 58.32 -42.71 14.46
C ASN A 4544 57.78 -41.88 13.30
N PRO A 4545 57.64 -42.51 12.13
CA PRO A 4545 57.12 -41.77 10.96
C PRO A 4545 55.70 -41.26 11.13
N GLN A 4546 54.92 -41.83 12.06
CA GLN A 4546 53.54 -41.39 12.23
C GLN A 4546 53.46 -39.99 12.86
N ALA A 4547 54.36 -39.70 13.82
CA ALA A 4547 54.38 -38.38 14.42
C ALA A 4547 54.71 -37.30 13.38
N LEU A 4548 55.68 -37.58 12.51
CA LEU A 4548 55.97 -36.65 11.42
C LEU A 4548 54.81 -36.57 10.44
N THR A 4549 54.16 -37.70 10.15
CA THR A 4549 52.97 -37.68 9.31
C THR A 4549 51.94 -36.71 9.86
N VAL A 4550 51.75 -36.71 11.17
CA VAL A 4550 50.89 -35.73 11.80
C VAL A 4550 51.48 -34.33 11.67
N ILE A 4551 52.81 -34.22 11.75
CA ILE A 4551 53.46 -32.91 11.73
C ILE A 4551 53.35 -32.27 10.34
N ILE A 4552 53.82 -32.97 9.32
CA ILE A 4552 53.78 -32.43 7.96
C ILE A 4552 52.38 -32.58 7.41
N LYS A 4553 51.84 -31.50 6.84
CA LYS A 4553 50.44 -31.45 6.44
C LYS A 4553 50.14 -32.23 5.15
N PRO A 4554 50.80 -31.93 4.00
CA PRO A 4554 50.28 -32.44 2.72
C PRO A 4554 50.27 -33.95 2.56
N TRP A 4555 51.41 -34.62 2.72
CA TRP A 4555 51.52 -36.02 2.35
C TRP A 4555 50.96 -36.93 3.44
N VAL A 4556 50.62 -38.15 3.03
CA VAL A 4556 50.19 -39.20 3.95
C VAL A 4556 50.89 -40.53 3.69
N GLN A 4557 51.78 -40.61 2.70
CA GLN A 4557 52.32 -41.90 2.27
C GLN A 4557 53.65 -42.24 2.94
N ASP A 4558 54.68 -41.44 2.71
CA ASP A 4558 56.01 -41.81 3.18
C ASP A 4558 56.89 -40.57 3.38
N PRO A 4559 57.31 -40.29 4.61
CA PRO A 4559 58.27 -39.19 4.81
C PRO A 4559 59.63 -39.45 4.18
N GLN A 4560 60.03 -40.72 4.10
CA GLN A 4560 61.41 -41.04 3.71
C GLN A 4560 61.68 -40.65 2.28
N GLY A 4561 60.83 -41.06 1.34
CA GLY A 4561 61.08 -40.77 -0.07
C GLY A 4561 61.00 -39.29 -0.39
N PHE A 4562 59.98 -38.61 0.17
CA PHE A 4562 59.84 -37.17 -0.07
C PHE A 4562 61.02 -36.41 0.50
N LEU A 4563 61.47 -36.74 1.71
CA LEU A 4563 62.63 -36.07 2.26
C LEU A 4563 63.90 -36.44 1.51
N GLN A 4564 63.96 -37.65 0.93
CA GLN A 4564 65.10 -38.02 0.11
C GLN A 4564 65.18 -37.15 -1.13
N GLN A 4565 64.04 -36.92 -1.79
CA GLN A 4565 64.02 -36.02 -2.93
C GLN A 4565 64.37 -34.59 -2.51
N HIS A 4566 63.86 -34.17 -1.34
CA HIS A 4566 64.23 -32.85 -0.81
C HIS A 4566 65.74 -32.74 -0.64
N ILE A 4567 66.36 -33.77 -0.05
CA ILE A 4567 67.80 -33.73 0.20
C ILE A 4567 68.58 -33.78 -1.10
N GLN A 4568 68.09 -34.52 -2.10
CA GLN A 4568 68.75 -34.55 -3.39
C GLN A 4568 68.73 -33.18 -4.05
N ARG A 4569 67.58 -32.51 -4.01
CA ARG A 4569 67.51 -31.14 -4.53
C ARG A 4569 68.43 -30.21 -3.76
N ASP A 4570 68.46 -30.36 -2.43
CA ASP A 4570 69.33 -29.54 -1.61
C ASP A 4570 70.79 -29.74 -1.99
N LEU A 4571 71.21 -30.99 -2.16
CA LEU A 4571 72.61 -31.27 -2.44
C LEU A 4571 73.00 -30.78 -3.83
N GLU A 4572 72.12 -30.96 -4.83
CA GLU A 4572 72.47 -30.46 -6.16
C GLU A 4572 72.51 -28.95 -6.19
N GLN A 4573 71.65 -28.28 -5.41
CA GLN A 4573 71.72 -26.82 -5.40
C GLN A 4573 72.93 -26.33 -4.60
N LEU A 4574 73.38 -27.12 -3.62
CA LEU A 4574 74.63 -26.79 -2.93
C LEU A 4574 75.83 -26.95 -3.86
N THR A 4575 75.87 -28.03 -4.64
CA THR A 4575 76.97 -28.17 -5.58
C THR A 4575 76.89 -27.15 -6.69
N LYS A 4576 75.71 -26.58 -6.94
CA LYS A 4576 75.60 -25.41 -7.81
C LYS A 4576 75.89 -24.11 -7.07
N MET A 4577 75.97 -24.16 -5.73
CA MET A 4577 76.20 -22.98 -4.90
C MET A 4577 77.67 -22.62 -4.74
N LEU A 4578 78.49 -23.55 -4.28
CA LEU A 4578 79.92 -23.29 -4.11
C LEU A 4578 80.66 -23.67 -5.38
N GLY A 4579 81.54 -22.79 -5.83
CA GLY A 4579 82.38 -23.09 -6.98
C GLY A 4579 83.43 -24.13 -6.63
N ARG A 4580 82.97 -25.27 -6.12
CA ARG A 4580 83.83 -26.36 -5.67
C ARG A 4580 83.39 -27.62 -6.42
N SER A 4581 83.95 -28.75 -6.01
CA SER A 4581 83.45 -30.04 -6.46
C SER A 4581 82.41 -30.55 -5.47
N ALA A 4582 81.58 -31.48 -5.93
CA ALA A 4582 80.59 -32.08 -5.06
C ALA A 4582 81.25 -32.76 -3.86
N ASP A 4583 82.39 -33.40 -4.09
CA ASP A 4583 83.19 -33.90 -2.97
C ASP A 4583 83.58 -32.76 -2.04
N GLU A 4584 83.94 -31.61 -2.62
CA GLU A 4584 84.34 -30.48 -1.79
C GLU A 4584 83.14 -29.85 -1.07
N THR A 4585 81.95 -29.89 -1.68
CA THR A 4585 80.76 -29.50 -0.94
C THR A 4585 80.51 -30.43 0.23
N ILE A 4586 80.73 -31.73 0.04
CA ILE A 4586 80.59 -32.68 1.14
C ILE A 4586 81.62 -32.38 2.23
N HIS A 4587 82.86 -32.07 1.82
CA HIS A 4587 83.88 -31.70 2.80
C HIS A 4587 83.48 -30.46 3.58
N VAL A 4588 82.93 -29.46 2.89
CA VAL A 4588 82.52 -28.23 3.54
C VAL A 4588 81.40 -28.50 4.54
N VAL A 4589 80.40 -29.29 4.14
CA VAL A 4589 79.29 -29.57 5.05
C VAL A 4589 79.77 -30.41 6.23
N HIS A 4590 80.73 -31.30 6.02
CA HIS A 4590 81.28 -32.06 7.15
C HIS A 4590 82.03 -31.16 8.10
N LEU A 4591 82.82 -30.21 7.57
CA LEU A 4591 83.51 -29.27 8.43
C LEU A 4591 82.52 -28.43 9.23
N ILE A 4592 81.46 -27.95 8.58
CA ILE A 4592 80.45 -27.17 9.28
C ILE A 4592 79.79 -27.99 10.37
N LEU A 4593 79.45 -29.24 10.06
CA LEU A 4593 78.77 -30.10 11.03
C LEU A 4593 79.66 -30.41 12.23
N SER A 4594 80.93 -30.70 11.98
CA SER A 4594 81.85 -31.03 13.08
C SER A 4594 82.33 -29.81 13.84
N SER A 4595 82.21 -28.61 13.25
CA SER A 4595 82.64 -27.40 13.94
C SER A 4595 81.70 -26.97 15.05
N LEU A 4596 80.40 -27.24 14.92
CA LEU A 4596 79.44 -26.89 15.95
C LEU A 4596 79.46 -27.87 17.13
N LEU A 4597 80.21 -28.96 17.03
CA LEU A 4597 80.39 -29.84 18.18
C LEU A 4597 81.38 -29.24 19.18
N ARG A 4598 82.34 -28.44 18.71
CA ARG A 4598 83.38 -27.86 19.54
C ARG A 4598 83.09 -26.41 19.91
N VAL A 4599 81.82 -26.08 20.15
CA VAL A 4599 81.42 -24.70 20.44
C VAL A 4599 80.90 -24.64 21.88
N GLN A 4600 81.52 -25.43 22.75
CA GLN A 4600 81.14 -25.57 24.15
C GLN A 4600 80.84 -24.25 24.86
N SER A 4601 81.39 -23.15 24.35
CA SER A 4601 81.08 -21.82 24.86
C SER A 4601 79.57 -21.61 24.91
N HIS A 4602 79.05 -21.37 26.11
CA HIS A 4602 77.61 -21.29 26.34
C HIS A 4602 77.18 -19.83 26.42
N GLY A 4603 76.51 -19.37 25.37
CA GLY A 4603 75.93 -18.04 25.34
C GLY A 4603 74.56 -18.06 24.70
N VAL A 4604 73.85 -19.18 24.87
CA VAL A 4604 72.64 -19.46 24.11
C VAL A 4604 71.42 -19.34 25.03
N LEU A 4605 71.51 -18.47 26.03
CA LEU A 4605 70.46 -18.38 27.04
C LEU A 4605 69.22 -17.71 26.44
N ASN A 4606 68.28 -17.39 27.35
CA ASN A 4606 66.99 -16.72 27.08
C ASN A 4606 66.36 -17.14 25.75
N PHE A 4607 66.17 -18.45 25.61
CA PHE A 4607 65.38 -18.98 24.51
C PHE A 4607 64.83 -20.34 24.92
N ASN A 4608 63.60 -20.62 24.50
CA ASN A 4608 62.92 -21.85 24.90
C ASN A 4608 63.52 -23.04 24.16
N ALA A 4609 63.61 -24.17 24.85
CA ALA A 4609 64.17 -25.39 24.28
C ALA A 4609 63.15 -26.23 23.53
N GLU A 4610 61.98 -25.68 23.22
CA GLU A 4610 60.95 -26.41 22.51
C GLU A 4610 60.49 -25.75 21.21
N LEU A 4611 60.96 -24.53 20.91
CA LEU A 4611 60.60 -23.83 19.68
C LEU A 4611 59.09 -23.66 19.55
N SER A 4612 58.42 -23.42 20.68
CA SER A 4612 56.97 -23.28 20.69
C SER A 4612 56.51 -21.85 20.43
N THR A 4613 57.41 -20.88 20.40
CA THR A 4613 57.05 -19.48 20.19
C THR A 4613 57.91 -18.90 19.09
N LYS A 4614 57.34 -17.92 18.37
CA LYS A 4614 58.05 -17.32 17.25
C LYS A 4614 59.26 -16.51 17.72
N GLY A 4615 59.18 -15.88 18.88
CA GLY A 4615 60.35 -15.16 19.40
C GLY A 4615 61.51 -16.08 19.70
N CYS A 4616 61.23 -17.21 20.36
CA CYS A 4616 62.29 -18.18 20.64
C CYS A 4616 62.79 -18.84 19.35
N ARG A 4617 61.89 -19.06 18.38
CA ARG A 4617 62.32 -19.58 17.09
C ARG A 4617 63.27 -18.61 16.39
N ASN A 4618 62.95 -17.32 16.44
CA ASN A 4618 63.81 -16.31 15.83
C ASN A 4618 65.14 -16.20 16.56
N ASN A 4619 65.13 -16.32 17.89
CA ASN A 4619 66.39 -16.31 18.63
C ASN A 4619 67.25 -17.52 18.29
N TRP A 4620 66.62 -18.69 18.15
CA TRP A 4620 67.33 -19.88 17.72
C TRP A 4620 67.93 -19.68 16.33
N GLU A 4621 67.16 -19.08 15.42
CA GLU A 4621 67.67 -18.79 14.10
C GLU A 4621 68.83 -17.80 14.14
N LYS A 4622 68.76 -16.83 15.05
CA LYS A 4622 69.85 -15.85 15.19
C LYS A 4622 71.14 -16.53 15.64
N HIS A 4623 71.06 -17.36 16.68
CA HIS A 4623 72.26 -18.06 17.14
C HIS A 4623 72.76 -19.05 16.10
N PHE A 4624 71.84 -19.70 15.38
CA PHE A 4624 72.24 -20.62 14.32
C PHE A 4624 72.96 -19.87 13.21
N GLU A 4625 72.48 -18.68 12.86
CA GLU A 4625 73.16 -17.86 11.87
C GLU A 4625 74.54 -17.45 12.36
N THR A 4626 74.65 -17.07 13.63
CA THR A 4626 75.95 -16.70 14.18
C THR A 4626 76.94 -17.85 14.07
N LEU A 4627 76.54 -19.04 14.52
CA LEU A 4627 77.45 -20.18 14.46
C LEU A 4627 77.76 -20.56 13.02
N LEU A 4628 76.77 -20.53 12.14
CA LEU A 4628 77.00 -20.91 10.75
C LEU A 4628 77.98 -19.96 10.06
N LEU A 4629 77.83 -18.65 10.30
CA LEU A 4629 78.78 -17.71 9.71
C LEU A 4629 80.17 -17.88 10.32
N ARG A 4630 80.24 -18.09 11.65
CA ARG A 4630 81.53 -18.30 12.29
C ARG A 4630 82.25 -19.51 11.72
N GLU A 4631 81.51 -20.55 11.34
CA GLU A 4631 82.14 -21.76 10.83
C GLU A 4631 82.32 -21.75 9.31
N LEU A 4632 81.56 -20.93 8.58
CA LEU A 4632 81.77 -20.81 7.14
C LEU A 4632 82.83 -19.78 6.78
N LYS A 4633 83.18 -18.89 7.71
CA LYS A 4633 84.35 -18.04 7.51
C LYS A 4633 85.66 -18.75 7.84
N HIS A 4634 85.63 -20.08 7.93
CA HIS A 4634 86.81 -20.85 8.30
C HIS A 4634 87.00 -22.09 7.42
N LEU A 4635 86.42 -22.11 6.22
CA LEU A 4635 86.51 -23.27 5.33
C LEU A 4635 87.43 -23.06 4.15
N ASP A 4636 87.67 -21.80 3.74
CA ASP A 4636 88.52 -21.56 2.59
C ASP A 4636 89.96 -22.02 2.84
N LYS A 4637 90.47 -21.82 4.05
CA LYS A 4637 91.82 -22.19 4.41
C LYS A 4637 91.91 -23.57 5.04
N ASN A 4638 90.79 -24.28 5.19
CA ASN A 4638 90.79 -25.64 5.71
C ASN A 4638 90.39 -26.68 4.67
N LEU A 4639 89.72 -26.28 3.59
CA LEU A 4639 89.39 -27.21 2.52
C LEU A 4639 90.63 -27.82 1.87
N PRO A 4640 91.66 -27.06 1.50
CA PRO A 4640 92.88 -27.70 0.98
C PRO A 4640 93.54 -28.65 1.98
N ALA A 4641 93.53 -28.29 3.27
CA ALA A 4641 94.17 -29.14 4.26
C ALA A 4641 93.44 -30.48 4.40
N ILE A 4642 92.11 -30.43 4.50
CA ILE A 4642 91.35 -31.66 4.61
C ILE A 4642 91.44 -32.47 3.32
N ASN A 4643 91.50 -31.80 2.17
CA ASN A 4643 91.65 -32.51 0.90
C ASN A 4643 92.98 -33.25 0.86
N ALA A 4644 94.07 -32.58 1.28
CA ALA A 4644 95.38 -33.21 1.29
C ALA A 4644 95.43 -34.37 2.27
N LEU A 4645 94.85 -34.20 3.45
CA LEU A 4645 94.88 -35.26 4.46
C LEU A 4645 94.06 -36.46 4.02
N ILE A 4646 92.90 -36.23 3.38
CA ILE A 4646 92.08 -37.34 2.91
C ILE A 4646 92.74 -38.03 1.73
N SER A 4647 93.42 -37.26 0.87
CA SER A 4647 94.15 -37.85 -0.25
C SER A 4647 95.28 -38.77 0.22
N GLN A 4648 95.77 -38.59 1.44
CA GLN A 4648 96.84 -39.41 1.99
C GLN A 4648 96.31 -40.58 2.82
N ASP A 4649 95.01 -40.79 2.86
CA ASP A 4649 94.45 -41.92 3.58
C ASP A 4649 94.99 -43.23 2.99
N GLU A 4650 95.49 -44.10 3.86
CA GLU A 4650 96.15 -45.32 3.41
C GLU A 4650 95.19 -46.49 3.24
N ARG A 4651 94.07 -46.26 2.58
CA ARG A 4651 93.25 -47.33 2.00
C ARG A 4651 92.66 -46.95 0.65
N ILE A 4652 92.68 -45.68 0.26
CA ILE A 4652 92.24 -45.26 -1.05
C ILE A 4652 93.40 -44.81 -1.94
N SER A 4653 94.49 -44.31 -1.34
CA SER A 4653 95.67 -43.93 -2.13
C SER A 4653 96.25 -45.12 -2.87
N SER A 4654 95.99 -46.35 -2.41
CA SER A 4654 96.40 -47.53 -3.15
C SER A 4654 95.77 -47.56 -4.53
N ASN A 4655 94.56 -47.03 -4.65
CA ASN A 4655 93.90 -46.93 -5.95
C ASN A 4655 94.61 -45.88 -6.79
N PRO A 4656 95.12 -46.23 -7.97
CA PRO A 4656 95.74 -45.21 -8.83
C PRO A 4656 94.77 -44.15 -9.34
N VAL A 4657 93.46 -44.44 -9.32
CA VAL A 4657 92.49 -43.50 -9.87
C VAL A 4657 92.46 -42.22 -9.03
N THR A 4658 92.48 -42.36 -7.70
CA THR A 4658 92.39 -41.19 -6.84
C THR A 4658 93.61 -40.28 -6.95
N LYS A 4659 94.73 -40.78 -7.49
CA LYS A 4659 95.90 -39.94 -7.67
C LYS A 4659 95.69 -38.91 -8.77
N ILE A 4660 95.15 -39.34 -9.91
CA ILE A 4660 94.92 -38.44 -11.05
C ILE A 4660 93.64 -37.66 -10.81
N ILE A 4661 93.05 -37.81 -9.63
CA ILE A 4661 91.77 -37.18 -9.31
C ILE A 4661 91.93 -36.23 -8.13
N TYR A 4662 92.46 -36.72 -7.01
CA TYR A 4662 92.38 -36.05 -5.73
C TYR A 4662 93.71 -35.42 -5.30
N GLY A 4663 94.46 -34.84 -6.21
CA GLY A 4663 95.61 -34.04 -5.82
C GLY A 4663 96.97 -34.72 -5.88
N ASP A 4664 97.25 -35.40 -6.98
CA ASP A 4664 98.55 -35.99 -7.22
C ASP A 4664 98.94 -35.77 -8.68
N PRO A 4665 100.09 -35.16 -8.94
CA PRO A 4665 100.51 -34.96 -10.33
C PRO A 4665 100.62 -36.26 -11.09
N ALA A 4666 100.26 -36.22 -12.38
CA ALA A 4666 100.17 -37.40 -13.22
C ALA A 4666 101.49 -37.78 -13.87
N THR A 4667 102.62 -37.38 -13.29
CA THR A 4667 103.91 -37.77 -13.83
C THR A 4667 104.16 -39.26 -13.70
N PHE A 4668 103.48 -39.94 -12.77
CA PHE A 4668 103.71 -41.36 -12.55
C PHE A 4668 103.13 -42.24 -13.65
N LEU A 4669 102.36 -41.69 -14.58
CA LEU A 4669 101.89 -42.44 -15.74
C LEU A 4669 103.03 -42.56 -16.75
N PRO A 4670 103.46 -43.78 -17.08
CA PRO A 4670 104.65 -43.92 -17.95
C PRO A 4670 104.45 -43.37 -19.36
N HIS A 4671 103.27 -43.54 -19.93
CA HIS A 4671 103.01 -43.08 -21.30
C HIS A 4671 102.62 -41.61 -21.30
N LEU A 4672 103.59 -40.78 -20.96
CA LEU A 4672 103.37 -39.34 -20.84
C LEU A 4672 104.41 -38.57 -21.63
N PRO A 4673 104.06 -37.39 -22.12
CA PRO A 4673 105.07 -36.52 -22.73
C PRO A 4673 106.01 -35.96 -21.67
N GLN A 4674 107.20 -35.57 -22.13
CA GLN A 4674 108.22 -35.06 -21.23
C GLN A 4674 107.76 -33.76 -20.57
N LYS A 4675 108.52 -33.34 -19.56
CA LYS A 4675 108.18 -32.14 -18.80
C LYS A 4675 108.24 -30.91 -19.68
N SER A 4676 107.13 -30.16 -19.72
CA SER A 4676 107.03 -28.97 -20.54
C SER A 4676 106.44 -27.83 -19.73
N ILE A 4677 106.82 -26.60 -20.10
CA ILE A 4677 106.33 -25.42 -19.40
C ILE A 4677 104.82 -25.24 -19.59
N ILE A 4678 104.25 -25.73 -20.68
CA ILE A 4678 102.81 -25.61 -20.93
C ILE A 4678 102.12 -26.86 -20.40
N HIS A 4679 102.87 -27.95 -20.26
CA HIS A 4679 102.32 -29.23 -19.81
C HIS A 4679 102.49 -29.43 -18.31
N CYS A 4680 102.47 -28.37 -17.52
CA CYS A 4680 102.60 -28.49 -16.08
C CYS A 4680 101.34 -29.13 -15.47
N SER A 4681 101.51 -29.68 -14.28
CA SER A 4681 100.40 -30.33 -13.59
C SER A 4681 99.30 -29.33 -13.23
N LYS A 4682 99.69 -28.13 -12.80
CA LYS A 4682 98.69 -27.12 -12.45
C LYS A 4682 97.89 -26.68 -13.67
N ILE A 4683 98.55 -26.55 -14.83
CA ILE A 4683 97.87 -26.08 -16.02
C ILE A 4683 96.80 -27.07 -16.45
N TRP A 4684 97.11 -28.36 -16.43
CA TRP A 4684 96.19 -29.40 -16.87
C TRP A 4684 95.18 -29.79 -15.80
N SER A 4685 95.01 -28.97 -14.76
CA SER A 4685 94.05 -29.24 -13.71
C SER A 4685 92.68 -28.67 -14.10
N CYS A 4686 91.70 -28.86 -13.21
CA CYS A 4686 90.34 -28.39 -13.44
C CYS A 4686 90.10 -27.08 -12.71
N ARG A 4687 89.21 -26.26 -13.29
CA ARG A 4687 88.85 -24.98 -12.70
C ARG A 4687 87.34 -24.89 -12.58
N ARG A 4688 86.88 -23.80 -11.98
CA ARG A 4688 85.48 -23.64 -11.66
C ARG A 4688 84.70 -23.08 -12.85
N LYS A 4689 83.37 -23.19 -12.76
CA LYS A 4689 82.46 -22.57 -13.70
C LYS A 4689 81.71 -21.46 -12.96
N ILE A 4690 81.92 -20.21 -13.39
CA ILE A 4690 81.34 -19.08 -12.68
C ILE A 4690 79.83 -19.07 -12.88
N THR A 4691 79.09 -19.01 -11.78
CA THR A 4691 77.63 -19.03 -11.77
C THR A 4691 77.14 -17.92 -10.85
N VAL A 4692 75.95 -17.38 -11.16
CA VAL A 4692 75.39 -16.26 -10.41
C VAL A 4692 75.31 -16.57 -8.92
N GLU A 4693 75.22 -17.84 -8.55
CA GLU A 4693 75.20 -18.20 -7.13
C GLU A 4693 76.57 -17.95 -6.49
N TYR A 4694 77.64 -18.17 -7.26
CA TYR A 4694 78.97 -17.78 -6.78
C TYR A 4694 79.08 -16.26 -6.66
N LEU A 4695 78.41 -15.51 -7.55
CA LEU A 4695 78.33 -14.07 -7.39
C LEU A 4695 77.59 -13.70 -6.10
N GLN A 4696 76.54 -14.45 -5.77
CA GLN A 4696 75.84 -14.25 -4.51
C GLN A 4696 76.78 -14.47 -3.33
N HIS A 4697 77.58 -15.53 -3.39
CA HIS A 4697 78.53 -15.80 -2.32
C HIS A 4697 79.55 -14.67 -2.19
N ILE A 4698 80.06 -14.18 -3.33
CA ILE A 4698 81.04 -13.11 -3.29
C ILE A 4698 80.42 -11.84 -2.70
N VAL A 4699 79.19 -11.51 -3.11
CA VAL A 4699 78.58 -10.27 -2.67
C VAL A 4699 78.22 -10.34 -1.18
N GLU A 4700 77.81 -11.51 -0.69
CA GLU A 4700 77.47 -11.61 0.72
C GLU A 4700 78.72 -11.71 1.60
N GLN A 4701 79.78 -12.36 1.13
CA GLN A 4701 80.97 -12.55 1.93
C GLN A 4701 81.89 -11.33 1.94
N LYS A 4702 81.66 -10.37 1.05
CA LYS A 4702 82.50 -9.18 0.95
C LYS A 4702 81.79 -7.92 1.43
N ASN A 4703 80.77 -8.06 2.26
CA ASN A 4703 80.02 -6.93 2.83
C ASN A 4703 79.40 -6.07 1.72
N GLY A 4704 78.50 -6.69 0.96
CA GLY A 4704 77.79 -6.01 -0.10
C GLY A 4704 76.58 -5.22 0.34
N LYS A 4705 76.30 -5.16 1.64
CA LYS A 4705 75.12 -4.45 2.13
C LYS A 4705 75.19 -2.96 1.81
N GLU A 4706 76.37 -2.36 1.98
CA GLU A 4706 76.54 -0.93 1.74
C GLU A 4706 77.49 -0.63 0.59
N THR A 4707 78.41 -1.54 0.25
CA THR A 4707 79.35 -1.29 -0.84
C THR A 4707 78.64 -1.34 -2.19
N VAL A 4708 78.05 -2.49 -2.52
CA VAL A 4708 77.30 -2.64 -3.76
C VAL A 4708 75.97 -3.33 -3.43
N PRO A 4709 74.96 -2.58 -2.99
CA PRO A 4709 73.70 -3.21 -2.59
C PRO A 4709 72.75 -3.46 -3.76
N VAL A 4710 72.86 -2.68 -4.83
CA VAL A 4710 71.96 -2.85 -5.97
C VAL A 4710 72.17 -4.21 -6.62
N LEU A 4711 73.43 -4.61 -6.82
CA LEU A 4711 73.71 -5.94 -7.35
C LEU A 4711 73.25 -7.01 -6.38
N TRP A 4712 73.39 -6.75 -5.07
CA TRP A 4712 72.92 -7.70 -4.06
C TRP A 4712 71.42 -7.95 -4.20
N HIS A 4713 70.63 -6.89 -4.35
CA HIS A 4713 69.19 -7.06 -4.54
C HIS A 4713 68.88 -7.73 -5.87
N PHE A 4714 69.65 -7.39 -6.92
CA PHE A 4714 69.41 -7.99 -8.22
C PHE A 4714 69.61 -9.50 -8.17
N LEU A 4715 70.68 -9.96 -7.51
CA LEU A 4715 70.86 -11.40 -7.37
C LEU A 4715 69.96 -11.99 -6.30
N GLN A 4716 69.42 -11.16 -5.41
CA GLN A 4716 68.39 -11.64 -4.48
C GLN A 4716 67.14 -12.06 -5.23
N LYS A 4717 66.68 -11.25 -6.19
CA LYS A 4717 65.41 -11.54 -6.85
C LYS A 4717 65.55 -11.78 -8.35
N GLU A 4718 66.73 -12.21 -8.81
CA GLU A 4718 66.91 -12.49 -10.24
C GLU A 4718 66.00 -13.62 -10.71
N ALA A 4719 65.77 -14.62 -9.86
CA ALA A 4719 64.95 -15.76 -10.26
C ALA A 4719 63.56 -15.32 -10.70
N GLU A 4720 62.93 -14.44 -9.92
CA GLU A 4720 61.60 -13.95 -10.29
C GLU A 4720 61.69 -12.79 -11.29
N LEU A 4721 62.82 -12.06 -11.31
CA LEU A 4721 62.98 -11.02 -12.30
C LEU A 4721 63.04 -11.59 -13.71
N ARG A 4722 63.57 -12.81 -13.85
CA ARG A 4722 63.61 -13.47 -15.15
C ARG A 4722 62.22 -13.71 -15.74
N LEU A 4723 61.20 -13.79 -14.90
CA LEU A 4723 59.84 -14.09 -15.35
C LEU A 4723 58.95 -12.85 -15.49
N VAL A 4724 59.51 -11.66 -15.28
CA VAL A 4724 58.73 -10.45 -15.51
C VAL A 4724 58.64 -10.12 -17.00
N LYS A 4725 59.48 -10.75 -17.82
CA LYS A 4725 59.42 -10.53 -19.26
C LYS A 4725 58.11 -11.01 -19.86
N PHE A 4726 57.46 -11.99 -19.24
CA PHE A 4726 56.20 -12.51 -19.75
C PHE A 4726 54.99 -11.84 -19.13
N LEU A 4727 55.19 -10.87 -18.25
CA LEU A 4727 54.07 -10.12 -17.68
C LEU A 4727 53.19 -9.47 -18.74
N PRO A 4728 53.72 -8.82 -19.79
CA PRO A 4728 52.82 -8.28 -20.83
C PRO A 4728 51.93 -9.33 -21.46
N GLU A 4729 52.44 -10.55 -21.63
CA GLU A 4729 51.64 -11.60 -22.25
C GLU A 4729 50.43 -11.96 -21.39
N ILE A 4730 50.66 -12.22 -20.10
CA ILE A 4730 49.54 -12.56 -19.22
C ILE A 4730 48.61 -11.37 -19.05
N LEU A 4731 49.15 -10.14 -19.06
CA LEU A 4731 48.31 -8.96 -18.98
C LEU A 4731 47.40 -8.85 -20.19
N ALA A 4732 47.95 -9.09 -21.39
CA ALA A 4732 47.12 -9.06 -22.60
C ALA A 4732 46.05 -10.14 -22.57
N LEU A 4733 46.41 -11.34 -22.09
CA LEU A 4733 45.41 -12.37 -21.88
C LEU A 4733 44.29 -11.87 -20.96
N GLN A 4734 44.67 -11.18 -19.88
CA GLN A 4734 43.68 -10.65 -18.96
C GLN A 4734 42.79 -9.60 -19.62
N ARG A 4735 43.37 -8.71 -20.43
CA ARG A 4735 42.56 -7.71 -21.13
C ARG A 4735 41.57 -8.40 -22.05
N ASP A 4736 42.02 -9.41 -22.80
CA ASP A 4736 41.12 -10.10 -23.72
C ASP A 4736 39.99 -10.80 -22.96
N LEU A 4737 40.32 -11.48 -21.86
CA LEU A 4737 39.28 -12.17 -21.10
C LEU A 4737 38.32 -11.18 -20.44
N VAL A 4738 38.82 -10.03 -20.01
CA VAL A 4738 37.96 -9.01 -19.41
C VAL A 4738 36.99 -8.46 -20.44
N LYS A 4739 37.51 -8.09 -21.62
CA LYS A 4739 36.65 -7.55 -22.65
C LYS A 4739 35.64 -8.59 -23.15
N GLN A 4740 36.07 -9.84 -23.27
CA GLN A 4740 35.19 -10.88 -23.80
C GLN A 4740 34.18 -11.39 -22.78
N PHE A 4741 34.39 -11.11 -21.49
CA PHE A 4741 33.48 -11.57 -20.44
C PHE A 4741 33.18 -10.40 -19.49
N GLN A 4742 32.70 -9.30 -20.08
CA GLN A 4742 32.31 -8.12 -19.32
C GLN A 4742 30.87 -8.27 -18.79
N ASN A 4743 30.69 -9.30 -17.97
CA ASN A 4743 29.40 -9.59 -17.34
C ASN A 4743 29.67 -10.24 -15.99
N VAL A 4744 28.60 -10.76 -15.38
CA VAL A 4744 28.69 -11.47 -14.12
C VAL A 4744 27.79 -12.70 -14.18
N SER A 4745 28.31 -13.83 -13.70
CA SER A 4745 27.54 -15.09 -13.63
C SER A 4745 26.97 -15.48 -14.99
N ARG A 4746 27.78 -15.33 -16.03
CA ARG A 4746 27.42 -15.74 -17.38
C ARG A 4746 28.44 -16.70 -17.97
N VAL A 4747 29.09 -17.50 -17.13
CA VAL A 4747 30.15 -18.42 -17.56
C VAL A 4747 29.62 -19.84 -17.54
N GLU A 4748 29.91 -20.59 -18.59
CA GLU A 4748 29.46 -21.98 -18.71
C GLU A 4748 30.60 -22.96 -18.99
N TYR A 4749 31.78 -22.47 -19.35
CA TYR A 4749 32.89 -23.37 -19.67
C TYR A 4749 33.46 -23.98 -18.39
N SER A 4750 33.50 -25.31 -18.35
CA SER A 4750 34.00 -26.01 -17.17
C SER A 4750 35.52 -25.99 -17.12
N SER A 4751 36.16 -26.41 -18.22
CA SER A 4751 37.61 -26.45 -18.32
C SER A 4751 38.09 -25.48 -19.38
N ILE A 4752 39.37 -25.10 -19.26
CA ILE A 4752 39.98 -24.23 -20.25
C ILE A 4752 40.06 -24.92 -21.61
N ARG A 4753 40.13 -26.25 -21.62
CA ARG A 4753 40.22 -26.99 -22.88
C ARG A 4753 38.98 -26.75 -23.73
N GLY A 4754 37.79 -26.83 -23.13
CA GLY A 4754 36.58 -26.57 -23.89
C GLY A 4754 36.52 -25.15 -24.40
N PHE A 4755 36.95 -24.18 -23.57
CA PHE A 4755 36.94 -22.79 -23.97
C PHE A 4755 37.85 -22.54 -25.17
N ILE A 4756 39.07 -23.09 -25.14
CA ILE A 4756 40.00 -22.88 -26.25
C ILE A 4756 39.54 -23.63 -27.49
N HIS A 4757 39.03 -24.86 -27.33
CA HIS A 4757 38.55 -25.60 -28.49
C HIS A 4757 37.22 -25.07 -29.02
N SER A 4758 36.58 -24.15 -28.30
CA SER A 4758 35.33 -23.55 -28.74
C SER A 4758 35.55 -22.44 -29.76
N HIS A 4759 36.73 -22.38 -30.38
CA HIS A 4759 37.05 -21.37 -31.39
C HIS A 4759 37.35 -22.07 -32.70
N SER A 4760 36.65 -21.66 -33.77
CA SER A 4760 36.92 -22.23 -35.08
C SER A 4760 38.20 -21.69 -35.69
N SER A 4761 38.62 -20.49 -35.29
CA SER A 4761 39.86 -19.89 -35.79
C SER A 4761 41.04 -20.68 -35.24
N ASP A 4762 41.72 -21.41 -36.12
CA ASP A 4762 42.86 -22.20 -35.68
C ASP A 4762 44.01 -21.31 -35.20
N GLY A 4763 44.24 -20.18 -35.88
CA GLY A 4763 45.28 -19.28 -35.45
C GLY A 4763 45.01 -18.69 -34.08
N LEU A 4764 43.77 -18.25 -33.84
CA LEU A 4764 43.42 -17.78 -32.51
C LEU A 4764 43.48 -18.90 -31.49
N ARG A 4765 43.13 -20.13 -31.90
CA ARG A 4765 43.22 -21.27 -31.00
C ARG A 4765 44.66 -21.49 -30.55
N LYS A 4766 45.61 -21.45 -31.49
CA LYS A 4766 47.00 -21.65 -31.11
C LYS A 4766 47.55 -20.46 -30.33
N LEU A 4767 47.07 -19.26 -30.63
CA LEU A 4767 47.45 -18.10 -29.81
C LEU A 4767 47.02 -18.30 -28.37
N LEU A 4768 45.75 -18.64 -28.15
CA LEU A 4768 45.28 -18.92 -26.80
C LEU A 4768 46.05 -20.09 -26.19
N HIS A 4769 46.39 -21.09 -27.01
CA HIS A 4769 47.11 -22.25 -26.50
C HIS A 4769 48.47 -21.86 -25.92
N ASP A 4770 49.28 -21.14 -26.70
CA ASP A 4770 50.61 -20.81 -26.20
C ASP A 4770 50.54 -19.78 -25.08
N ARG A 4771 49.59 -18.83 -25.18
CA ARG A 4771 49.44 -17.83 -24.12
C ARG A 4771 49.05 -18.49 -22.80
N ILE A 4772 48.10 -19.43 -22.84
CA ILE A 4772 47.66 -20.08 -21.62
C ILE A 4772 48.72 -21.05 -21.11
N THR A 4773 49.50 -21.67 -22.01
CA THR A 4773 50.60 -22.51 -21.56
C THR A 4773 51.64 -21.70 -20.80
N ILE A 4774 51.96 -20.51 -21.32
CA ILE A 4774 52.91 -19.64 -20.64
C ILE A 4774 52.34 -19.14 -19.32
N PHE A 4775 51.05 -18.79 -19.31
CA PHE A 4775 50.40 -18.35 -18.08
C PHE A 4775 50.44 -19.43 -17.02
N LEU A 4776 50.14 -20.67 -17.41
CA LEU A 4776 50.20 -21.79 -16.48
C LEU A 4776 51.61 -22.01 -15.97
N SER A 4777 52.60 -21.95 -16.87
CA SER A 4777 53.98 -22.18 -16.45
C SER A 4777 54.44 -21.11 -15.45
N THR A 4778 54.16 -19.84 -15.74
CA THR A 4778 54.62 -18.78 -14.84
C THR A 4778 53.86 -18.81 -13.52
N TRP A 4779 52.57 -19.15 -13.56
CA TRP A 4779 51.80 -19.28 -12.33
C TRP A 4779 52.35 -20.41 -11.47
N ASN A 4780 52.68 -21.55 -12.08
CA ASN A 4780 53.26 -22.66 -11.33
C ASN A 4780 54.64 -22.30 -10.81
N ALA A 4781 55.39 -21.48 -11.56
CA ALA A 4781 56.73 -21.12 -11.13
C ALA A 4781 56.72 -20.12 -9.99
N LEU A 4782 55.68 -19.27 -9.91
CA LEU A 4782 55.62 -18.22 -8.91
C LEU A 4782 54.60 -18.47 -7.81
N ARG A 4783 53.99 -19.65 -7.76
CA ARG A 4783 52.97 -19.90 -6.74
C ARG A 4783 53.59 -20.37 -5.42
N ARG A 4784 54.59 -19.65 -4.93
CA ARG A 4784 55.12 -19.88 -3.59
C ARG A 4784 55.23 -18.61 -2.77
N SER A 4785 55.59 -17.49 -3.38
CA SER A 4785 55.74 -16.24 -2.65
C SER A 4785 54.44 -15.45 -2.56
N LEU A 4786 53.37 -15.94 -3.19
CA LEU A 4786 52.11 -15.18 -3.21
C LEU A 4786 51.41 -15.25 -1.86
N GLU A 4787 51.56 -16.36 -1.15
CA GLU A 4787 50.90 -16.53 0.14
C GLU A 4787 51.66 -15.86 1.29
N THR A 4788 52.88 -15.39 1.06
CA THR A 4788 53.71 -14.82 2.11
C THR A 4788 54.21 -13.42 1.83
N ASN A 4789 54.41 -13.05 0.56
CA ASN A 4789 55.03 -11.78 0.20
C ASN A 4789 54.09 -10.78 -0.46
N GLY A 4790 53.02 -11.24 -1.11
CA GLY A 4790 52.11 -10.31 -1.75
C GLY A 4790 51.31 -9.53 -0.73
N GLU A 4791 50.89 -8.32 -1.12
CA GLU A 4791 50.09 -7.48 -0.24
C GLU A 4791 48.62 -7.89 -0.20
N ILE A 4792 48.22 -8.85 -1.04
CA ILE A 4792 46.85 -9.38 -1.02
C ILE A 4792 46.88 -10.75 -0.37
N LYS A 4793 45.98 -10.96 0.59
CA LYS A 4793 45.92 -12.22 1.33
C LYS A 4793 45.01 -13.20 0.60
N LEU A 4794 45.45 -14.44 0.48
CA LEU A 4794 44.71 -15.47 -0.24
C LEU A 4794 44.79 -16.80 0.50
N PRO A 4795 43.80 -17.66 0.32
CA PRO A 4795 43.87 -19.00 0.93
C PRO A 4795 44.89 -19.88 0.24
N LYS A 4796 45.26 -20.96 0.93
CA LYS A 4796 46.30 -21.87 0.46
C LYS A 4796 45.79 -22.89 -0.55
N ASP A 4797 44.48 -22.96 -0.80
CA ASP A 4797 43.93 -23.91 -1.75
C ASP A 4797 44.33 -23.63 -3.19
N TYR A 4798 44.88 -22.45 -3.48
CA TYR A 4798 45.17 -22.09 -4.85
C TYR A 4798 46.49 -22.67 -5.33
N CYS A 4799 47.54 -22.62 -4.49
CA CYS A 4799 48.88 -23.03 -4.88
C CYS A 4799 49.22 -24.44 -4.44
N CYS A 4800 48.29 -25.16 -3.81
CA CYS A 4800 48.56 -26.49 -3.30
C CYS A 4800 48.64 -27.55 -4.39
N SER A 4801 48.14 -27.26 -5.59
CA SER A 4801 48.10 -28.25 -6.67
C SER A 4801 48.68 -27.65 -7.93
N ASP A 4802 49.27 -28.52 -8.75
CA ASP A 4802 49.88 -28.13 -10.01
C ASP A 4802 48.79 -28.08 -11.08
N LEU A 4803 48.34 -26.87 -11.41
CA LEU A 4803 47.27 -26.70 -12.38
C LEU A 4803 47.72 -27.12 -13.78
N ASP A 4804 46.79 -27.64 -14.56
CA ASP A 4804 47.07 -28.14 -15.90
C ASP A 4804 46.16 -27.43 -16.90
N LEU A 4805 46.26 -27.84 -18.16
CA LEU A 4805 45.40 -27.28 -19.20
C LEU A 4805 43.95 -27.72 -19.00
N ASP A 4806 43.75 -28.93 -18.49
CA ASP A 4806 42.41 -29.46 -18.25
C ASP A 4806 41.83 -29.03 -16.91
N ALA A 4807 42.40 -27.99 -16.29
CA ALA A 4807 41.92 -27.50 -15.00
C ALA A 4807 40.65 -26.68 -15.20
N GLU A 4808 40.19 -26.05 -14.13
CA GLU A 4808 38.99 -25.22 -14.20
C GLU A 4808 39.26 -23.96 -15.01
N PHE A 4809 38.17 -23.33 -15.46
CA PHE A 4809 38.30 -22.20 -16.37
C PHE A 4809 38.32 -20.86 -15.63
N GLU A 4810 37.66 -20.78 -14.47
CA GLU A 4810 37.53 -19.51 -13.77
C GLU A 4810 38.87 -18.96 -13.30
N VAL A 4811 39.88 -19.82 -13.13
CA VAL A 4811 41.13 -19.40 -12.51
C VAL A 4811 41.82 -18.31 -13.33
N ILE A 4812 41.71 -18.36 -14.66
CA ILE A 4812 42.36 -17.37 -15.51
C ILE A 4812 41.67 -16.01 -15.48
N LEU A 4813 40.54 -15.91 -14.80
CA LEU A 4813 39.81 -14.64 -14.75
C LEU A 4813 40.29 -13.81 -13.56
N PRO A 4814 40.74 -12.58 -13.80
CA PRO A 4814 41.31 -11.76 -12.70
C PRO A 4814 40.25 -11.09 -11.85
N ARG A 4815 39.54 -11.90 -11.05
CA ARG A 4815 38.64 -11.36 -10.04
C ARG A 4815 39.45 -11.00 -8.81
N ARG A 4816 38.77 -10.56 -7.75
CA ARG A 4816 39.44 -10.12 -6.54
C ARG A 4816 38.93 -10.77 -5.26
N GLN A 4817 37.87 -11.58 -5.33
CA GLN A 4817 37.29 -12.16 -4.12
C GLN A 4817 37.32 -13.69 -4.11
N GLY A 4818 36.80 -14.34 -5.14
CA GLY A 4818 36.72 -15.79 -5.11
C GLY A 4818 37.35 -16.51 -6.28
N LEU A 4819 38.43 -17.25 -6.00
CA LEU A 4819 39.07 -18.15 -6.95
C LEU A 4819 39.70 -17.40 -8.14
N GLY A 4820 39.54 -16.09 -8.17
CA GLY A 4820 40.09 -15.25 -9.21
C GLY A 4820 41.34 -14.50 -8.84
N LEU A 4821 41.99 -14.85 -7.73
CA LEU A 4821 43.18 -14.15 -7.28
C LEU A 4821 44.46 -14.66 -7.93
N CYS A 4822 44.37 -15.68 -8.78
CA CYS A 4822 45.57 -16.20 -9.45
C CYS A 4822 46.23 -15.13 -10.31
N GLY A 4823 45.54 -14.67 -11.36
CA GLY A 4823 46.13 -13.69 -12.25
C GLY A 4823 46.37 -12.36 -11.57
N THR A 4824 45.42 -11.90 -10.75
CA THR A 4824 45.58 -10.64 -10.07
C THR A 4824 46.78 -10.67 -9.14
N ALA A 4825 46.92 -11.74 -8.35
CA ALA A 4825 48.06 -11.88 -7.45
C ALA A 4825 49.36 -11.96 -8.23
N LEU A 4826 49.37 -12.70 -9.35
CA LEU A 4826 50.59 -12.83 -10.14
C LEU A 4826 51.04 -11.49 -10.68
N VAL A 4827 50.13 -10.76 -11.33
CA VAL A 4827 50.51 -9.48 -11.93
C VAL A 4827 50.85 -8.46 -10.86
N SER A 4828 50.15 -8.49 -9.73
CA SER A 4828 50.45 -7.55 -8.65
C SER A 4828 51.81 -7.84 -8.04
N TYR A 4829 52.16 -9.12 -7.89
CA TYR A 4829 53.50 -9.45 -7.39
C TYR A 4829 54.58 -9.01 -8.37
N LEU A 4830 54.35 -9.21 -9.66
CA LEU A 4830 55.34 -8.80 -10.65
C LEU A 4830 55.53 -7.28 -10.63
N ILE A 4831 54.43 -6.52 -10.64
CA ILE A 4831 54.57 -5.07 -10.63
C ILE A 4831 55.16 -4.59 -9.31
N SER A 4832 54.83 -5.27 -8.20
CA SER A 4832 55.38 -4.88 -6.91
C SER A 4832 56.88 -5.08 -6.86
N LEU A 4833 57.38 -6.22 -7.37
CA LEU A 4833 58.82 -6.43 -7.36
C LEU A 4833 59.53 -5.48 -8.31
N HIS A 4834 58.93 -5.21 -9.48
CA HIS A 4834 59.53 -4.24 -10.40
C HIS A 4834 59.60 -2.86 -9.74
N ASN A 4835 58.51 -2.44 -9.09
CA ASN A 4835 58.47 -1.15 -8.42
C ASN A 4835 59.46 -1.08 -7.28
N ASN A 4836 59.57 -2.15 -6.49
CA ASN A 4836 60.53 -2.16 -5.39
C ASN A 4836 61.96 -2.07 -5.90
N MET A 4837 62.27 -2.78 -6.98
CA MET A 4837 63.62 -2.74 -7.53
C MET A 4837 63.94 -1.34 -8.06
N VAL A 4838 63.03 -0.75 -8.84
CA VAL A 4838 63.31 0.57 -9.39
C VAL A 4838 63.36 1.62 -8.27
N TYR A 4839 62.54 1.47 -7.23
CA TYR A 4839 62.56 2.39 -6.11
C TYR A 4839 63.88 2.32 -5.35
N THR A 4840 64.38 1.11 -5.12
CA THR A 4840 65.68 0.94 -4.47
C THR A 4840 66.80 1.53 -5.32
N VAL A 4841 66.76 1.29 -6.63
CA VAL A 4841 67.78 1.85 -7.52
C VAL A 4841 67.73 3.38 -7.47
N GLN A 4842 66.52 3.95 -7.51
CA GLN A 4842 66.38 5.40 -7.47
C GLN A 4842 66.94 5.96 -6.17
N LYS A 4843 66.57 5.37 -5.03
CA LYS A 4843 67.06 5.86 -3.75
C LYS A 4843 68.53 5.52 -3.51
N PHE A 4844 69.14 4.70 -4.35
CA PHE A 4844 70.57 4.45 -4.21
C PHE A 4844 71.40 5.55 -4.85
N SER A 4845 71.18 5.81 -6.14
CA SER A 4845 72.00 6.76 -6.89
C SER A 4845 71.22 7.93 -7.44
N ASN A 4846 70.10 7.67 -8.13
CA ASN A 4846 69.39 8.75 -8.83
C ASN A 4846 68.77 9.74 -7.85
N GLU A 4847 68.12 9.23 -6.80
CA GLU A 4847 67.52 10.05 -5.74
C GLU A 4847 66.37 10.92 -6.25
N ASP A 4848 66.04 10.83 -7.53
CA ASP A 4848 64.98 11.64 -8.12
C ASP A 4848 64.56 11.03 -9.44
N ASN A 4849 63.25 10.97 -9.69
CA ASN A 4849 62.72 10.54 -10.97
C ASN A 4849 61.25 10.94 -11.07
N SER A 4850 60.78 11.06 -12.30
CA SER A 4850 59.38 11.33 -12.58
C SER A 4850 58.81 10.48 -13.70
N TYR A 4851 59.62 9.65 -14.35
CA TYR A 4851 59.17 8.81 -15.46
C TYR A 4851 58.31 7.68 -14.91
N SER A 4852 57.09 7.56 -15.43
CA SER A 4852 56.17 6.53 -14.99
C SER A 4852 55.14 6.28 -16.09
N VAL A 4853 54.67 5.03 -16.19
CA VAL A 4853 53.70 4.65 -17.21
C VAL A 4853 52.67 3.74 -16.57
N ASP A 4854 51.48 3.71 -17.17
CA ASP A 4854 50.39 2.87 -16.70
C ASP A 4854 50.48 1.48 -17.34
N ILE A 4855 49.57 0.60 -16.94
CA ILE A 4855 49.59 -0.79 -17.40
C ILE A 4855 48.64 -0.93 -18.59
N SER A 4856 48.18 0.19 -19.13
CA SER A 4856 47.28 0.15 -20.27
C SER A 4856 48.01 0.15 -21.61
N GLU A 4857 49.29 0.53 -21.62
CA GLU A 4857 50.07 0.60 -22.85
C GLU A 4857 51.49 0.07 -22.64
N VAL A 4858 51.67 -0.80 -21.65
CA VAL A 4858 52.99 -1.39 -21.42
C VAL A 4858 53.36 -2.27 -22.60
N ALA A 4859 54.64 -2.22 -22.98
CA ALA A 4859 55.15 -2.96 -24.12
C ALA A 4859 56.32 -3.83 -23.69
N ASP A 4860 56.79 -4.66 -24.61
CA ASP A 4860 57.97 -5.49 -24.35
C ASP A 4860 59.22 -4.63 -24.21
N LEU A 4861 59.20 -3.41 -24.73
CA LEU A 4861 60.34 -2.52 -24.63
C LEU A 4861 60.47 -1.90 -23.24
N HIS A 4862 59.36 -1.78 -22.51
CA HIS A 4862 59.40 -1.14 -21.19
C HIS A 4862 59.75 -2.13 -20.08
N VAL A 4863 59.49 -3.42 -20.28
CA VAL A 4863 59.74 -4.42 -19.24
C VAL A 4863 61.22 -4.81 -19.24
N ILE A 4864 61.64 -5.52 -18.20
CA ILE A 4864 63.02 -5.98 -18.05
C ILE A 4864 63.07 -7.44 -18.48
N SER A 4865 63.90 -7.74 -19.47
CA SER A 4865 64.00 -9.09 -20.03
C SER A 4865 65.46 -9.41 -20.34
N TYR A 4866 65.88 -10.62 -19.98
CA TYR A 4866 67.22 -11.09 -20.31
C TYR A 4866 67.24 -12.61 -20.26
N GLU A 4867 68.18 -13.18 -21.02
CA GLU A 4867 68.44 -14.61 -21.02
C GLU A 4867 69.78 -14.86 -20.36
N VAL A 4868 69.79 -15.74 -19.36
CA VAL A 4868 71.00 -15.97 -18.57
C VAL A 4868 72.10 -16.56 -19.44
N GLU A 4869 71.77 -17.56 -20.25
CA GLU A 4869 72.79 -18.22 -21.06
C GLU A 4869 73.27 -17.34 -22.20
N ARG A 4870 72.42 -16.46 -22.72
CA ARG A 4870 72.76 -15.66 -23.89
C ARG A 4870 73.15 -14.22 -23.56
N ASP A 4871 72.67 -13.65 -22.46
CA ASP A 4871 72.99 -12.25 -22.20
C ASP A 4871 73.58 -12.01 -20.82
N LEU A 4872 73.12 -12.72 -19.78
CA LEU A 4872 73.57 -12.43 -18.43
C LEU A 4872 74.90 -13.11 -18.10
N ASN A 4873 75.09 -14.35 -18.54
CA ASN A 4873 76.35 -15.04 -18.26
C ASN A 4873 77.56 -14.33 -18.86
N PRO A 4874 77.57 -13.95 -20.14
CA PRO A 4874 78.78 -13.30 -20.69
C PRO A 4874 79.15 -12.00 -20.00
N LEU A 4875 78.17 -11.19 -19.62
CA LEU A 4875 78.47 -9.87 -19.05
C LEU A 4875 79.18 -10.00 -17.70
N ILE A 4876 78.84 -11.03 -16.93
CA ILE A 4876 79.50 -11.22 -15.65
C ILE A 4876 80.79 -12.02 -15.83
N LEU A 4877 80.82 -12.93 -16.81
CA LEU A 4877 82.04 -13.70 -17.03
C LEU A 4877 83.16 -12.83 -17.60
N SER A 4878 82.81 -11.74 -18.27
CA SER A 4878 83.81 -10.77 -18.69
C SER A 4878 84.37 -9.97 -17.52
N ASN A 4879 83.78 -10.08 -16.34
CA ASN A 4879 84.21 -9.32 -15.16
C ASN A 4879 84.80 -10.24 -14.09
N CYS A 4880 85.53 -11.26 -14.52
CA CYS A 4880 86.32 -12.12 -13.64
C CYS A 4880 87.79 -11.80 -13.93
N GLN A 4881 88.45 -11.16 -12.97
CA GLN A 4881 89.81 -10.66 -13.19
C GLN A 4881 90.84 -11.61 -12.58
N TYR A 4882 91.85 -11.95 -13.38
CA TYR A 4882 92.94 -12.82 -12.98
C TYR A 4882 94.15 -11.96 -12.61
N GLN A 4883 94.73 -12.21 -11.44
CA GLN A 4883 95.92 -11.50 -10.98
C GLN A 4883 97.00 -12.50 -10.64
N VAL A 4884 98.24 -12.20 -11.06
CA VAL A 4884 99.38 -13.07 -10.86
C VAL A 4884 100.50 -12.27 -10.20
N GLN A 4885 101.22 -12.92 -9.28
CA GLN A 4885 102.36 -12.33 -8.60
C GLN A 4885 103.65 -12.98 -9.09
N GLN A 4886 104.77 -12.29 -8.84
CA GLN A 4886 106.07 -12.81 -9.27
C GLN A 4886 106.36 -14.18 -8.69
N GLY A 4887 105.91 -14.45 -7.46
CA GLY A 4887 106.12 -15.75 -6.85
C GLY A 4887 105.33 -16.86 -7.50
N GLY A 4888 104.25 -16.53 -8.21
CA GLY A 4888 103.45 -17.52 -8.89
C GLY A 4888 102.13 -17.81 -8.19
N GLU A 4889 101.05 -17.21 -8.68
CA GLU A 4889 99.74 -17.42 -8.10
C GLU A 4889 98.69 -16.98 -9.11
N THR A 4890 97.45 -17.38 -8.86
CA THR A 4890 96.31 -17.00 -9.70
C THR A 4890 95.16 -16.63 -8.77
N SER A 4891 94.97 -15.33 -8.56
CA SER A 4891 93.94 -14.81 -7.68
C SER A 4891 92.79 -14.26 -8.52
N GLN A 4892 91.56 -14.47 -8.04
CA GLN A 4892 90.36 -14.06 -8.75
C GLN A 4892 89.74 -12.86 -8.04
N GLU A 4893 89.45 -11.81 -8.80
CA GLU A 4893 88.86 -10.58 -8.25
C GLU A 4893 87.66 -10.17 -9.07
N PHE A 4894 86.62 -9.69 -8.39
CA PHE A 4894 85.41 -9.15 -9.02
C PHE A 4894 85.34 -7.66 -8.69
N ASP A 4895 85.87 -6.83 -9.59
CA ASP A 4895 85.79 -5.38 -9.41
C ASP A 4895 84.32 -4.96 -9.51
N LEU A 4896 83.80 -4.38 -8.43
CA LEU A 4896 82.37 -4.10 -8.34
C LEU A 4896 81.93 -2.99 -9.30
N GLU A 4897 82.81 -2.01 -9.56
CA GLU A 4897 82.39 -0.82 -10.29
C GLU A 4897 82.05 -1.14 -11.74
N LYS A 4898 82.91 -1.89 -12.43
CA LYS A 4898 82.66 -2.14 -13.85
C LYS A 4898 81.46 -3.04 -14.05
N ILE A 4899 81.32 -4.10 -13.23
CA ILE A 4899 80.17 -4.98 -13.37
C ILE A 4899 78.89 -4.24 -13.00
N GLN A 4900 78.95 -3.37 -11.99
CA GLN A 4900 77.78 -2.58 -11.62
C GLN A 4900 77.33 -1.68 -12.75
N ARG A 4901 78.28 -0.98 -13.38
CA ARG A 4901 77.91 -0.10 -14.50
C ARG A 4901 77.42 -0.92 -15.69
N GLN A 4902 78.00 -2.10 -15.90
CA GLN A 4902 77.58 -2.94 -17.03
C GLN A 4902 76.15 -3.44 -16.84
N ILE A 4903 75.83 -3.94 -15.64
CA ILE A 4903 74.50 -4.51 -15.42
C ILE A 4903 73.45 -3.41 -15.31
N SER A 4904 73.80 -2.26 -14.72
CA SER A 4904 72.81 -1.24 -14.44
C SER A 4904 72.39 -0.50 -15.72
N SER A 4905 73.34 -0.24 -16.61
CA SER A 4905 73.11 0.63 -17.75
C SER A 4905 72.29 -0.02 -18.86
N ARG A 4906 71.88 -1.27 -18.70
CA ARG A 4906 71.19 -1.97 -19.79
C ARG A 4906 69.83 -2.49 -19.34
N PHE A 4907 69.73 -2.96 -18.11
CA PHE A 4907 68.51 -3.61 -17.64
C PHE A 4907 67.72 -2.72 -16.67
N LEU A 4908 68.37 -2.16 -15.65
CA LEU A 4908 67.68 -1.48 -14.56
C LEU A 4908 67.97 0.01 -14.50
N GLN A 4909 68.11 0.65 -15.66
CA GLN A 4909 68.20 2.11 -15.75
C GLN A 4909 67.36 2.59 -16.92
N GLY A 4910 66.66 3.71 -16.71
CA GLY A 4910 65.77 4.26 -17.71
C GLY A 4910 64.39 3.64 -17.74
N LYS A 4911 64.12 2.65 -16.87
CA LYS A 4911 62.83 1.97 -16.80
C LYS A 4911 61.79 2.83 -16.10
N PRO A 4912 60.53 2.74 -16.51
CA PRO A 4912 59.49 3.55 -15.87
C PRO A 4912 59.11 3.00 -14.51
N ARG A 4913 58.48 3.86 -13.71
CA ARG A 4913 57.96 3.47 -12.40
C ARG A 4913 56.51 3.02 -12.59
N LEU A 4914 56.30 1.70 -12.50
CA LEU A 4914 54.98 1.14 -12.74
C LEU A 4914 54.01 1.50 -11.61
N THR A 4915 52.77 1.75 -11.99
CA THR A 4915 51.68 2.01 -11.06
C THR A 4915 50.55 1.02 -11.31
N LEU A 4916 49.68 0.83 -10.32
CA LEU A 4916 48.63 -0.16 -10.37
C LEU A 4916 47.31 0.44 -10.87
N LYS A 4917 47.37 1.40 -11.79
CA LYS A 4917 46.15 2.05 -12.27
C LYS A 4917 45.47 1.27 -13.38
N GLY A 4918 46.23 0.89 -14.41
CA GLY A 4918 45.65 0.22 -15.55
C GLY A 4918 45.59 -1.29 -15.43
N ILE A 4919 45.15 -1.77 -14.28
CA ILE A 4919 45.06 -3.21 -14.01
C ILE A 4919 43.84 -3.80 -14.70
N PRO A 4920 43.97 -4.94 -15.39
CA PRO A 4920 42.76 -5.60 -15.92
C PRO A 4920 41.96 -6.25 -14.80
N THR A 4921 40.84 -5.62 -14.44
CA THR A 4921 39.99 -6.12 -13.37
C THR A 4921 38.53 -6.01 -13.80
N LEU A 4922 37.74 -7.02 -13.46
CA LEU A 4922 36.32 -7.01 -13.78
C LEU A 4922 35.49 -6.67 -12.54
N VAL A 4923 34.34 -6.07 -12.78
CA VAL A 4923 33.42 -5.70 -11.70
C VAL A 4923 32.68 -6.94 -11.24
N TYR A 4924 32.77 -7.23 -9.94
CA TYR A 4924 32.03 -8.33 -9.33
C TYR A 4924 30.85 -7.85 -8.51
N ARG A 4925 30.96 -6.68 -7.89
CA ARG A 4925 29.92 -6.16 -7.02
C ARG A 4925 28.93 -5.32 -7.82
N ARG A 4926 27.65 -5.62 -7.64
CA ARG A 4926 26.59 -4.85 -8.27
C ARG A 4926 26.29 -3.63 -7.40
N ASP A 4927 26.65 -2.45 -7.91
CA ASP A 4927 26.61 -1.24 -7.10
C ASP A 4927 25.18 -0.76 -6.89
N TRP A 4928 24.40 -1.53 -6.13
CA TRP A 4928 23.00 -1.26 -5.90
C TRP A 4928 22.69 -0.97 -4.43
N ASN A 4929 23.71 -0.86 -3.59
CA ASN A 4929 23.49 -0.57 -2.17
C ASN A 4929 22.98 0.84 -1.93
N TYR A 4930 23.06 1.72 -2.94
CA TYR A 4930 22.49 3.07 -2.91
C TYR A 4930 23.26 4.01 -1.98
N GLU A 4931 24.18 3.45 -1.19
CA GLU A 4931 24.90 4.29 -0.23
C GLU A 4931 25.95 5.14 -0.94
N HIS A 4932 26.61 4.58 -1.94
CA HIS A 4932 27.56 5.37 -2.73
C HIS A 4932 26.86 6.49 -3.47
N LEU A 4933 25.61 6.26 -3.90
CA LEU A 4933 24.84 7.34 -4.53
C LEU A 4933 24.59 8.47 -3.53
N PHE A 4934 24.22 8.13 -2.30
CA PHE A 4934 24.00 9.15 -1.28
C PHE A 4934 25.28 9.92 -0.98
N MET A 4935 26.40 9.20 -0.86
CA MET A 4935 27.67 9.87 -0.60
C MET A 4935 28.06 10.78 -1.76
N ASP A 4936 27.86 10.33 -3.00
CA ASP A 4936 28.18 11.16 -4.15
C ASP A 4936 27.31 12.40 -4.20
N ILE A 4937 26.03 12.26 -3.87
CA ILE A 4937 25.14 13.42 -3.85
C ILE A 4937 25.59 14.41 -2.77
N LYS A 4938 25.92 13.90 -1.59
CA LYS A 4938 26.32 14.80 -0.50
C LYS A 4938 27.66 15.46 -0.78
N ASN A 4939 28.56 14.78 -1.48
CA ASN A 4939 29.88 15.34 -1.77
C ASN A 4939 29.86 16.31 -2.95
N LYS A 4940 29.02 16.03 -3.95
CA LYS A 4940 28.96 16.89 -5.13
C LYS A 4940 28.22 18.18 -4.85
N MET A 4941 27.17 18.11 -4.03
CA MET A 4941 26.30 19.26 -3.77
C MET A 4941 26.16 19.49 -2.28
N ALA A 4942 25.87 20.75 -1.93
CA ALA A 4942 25.56 21.13 -0.56
C ALA A 4942 24.10 20.83 -0.31
N GLN A 4943 23.81 19.56 0.01
CA GLN A 4943 22.43 19.14 0.21
C GLN A 4943 21.84 19.83 1.45
N SER A 4944 20.55 20.16 1.37
CA SER A 4944 19.85 20.82 2.45
C SER A 4944 18.55 20.09 2.76
N SER A 4945 18.08 20.25 4.00
CA SER A 4945 16.85 19.63 4.44
C SER A 4945 15.64 20.35 3.83
N LEU A 4946 14.51 19.66 3.85
CA LEU A 4946 13.23 20.12 3.29
C LEU A 4946 12.52 21.02 4.28
N PRO A 4947 12.13 22.23 3.89
CA PRO A 4947 11.38 23.11 4.80
C PRO A 4947 10.02 22.52 5.15
N ASN A 4948 9.57 22.85 6.37
CA ASN A 4948 8.37 22.23 6.91
C ASN A 4948 7.14 22.55 6.09
N LEU A 4949 7.00 23.80 5.65
CA LEU A 4949 5.87 24.13 4.78
C LEU A 4949 5.98 23.40 3.44
N ALA A 4950 7.19 23.24 2.92
CA ALA A 4950 7.37 22.53 1.67
C ALA A 4950 6.97 21.06 1.81
N ILE A 4951 7.47 20.37 2.83
CA ILE A 4951 7.15 18.97 3.01
C ILE A 4951 5.68 18.78 3.35
N SER A 4952 5.09 19.75 4.07
CA SER A 4952 3.66 19.71 4.34
C SER A 4952 2.86 19.79 3.05
N THR A 4953 3.24 20.70 2.14
CA THR A 4953 2.55 20.79 0.86
C THR A 4953 2.72 19.50 0.06
N ILE A 4954 3.93 18.94 0.06
CA ILE A 4954 4.15 17.71 -0.69
C ILE A 4954 3.25 16.59 -0.15
N SER A 4955 3.24 16.40 1.17
CA SER A 4955 2.39 15.36 1.75
C SER A 4955 0.92 15.66 1.48
N GLY A 4956 0.57 16.94 1.34
CA GLY A 4956 -0.78 17.29 0.97
C GLY A 4956 -1.14 16.87 -0.45
N GLN A 4957 -0.20 17.04 -1.39
CA GLN A 4957 -0.48 16.75 -2.79
C GLN A 4957 -0.21 15.31 -3.20
N LEU A 4958 0.33 14.47 -2.32
CA LEU A 4958 0.49 13.05 -2.65
C LEU A 4958 -0.30 12.14 -1.71
N GLN A 4959 -1.56 12.48 -1.45
CA GLN A 4959 -2.36 11.67 -0.54
C GLN A 4959 -2.77 10.34 -1.18
N SER A 4960 -2.67 10.21 -2.50
CA SER A 4960 -3.00 8.95 -3.14
C SER A 4960 -1.83 7.97 -3.01
N TYR A 4961 -2.04 6.74 -3.50
CA TYR A 4961 -0.99 5.73 -3.48
C TYR A 4961 -0.24 5.63 -4.80
N SER A 4962 -0.96 5.42 -5.91
CA SER A 4962 -0.30 5.34 -7.21
C SER A 4962 0.46 6.63 -7.51
N ASP A 4963 -0.02 7.75 -6.98
CA ASP A 4963 0.74 9.01 -7.07
C ASP A 4963 2.08 8.88 -6.37
N ALA A 4964 2.08 8.28 -5.17
CA ALA A 4964 3.33 8.08 -4.45
C ALA A 4964 4.27 7.15 -5.21
N CYS A 4965 3.72 6.10 -5.82
CA CYS A 4965 4.54 5.17 -6.58
C CYS A 4965 5.16 5.84 -7.80
N GLU A 4966 4.38 6.66 -8.52
CA GLU A 4966 4.93 7.39 -9.66
C GLU A 4966 6.01 8.37 -9.22
N ALA A 4967 5.77 9.07 -8.09
CA ALA A 4967 6.79 9.97 -7.58
C ALA A 4967 8.05 9.20 -7.21
N LEU A 4968 7.91 8.02 -6.62
CA LEU A 4968 9.03 7.17 -6.28
C LEU A 4968 9.83 6.82 -7.53
N SER A 4969 9.15 6.37 -8.57
CA SER A 4969 9.84 5.99 -9.79
C SER A 4969 10.60 7.17 -10.40
N ILE A 4970 9.93 8.33 -10.47
CA ILE A 4970 10.55 9.51 -11.07
C ILE A 4970 11.78 9.92 -10.26
N ILE A 4971 11.65 9.96 -8.94
CA ILE A 4971 12.75 10.43 -8.13
C ILE A 4971 13.89 9.42 -8.10
N GLU A 4972 13.59 8.12 -8.20
CA GLU A 4972 14.67 7.14 -8.29
C GLU A 4972 15.45 7.31 -9.59
N ILE A 4973 14.75 7.53 -10.71
CA ILE A 4973 15.46 7.75 -11.97
C ILE A 4973 16.31 9.01 -11.88
N THR A 4974 15.74 10.09 -11.35
CA THR A 4974 16.49 11.34 -11.29
C THR A 4974 17.66 11.25 -10.31
N LEU A 4975 17.52 10.46 -9.24
CA LEU A 4975 18.62 10.28 -8.31
C LEU A 4975 19.72 9.42 -8.93
N GLY A 4976 19.34 8.40 -9.69
CA GLY A 4976 20.33 7.63 -10.42
C GLY A 4976 21.12 8.49 -11.40
N PHE A 4977 20.43 9.42 -12.07
CA PHE A 4977 21.15 10.34 -12.94
C PHE A 4977 22.05 11.28 -12.14
N LEU A 4978 21.55 11.84 -11.04
CA LEU A 4978 22.28 12.87 -10.31
C LEU A 4978 23.48 12.31 -9.56
N SER A 4979 23.42 11.07 -9.10
CA SER A 4979 24.53 10.49 -8.35
C SER A 4979 25.77 10.32 -9.23
N THR A 4980 25.57 9.91 -10.48
CA THR A 4980 26.68 9.73 -11.42
C THR A 4980 26.84 10.92 -12.36
N ALA A 4981 26.53 12.13 -11.90
CA ALA A 4981 26.66 13.34 -12.71
C ALA A 4981 26.59 14.54 -11.77
N GLY A 4982 26.52 15.73 -12.38
CA GLY A 4982 26.47 16.97 -11.61
C GLY A 4982 25.08 17.54 -11.51
N GLY A 4983 24.96 18.59 -10.70
CA GLY A 4983 23.71 19.26 -10.49
C GLY A 4983 23.86 20.53 -9.64
N ASP A 4984 23.22 21.59 -10.06
CA ASP A 4984 23.30 22.86 -9.33
C ASP A 4984 22.40 22.81 -8.10
N PRO A 4985 22.86 23.30 -6.94
CA PRO A 4985 22.00 23.29 -5.75
C PRO A 4985 20.70 24.05 -5.95
N GLY A 4986 20.72 25.11 -6.74
CA GLY A 4986 19.49 25.77 -7.16
C GLY A 4986 18.84 25.00 -8.28
N MET A 4987 18.29 25.70 -9.28
CA MET A 4987 17.71 25.07 -10.45
C MET A 4987 16.64 24.05 -10.04
N ASP A 4988 15.54 24.60 -9.52
CA ASP A 4988 14.47 23.85 -8.89
C ASP A 4988 14.05 22.60 -9.64
N LEU A 4989 13.52 21.62 -8.91
CA LEU A 4989 13.28 20.29 -9.46
C LEU A 4989 12.40 20.31 -10.70
N ASN A 4990 11.56 21.33 -10.85
CA ASN A 4990 10.71 21.41 -12.03
C ASN A 4990 11.54 21.49 -13.30
N VAL A 4991 12.31 22.59 -13.46
CA VAL A 4991 13.08 22.79 -14.68
C VAL A 4991 14.09 21.66 -14.87
N TYR A 4992 14.58 21.08 -13.77
CA TYR A 4992 15.43 19.90 -13.88
C TYR A 4992 14.67 18.74 -14.52
N ILE A 4993 13.42 18.52 -14.09
CA ILE A 4993 12.64 17.41 -14.61
C ILE A 4993 12.30 17.63 -16.08
N GLU A 4994 11.78 18.81 -16.39
CA GLU A 4994 11.17 19.01 -17.71
C GLU A 4994 12.22 19.10 -18.82
N GLU A 4995 13.29 19.87 -18.62
CA GLU A 4995 14.20 20.14 -19.72
C GLU A 4995 15.64 19.67 -19.53
N VAL A 4996 16.06 19.36 -18.31
CA VAL A 4996 17.45 18.91 -18.12
C VAL A 4996 17.63 17.51 -18.70
N LEU A 4997 16.67 16.60 -18.44
CA LEU A 4997 16.76 15.26 -18.99
C LEU A 4997 15.62 14.90 -19.93
N ARG A 4998 14.64 15.78 -20.12
CA ARG A 4998 13.66 15.68 -21.21
C ARG A 4998 12.87 14.38 -21.18
N MET A 4999 12.04 14.22 -20.15
CA MET A 4999 11.00 13.20 -20.24
C MET A 4999 9.64 13.87 -20.41
N CYS A 5000 8.68 13.09 -20.90
CA CYS A 5000 7.35 13.62 -21.17
C CYS A 5000 6.55 13.75 -19.88
N ASP A 5001 5.50 14.57 -19.95
CA ASP A 5001 4.65 14.83 -18.79
C ASP A 5001 3.78 13.61 -18.51
N GLN A 5002 3.73 13.21 -17.24
CA GLN A 5002 2.93 12.06 -16.82
C GLN A 5002 1.63 12.47 -16.14
N THR A 5003 1.72 13.22 -15.05
CA THR A 5003 0.58 13.66 -14.26
C THR A 5003 0.92 15.00 -13.64
N ALA A 5004 0.00 15.96 -13.74
CA ALA A 5004 0.29 17.31 -13.25
C ALA A 5004 0.47 17.34 -11.75
N GLN A 5005 -0.12 16.37 -11.02
CA GLN A 5005 -0.07 16.40 -9.56
C GLN A 5005 1.37 16.29 -9.05
N VAL A 5006 2.13 15.33 -9.59
CA VAL A 5006 3.49 15.12 -9.10
C VAL A 5006 4.38 16.31 -9.46
N LEU A 5007 4.19 16.89 -10.64
CA LEU A 5007 4.97 18.06 -11.02
C LEU A 5007 4.67 19.23 -10.09
N LYS A 5008 3.38 19.44 -9.80
CA LYS A 5008 3.00 20.52 -8.88
C LYS A 5008 3.55 20.25 -7.48
N ALA A 5009 3.73 18.98 -7.14
CA ALA A 5009 4.36 18.65 -5.87
C ALA A 5009 5.85 19.00 -5.87
N PHE A 5010 6.57 18.58 -6.91
CA PHE A 5010 8.00 18.84 -6.99
C PHE A 5010 8.34 20.29 -7.29
N SER A 5011 7.34 21.11 -7.64
CA SER A 5011 7.61 22.49 -8.05
C SER A 5011 8.43 23.26 -7.02
N ARG A 5012 8.15 23.07 -5.73
CA ARG A 5012 8.76 23.87 -4.68
C ARG A 5012 9.98 23.20 -4.06
N CYS A 5013 10.74 22.46 -4.85
CA CYS A 5013 11.96 21.82 -4.37
C CYS A 5013 13.08 22.04 -5.37
N GLN A 5014 14.30 22.10 -4.86
CA GLN A 5014 15.51 22.22 -5.66
C GLN A 5014 16.30 20.92 -5.59
N LEU A 5015 17.45 20.91 -6.28
CA LEU A 5015 18.30 19.72 -6.26
C LEU A 5015 18.90 19.51 -4.88
N ARG A 5016 19.18 20.58 -4.15
CA ARG A 5016 19.85 20.51 -2.85
C ARG A 5016 19.03 19.78 -1.80
N HIS A 5017 17.88 19.20 -2.13
CA HIS A 5017 17.09 18.45 -1.15
C HIS A 5017 16.82 17.02 -1.62
N ILE A 5018 17.32 16.64 -2.81
CA ILE A 5018 16.79 15.49 -3.52
C ILE A 5018 16.76 14.25 -2.63
N ILE A 5019 17.92 13.85 -2.09
CA ILE A 5019 17.97 12.63 -1.30
C ILE A 5019 16.98 12.70 -0.14
N ALA A 5020 16.96 13.82 0.58
CA ALA A 5020 16.00 13.97 1.66
C ALA A 5020 14.58 13.76 1.14
N LEU A 5021 14.23 14.44 0.04
CA LEU A 5021 12.92 14.21 -0.55
C LEU A 5021 12.70 12.72 -0.77
N TRP A 5022 13.66 12.05 -1.39
CA TRP A 5022 13.52 10.62 -1.65
C TRP A 5022 13.17 9.89 -0.38
N GLN A 5023 13.95 10.10 0.69
CA GLN A 5023 13.69 9.36 1.91
C GLN A 5023 12.27 9.63 2.41
N PHE A 5024 11.88 10.92 2.47
CA PHE A 5024 10.53 11.22 2.91
C PHE A 5024 9.52 10.53 2.01
N LEU A 5025 9.71 10.63 0.70
CA LEU A 5025 8.78 10.01 -0.22
C LEU A 5025 8.69 8.53 0.04
N SER A 5026 9.85 7.87 0.24
CA SER A 5026 9.82 6.45 0.55
C SER A 5026 8.96 6.20 1.77
N ALA A 5027 9.24 6.93 2.86
CA ALA A 5027 8.45 6.76 4.08
C ALA A 5027 6.97 6.91 3.78
N HIS A 5028 6.62 7.94 3.00
CA HIS A 5028 5.22 8.18 2.70
C HIS A 5028 4.61 6.93 2.09
N LYS A 5029 5.26 6.36 1.07
CA LYS A 5029 4.75 5.14 0.46
C LYS A 5029 4.52 4.08 1.52
N SER A 5030 5.56 3.79 2.32
CA SER A 5030 5.42 2.76 3.35
C SER A 5030 4.32 3.14 4.32
N GLU A 5031 4.28 4.42 4.71
CA GLU A 5031 3.28 4.88 5.66
C GLU A 5031 1.89 4.68 5.09
N GLN A 5032 1.73 4.90 3.78
CA GLN A 5032 0.44 4.63 3.14
C GLN A 5032 0.06 3.17 3.27
N ARG A 5033 1.02 2.27 3.04
CA ARG A 5033 0.74 0.85 3.16
C ARG A 5033 0.25 0.50 4.55
N LEU A 5034 0.60 1.33 5.55
CA LEU A 5034 0.14 1.09 6.90
C LEU A 5034 -1.35 1.36 7.03
N ARG A 5035 -1.83 2.48 6.47
CA ARG A 5035 -3.21 2.88 6.69
C ARG A 5035 -4.21 1.91 6.07
N LEU A 5036 -3.88 1.37 4.90
CA LEU A 5036 -4.79 0.49 4.18
C LEU A 5036 -4.60 -0.97 4.57
N ASN A 5037 -3.93 -1.23 5.69
CA ASN A 5037 -3.75 -2.57 6.23
C ASN A 5037 -3.13 -3.51 5.21
N LYS A 5038 -2.23 -3.00 4.39
CA LYS A 5038 -1.57 -3.78 3.36
C LYS A 5038 -0.22 -4.24 3.89
N GLU A 5039 0.13 -5.49 3.59
CA GLU A 5039 1.44 -6.01 3.95
C GLU A 5039 2.53 -5.09 3.42
N LEU A 5040 3.24 -4.44 4.34
CA LEU A 5040 3.96 -3.22 4.00
C LEU A 5040 5.37 -3.44 3.48
N PHE A 5041 5.94 -4.64 3.60
CA PHE A 5041 7.27 -4.90 3.07
C PHE A 5041 7.27 -5.96 1.97
N ARG A 5042 6.81 -7.17 2.26
CA ARG A 5042 6.82 -8.32 1.36
C ARG A 5042 8.21 -8.63 0.80
N GLU A 5043 9.27 -8.04 1.36
CA GLU A 5043 10.61 -8.27 0.83
C GLU A 5043 11.62 -8.58 1.93
N ILE A 5044 11.37 -8.11 3.15
CA ILE A 5044 12.34 -8.23 4.23
C ILE A 5044 12.27 -9.60 4.88
N ASP A 5045 13.26 -9.91 5.71
CA ASP A 5045 13.33 -11.19 6.42
C ASP A 5045 12.23 -11.28 7.45
N VAL A 5046 11.72 -12.50 7.66
CA VAL A 5046 10.68 -12.73 8.66
C VAL A 5046 11.26 -12.70 10.07
N GLN A 5047 12.58 -12.86 10.21
CA GLN A 5047 13.21 -12.83 11.52
C GLN A 5047 13.05 -11.49 12.22
N TYR A 5048 12.83 -10.42 11.47
CA TYR A 5048 12.58 -9.11 12.03
C TYR A 5048 11.09 -8.79 12.19
N LYS A 5049 10.21 -9.67 11.72
CA LYS A 5049 8.77 -9.44 11.78
C LYS A 5049 8.18 -10.11 13.02
N GLU A 5050 8.67 -9.67 14.18
CA GLU A 5050 8.22 -10.19 15.47
C GLU A 5050 7.55 -9.08 16.25
N GLU A 5051 6.47 -9.43 16.94
CA GLU A 5051 5.68 -8.45 17.67
C GLU A 5051 6.35 -8.09 19.00
N LEU A 5052 6.34 -6.80 19.32
CA LEU A 5052 6.89 -6.33 20.58
C LEU A 5052 6.05 -6.84 21.75
N SER A 5053 6.69 -7.01 22.89
CA SER A 5053 5.98 -7.40 24.11
C SER A 5053 5.29 -6.18 24.72
N THR A 5054 4.48 -6.44 25.75
CA THR A 5054 3.75 -5.35 26.40
C THR A 5054 4.72 -4.35 27.04
N GLN A 5055 5.75 -4.85 27.74
CA GLN A 5055 6.73 -3.94 28.32
C GLN A 5055 7.51 -3.21 27.23
N HIS A 5056 7.85 -3.91 26.15
CA HIS A 5056 8.59 -3.28 25.06
C HIS A 5056 7.81 -2.11 24.47
N GLN A 5057 6.54 -2.35 24.12
CA GLN A 5057 5.73 -1.28 23.57
C GLN A 5057 5.45 -0.19 24.61
N ARG A 5058 5.42 -0.56 25.89
CA ARG A 5058 5.21 0.45 26.93
C ARG A 5058 6.39 1.42 27.00
N LEU A 5059 7.62 0.88 27.00
CA LEU A 5059 8.78 1.77 26.97
C LEU A 5059 8.88 2.52 25.65
N LEU A 5060 8.46 1.89 24.54
CA LEU A 5060 8.43 2.59 23.26
C LEU A 5060 7.48 3.78 23.32
N GLY A 5061 6.29 3.59 23.88
CA GLY A 5061 5.37 4.70 24.05
C GLY A 5061 5.89 5.75 25.01
N THR A 5062 6.62 5.32 26.04
CA THR A 5062 7.25 6.28 26.94
C THR A 5062 8.22 7.17 26.18
N PHE A 5063 8.98 6.59 25.24
CA PHE A 5063 9.84 7.40 24.37
C PHE A 5063 9.02 8.29 23.43
N LEU A 5064 7.97 7.74 22.84
CA LEU A 5064 7.18 8.47 21.86
C LEU A 5064 6.50 9.69 22.47
N ASN A 5065 6.14 9.60 23.75
CA ASN A 5065 5.42 10.71 24.39
C ASN A 5065 6.23 11.99 24.38
N GLU A 5066 7.57 11.90 24.40
CA GLU A 5066 8.45 13.05 24.29
C GLU A 5066 9.48 12.74 23.19
N ALA A 5067 9.14 13.06 21.95
CA ALA A 5067 10.02 12.75 20.83
C ALA A 5067 9.59 13.52 19.59
N GLY A 5068 10.56 13.89 18.77
CA GLY A 5068 10.30 14.44 17.45
C GLY A 5068 10.07 13.34 16.44
N LEU A 5069 8.87 12.76 16.46
CA LEU A 5069 8.59 11.55 15.70
C LEU A 5069 8.87 11.72 14.21
N ASP A 5070 8.70 12.94 13.68
CA ASP A 5070 8.75 13.14 12.23
C ASP A 5070 10.10 12.74 11.65
N ALA A 5071 11.19 13.17 12.29
CA ALA A 5071 12.51 12.79 11.79
C ALA A 5071 12.90 11.39 12.22
N PHE A 5072 12.50 10.96 13.41
CA PHE A 5072 12.92 9.67 13.94
C PHE A 5072 12.35 8.52 13.12
N LEU A 5073 11.05 8.55 12.85
CA LEU A 5073 10.45 7.51 12.02
C LEU A 5073 11.07 7.51 10.63
N LEU A 5074 11.33 8.69 10.08
CA LEU A 5074 11.94 8.80 8.76
C LEU A 5074 13.30 8.11 8.72
N GLU A 5075 14.19 8.47 9.65
CA GLU A 5075 15.54 7.89 9.62
C GLU A 5075 15.50 6.40 9.91
N LEU A 5076 14.61 5.94 10.80
CA LEU A 5076 14.57 4.52 11.11
C LEU A 5076 14.06 3.73 9.90
N HIS A 5077 13.05 4.27 9.20
CA HIS A 5077 12.58 3.64 7.97
C HIS A 5077 13.68 3.60 6.92
N GLU A 5078 14.47 4.67 6.82
CA GLU A 5078 15.60 4.66 5.90
C GLU A 5078 16.58 3.55 6.26
N MET A 5079 16.85 3.38 7.56
CA MET A 5079 17.75 2.31 7.99
C MET A 5079 17.23 0.94 7.54
N ILE A 5080 15.94 0.68 7.78
CA ILE A 5080 15.39 -0.62 7.39
C ILE A 5080 15.47 -0.81 5.88
N VAL A 5081 15.09 0.23 5.12
CA VAL A 5081 14.98 0.08 3.68
C VAL A 5081 16.35 0.06 3.00
N LEU A 5082 17.39 0.51 3.69
CA LEU A 5082 18.71 0.50 3.08
C LEU A 5082 19.56 -0.69 3.51
N LYS A 5083 19.43 -1.14 4.76
CA LYS A 5083 20.26 -2.23 5.26
C LYS A 5083 19.50 -3.51 5.55
N LEU A 5084 18.28 -3.42 6.08
CA LEU A 5084 17.49 -4.60 6.45
C LEU A 5084 16.71 -5.08 5.23
N LYS A 5085 17.44 -5.65 4.28
CA LYS A 5085 16.84 -6.05 3.00
C LYS A 5085 16.34 -7.48 2.99
N GLY A 5086 16.55 -8.24 4.06
CA GLY A 5086 16.15 -9.63 4.10
C GLY A 5086 17.32 -10.56 4.36
N PRO A 5087 17.69 -11.37 3.37
CA PRO A 5087 18.87 -12.22 3.52
C PRO A 5087 20.14 -11.39 3.59
N ARG A 5088 21.14 -11.93 4.30
CA ARG A 5088 22.42 -11.25 4.50
C ARG A 5088 22.21 -9.89 5.16
N ALA A 5089 21.70 -9.93 6.38
CA ALA A 5089 21.40 -8.73 7.16
C ALA A 5089 21.88 -8.79 8.60
N ALA A 5090 22.29 -9.94 9.11
CA ALA A 5090 22.77 -10.06 10.48
C ALA A 5090 24.29 -9.90 10.58
N ASN A 5091 24.97 -9.58 9.48
CA ASN A 5091 26.42 -9.43 9.50
C ASN A 5091 26.83 -8.33 10.48
N SER A 5092 26.19 -7.16 10.38
CA SER A 5092 26.44 -6.06 11.30
C SER A 5092 25.17 -5.60 12.00
N PHE A 5093 24.04 -6.24 11.73
CA PHE A 5093 22.75 -5.89 12.30
C PHE A 5093 22.02 -7.13 12.77
N ASN A 5094 22.74 -7.96 13.52
CA ASN A 5094 22.15 -9.18 14.07
C ASN A 5094 20.95 -8.81 14.94
N PRO A 5095 19.88 -9.60 14.90
CA PRO A 5095 18.69 -9.26 15.69
C PRO A 5095 18.87 -9.49 17.18
N ASN A 5096 19.96 -8.98 17.74
CA ASN A 5096 20.22 -9.10 19.17
C ASN A 5096 20.83 -7.85 19.79
N TRP A 5097 21.05 -6.78 19.04
CA TRP A 5097 21.55 -5.54 19.59
C TRP A 5097 20.39 -4.64 19.98
N SER A 5098 20.71 -3.42 20.38
CA SER A 5098 19.70 -2.39 20.63
C SER A 5098 19.59 -1.50 19.40
N LEU A 5099 18.80 -0.44 19.51
CA LEU A 5099 18.66 0.51 18.41
C LEU A 5099 19.44 1.79 18.63
N LYS A 5100 19.61 2.23 19.88
CA LYS A 5100 20.28 3.50 20.11
C LYS A 5100 21.73 3.46 19.64
N ASP A 5101 22.41 2.33 19.84
CA ASP A 5101 23.80 2.22 19.42
C ASP A 5101 23.92 2.25 17.90
N THR A 5102 23.13 1.42 17.20
CA THR A 5102 23.19 1.42 15.75
C THR A 5102 22.67 2.73 15.16
N LEU A 5103 21.65 3.32 15.79
CA LEU A 5103 21.14 4.61 15.32
C LEU A 5103 22.21 5.70 15.43
N VAL A 5104 22.86 5.80 16.58
CA VAL A 5104 23.88 6.84 16.73
C VAL A 5104 25.07 6.55 15.82
N SER A 5105 25.42 5.28 15.62
CA SER A 5105 26.52 4.96 14.72
C SER A 5105 26.19 5.34 13.29
N TYR A 5106 24.94 5.12 12.87
CA TYR A 5106 24.53 5.44 11.50
C TYR A 5106 24.31 6.93 11.31
N MET A 5107 23.98 7.67 12.36
CA MET A 5107 23.66 9.08 12.19
C MET A 5107 24.86 9.99 12.43
N GLU A 5108 25.83 9.57 13.26
CA GLU A 5108 27.01 10.40 13.46
C GLU A 5108 27.86 10.51 12.20
N THR A 5109 27.63 9.64 11.22
CA THR A 5109 28.40 9.71 9.98
C THR A 5109 28.08 10.99 9.20
N LYS A 5110 26.81 11.27 8.97
CA LYS A 5110 26.41 12.34 8.06
C LYS A 5110 25.29 13.21 8.61
N ASP A 5111 24.71 12.81 9.73
CA ASP A 5111 23.57 13.52 10.30
C ASP A 5111 23.98 14.33 11.53
N SER A 5112 23.44 15.55 11.61
CA SER A 5112 23.60 16.42 12.77
C SER A 5112 22.24 16.86 13.31
N ASP A 5113 21.23 16.03 13.10
CA ASP A 5113 19.87 16.34 13.53
C ASP A 5113 19.71 16.03 15.02
N ILE A 5114 18.45 15.98 15.47
CA ILE A 5114 18.18 15.66 16.87
C ILE A 5114 18.70 14.27 17.19
N LEU A 5115 19.52 14.19 18.23
CA LEU A 5115 20.15 12.92 18.60
C LEU A 5115 19.84 12.53 20.04
N SER A 5116 19.90 13.51 20.95
CA SER A 5116 19.89 13.22 22.38
C SER A 5116 18.65 12.45 22.82
N GLU A 5117 17.54 12.59 22.09
CA GLU A 5117 16.32 11.88 22.47
C GLU A 5117 16.48 10.36 22.34
N VAL A 5118 17.26 9.91 21.36
CA VAL A 5118 17.39 8.47 21.11
C VAL A 5118 18.58 7.86 21.82
N GLU A 5119 19.29 8.60 22.67
CA GLU A 5119 20.32 8.02 23.52
C GLU A 5119 20.16 8.37 24.99
N SER A 5120 19.30 9.32 25.34
CA SER A 5120 19.02 9.63 26.74
C SER A 5120 17.57 9.34 27.13
N GLN A 5121 16.69 9.05 26.16
CA GLN A 5121 15.30 8.71 26.45
C GLN A 5121 14.79 7.51 25.68
N PHE A 5122 15.53 7.00 24.70
CA PHE A 5122 15.09 5.84 23.94
C PHE A 5122 15.14 4.59 24.81
N PRO A 5123 14.29 3.61 24.56
CA PRO A 5123 14.36 2.35 25.33
C PRO A 5123 15.73 1.68 25.18
N GLU A 5124 16.24 1.16 26.29
CA GLU A 5124 17.55 0.53 26.31
C GLU A 5124 17.52 -0.93 25.94
N GLU A 5125 16.34 -1.53 25.79
CA GLU A 5125 16.22 -2.94 25.46
C GLU A 5125 15.28 -3.12 24.27
N ILE A 5126 15.50 -2.35 23.21
CA ILE A 5126 14.58 -2.27 22.09
C ILE A 5126 14.31 -3.60 21.40
N LEU A 5127 15.18 -4.60 21.60
CA LEU A 5127 15.02 -5.90 20.96
C LEU A 5127 14.98 -5.76 19.44
N MET A 5128 16.15 -5.41 18.89
CA MET A 5128 16.37 -5.27 17.45
C MET A 5128 15.68 -6.36 16.64
N SER A 5129 15.56 -7.56 17.22
CA SER A 5129 14.79 -8.62 16.56
C SER A 5129 13.41 -8.13 16.15
N SER A 5130 12.78 -7.30 16.99
CA SER A 5130 11.53 -6.63 16.63
C SER A 5130 11.85 -5.17 16.33
N CYS A 5131 12.23 -4.92 15.08
CA CYS A 5131 12.62 -3.59 14.61
C CYS A 5131 11.58 -2.95 13.70
N ILE A 5132 10.76 -3.75 13.02
CA ILE A 5132 9.66 -3.20 12.25
C ILE A 5132 8.55 -2.74 13.17
N SER A 5133 8.34 -3.42 14.29
CA SER A 5133 7.23 -3.11 15.17
C SER A 5133 7.36 -1.70 15.74
N VAL A 5134 8.57 -1.29 16.10
CA VAL A 5134 8.76 0.05 16.68
C VAL A 5134 8.35 1.12 15.68
N TRP A 5135 8.81 1.01 14.44
CA TRP A 5135 8.46 2.02 13.44
C TRP A 5135 6.98 1.95 13.06
N LYS A 5136 6.41 0.75 13.00
CA LYS A 5136 5.00 0.63 12.69
C LYS A 5136 4.14 1.29 13.77
N ILE A 5137 4.48 1.05 15.03
CA ILE A 5137 3.70 1.64 16.13
C ILE A 5137 3.88 3.15 16.14
N ALA A 5138 5.10 3.63 15.87
CA ALA A 5138 5.31 5.07 15.78
C ALA A 5138 4.50 5.69 14.65
N ALA A 5139 4.44 5.01 13.50
CA ALA A 5139 3.65 5.52 12.39
C ALA A 5139 2.16 5.52 12.70
N THR A 5140 1.68 4.50 13.41
CA THR A 5140 0.28 4.50 13.82
C THR A 5140 -0.01 5.65 14.77
N ARG A 5141 0.92 5.92 15.70
CA ARG A 5141 0.74 7.04 16.62
C ARG A 5141 0.68 8.36 15.86
N LYS A 5142 1.59 8.54 14.90
CA LYS A 5142 1.57 9.78 14.11
C LYS A 5142 0.28 9.89 13.31
N TRP A 5143 -0.18 8.79 12.72
CA TRP A 5143 -1.40 8.84 11.92
C TRP A 5143 -2.61 9.18 12.76
N ASP A 5144 -2.70 8.59 13.96
CA ASP A 5144 -3.80 8.93 14.87
C ASP A 5144 -3.75 10.40 15.25
N ARG A 5145 -2.55 10.89 15.59
CA ARG A 5145 -2.39 12.30 15.92
C ARG A 5145 -2.82 13.20 14.78
N GLN A 5146 -2.48 12.82 13.55
CA GLN A 5146 -2.76 13.64 12.38
C GLN A 5146 -4.21 13.61 11.96
N SER A 5147 -4.88 12.47 12.07
CA SER A 5147 -6.22 12.29 11.54
C SER A 5147 -7.32 12.54 12.57
N ARG A 5148 -7.18 12.02 13.79
CA ARG A 5148 -8.29 12.06 14.72
C ARG A 5148 -8.55 13.45 15.26
N GLY A 5149 -7.56 14.34 15.26
CA GLY A 5149 -7.77 15.69 15.75
C GLY A 5149 -8.69 16.50 14.85
N GLY A 5150 -8.53 16.38 13.54
CA GLY A 5150 -9.33 17.12 12.59
C GLY A 5150 -9.06 16.73 11.15
PG ATP B . -39.99 25.16 57.84
O1G ATP B . -39.32 23.83 57.92
O2G ATP B . -39.43 26.06 56.74
O3G ATP B . -41.51 25.07 57.70
PB ATP B . -38.71 26.11 60.34
O1B ATP B . -38.34 24.79 60.87
O2B ATP B . -37.58 27.00 59.82
O3B ATP B . -39.76 25.98 59.18
PA ATP B . -39.40 28.43 62.03
O1A ATP B . -40.02 29.42 61.15
O2A ATP B . -37.93 28.67 62.31
O3A ATP B . -39.51 26.98 61.41
O5' ATP B . -40.17 28.29 63.40
C5' ATP B . -41.54 28.69 63.52
C4' ATP B . -41.68 29.39 64.85
O4' ATP B . -41.17 28.54 65.88
C3' ATP B . -40.87 30.69 64.96
O3' ATP B . -41.68 31.82 64.67
C2' ATP B . -40.39 30.70 66.42
O2' ATP B . -40.96 31.77 67.17
C1' ATP B . -40.83 29.34 66.99
N9 ATP B . -39.78 28.65 67.72
C8 ATP B . -38.89 27.73 67.21
N7 ATP B . -38.04 27.27 68.09
C5 ATP B . -38.40 27.91 69.26
C6 ATP B . -37.89 27.85 70.57
N6 ATP B . -36.86 27.07 70.94
N1 ATP B . -38.47 28.63 71.51
C2 ATP B . -39.49 29.41 71.16
N3 ATP B . -40.06 29.55 69.96
C4 ATP B . -39.47 28.77 69.05
MG MG C . -36.81 26.68 55.77
ZN ZN D . 116.18 18.02 -3.83
ZN ZN E . 110.01 5.80 -0.68
PG ATP F . -58.06 13.59 14.30
O1G ATP F . -56.79 12.83 14.42
O2G ATP F . -58.28 14.21 12.93
O3G ATP F . -58.23 14.69 15.35
PB ATP F . -60.79 12.42 13.97
O1B ATP F . -61.65 13.60 14.19
O2B ATP F . -61.29 11.09 14.52
O3B ATP F . -59.31 12.64 14.52
PA ATP F . -61.02 12.96 11.10
O1A ATP F . -59.93 13.76 10.49
O2A ATP F . -62.26 13.76 11.46
O3A ATP F . -60.55 12.24 12.41
O5' ATP F . -61.45 11.75 10.18
C5' ATP F . -61.83 11.96 8.81
C4' ATP F . -61.83 10.62 8.14
O4' ATP F . -62.73 9.75 8.85
C3' ATP F . -62.28 10.62 6.68
O3' ATP F . -61.52 9.70 5.91
C2' ATP F . -63.76 10.23 6.77
O2' ATP F . -64.16 9.42 5.66
C1' ATP F . -63.82 9.38 8.04
N9 ATP F . -65.04 9.59 8.82
C8 ATP F . -65.17 10.33 9.97
N7 ATP F . -66.39 10.35 10.45
C5 ATP F . -67.11 9.57 9.56
C6 ATP F . -68.46 9.19 9.50
N6 ATP F . -69.38 9.57 10.41
N1 ATP F . -68.86 8.40 8.48
C2 ATP F . -67.96 8.02 7.57
N3 ATP F . -66.65 8.32 7.52
C4 ATP F . -66.29 9.10 8.55
#